data_6LRT
#
_entry.id   6LRT
#
_cell.length_a   157.314
_cell.length_b   157.314
_cell.length_c   197.707
_cell.angle_alpha   90.000
_cell.angle_beta   90.000
_cell.angle_gamma   120.000
#
_symmetry.space_group_name_H-M   'P 31'
#
loop_
_entity.id
_entity.type
_entity.pdbx_description
1 polymer 'Isocitrate lyase'
2 non-polymer 'ISOCITRIC ACID'
3 non-polymer GLYCEROL
4 non-polymer 'MANGANESE (II) ION'
5 water water
#
_entity_poly.entity_id   1
_entity_poly.type   'polypeptide(L)'
_entity_poly.pdbx_seq_one_letter_code
;MRGSHHHHHHGSMDRAAQIKQIADSWNTPRFAGIVRPYTPEDVYRLRGSVQIEYTLARMGAERLWNLLHTEPYINALGAL
TGNQAMQQVKAGLKAIYLSGWQVAADANLAGQMYPDQSLYPANSGPQLVRNINNALRRADQIYHSEGRNDIYWFAPIVAD
AEAGFGGPLNVFEIMKAYIEAGAAGVHFEDQLASEKKCGHMGGKVLIPTQAAIRNLVAARLAADVMGVPTIIVARTDANA
ATLLTSDIDERDRPFCTGERTSEGFYRVRAGLDQAIARGLAYAPYADMIWCETSEPNLEEARRFAEAIHAQFPGKLLAYN
CSPSFNWKKKLDDATIAAFQRELGAMGYKFQFVTLAGFHALNYSMFELARNYRDRGMAAYSELQQAEFAAEAYGYTATRH
QREVGTGYFDEVAQVIAGGEISTTALTGSTEEEQFH
;
_entity_poly.pdbx_strand_id   A,D,G,J,M,P,S,V
#
loop_
_chem_comp.id
_chem_comp.type
_chem_comp.name
_chem_comp.formula
GOL non-polymer GLYCEROL 'C3 H8 O3'
ICT non-polymer 'ISOCITRIC ACID' 'C6 H8 O7'
MN non-polymer 'MANGANESE (II) ION' 'Mn 2'
#
# COMPACT_ATOMS: atom_id res chain seq x y z
N MET A 13 19.65 -8.58 -20.80
CA MET A 13 20.55 -9.02 -19.69
C MET A 13 20.12 -10.42 -19.19
N ASP A 14 21.00 -11.12 -18.47
CA ASP A 14 20.66 -12.30 -17.62
C ASP A 14 19.90 -11.83 -16.37
N ARG A 15 20.21 -10.61 -15.87
CA ARG A 15 19.50 -9.83 -14.80
C ARG A 15 17.99 -9.74 -15.06
N ALA A 16 17.60 -9.18 -16.21
CA ALA A 16 16.20 -9.05 -16.64
C ALA A 16 15.59 -10.45 -16.64
N ALA A 17 16.35 -11.49 -17.04
CA ALA A 17 15.86 -12.87 -17.16
C ALA A 17 15.66 -13.50 -15.77
N GLN A 18 16.46 -13.10 -14.78
CA GLN A 18 16.34 -13.59 -13.39
C GLN A 18 15.17 -12.85 -12.72
N ILE A 19 15.11 -11.52 -12.92
CA ILE A 19 14.00 -10.67 -12.41
C ILE A 19 12.67 -11.29 -12.85
N LYS A 20 12.62 -11.73 -14.12
CA LYS A 20 11.42 -12.32 -14.73
C LYS A 20 11.08 -13.63 -14.01
N GLN A 21 12.07 -14.48 -13.74
CA GLN A 21 11.81 -15.82 -13.13
C GLN A 21 11.03 -15.58 -11.84
N ILE A 22 11.42 -14.54 -11.09
CA ILE A 22 10.78 -14.05 -9.84
C ILE A 22 9.32 -13.70 -10.17
N ALA A 23 9.12 -12.74 -11.07
CA ALA A 23 7.82 -12.18 -11.54
C ALA A 23 6.88 -13.30 -11.96
N ASP A 24 7.37 -14.26 -12.75
CA ASP A 24 6.57 -15.40 -13.23
C ASP A 24 6.12 -16.27 -12.03
N SER A 25 6.99 -16.51 -11.05
CA SER A 25 6.77 -17.39 -9.86
C SER A 25 5.68 -16.80 -8.93
N TRP A 26 5.57 -15.48 -8.88
CA TRP A 26 4.47 -14.77 -8.18
C TRP A 26 3.16 -14.93 -8.96
N ASN A 27 3.23 -14.95 -10.30
CA ASN A 27 2.02 -14.78 -11.15
C ASN A 27 1.44 -16.15 -11.40
N THR A 28 0.85 -16.76 -10.38
CA THR A 28 0.48 -18.20 -10.33
C THR A 28 -0.72 -18.34 -9.42
N PRO A 29 -1.42 -19.50 -9.40
CA PRO A 29 -2.60 -19.67 -8.55
C PRO A 29 -2.24 -19.56 -7.05
N ARG A 30 -1.13 -20.13 -6.58
CA ARG A 30 -0.56 -19.74 -5.26
C ARG A 30 -0.42 -18.22 -5.34
N PHE A 31 -0.52 -17.45 -4.27
CA PHE A 31 -0.42 -15.94 -4.37
C PHE A 31 -1.60 -15.30 -5.14
N ALA A 32 -2.47 -16.07 -5.79
CA ALA A 32 -3.92 -15.89 -5.64
C ALA A 32 -4.18 -14.42 -5.35
N GLY A 33 -4.68 -14.07 -4.17
CA GLY A 33 -5.13 -12.68 -3.92
C GLY A 33 -4.21 -12.00 -2.94
N ILE A 34 -2.92 -12.02 -3.21
CA ILE A 34 -1.89 -11.68 -2.19
C ILE A 34 -1.09 -10.45 -2.66
N VAL A 35 -1.21 -9.36 -1.94
CA VAL A 35 -0.52 -8.09 -2.27
C VAL A 35 0.93 -8.22 -1.82
N ARG A 36 1.87 -7.84 -2.71
CA ARG A 36 3.27 -7.50 -2.30
C ARG A 36 3.45 -6.02 -2.53
N PRO A 37 3.72 -5.18 -1.51
CA PRO A 37 4.00 -3.76 -1.74
C PRO A 37 5.44 -3.52 -2.21
N TYR A 38 5.95 -4.38 -3.10
CA TYR A 38 7.30 -4.28 -3.71
C TYR A 38 7.27 -4.98 -5.07
N THR A 39 8.35 -4.85 -5.83
CA THR A 39 8.49 -5.37 -7.21
C THR A 39 9.38 -6.62 -7.20
N PRO A 40 9.32 -7.50 -8.22
CA PRO A 40 10.36 -8.52 -8.42
C PRO A 40 11.80 -7.94 -8.36
N GLU A 41 12.02 -6.79 -9.02
CA GLU A 41 13.34 -6.10 -9.07
C GLU A 41 13.86 -5.89 -7.65
N ASP A 42 13.01 -5.44 -6.73
CA ASP A 42 13.38 -5.28 -5.28
C ASP A 42 13.91 -6.63 -4.73
N VAL A 43 13.16 -7.72 -4.86
CA VAL A 43 13.62 -9.06 -4.42
C VAL A 43 14.98 -9.35 -5.07
N TYR A 44 15.12 -9.27 -6.39
CA TYR A 44 16.44 -9.38 -7.06
C TYR A 44 17.52 -8.54 -6.36
N ARG A 45 17.29 -7.25 -6.09
CA ARG A 45 18.33 -6.34 -5.53
C ARG A 45 18.82 -6.90 -4.18
N LEU A 46 17.98 -7.57 -3.37
CA LEU A 46 18.31 -7.87 -1.95
C LEU A 46 18.75 -9.34 -1.81
N ARG A 47 18.71 -10.15 -2.86
CA ARG A 47 18.78 -11.63 -2.69
C ARG A 47 20.22 -12.15 -2.85
N GLY A 48 21.23 -11.28 -2.96
CA GLY A 48 22.60 -11.71 -3.29
C GLY A 48 22.62 -12.27 -4.70
N SER A 49 23.69 -12.95 -5.05
CA SER A 49 24.10 -13.20 -6.46
C SER A 49 23.87 -14.66 -6.78
N VAL A 50 24.13 -15.53 -5.82
CA VAL A 50 23.73 -16.96 -5.90
C VAL A 50 22.35 -17.05 -5.26
N GLN A 51 21.57 -18.07 -5.58
CA GLN A 51 20.28 -18.39 -4.91
C GLN A 51 20.45 -19.79 -4.32
N ILE A 52 20.43 -19.94 -3.00
CA ILE A 52 20.65 -21.25 -2.32
C ILE A 52 19.36 -22.07 -2.32
N GLU A 53 19.43 -23.37 -2.62
CA GLU A 53 18.26 -24.28 -2.61
C GLU A 53 17.92 -24.63 -1.16
N TYR A 54 16.64 -24.81 -0.84
CA TYR A 54 16.10 -25.11 0.51
C TYR A 54 15.03 -26.20 0.39
N THR A 55 15.47 -27.45 0.26
CA THR A 55 14.63 -28.58 -0.21
C THR A 55 13.46 -28.79 0.73
N LEU A 56 13.72 -28.90 2.03
CA LEU A 56 12.70 -29.30 3.03
C LEU A 56 11.60 -28.22 3.10
N ALA A 57 11.99 -26.93 3.03
CA ALA A 57 11.12 -25.73 3.07
C ALA A 57 10.23 -25.59 1.82
N ARG A 58 10.78 -25.86 0.66
CA ARG A 58 10.08 -25.91 -0.64
C ARG A 58 9.12 -27.11 -0.68
N MET A 59 9.60 -28.30 -0.34
CA MET A 59 8.69 -29.46 -0.32
C MET A 59 7.59 -29.20 0.72
N GLY A 60 7.99 -28.63 1.85
CA GLY A 60 7.09 -28.48 3.00
C GLY A 60 5.95 -27.58 2.63
N ALA A 61 6.25 -26.51 1.93
CA ALA A 61 5.31 -25.40 1.67
C ALA A 61 4.43 -25.76 0.49
N GLU A 62 4.96 -26.52 -0.48
CA GLU A 62 4.21 -26.99 -1.68
C GLU A 62 3.19 -28.03 -1.21
N ARG A 63 3.65 -29.00 -0.42
CA ARG A 63 2.81 -30.08 0.20
C ARG A 63 1.73 -29.46 1.09
N LEU A 64 2.09 -28.55 1.99
CA LEU A 64 1.14 -27.91 2.94
C LEU A 64 0.01 -27.26 2.15
N TRP A 65 0.37 -26.38 1.23
CA TRP A 65 -0.60 -25.76 0.29
C TRP A 65 -1.50 -26.81 -0.35
N ASN A 66 -0.92 -27.93 -0.76
CA ASN A 66 -1.67 -28.98 -1.53
C ASN A 66 -2.65 -29.65 -0.56
N LEU A 67 -2.19 -30.11 0.61
CA LEU A 67 -3.06 -30.68 1.66
C LEU A 67 -4.20 -29.70 2.00
N LEU A 68 -3.88 -28.44 2.25
CA LEU A 68 -4.84 -27.43 2.76
C LEU A 68 -5.96 -27.25 1.73
N HIS A 69 -5.71 -27.61 0.48
CA HIS A 69 -6.64 -27.44 -0.66
C HIS A 69 -7.27 -28.76 -1.12
N THR A 70 -6.88 -29.91 -0.62
CA THR A 70 -7.44 -31.20 -1.10
C THR A 70 -8.04 -32.02 0.05
N GLU A 71 -7.68 -31.73 1.30
CA GLU A 71 -8.24 -32.47 2.47
C GLU A 71 -9.41 -31.68 3.05
N PRO A 72 -10.32 -32.32 3.82
CA PRO A 72 -11.42 -31.60 4.43
C PRO A 72 -10.87 -30.57 5.43
N TYR A 73 -9.75 -30.89 6.06
CA TYR A 73 -8.92 -29.99 6.91
C TYR A 73 -7.68 -30.78 7.34
N ILE A 74 -6.71 -30.09 7.94
CA ILE A 74 -5.48 -30.72 8.50
C ILE A 74 -5.52 -30.50 9.99
N ASN A 75 -5.45 -31.60 10.76
CA ASN A 75 -5.30 -31.51 12.23
C ASN A 75 -3.92 -32.06 12.59
N ALA A 76 -3.28 -31.33 13.49
CA ALA A 76 -1.86 -31.45 13.87
C ALA A 76 -1.75 -31.27 15.37
N LEU A 77 -0.63 -31.71 15.97
CA LEU A 77 -0.35 -31.49 17.41
C LEU A 77 0.94 -30.70 17.57
N GLY A 78 1.12 -30.11 18.74
CA GLY A 78 2.39 -29.48 19.14
C GLY A 78 3.50 -30.51 19.30
N ALA A 79 4.75 -30.09 19.17
CA ALA A 79 5.91 -30.99 19.21
C ALA A 79 7.11 -30.17 19.70
N LEU A 80 7.86 -30.74 20.64
CA LEU A 80 8.97 -30.04 21.34
C LEU A 80 10.19 -30.96 21.37
N THR A 81 10.03 -32.18 20.83
CA THR A 81 11.16 -33.01 20.41
C THR A 81 10.83 -33.60 19.05
N GLY A 82 11.90 -33.90 18.32
CA GLY A 82 11.85 -34.66 17.07
C GLY A 82 11.13 -35.96 17.31
N ASN A 83 11.32 -36.60 18.47
CA ASN A 83 10.71 -37.94 18.72
C ASN A 83 9.20 -37.72 18.74
N GLN A 84 8.73 -36.69 19.42
CA GLN A 84 7.28 -36.38 19.42
C GLN A 84 6.78 -36.19 17.98
N ALA A 85 7.55 -35.52 17.12
CA ALA A 85 7.16 -35.25 15.71
C ALA A 85 7.13 -36.55 14.91
N MET A 86 8.18 -37.37 15.06
CA MET A 86 8.36 -38.74 14.52
C MET A 86 7.05 -39.51 14.64
N GLN A 87 6.61 -39.66 15.89
CA GLN A 87 5.45 -40.47 16.33
C GLN A 87 4.15 -39.83 15.80
N GLN A 88 4.09 -38.51 15.77
CA GLN A 88 2.91 -37.80 15.22
C GLN A 88 2.77 -38.25 13.76
N VAL A 89 3.89 -38.34 13.03
CA VAL A 89 3.79 -38.68 11.57
C VAL A 89 3.40 -40.16 11.46
N LYS A 90 3.85 -40.99 12.41
CA LYS A 90 3.68 -42.46 12.33
C LYS A 90 2.24 -42.85 12.61
N ALA A 91 1.61 -42.12 13.52
CA ALA A 91 0.20 -42.33 13.90
C ALA A 91 -0.65 -41.83 12.74
N GLY A 92 -0.07 -41.01 11.87
CA GLY A 92 -0.66 -40.68 10.55
C GLY A 92 -1.16 -39.25 10.46
N LEU A 93 -0.70 -38.37 11.34
CA LEU A 93 -1.00 -36.93 11.24
C LEU A 93 -0.23 -36.37 10.05
N LYS A 94 -0.89 -35.52 9.26
CA LYS A 94 -0.41 -34.98 7.97
C LYS A 94 0.50 -33.75 8.18
N ALA A 95 0.60 -33.23 9.42
CA ALA A 95 1.42 -32.02 9.75
C ALA A 95 1.74 -31.93 11.25
N ILE A 96 2.73 -31.09 11.54
CA ILE A 96 3.34 -30.82 12.87
C ILE A 96 3.27 -29.32 13.18
N TYR A 97 2.83 -28.97 14.39
CA TYR A 97 2.88 -27.59 14.95
C TYR A 97 4.11 -27.45 15.87
N LEU A 98 4.91 -26.41 15.64
CA LEU A 98 6.02 -25.92 16.49
C LEU A 98 5.46 -24.75 17.30
N SER A 99 5.43 -24.89 18.63
CA SER A 99 4.70 -24.00 19.57
C SER A 99 5.74 -23.18 20.33
N GLY A 100 5.66 -21.86 20.27
CA GLY A 100 6.62 -20.99 20.99
C GLY A 100 6.54 -21.24 22.48
N TRP A 101 5.31 -21.43 22.96
CA TRP A 101 4.95 -21.78 24.35
C TRP A 101 5.78 -22.98 24.80
N GLN A 102 5.70 -24.08 24.05
CA GLN A 102 6.40 -25.32 24.39
C GLN A 102 7.91 -25.00 24.39
N VAL A 103 8.39 -24.23 23.42
CA VAL A 103 9.82 -23.84 23.32
C VAL A 103 10.17 -23.11 24.62
N ALA A 104 9.36 -22.13 25.02
CA ALA A 104 9.52 -21.41 26.31
C ALA A 104 9.72 -22.37 27.49
N ALA A 105 8.87 -23.40 27.59
CA ALA A 105 8.73 -24.25 28.79
C ALA A 105 9.84 -25.30 28.87
N ASP A 106 10.31 -25.85 27.75
CA ASP A 106 11.10 -27.10 27.81
C ASP A 106 11.97 -27.37 26.57
N ALA A 107 12.20 -26.35 25.71
CA ALA A 107 12.91 -26.51 24.41
C ALA A 107 13.49 -25.19 23.89
N ASN A 108 14.31 -24.51 24.67
CA ASN A 108 14.86 -23.20 24.22
C ASN A 108 16.37 -23.21 24.49
N LEU A 109 17.11 -22.40 23.75
CA LEU A 109 18.57 -22.45 23.76
C LEU A 109 19.04 -21.62 24.96
N ALA A 110 18.14 -21.18 25.82
CA ALA A 110 18.53 -20.60 27.12
C ALA A 110 18.61 -21.74 28.11
N GLY A 111 18.04 -22.88 27.76
CA GLY A 111 17.88 -24.02 28.68
C GLY A 111 17.09 -23.61 29.91
N GLN A 112 16.14 -22.68 29.77
CA GLN A 112 15.34 -22.16 30.91
C GLN A 112 13.88 -22.68 30.82
N MET A 113 13.22 -22.83 31.95
CA MET A 113 11.75 -23.02 31.96
C MET A 113 11.14 -21.63 32.07
N TYR A 114 10.37 -21.27 31.07
CA TYR A 114 9.83 -19.91 30.92
C TYR A 114 8.33 -19.99 30.67
N PRO A 115 7.57 -19.03 31.24
CA PRO A 115 6.25 -18.73 30.73
C PRO A 115 6.29 -18.09 29.33
N ASP A 116 5.14 -18.11 28.68
CA ASP A 116 4.98 -17.65 27.30
C ASP A 116 4.95 -16.12 27.32
N GLN A 117 6.12 -15.49 27.55
CA GLN A 117 6.31 -14.03 27.78
C GLN A 117 7.52 -13.54 26.97
N SER A 118 7.72 -14.08 25.77
CA SER A 118 8.93 -13.84 24.95
C SER A 118 10.16 -13.56 25.85
N LEU A 119 10.64 -14.57 26.58
CA LEU A 119 11.88 -14.50 27.42
C LEU A 119 12.98 -15.40 26.83
N TYR A 120 12.78 -16.15 25.75
CA TYR A 120 13.78 -17.17 25.29
C TYR A 120 14.54 -16.64 24.08
N PRO A 121 15.73 -17.20 23.72
CA PRO A 121 16.48 -16.77 22.53
C PRO A 121 15.81 -17.09 21.20
N ALA A 122 15.55 -16.04 20.42
CA ALA A 122 14.70 -16.00 19.20
C ALA A 122 14.93 -17.18 18.22
N ASN A 123 16.19 -17.64 18.05
CA ASN A 123 16.61 -18.77 17.16
C ASN A 123 16.24 -20.14 17.77
N SER A 124 15.79 -20.18 19.02
CA SER A 124 15.20 -21.41 19.64
C SER A 124 14.20 -22.05 18.68
N GLY A 125 13.21 -21.31 18.17
CA GLY A 125 12.15 -21.92 17.35
C GLY A 125 12.76 -22.59 16.12
N PRO A 126 13.50 -21.81 15.29
CA PRO A 126 14.16 -22.36 14.10
C PRO A 126 15.07 -23.57 14.39
N GLN A 127 15.83 -23.55 15.49
CA GLN A 127 16.74 -24.65 15.93
C GLN A 127 15.97 -25.94 16.15
N LEU A 128 14.76 -25.85 16.71
CA LEU A 128 13.86 -26.99 16.98
C LEU A 128 13.24 -27.49 15.66
N VAL A 129 12.92 -26.62 14.72
CA VAL A 129 12.45 -27.09 13.38
C VAL A 129 13.59 -27.94 12.79
N ARG A 130 14.85 -27.51 12.92
CA ARG A 130 15.97 -28.26 12.30
C ARG A 130 15.92 -29.68 12.88
N ASN A 131 15.91 -29.77 14.21
CA ASN A 131 15.99 -31.03 14.98
C ASN A 131 14.92 -32.00 14.49
N ILE A 132 13.71 -31.49 14.27
CA ILE A 132 12.50 -32.29 13.90
C ILE A 132 12.67 -32.81 12.48
N ASN A 133 13.09 -31.95 11.56
CA ASN A 133 13.36 -32.35 10.15
C ASN A 133 14.46 -33.42 10.16
N ASN A 134 15.49 -33.25 11.00
CA ASN A 134 16.56 -34.26 11.20
C ASN A 134 15.90 -35.58 11.63
N ALA A 135 15.02 -35.55 12.61
CA ALA A 135 14.40 -36.77 13.15
C ALA A 135 13.66 -37.49 12.01
N LEU A 136 12.91 -36.72 11.21
CA LEU A 136 12.05 -37.26 10.14
C LEU A 136 12.95 -37.73 9.01
N ARG A 137 14.08 -37.05 8.80
CA ARG A 137 15.11 -37.46 7.82
C ARG A 137 15.67 -38.84 8.17
N ARG A 138 15.87 -39.18 9.45
CA ARG A 138 16.49 -40.45 9.95
C ARG A 138 15.45 -41.57 9.92
N ALA A 139 14.21 -41.29 10.32
CA ALA A 139 13.06 -42.21 10.10
C ALA A 139 12.99 -42.58 8.61
N ASP A 140 12.86 -41.60 7.70
CA ASP A 140 12.85 -41.77 6.21
C ASP A 140 14.04 -42.62 5.77
N GLN A 141 15.25 -42.26 6.22
CA GLN A 141 16.54 -42.96 6.03
C GLN A 141 16.38 -44.45 6.39
N ILE A 142 15.81 -44.74 7.57
CA ILE A 142 15.57 -46.13 8.08
C ILE A 142 14.61 -46.88 7.15
N TYR A 143 13.43 -46.30 6.90
CA TYR A 143 12.32 -46.89 6.08
C TYR A 143 12.84 -47.21 4.66
N HIS A 144 13.63 -46.29 4.11
CA HIS A 144 14.30 -46.54 2.81
C HIS A 144 15.22 -47.77 2.91
N SER A 145 16.11 -47.83 3.90
CA SER A 145 17.12 -48.92 4.06
C SER A 145 16.41 -50.27 4.20
N GLU A 146 15.24 -50.31 4.84
CA GLU A 146 14.41 -51.52 5.01
C GLU A 146 13.49 -51.66 3.80
N GLY A 147 13.63 -50.77 2.82
CA GLY A 147 12.78 -50.68 1.62
C GLY A 147 11.31 -50.65 1.98
N ARG A 148 10.85 -49.64 2.71
CA ARG A 148 9.42 -49.43 3.06
C ARG A 148 8.91 -48.16 2.36
N ASN A 149 7.59 -48.05 2.17
CA ASN A 149 6.90 -46.86 1.57
C ASN A 149 5.67 -46.42 2.37
N ASP A 150 5.24 -47.19 3.37
CA ASP A 150 3.87 -47.03 3.92
C ASP A 150 3.69 -45.59 4.45
N ILE A 151 4.74 -44.95 4.97
CA ILE A 151 4.66 -43.58 5.57
C ILE A 151 5.47 -42.56 4.74
N TYR A 152 4.90 -41.35 4.53
CA TYR A 152 5.60 -40.16 3.95
C TYR A 152 6.03 -39.27 5.12
N TRP A 153 7.34 -39.18 5.34
CA TRP A 153 7.94 -38.68 6.61
C TRP A 153 8.03 -37.16 6.62
N PHE A 154 7.98 -36.53 5.45
CA PHE A 154 8.29 -35.09 5.30
C PHE A 154 6.99 -34.29 5.50
N ALA A 155 6.44 -34.44 6.71
CA ALA A 155 5.22 -33.75 7.19
C ALA A 155 5.55 -32.26 7.29
N PRO A 156 4.78 -31.36 6.65
CA PRO A 156 5.02 -29.93 6.78
C PRO A 156 4.99 -29.48 8.25
N ILE A 157 5.87 -28.54 8.61
CA ILE A 157 5.92 -27.92 9.98
C ILE A 157 5.38 -26.50 9.89
N VAL A 158 4.42 -26.20 10.75
CA VAL A 158 3.94 -24.82 10.95
C VAL A 158 4.57 -24.32 12.25
N ALA A 159 5.42 -23.30 12.17
CA ALA A 159 6.20 -22.77 13.32
C ALA A 159 5.79 -21.34 13.70
N ASP A 160 5.88 -21.08 15.00
CA ASP A 160 5.55 -19.82 15.70
C ASP A 160 6.73 -18.86 15.57
N ALA A 161 6.53 -17.68 15.00
CA ALA A 161 7.54 -16.58 15.06
C ALA A 161 7.12 -15.52 16.11
N GLU A 162 6.16 -15.82 16.98
CA GLU A 162 5.61 -14.89 18.01
C GLU A 162 5.28 -13.56 17.31
N ALA A 163 5.81 -12.46 17.82
CA ALA A 163 5.59 -11.10 17.29
C ALA A 163 6.82 -10.63 16.50
N GLY A 164 7.54 -11.58 15.89
CA GLY A 164 8.81 -11.39 15.16
C GLY A 164 10.05 -11.17 16.06
N PHE A 165 9.92 -11.19 17.38
CA PHE A 165 11.02 -10.82 18.32
C PHE A 165 11.71 -9.50 17.94
N GLY A 166 10.95 -8.46 17.58
CA GLY A 166 11.43 -7.07 17.56
C GLY A 166 10.80 -6.27 16.45
N GLY A 167 11.61 -5.56 15.66
CA GLY A 167 11.14 -4.72 14.53
C GLY A 167 10.89 -5.59 13.30
N PRO A 168 10.48 -5.01 12.15
CA PRO A 168 10.37 -5.78 10.92
C PRO A 168 11.62 -6.54 10.46
N LEU A 169 12.82 -6.08 10.79
CA LEU A 169 14.05 -6.81 10.35
C LEU A 169 14.21 -8.09 11.18
N ASN A 170 13.85 -8.07 12.47
CA ASN A 170 13.76 -9.28 13.32
C ASN A 170 12.80 -10.26 12.65
N VAL A 171 11.69 -9.78 12.09
CA VAL A 171 10.71 -10.63 11.35
C VAL A 171 11.35 -11.19 10.08
N PHE A 172 12.05 -10.34 9.33
CA PHE A 172 12.84 -10.74 8.14
C PHE A 172 13.68 -11.93 8.56
N GLU A 173 14.41 -11.75 9.66
CA GLU A 173 15.56 -12.61 10.00
C GLU A 173 15.04 -13.94 10.53
N ILE A 174 13.98 -13.98 11.33
CA ILE A 174 13.48 -15.28 11.89
C ILE A 174 12.76 -16.06 10.80
N MET A 175 12.13 -15.36 9.83
CA MET A 175 11.44 -16.01 8.69
C MET A 175 12.50 -16.78 7.91
N LYS A 176 13.63 -16.15 7.65
CA LYS A 176 14.73 -16.82 6.92
C LYS A 176 15.15 -18.05 7.74
N ALA A 177 15.44 -17.86 9.03
CA ALA A 177 15.92 -18.90 9.98
C ALA A 177 15.02 -20.12 9.89
N TYR A 178 13.72 -19.87 9.84
CA TYR A 178 12.66 -20.90 9.83
C TYR A 178 12.75 -21.62 8.51
N ILE A 179 12.97 -20.89 7.42
CA ILE A 179 13.08 -21.48 6.06
C ILE A 179 14.35 -22.35 5.98
N GLU A 180 15.51 -21.85 6.41
CA GLU A 180 16.75 -22.65 6.24
C GLU A 180 16.71 -23.86 7.16
N ALA A 181 15.85 -23.88 8.18
CA ALA A 181 15.60 -25.07 9.03
C ALA A 181 14.51 -25.97 8.42
N GLY A 182 13.76 -25.50 7.41
CA GLY A 182 12.82 -26.34 6.63
C GLY A 182 11.36 -26.23 7.08
N ALA A 183 10.94 -25.09 7.63
CA ALA A 183 9.54 -24.82 8.05
C ALA A 183 8.67 -24.59 6.81
N ALA A 184 7.44 -25.10 6.84
CA ALA A 184 6.51 -25.09 5.70
C ALA A 184 5.61 -23.87 5.78
N GLY A 185 5.27 -23.47 7.01
CA GLY A 185 4.54 -22.23 7.30
C GLY A 185 5.06 -21.60 8.56
N VAL A 186 4.93 -20.28 8.67
CA VAL A 186 5.28 -19.55 9.91
C VAL A 186 4.10 -18.63 10.22
N HIS A 187 3.88 -18.37 11.51
CA HIS A 187 2.74 -17.56 11.98
C HIS A 187 3.30 -16.34 12.72
N PHE A 188 2.69 -15.17 12.48
CA PHE A 188 3.07 -13.88 13.12
C PHE A 188 1.84 -13.25 13.77
N GLU A 189 2.00 -12.70 14.97
CA GLU A 189 0.90 -12.06 15.75
C GLU A 189 1.15 -10.57 16.01
N ASP A 190 0.07 -9.81 16.07
CA ASP A 190 0.02 -8.32 16.10
C ASP A 190 0.13 -7.76 17.52
N GLN A 191 0.75 -8.47 18.48
CA GLN A 191 1.03 -7.97 19.85
C GLN A 191 2.38 -7.25 19.86
N LEU A 192 2.56 -6.20 20.67
CA LEU A 192 3.89 -5.56 20.94
C LEU A 192 4.90 -6.63 21.39
N ALA A 193 6.04 -6.67 20.71
CA ALA A 193 7.07 -7.72 20.88
C ALA A 193 7.64 -7.71 22.30
N SER A 194 7.85 -6.54 22.91
CA SER A 194 8.45 -6.42 24.27
C SER A 194 7.45 -6.85 25.38
N GLU A 195 6.16 -6.98 25.04
CA GLU A 195 5.11 -7.31 26.03
C GLU A 195 4.37 -8.55 25.57
N LYS A 196 5.01 -9.31 24.65
CA LYS A 196 4.39 -10.47 23.98
C LYS A 196 4.09 -11.53 25.03
N LYS A 197 2.91 -12.15 24.97
CA LYS A 197 2.52 -13.18 25.96
C LYS A 197 1.48 -14.11 25.36
N CYS A 198 1.13 -15.15 26.09
CA CYS A 198 0.21 -16.22 25.62
C CYS A 198 -1.08 -15.56 25.17
N GLY A 199 -1.74 -16.13 24.15
CA GLY A 199 -3.05 -15.65 23.67
C GLY A 199 -4.12 -15.80 24.73
N HIS A 200 -3.85 -16.60 25.74
CA HIS A 200 -4.83 -16.95 26.81
C HIS A 200 -4.32 -16.41 28.14
N MET A 201 -3.35 -15.50 28.12
CA MET A 201 -2.92 -14.70 29.29
C MET A 201 -3.67 -13.37 29.24
N GLY A 202 -3.93 -12.73 30.38
CA GLY A 202 -4.37 -11.33 30.37
C GLY A 202 -3.18 -10.46 30.03
N GLY A 203 -3.39 -9.16 29.78
CA GLY A 203 -2.33 -8.14 29.74
C GLY A 203 -1.65 -8.07 28.40
N LYS A 204 -2.33 -8.57 27.36
CA LYS A 204 -1.92 -8.46 25.94
C LYS A 204 -2.08 -7.01 25.48
N VAL A 205 -1.13 -6.57 24.65
CA VAL A 205 -0.99 -5.20 24.08
C VAL A 205 -0.92 -5.27 22.57
N LEU A 206 -1.71 -4.51 21.84
CA LEU A 206 -1.68 -4.54 20.35
C LEU A 206 -0.69 -3.48 19.84
N ILE A 207 -0.04 -3.77 18.70
CA ILE A 207 0.69 -2.76 17.89
C ILE A 207 -0.32 -2.25 16.89
N PRO A 208 -0.14 -1.03 16.34
CA PRO A 208 -0.97 -0.54 15.25
C PRO A 208 -1.10 -1.48 14.07
N THR A 209 -2.27 -1.49 13.43
CA THR A 209 -2.58 -2.32 12.25
C THR A 209 -1.53 -2.08 11.13
N GLN A 210 -1.09 -0.84 10.89
CA GLN A 210 -0.05 -0.53 9.86
C GLN A 210 1.21 -1.33 10.18
N ALA A 211 1.53 -1.49 11.46
CA ALA A 211 2.76 -2.11 11.97
C ALA A 211 2.64 -3.64 11.87
N ALA A 212 1.47 -4.17 12.23
CA ALA A 212 1.17 -5.59 11.98
C ALA A 212 1.43 -5.86 10.48
N ILE A 213 0.99 -4.96 9.61
CA ILE A 213 1.12 -5.16 8.15
C ILE A 213 2.60 -5.17 7.76
N ARG A 214 3.43 -4.29 8.31
CA ARG A 214 4.88 -4.28 7.98
C ARG A 214 5.44 -5.67 8.28
N ASN A 215 5.19 -6.20 9.48
CA ASN A 215 5.68 -7.53 9.93
C ASN A 215 5.30 -8.64 8.95
N LEU A 216 4.07 -8.64 8.49
CA LEU A 216 3.66 -9.62 7.47
C LEU A 216 4.46 -9.38 6.18
N VAL A 217 4.63 -8.12 5.77
CA VAL A 217 5.34 -7.75 4.50
C VAL A 217 6.80 -8.20 4.66
N ALA A 218 7.42 -7.89 5.80
CA ALA A 218 8.78 -8.36 6.16
C ALA A 218 8.86 -9.88 5.97
N ALA A 219 7.78 -10.60 6.30
CA ALA A 219 7.75 -12.07 6.29
C ALA A 219 7.74 -12.52 4.84
N ARG A 220 6.83 -11.94 4.06
CA ARG A 220 6.69 -12.30 2.64
C ARG A 220 8.02 -12.02 1.94
N LEU A 221 8.69 -10.90 2.29
CA LEU A 221 9.94 -10.46 1.59
C LEU A 221 11.05 -11.48 1.82
N ALA A 222 11.18 -11.97 3.04
CA ALA A 222 12.18 -12.96 3.46
C ALA A 222 11.97 -14.25 2.67
N ALA A 223 10.75 -14.76 2.68
CA ALA A 223 10.37 -15.98 1.93
C ALA A 223 10.71 -15.81 0.44
N ASP A 224 10.41 -14.64 -0.13
CA ASP A 224 10.60 -14.30 -1.56
C ASP A 224 12.11 -14.26 -1.86
N VAL A 225 12.87 -13.71 -0.95
CA VAL A 225 14.34 -13.60 -1.10
C VAL A 225 14.96 -14.99 -1.09
N MET A 226 14.51 -15.91 -0.23
CA MET A 226 15.07 -17.28 -0.21
C MET A 226 14.44 -18.08 -1.36
N GLY A 227 13.43 -17.49 -2.01
CA GLY A 227 12.74 -18.07 -3.19
C GLY A 227 11.97 -19.30 -2.83
N VAL A 228 11.23 -19.29 -1.72
CA VAL A 228 10.40 -20.44 -1.26
C VAL A 228 9.02 -19.92 -0.92
N PRO A 229 7.95 -20.63 -1.33
CA PRO A 229 6.57 -20.15 -1.17
C PRO A 229 6.08 -20.52 0.23
N THR A 230 6.79 -20.03 1.23
CA THR A 230 6.48 -20.37 2.63
C THR A 230 5.06 -19.84 2.88
N ILE A 231 4.20 -20.64 3.53
CA ILE A 231 2.83 -20.22 3.95
C ILE A 231 2.96 -19.23 5.12
N ILE A 232 2.49 -17.98 4.93
CA ILE A 232 2.42 -16.95 6.01
C ILE A 232 1.03 -17.00 6.62
N VAL A 233 0.95 -17.23 7.93
CA VAL A 233 -0.32 -17.15 8.71
C VAL A 233 -0.26 -15.86 9.53
N ALA A 234 -1.22 -14.95 9.32
CA ALA A 234 -1.43 -13.74 10.14
C ALA A 234 -2.36 -14.13 11.28
N ARG A 235 -1.91 -13.88 12.51
CA ARG A 235 -2.68 -14.07 13.76
C ARG A 235 -3.02 -12.71 14.38
N THR A 236 -4.17 -12.63 15.04
CA THR A 236 -4.62 -11.44 15.81
C THR A 236 -5.03 -11.84 17.23
N ASP A 237 -4.53 -11.06 18.18
CA ASP A 237 -4.91 -11.20 19.61
C ASP A 237 -5.88 -10.08 19.99
N ALA A 238 -6.56 -9.45 19.01
CA ALA A 238 -7.41 -8.25 19.20
C ALA A 238 -8.82 -8.66 19.64
N ASN A 239 -9.09 -9.97 19.73
CA ASN A 239 -10.33 -10.54 20.31
C ASN A 239 -10.37 -10.22 21.81
N ALA A 240 -9.23 -10.34 22.50
CA ALA A 240 -9.11 -10.20 23.98
C ALA A 240 -8.30 -8.98 24.36
N ALA A 241 -7.41 -8.50 23.48
CA ALA A 241 -6.42 -7.47 23.85
C ALA A 241 -7.15 -6.15 24.08
N THR A 242 -6.99 -5.57 25.26
CA THR A 242 -7.66 -4.31 25.67
C THR A 242 -6.63 -3.16 25.76
N LEU A 243 -5.38 -3.40 25.39
CA LEU A 243 -4.32 -2.37 25.37
C LEU A 243 -3.74 -2.24 23.96
N LEU A 244 -3.23 -1.05 23.63
CA LEU A 244 -2.66 -0.68 22.31
C LEU A 244 -1.53 0.33 22.54
N THR A 245 -0.48 0.31 21.71
CA THR A 245 0.72 1.14 21.95
C THR A 245 0.46 2.58 21.47
N SER A 246 -0.26 2.72 20.37
CA SER A 246 -0.41 3.99 19.62
C SER A 246 -1.78 3.99 18.97
N ASP A 247 -2.50 5.10 19.13
CA ASP A 247 -3.81 5.37 18.48
C ASP A 247 -3.59 5.96 17.08
N ILE A 248 -2.41 5.76 16.48
CA ILE A 248 -1.92 6.46 15.25
C ILE A 248 -2.70 5.96 14.02
N ASP A 249 -2.96 4.65 13.90
CA ASP A 249 -3.64 4.07 12.70
C ASP A 249 -5.11 4.45 12.79
N GLU A 250 -5.71 4.91 11.69
CA GLU A 250 -7.12 5.38 11.58
C GLU A 250 -8.09 4.21 11.67
N ARG A 251 -7.64 2.97 11.40
CA ARG A 251 -8.44 1.72 11.53
C ARG A 251 -8.58 1.34 13.01
N ASP A 252 -7.72 1.90 13.87
CA ASP A 252 -7.62 1.49 15.29
C ASP A 252 -8.34 2.50 16.21
N ARG A 253 -8.51 3.75 15.77
CA ARG A 253 -9.05 4.82 16.64
C ARG A 253 -10.44 4.42 17.13
N PRO A 254 -11.36 3.99 16.23
CA PRO A 254 -12.70 3.55 16.61
C PRO A 254 -12.80 2.76 17.92
N PHE A 255 -11.82 1.88 18.18
CA PHE A 255 -11.81 0.95 19.35
C PHE A 255 -11.14 1.60 20.56
N CYS A 256 -10.57 2.79 20.43
CA CYS A 256 -9.92 3.50 21.57
C CYS A 256 -11.02 4.14 22.42
N THR A 257 -11.03 3.86 23.72
CA THR A 257 -12.00 4.45 24.67
C THR A 257 -11.59 5.90 24.90
N GLY A 258 -10.29 6.19 24.85
CA GLY A 258 -9.75 7.52 25.17
C GLY A 258 -9.11 7.50 26.54
N GLU A 259 -9.38 6.46 27.33
CA GLU A 259 -8.58 6.16 28.56
C GLU A 259 -7.15 5.81 28.12
N ARG A 260 -6.16 6.10 29.00
CA ARG A 260 -4.75 5.69 28.86
C ARG A 260 -4.29 5.05 30.19
N THR A 261 -3.34 4.13 30.15
CA THR A 261 -2.72 3.54 31.35
C THR A 261 -1.54 4.41 31.78
N SER A 262 -1.08 4.26 33.03
CA SER A 262 0.15 4.90 33.58
C SER A 262 1.34 4.64 32.65
N GLU A 263 1.49 3.44 32.07
CA GLU A 263 2.55 3.11 31.08
C GLU A 263 2.31 3.93 29.81
N GLY A 264 1.07 4.35 29.54
CA GLY A 264 0.74 5.16 28.34
C GLY A 264 0.05 4.35 27.26
N PHE A 265 -0.44 3.15 27.58
CA PHE A 265 -1.15 2.27 26.63
C PHE A 265 -2.55 2.83 26.41
N TYR A 266 -3.07 2.74 25.19
CA TYR A 266 -4.46 3.13 24.85
C TYR A 266 -5.38 1.97 25.21
N ARG A 267 -6.35 2.18 26.11
CA ARG A 267 -7.43 1.18 26.34
C ARG A 267 -8.25 1.11 25.05
N VAL A 268 -8.68 -0.11 24.66
CA VAL A 268 -9.49 -0.37 23.42
C VAL A 268 -10.63 -1.34 23.75
N ARG A 269 -11.75 -1.20 23.03
CA ARG A 269 -12.93 -2.09 23.14
C ARG A 269 -12.58 -3.39 22.43
N ALA A 270 -12.10 -4.39 23.16
CA ALA A 270 -11.68 -5.71 22.63
C ALA A 270 -12.92 -6.49 22.21
N GLY A 271 -12.81 -7.41 21.25
CA GLY A 271 -13.86 -8.40 20.95
C GLY A 271 -13.82 -8.82 19.49
N LEU A 272 -14.86 -9.52 19.03
CA LEU A 272 -14.86 -10.10 17.67
C LEU A 272 -14.81 -8.98 16.63
N ASP A 273 -15.41 -7.82 16.87
CA ASP A 273 -15.36 -6.75 15.85
C ASP A 273 -13.90 -6.22 15.72
N GLN A 274 -13.12 -6.08 16.81
CA GLN A 274 -11.69 -5.63 16.73
C GLN A 274 -10.90 -6.71 15.98
N ALA A 275 -11.13 -7.97 16.29
CA ALA A 275 -10.40 -9.11 15.70
C ALA A 275 -10.74 -9.20 14.21
N ILE A 276 -11.98 -8.85 13.85
CA ILE A 276 -12.45 -8.86 12.43
C ILE A 276 -11.78 -7.69 11.69
N ALA A 277 -11.71 -6.52 12.30
CA ALA A 277 -10.96 -5.36 11.76
C ALA A 277 -9.51 -5.77 11.48
N ARG A 278 -8.86 -6.48 12.40
CA ARG A 278 -7.45 -6.92 12.21
C ARG A 278 -7.39 -7.98 11.10
N GLY A 279 -8.23 -9.02 11.20
CA GLY A 279 -8.31 -10.09 10.20
C GLY A 279 -8.45 -9.55 8.77
N LEU A 280 -9.30 -8.54 8.57
CA LEU A 280 -9.62 -7.96 7.23
C LEU A 280 -8.45 -7.08 6.73
N ALA A 281 -7.84 -6.31 7.62
CA ALA A 281 -6.61 -5.55 7.33
C ALA A 281 -5.49 -6.52 6.92
N TYR A 282 -5.28 -7.63 7.64
CA TYR A 282 -4.12 -8.54 7.40
C TYR A 282 -4.37 -9.45 6.19
N ALA A 283 -5.62 -9.73 5.80
CA ALA A 283 -5.98 -10.83 4.88
C ALA A 283 -5.14 -10.79 3.60
N PRO A 284 -5.04 -9.61 2.94
CA PRO A 284 -4.34 -9.48 1.66
C PRO A 284 -2.83 -9.80 1.69
N TYR A 285 -2.19 -9.80 2.86
CA TYR A 285 -0.75 -10.05 3.04
C TYR A 285 -0.49 -11.39 3.74
N ALA A 286 -1.50 -12.26 3.82
CA ALA A 286 -1.31 -13.61 4.40
C ALA A 286 -2.07 -14.64 3.56
N ASP A 287 -1.61 -15.88 3.62
CA ASP A 287 -2.21 -17.07 2.97
C ASP A 287 -3.30 -17.64 3.89
N MET A 288 -3.19 -17.39 5.20
CA MET A 288 -4.10 -17.99 6.20
C MET A 288 -4.25 -17.07 7.42
N ILE A 289 -5.48 -16.92 7.91
CA ILE A 289 -5.86 -16.00 9.04
C ILE A 289 -6.23 -16.79 10.30
N TRP A 290 -5.79 -16.27 11.43
CA TRP A 290 -5.89 -16.95 12.72
C TRP A 290 -6.44 -15.95 13.74
N CYS A 291 -7.67 -16.20 14.20
CA CYS A 291 -8.28 -15.44 15.32
C CYS A 291 -8.13 -16.24 16.61
N GLU A 292 -7.38 -15.67 17.54
CA GLU A 292 -7.22 -16.17 18.92
C GLU A 292 -8.51 -15.83 19.67
N THR A 293 -8.98 -16.79 20.47
CA THR A 293 -10.31 -16.81 21.14
C THR A 293 -10.07 -17.32 22.56
N SER A 294 -11.06 -17.16 23.44
CA SER A 294 -10.95 -17.51 24.88
C SER A 294 -11.68 -18.82 25.20
N GLU A 295 -12.56 -19.29 24.32
CA GLU A 295 -13.31 -20.55 24.54
C GLU A 295 -13.52 -21.26 23.21
N PRO A 296 -13.81 -22.58 23.22
CA PRO A 296 -14.02 -23.34 22.00
C PRO A 296 -15.48 -23.20 21.56
N ASN A 297 -15.86 -21.98 21.20
CA ASN A 297 -17.23 -21.55 20.82
C ASN A 297 -17.42 -21.63 19.29
N LEU A 298 -18.19 -22.61 18.82
CA LEU A 298 -18.35 -22.87 17.38
C LEU A 298 -19.02 -21.66 16.69
N GLU A 299 -19.91 -20.93 17.39
CA GLU A 299 -20.68 -19.76 16.86
C GLU A 299 -19.72 -18.62 16.55
N GLU A 300 -18.94 -18.21 17.56
CA GLU A 300 -17.83 -17.23 17.39
C GLU A 300 -17.10 -17.54 16.07
N ALA A 301 -16.74 -18.80 15.87
CA ALA A 301 -15.88 -19.23 14.76
C ALA A 301 -16.62 -19.04 13.45
N ARG A 302 -17.92 -19.35 13.44
CA ARG A 302 -18.76 -19.11 12.23
C ARG A 302 -18.81 -17.60 12.00
N ARG A 303 -19.07 -16.77 13.02
CA ARG A 303 -19.16 -15.30 12.82
C ARG A 303 -17.83 -14.74 12.24
N PHE A 304 -16.68 -15.25 12.69
CA PHE A 304 -15.37 -14.86 12.13
C PHE A 304 -15.25 -15.39 10.69
N ALA A 305 -15.38 -16.70 10.47
CA ALA A 305 -15.30 -17.29 9.11
C ALA A 305 -16.17 -16.47 8.14
N GLU A 306 -17.31 -16.00 8.62
CA GLU A 306 -18.30 -15.29 7.78
C GLU A 306 -17.79 -13.89 7.48
N ALA A 307 -17.50 -13.09 8.51
CA ALA A 307 -17.02 -11.69 8.41
C ALA A 307 -15.94 -11.58 7.34
N ILE A 308 -15.00 -12.53 7.38
CA ILE A 308 -13.75 -12.57 6.58
C ILE A 308 -14.09 -12.99 5.15
N HIS A 309 -14.85 -14.08 4.98
CA HIS A 309 -15.15 -14.65 3.64
C HIS A 309 -16.07 -13.69 2.86
N ALA A 310 -16.76 -12.81 3.59
CA ALA A 310 -17.64 -11.77 2.99
C ALA A 310 -16.79 -10.92 2.06
N GLN A 311 -15.54 -10.66 2.43
CA GLN A 311 -14.68 -9.72 1.70
C GLN A 311 -13.49 -10.46 1.06
N PHE A 312 -13.15 -11.64 1.57
CA PHE A 312 -11.97 -12.42 1.13
C PHE A 312 -12.41 -13.86 0.90
N PRO A 313 -13.12 -14.14 -0.20
CA PRO A 313 -13.75 -15.44 -0.40
C PRO A 313 -12.74 -16.57 -0.56
N GLY A 314 -13.00 -17.71 0.09
CA GLY A 314 -12.14 -18.90 0.04
C GLY A 314 -10.82 -18.69 0.76
N LYS A 315 -10.71 -17.70 1.63
CA LYS A 315 -9.45 -17.45 2.38
C LYS A 315 -9.29 -18.57 3.40
N LEU A 316 -8.16 -19.27 3.37
CA LEU A 316 -7.87 -20.32 4.38
C LEU A 316 -7.89 -19.71 5.80
N LEU A 317 -8.55 -20.35 6.76
CA LEU A 317 -8.44 -19.95 8.18
C LEU A 317 -7.69 -21.04 8.97
N ALA A 318 -7.17 -20.67 10.15
CA ALA A 318 -6.57 -21.58 11.14
C ALA A 318 -7.28 -21.43 12.48
N TYR A 319 -7.48 -22.54 13.21
CA TYR A 319 -8.07 -22.57 14.58
C TYR A 319 -7.11 -23.21 15.58
N ASN A 320 -6.87 -22.54 16.72
CA ASN A 320 -6.14 -23.07 17.90
C ASN A 320 -7.13 -23.84 18.80
N CYS A 321 -7.17 -25.16 18.66
CA CYS A 321 -7.85 -26.05 19.64
C CYS A 321 -7.04 -25.99 20.95
N SER A 322 -7.01 -24.86 21.64
CA SER A 322 -6.07 -24.64 22.75
C SER A 322 -6.36 -25.54 23.94
N PRO A 323 -5.36 -26.29 24.43
CA PRO A 323 -5.35 -26.81 25.80
C PRO A 323 -5.48 -25.78 26.93
N SER A 324 -5.42 -24.48 26.63
CA SER A 324 -5.64 -23.40 27.62
C SER A 324 -7.14 -23.25 27.88
N PHE A 325 -7.97 -23.93 27.09
CA PHE A 325 -9.43 -24.09 27.33
C PHE A 325 -9.67 -25.35 28.14
N ASN A 326 -10.55 -25.30 29.15
CA ASN A 326 -11.03 -26.51 29.84
C ASN A 326 -12.19 -27.09 29.03
N TRP A 327 -11.88 -27.99 28.12
CA TRP A 327 -12.76 -28.48 27.04
C TRP A 327 -14.11 -29.02 27.58
N LYS A 328 -14.14 -30.03 28.45
CA LYS A 328 -15.45 -30.63 28.86
C LYS A 328 -16.21 -29.72 29.86
N LYS A 329 -15.67 -28.58 30.29
CA LYS A 329 -16.47 -27.51 30.96
C LYS A 329 -17.31 -26.74 29.93
N LYS A 330 -16.67 -26.23 28.87
CA LYS A 330 -17.29 -25.29 27.91
C LYS A 330 -18.20 -26.05 26.93
N LEU A 331 -18.04 -27.37 26.75
CA LEU A 331 -18.82 -28.11 25.72
C LEU A 331 -19.33 -29.46 26.23
N ASP A 332 -20.44 -29.93 25.64
CA ASP A 332 -20.93 -31.33 25.76
C ASP A 332 -20.06 -32.21 24.88
N ASP A 333 -19.96 -33.48 25.26
CA ASP A 333 -19.13 -34.52 24.60
C ASP A 333 -19.60 -34.68 23.14
N ALA A 334 -20.87 -34.41 22.84
CA ALA A 334 -21.37 -34.48 21.46
C ALA A 334 -20.63 -33.45 20.60
N THR A 335 -20.65 -32.19 21.04
CA THR A 335 -20.02 -31.03 20.35
C THR A 335 -18.50 -31.23 20.25
N ILE A 336 -17.86 -31.65 21.35
CA ILE A 336 -16.41 -31.98 21.37
C ILE A 336 -16.09 -32.94 20.22
N ALA A 337 -16.84 -34.04 20.06
CA ALA A 337 -16.57 -35.10 19.05
C ALA A 337 -16.61 -34.50 17.64
N ALA A 338 -17.47 -33.51 17.44
CA ALA A 338 -17.79 -32.98 16.10
C ALA A 338 -17.04 -31.67 15.84
N PHE A 339 -16.21 -31.24 16.77
CA PHE A 339 -15.69 -29.85 16.84
C PHE A 339 -14.84 -29.54 15.60
N GLN A 340 -13.87 -30.39 15.28
CA GLN A 340 -12.94 -30.16 14.14
C GLN A 340 -13.67 -30.38 12.81
N ARG A 341 -14.66 -31.27 12.76
CA ARG A 341 -15.51 -31.54 11.57
C ARG A 341 -16.23 -30.22 11.20
N GLU A 342 -16.81 -29.55 12.21
CA GLU A 342 -17.61 -28.32 12.05
C GLU A 342 -16.70 -27.17 11.59
N LEU A 343 -15.68 -26.83 12.40
CA LEU A 343 -14.63 -25.84 12.06
C LEU A 343 -14.21 -26.06 10.61
N GLY A 344 -14.05 -27.29 10.18
CA GLY A 344 -13.58 -27.58 8.80
C GLY A 344 -14.51 -26.96 7.78
N ALA A 345 -15.76 -27.40 7.77
CA ALA A 345 -16.78 -26.90 6.82
C ALA A 345 -16.87 -25.38 6.92
N MET A 346 -16.53 -24.75 8.03
CA MET A 346 -16.54 -23.26 8.11
C MET A 346 -15.33 -22.66 7.39
N GLY A 347 -14.37 -23.47 6.91
CA GLY A 347 -13.15 -23.01 6.21
C GLY A 347 -11.86 -22.99 7.05
N TYR A 348 -11.87 -23.56 8.26
CA TYR A 348 -10.67 -23.70 9.13
C TYR A 348 -9.90 -24.95 8.73
N LYS A 349 -9.00 -24.82 7.75
CA LYS A 349 -8.28 -25.95 7.09
C LYS A 349 -7.02 -26.33 7.87
N PHE A 350 -6.53 -25.46 8.78
CA PHE A 350 -5.44 -25.81 9.73
C PHE A 350 -5.96 -25.72 11.17
N GLN A 351 -5.98 -26.85 11.87
CA GLN A 351 -6.43 -26.94 13.29
C GLN A 351 -5.36 -27.69 14.10
N PHE A 352 -4.92 -27.12 15.21
CA PHE A 352 -3.72 -27.51 15.97
C PHE A 352 -3.94 -27.41 17.47
N VAL A 353 -3.58 -28.48 18.19
CA VAL A 353 -3.56 -28.46 19.68
C VAL A 353 -2.15 -27.99 20.10
N THR A 354 -2.04 -26.68 20.28
CA THR A 354 -0.76 -25.96 20.56
C THR A 354 0.08 -26.71 21.60
N LEU A 355 -0.51 -27.04 22.75
CA LEU A 355 0.25 -27.46 23.95
C LEU A 355 0.16 -28.98 24.14
N ALA A 356 -0.20 -29.74 23.09
CA ALA A 356 -0.35 -31.21 23.16
C ALA A 356 0.97 -31.85 23.58
N GLY A 357 2.08 -31.27 23.13
CA GLY A 357 3.40 -31.82 23.43
C GLY A 357 3.72 -31.77 24.91
N PHE A 358 3.54 -30.61 25.51
CA PHE A 358 3.75 -30.36 26.96
C PHE A 358 2.91 -31.36 27.76
N HIS A 359 1.65 -31.56 27.37
CA HIS A 359 0.65 -32.26 28.21
C HIS A 359 0.96 -33.74 28.10
N ALA A 360 1.06 -34.25 26.88
CA ALA A 360 1.58 -35.61 26.62
C ALA A 360 2.82 -35.90 27.50
N LEU A 361 3.80 -34.99 27.52
CA LEU A 361 5.12 -35.24 28.15
C LEU A 361 5.01 -35.26 29.69
N ASN A 362 4.35 -34.24 30.24
CA ASN A 362 4.33 -33.98 31.71
C ASN A 362 3.42 -35.00 32.36
N TYR A 363 2.30 -35.30 31.72
CA TYR A 363 1.32 -36.31 32.18
C TYR A 363 2.06 -37.65 32.28
N SER A 364 2.52 -38.17 31.15
CA SER A 364 3.12 -39.51 31.02
C SER A 364 4.29 -39.67 31.99
N MET A 365 5.14 -38.66 32.17
CA MET A 365 6.30 -38.84 33.10
C MET A 365 5.83 -38.74 34.56
N PHE A 366 4.93 -37.82 34.88
CA PHE A 366 4.37 -37.72 36.25
C PHE A 366 3.74 -39.06 36.59
N GLU A 367 2.90 -39.61 35.69
CA GLU A 367 2.12 -40.84 35.96
C GLU A 367 3.10 -41.97 36.28
N LEU A 368 4.08 -42.22 35.43
CA LEU A 368 5.10 -43.30 35.58
C LEU A 368 5.90 -43.09 36.86
N ALA A 369 6.38 -41.87 37.09
CA ALA A 369 7.20 -41.52 38.25
C ALA A 369 6.46 -41.91 39.54
N ARG A 370 5.18 -41.54 39.63
CA ARG A 370 4.32 -41.82 40.80
C ARG A 370 4.14 -43.34 40.97
N ASN A 371 3.76 -44.05 39.91
CA ASN A 371 3.59 -45.54 39.90
C ASN A 371 4.93 -46.18 40.24
N TYR A 372 6.00 -45.75 39.60
CA TYR A 372 7.37 -46.26 39.88
C TYR A 372 7.72 -46.00 41.34
N ARG A 373 7.41 -44.83 41.91
CA ARG A 373 7.76 -44.51 43.32
C ARG A 373 7.12 -45.52 44.26
N ASP A 374 5.93 -46.02 43.92
CA ASP A 374 5.18 -46.96 44.78
C ASP A 374 5.58 -48.41 44.48
N ARG A 375 5.59 -48.81 43.22
CA ARG A 375 5.53 -50.25 42.87
C ARG A 375 6.76 -50.67 42.06
N GLY A 376 7.75 -49.78 41.91
CA GLY A 376 9.06 -50.01 41.27
C GLY A 376 8.90 -50.53 39.86
N MET A 377 9.67 -51.57 39.49
CA MET A 377 9.73 -52.07 38.11
C MET A 377 8.38 -52.63 37.66
N ALA A 378 7.43 -52.83 38.57
CA ALA A 378 6.04 -53.24 38.22
C ALA A 378 5.42 -52.13 37.36
N ALA A 379 5.62 -50.87 37.76
CA ALA A 379 5.19 -49.67 37.04
C ALA A 379 5.81 -49.66 35.63
N TYR A 380 7.13 -49.84 35.50
CA TYR A 380 7.80 -49.71 34.18
C TYR A 380 7.31 -50.83 33.25
N SER A 381 7.23 -52.05 33.76
CA SER A 381 6.75 -53.21 32.96
C SER A 381 5.31 -52.99 32.49
N GLU A 382 4.48 -52.27 33.24
CA GLU A 382 3.10 -51.94 32.77
C GLU A 382 3.19 -51.04 31.52
N LEU A 383 4.08 -50.03 31.51
CA LEU A 383 4.26 -49.13 30.33
C LEU A 383 4.73 -49.93 29.12
N GLN A 384 5.79 -50.72 29.30
CA GLN A 384 6.39 -51.60 28.26
C GLN A 384 5.30 -52.52 27.67
N GLN A 385 4.45 -53.10 28.52
CA GLN A 385 3.35 -53.97 28.07
C GLN A 385 2.34 -53.11 27.29
N ALA A 386 1.98 -51.94 27.81
CA ALA A 386 1.12 -50.96 27.12
C ALA A 386 1.73 -50.59 25.76
N GLU A 387 3.06 -50.62 25.65
CA GLU A 387 3.85 -50.32 24.42
C GLU A 387 3.70 -51.49 23.42
N PHE A 388 3.96 -52.71 23.86
CA PHE A 388 3.76 -53.93 23.02
C PHE A 388 2.35 -53.95 22.43
N ALA A 389 1.33 -53.71 23.26
CA ALA A 389 -0.10 -53.65 22.86
C ALA A 389 -0.26 -52.67 21.69
N ALA A 390 0.40 -51.51 21.77
CA ALA A 390 0.31 -50.42 20.78
C ALA A 390 0.86 -50.82 19.40
N GLU A 391 1.65 -51.89 19.29
CA GLU A 391 2.24 -52.31 18.00
C GLU A 391 1.12 -52.71 17.04
N ALA A 392 -0.01 -53.20 17.53
CA ALA A 392 -1.21 -53.50 16.69
C ALA A 392 -1.57 -52.31 15.81
N TYR A 393 -1.21 -51.08 16.22
CA TYR A 393 -1.70 -49.84 15.57
C TYR A 393 -0.57 -49.06 14.90
N GLY A 394 0.68 -49.55 14.99
CA GLY A 394 1.83 -49.03 14.19
C GLY A 394 3.02 -48.58 15.05
N TYR A 395 2.80 -48.42 16.34
CA TYR A 395 3.88 -48.14 17.32
C TYR A 395 4.95 -49.20 17.09
N THR A 396 6.22 -48.80 17.16
CA THR A 396 7.39 -49.70 17.05
C THR A 396 8.51 -49.28 18.01
N ALA A 397 8.31 -48.20 18.78
CA ALA A 397 9.43 -47.56 19.50
C ALA A 397 9.76 -48.39 20.74
N THR A 398 9.02 -49.47 20.99
CA THR A 398 9.31 -50.39 22.11
C THR A 398 10.64 -51.11 21.81
N ARG A 399 10.87 -51.52 20.55
CA ARG A 399 12.20 -51.88 19.98
C ARG A 399 12.99 -50.59 19.73
N HIS A 400 13.54 -49.99 20.78
CA HIS A 400 14.06 -48.59 20.81
C HIS A 400 15.39 -48.45 20.04
N GLN A 401 16.18 -49.51 19.93
CA GLN A 401 17.47 -49.53 19.19
C GLN A 401 17.24 -49.36 17.67
N ARG A 402 16.34 -50.15 17.07
CA ARG A 402 15.87 -50.01 15.66
C ARG A 402 15.20 -48.62 15.46
N GLU A 403 14.45 -48.12 16.44
CA GLU A 403 13.62 -46.88 16.31
C GLU A 403 14.52 -45.68 15.96
N VAL A 404 15.67 -45.56 16.66
CA VAL A 404 16.58 -44.37 16.64
C VAL A 404 17.74 -44.58 15.64
N GLY A 405 17.84 -45.77 15.03
CA GLY A 405 18.54 -46.00 13.75
C GLY A 405 19.76 -46.89 13.86
N THR A 406 19.91 -47.63 14.96
CA THR A 406 20.95 -48.69 15.18
C THR A 406 21.08 -49.61 13.92
N GLY A 407 19.96 -50.09 13.38
CA GLY A 407 19.96 -50.84 12.12
C GLY A 407 20.57 -50.01 11.02
N TYR A 408 20.10 -48.78 10.82
CA TYR A 408 20.59 -47.92 9.71
C TYR A 408 22.11 -47.82 9.82
N PHE A 409 22.64 -47.46 10.99
CA PHE A 409 24.09 -47.27 11.20
C PHE A 409 24.84 -48.61 11.05
N ASP A 410 24.27 -49.73 11.48
CA ASP A 410 24.86 -51.08 11.25
C ASP A 410 25.13 -51.30 9.77
N GLU A 411 24.22 -50.85 8.90
CA GLU A 411 24.36 -50.95 7.42
C GLU A 411 25.46 -50.02 6.95
N VAL A 412 25.43 -48.75 7.34
CA VAL A 412 26.54 -47.79 7.04
C VAL A 412 27.87 -48.49 7.39
N ALA A 413 28.02 -48.92 8.65
CA ALA A 413 29.24 -49.58 9.19
C ALA A 413 29.69 -50.74 8.28
N GLN A 414 28.75 -51.56 7.80
CA GLN A 414 29.00 -52.78 6.98
C GLN A 414 29.43 -52.38 5.56
N VAL A 415 28.88 -51.32 4.98
CA VAL A 415 29.38 -50.82 3.67
C VAL A 415 30.79 -50.24 3.80
N ILE A 416 31.14 -49.57 4.90
CA ILE A 416 32.52 -49.00 5.09
C ILE A 416 33.51 -50.17 5.23
N ALA A 417 33.14 -51.22 5.95
CA ALA A 417 34.00 -52.42 6.16
C ALA A 417 34.04 -53.28 4.89
N GLY A 418 32.97 -53.33 4.09
CA GLY A 418 32.82 -54.30 2.99
C GLY A 418 32.53 -55.72 3.49
N GLY A 419 32.02 -55.86 4.72
CA GLY A 419 31.48 -57.12 5.30
C GLY A 419 32.40 -57.77 6.32
N GLU A 420 33.60 -57.22 6.53
CA GLU A 420 34.62 -57.73 7.49
C GLU A 420 34.58 -56.93 8.80
N ILE A 421 33.48 -57.02 9.58
CA ILE A 421 33.24 -56.17 10.81
C ILE A 421 32.71 -57.02 11.99
N SER A 422 33.39 -56.97 13.14
CA SER A 422 33.03 -57.73 14.37
C SER A 422 32.35 -56.84 15.45
N THR A 423 32.07 -55.56 15.15
CA THR A 423 31.46 -54.56 16.09
C THR A 423 30.08 -54.11 15.59
N THR A 424 29.33 -54.99 14.91
CA THR A 424 27.90 -54.76 14.52
C THR A 424 27.05 -54.81 15.79
N ALA A 425 26.19 -53.79 15.98
CA ALA A 425 25.49 -53.44 17.23
C ALA A 425 24.21 -54.26 17.42
N LEU A 426 23.35 -54.42 16.41
CA LEU A 426 22.08 -55.22 16.53
C LEU A 426 22.41 -56.70 16.65
N THR A 427 23.51 -57.15 16.04
CA THR A 427 24.02 -58.55 16.14
C THR A 427 24.38 -58.80 17.60
N GLY A 428 23.57 -59.56 18.34
CA GLY A 428 23.91 -60.01 19.71
C GLY A 428 23.35 -59.10 20.79
N SER A 429 22.72 -57.98 20.39
CA SER A 429 22.04 -57.02 21.29
C SER A 429 20.85 -57.71 21.98
N THR A 430 20.52 -57.25 23.20
CA THR A 430 19.36 -57.71 24.01
C THR A 430 18.08 -57.51 23.20
N GLU A 431 18.05 -56.50 22.33
CA GLU A 431 16.82 -56.19 21.55
C GLU A 431 16.48 -57.35 20.63
N GLU A 432 17.52 -57.93 19.98
CA GLU A 432 17.40 -59.04 18.98
C GLU A 432 17.25 -60.38 19.72
N GLU A 433 17.48 -60.45 21.03
CA GLU A 433 17.23 -61.68 21.81
C GLU A 433 15.81 -61.65 22.37
N GLN A 434 15.28 -60.50 22.79
CA GLN A 434 14.08 -60.44 23.71
C GLN A 434 12.83 -59.83 23.01
N PHE A 435 12.89 -59.46 21.71
CA PHE A 435 11.84 -58.66 21.04
C PHE A 435 11.68 -59.13 19.59
N MET B 13 53.09 -16.76 51.29
CA MET B 13 53.23 -18.26 51.11
C MET B 13 52.14 -18.99 51.93
N ASP B 14 50.88 -18.60 51.75
CA ASP B 14 49.65 -19.24 52.31
C ASP B 14 49.40 -20.57 51.59
N ARG B 15 50.17 -20.83 50.51
CA ARG B 15 50.32 -22.12 49.80
C ARG B 15 50.09 -23.28 50.78
N ALA B 16 50.85 -23.31 51.88
CA ALA B 16 50.94 -24.42 52.87
C ALA B 16 49.63 -24.58 53.66
N ALA B 17 48.92 -23.50 53.94
CA ALA B 17 47.57 -23.54 54.57
C ALA B 17 46.56 -24.20 53.60
N GLN B 18 46.57 -23.77 52.32
CA GLN B 18 45.61 -24.19 51.25
C GLN B 18 45.82 -25.68 50.96
N ILE B 19 47.07 -26.12 50.80
CA ILE B 19 47.43 -27.55 50.58
C ILE B 19 46.99 -28.38 51.80
N LYS B 20 47.13 -27.84 53.00
CA LYS B 20 46.68 -28.54 54.24
C LYS B 20 45.16 -28.71 54.13
N GLN B 21 44.43 -27.67 53.72
CA GLN B 21 42.94 -27.75 53.65
C GLN B 21 42.54 -28.85 52.67
N ILE B 22 43.24 -28.98 51.54
CA ILE B 22 42.94 -29.99 50.48
C ILE B 22 43.09 -31.38 51.11
N ALA B 23 44.24 -31.62 51.75
CA ALA B 23 44.59 -32.88 52.45
C ALA B 23 43.53 -33.24 53.50
N ASP B 24 43.05 -32.28 54.30
CA ASP B 24 42.15 -32.63 55.45
C ASP B 24 40.88 -33.21 54.86
N SER B 25 40.23 -32.45 53.97
CA SER B 25 39.01 -32.85 53.23
C SER B 25 39.13 -34.28 52.67
N TRP B 26 40.34 -34.80 52.43
CA TRP B 26 40.57 -36.17 51.92
C TRP B 26 40.55 -37.23 53.02
N ASN B 27 40.86 -36.85 54.27
CA ASN B 27 40.82 -37.78 55.44
C ASN B 27 39.53 -37.48 56.19
N THR B 28 38.41 -37.89 55.58
CA THR B 28 37.05 -37.83 56.18
C THR B 28 36.38 -39.16 55.90
N PRO B 29 35.22 -39.47 56.49
CA PRO B 29 34.53 -40.73 56.17
C PRO B 29 34.20 -40.85 54.67
N ARG B 30 33.72 -39.77 54.06
CA ARG B 30 33.76 -39.59 52.58
C ARG B 30 35.20 -39.83 52.14
N PHE B 31 35.47 -40.65 51.13
CA PHE B 31 36.85 -40.97 50.69
C PHE B 31 37.59 -41.91 51.67
N ALA B 32 36.88 -42.65 52.52
CA ALA B 32 37.47 -43.82 53.22
C ALA B 32 37.70 -44.94 52.20
N GLY B 33 38.90 -45.53 52.20
CA GLY B 33 39.29 -46.56 51.22
C GLY B 33 39.24 -46.05 49.80
N ILE B 34 39.41 -44.74 49.59
CA ILE B 34 39.47 -44.16 48.22
C ILE B 34 40.92 -43.76 47.94
N VAL B 35 41.53 -44.47 47.01
CA VAL B 35 42.93 -44.27 46.54
C VAL B 35 43.00 -43.02 45.64
N ARG B 36 43.89 -42.09 45.95
CA ARG B 36 44.36 -41.02 45.02
C ARG B 36 45.86 -41.18 44.73
N PRO B 37 46.30 -41.69 43.55
CA PRO B 37 47.72 -41.80 43.26
C PRO B 37 48.30 -40.40 42.95
N TYR B 38 48.03 -39.42 43.80
CA TYR B 38 48.54 -38.04 43.62
C TYR B 38 48.41 -37.31 44.96
N THR B 39 49.01 -36.15 45.05
CA THR B 39 49.25 -35.45 46.32
C THR B 39 48.32 -34.25 46.39
N PRO B 40 48.10 -33.64 47.58
CA PRO B 40 47.31 -32.43 47.68
C PRO B 40 47.98 -31.26 46.93
N GLU B 41 49.31 -31.29 46.87
CA GLU B 41 50.15 -30.24 46.22
C GLU B 41 49.91 -30.28 44.70
N ASP B 42 49.84 -31.48 44.10
CA ASP B 42 49.44 -31.65 42.67
C ASP B 42 48.10 -30.93 42.47
N VAL B 43 47.10 -31.18 43.31
CA VAL B 43 45.78 -30.51 43.13
C VAL B 43 45.99 -28.99 43.19
N TYR B 44 46.76 -28.52 44.17
CA TYR B 44 47.00 -27.08 44.34
C TYR B 44 47.60 -26.52 43.05
N ARG B 45 48.56 -27.25 42.48
CA ARG B 45 49.33 -26.75 41.31
C ARG B 45 48.39 -26.61 40.11
N LEU B 46 47.37 -27.47 39.98
CA LEU B 46 46.53 -27.52 38.74
C LEU B 46 45.31 -26.60 38.87
N ARG B 47 44.89 -26.23 40.07
CA ARG B 47 43.55 -25.63 40.26
C ARG B 47 43.51 -24.13 39.95
N GLY B 48 44.64 -23.46 39.81
CA GLY B 48 44.65 -22.00 39.52
C GLY B 48 44.60 -21.13 40.76
N SER B 49 44.85 -19.83 40.59
CA SER B 49 44.93 -18.77 41.63
C SER B 49 43.71 -18.81 42.57
N VAL B 50 42.54 -19.11 42.02
CA VAL B 50 41.24 -18.66 42.57
C VAL B 50 40.27 -19.82 42.52
N GLN B 51 39.41 -19.94 43.55
CA GLN B 51 38.57 -21.13 43.80
C GLN B 51 37.14 -20.73 43.54
N ILE B 52 36.60 -21.11 42.38
CA ILE B 52 35.20 -20.82 41.97
C ILE B 52 34.26 -21.84 42.61
N GLU B 53 33.14 -21.35 43.16
CA GLU B 53 32.16 -22.14 43.94
C GLU B 53 31.10 -22.71 42.99
N TYR B 54 30.85 -24.01 43.16
CA TYR B 54 29.89 -24.81 42.36
C TYR B 54 28.78 -25.27 43.30
N THR B 55 27.84 -24.38 43.61
CA THR B 55 26.83 -24.58 44.68
C THR B 55 26.00 -25.85 44.39
N LEU B 56 25.35 -25.94 43.26
CA LEU B 56 24.47 -27.11 42.96
C LEU B 56 25.30 -28.40 43.00
N ALA B 57 26.50 -28.41 42.44
CA ALA B 57 27.31 -29.64 42.39
C ALA B 57 27.56 -30.12 43.82
N ARG B 58 27.99 -29.19 44.70
CA ARG B 58 28.34 -29.41 46.12
C ARG B 58 27.11 -29.97 46.86
N MET B 59 26.02 -29.22 46.80
CA MET B 59 24.76 -29.64 47.43
C MET B 59 24.43 -31.04 46.97
N GLY B 60 24.31 -31.22 45.66
CA GLY B 60 23.90 -32.48 45.04
C GLY B 60 24.82 -33.59 45.49
N ALA B 61 26.12 -33.39 45.37
CA ALA B 61 27.13 -34.39 45.80
C ALA B 61 26.87 -34.77 47.25
N GLU B 62 26.82 -33.79 48.12
CA GLU B 62 26.72 -34.02 49.58
C GLU B 62 25.40 -34.74 49.79
N ARG B 63 24.31 -34.27 49.19
CA ARG B 63 22.97 -34.86 49.45
C ARG B 63 22.92 -36.30 48.95
N LEU B 64 23.22 -36.57 47.66
CA LEU B 64 23.28 -37.94 47.08
C LEU B 64 24.04 -38.90 48.01
N TRP B 65 25.21 -38.52 48.50
CA TRP B 65 25.97 -39.39 49.43
C TRP B 65 25.15 -39.73 50.68
N ASN B 66 24.54 -38.74 51.33
CA ASN B 66 23.67 -38.95 52.52
C ASN B 66 22.51 -39.90 52.16
N LEU B 67 21.87 -39.67 51.01
CA LEU B 67 20.69 -40.46 50.58
C LEU B 67 21.08 -41.95 50.47
N LEU B 68 22.25 -42.24 49.90
CA LEU B 68 22.73 -43.62 49.66
C LEU B 68 23.13 -44.26 50.99
N HIS B 69 23.29 -43.47 52.04
CA HIS B 69 23.69 -43.96 53.38
C HIS B 69 22.52 -43.95 54.37
N THR B 70 21.34 -43.44 54.03
CA THR B 70 20.21 -43.40 54.98
C THR B 70 18.98 -44.10 54.41
N GLU B 71 18.97 -44.43 53.13
CA GLU B 71 17.77 -44.98 52.46
C GLU B 71 17.97 -46.48 52.23
N PRO B 72 16.86 -47.24 52.18
CA PRO B 72 16.94 -48.63 51.73
C PRO B 72 17.66 -48.65 50.38
N TYR B 73 17.31 -47.68 49.52
CA TYR B 73 17.92 -47.40 48.18
C TYR B 73 17.33 -46.10 47.58
N ILE B 74 17.96 -45.56 46.55
CA ILE B 74 17.43 -44.43 45.73
C ILE B 74 17.03 -45.04 44.38
N ASN B 75 15.79 -44.90 43.96
CA ASN B 75 15.37 -45.44 42.65
C ASN B 75 14.91 -44.25 41.80
N ALA B 76 15.41 -44.17 40.56
CA ALA B 76 15.38 -42.99 39.68
C ALA B 76 14.96 -43.41 38.28
N LEU B 77 14.60 -42.42 37.45
CA LEU B 77 14.22 -42.63 36.02
C LEU B 77 15.01 -41.67 35.12
N GLY B 78 15.16 -42.03 33.85
CA GLY B 78 15.85 -41.20 32.85
C GLY B 78 15.00 -40.00 32.49
N ALA B 79 15.65 -38.84 32.36
CA ALA B 79 15.04 -37.55 32.02
C ALA B 79 15.83 -36.97 30.86
N LEU B 80 15.13 -36.37 29.89
CA LEU B 80 15.75 -35.74 28.70
C LEU B 80 15.17 -34.36 28.47
N THR B 81 14.28 -33.92 29.37
CA THR B 81 13.91 -32.49 29.49
C THR B 81 13.80 -32.09 30.97
N GLY B 82 13.88 -30.80 31.23
CA GLY B 82 13.59 -30.25 32.56
C GLY B 82 12.23 -30.71 33.01
N ASN B 83 11.18 -30.45 32.24
CA ASN B 83 9.80 -30.82 32.62
C ASN B 83 9.83 -32.28 33.17
N GLN B 84 10.41 -33.24 32.45
CA GLN B 84 10.46 -34.66 32.89
C GLN B 84 11.08 -34.77 34.30
N ALA B 85 12.31 -34.32 34.47
CA ALA B 85 12.97 -34.24 35.79
C ALA B 85 12.02 -33.60 36.83
N MET B 86 11.40 -32.51 36.46
CA MET B 86 10.52 -31.69 37.35
C MET B 86 9.40 -32.58 37.89
N GLN B 87 8.71 -33.32 37.00
CA GLN B 87 7.58 -34.19 37.38
C GLN B 87 8.11 -35.42 38.11
N GLN B 88 9.36 -35.80 37.95
CA GLN B 88 9.95 -36.96 38.68
C GLN B 88 10.09 -36.57 40.15
N VAL B 89 10.45 -35.31 40.40
CA VAL B 89 10.67 -34.78 41.78
C VAL B 89 9.31 -34.51 42.40
N LYS B 90 8.34 -34.03 41.61
CA LYS B 90 6.93 -33.76 42.04
C LYS B 90 6.29 -35.08 42.49
N ALA B 91 6.65 -36.20 41.85
CA ALA B 91 6.09 -37.55 42.10
C ALA B 91 6.75 -38.14 43.33
N GLY B 92 7.86 -37.57 43.76
CA GLY B 92 8.50 -37.99 45.01
C GLY B 92 9.79 -38.75 44.82
N LEU B 93 10.29 -38.92 43.60
CA LEU B 93 11.63 -39.53 43.41
C LEU B 93 12.69 -38.54 43.95
N LYS B 94 13.77 -39.05 44.55
CA LYS B 94 14.75 -38.27 45.33
C LYS B 94 16.01 -37.95 44.53
N ALA B 95 16.15 -38.56 43.33
CA ALA B 95 17.30 -38.40 42.40
C ALA B 95 16.85 -38.50 40.94
N ILE B 96 17.74 -38.09 40.03
CA ILE B 96 17.45 -37.98 38.58
C ILE B 96 18.59 -38.64 37.79
N TYR B 97 18.26 -39.51 36.83
CA TYR B 97 19.26 -40.13 35.92
C TYR B 97 19.34 -39.37 34.60
N LEU B 98 20.54 -39.00 34.19
CA LEU B 98 20.89 -38.43 32.85
C LEU B 98 21.45 -39.55 31.96
N SER B 99 20.66 -40.02 30.99
CA SER B 99 21.02 -41.10 30.02
C SER B 99 21.66 -40.50 28.75
N GLY B 100 22.88 -40.89 28.39
CA GLY B 100 23.53 -40.55 27.11
C GLY B 100 22.76 -41.09 25.91
N TRP B 101 22.15 -42.27 26.08
CA TRP B 101 21.27 -42.97 25.10
C TRP B 101 20.17 -41.99 24.71
N GLN B 102 19.55 -41.38 25.73
CA GLN B 102 18.42 -40.44 25.56
C GLN B 102 18.94 -39.15 24.89
N VAL B 103 20.08 -38.62 25.33
CA VAL B 103 20.78 -37.49 24.64
C VAL B 103 20.93 -37.87 23.15
N ALA B 104 21.50 -39.05 22.88
CA ALA B 104 21.70 -39.56 21.51
C ALA B 104 20.42 -39.40 20.66
N ALA B 105 19.31 -39.95 21.17
CA ALA B 105 18.05 -40.20 20.42
C ALA B 105 17.25 -38.91 20.23
N ASP B 106 17.35 -37.94 21.15
CA ASP B 106 16.35 -36.86 21.12
C ASP B 106 16.73 -35.64 21.95
N ALA B 107 18.00 -35.42 22.31
CA ALA B 107 18.34 -34.28 23.20
C ALA B 107 19.84 -34.03 23.16
N ASN B 108 20.37 -33.74 21.98
CA ASN B 108 21.81 -33.52 21.81
C ASN B 108 21.98 -32.21 21.02
N LEU B 109 23.09 -31.52 21.21
CA LEU B 109 23.36 -30.19 20.60
C LEU B 109 23.70 -30.28 19.10
N ALA B 110 23.80 -31.47 18.52
CA ALA B 110 23.81 -31.60 17.03
C ALA B 110 22.37 -31.61 16.53
N GLY B 111 21.40 -31.87 17.39
CA GLY B 111 19.98 -31.86 16.99
C GLY B 111 19.68 -32.95 15.98
N GLN B 112 20.31 -34.10 16.19
CA GLN B 112 20.21 -35.32 15.37
C GLN B 112 19.59 -36.43 16.23
N MET B 113 18.87 -37.34 15.58
CA MET B 113 18.42 -38.58 16.23
C MET B 113 19.49 -39.65 15.98
N TYR B 114 20.20 -40.10 17.01
CA TYR B 114 21.32 -41.05 16.87
C TYR B 114 21.15 -42.28 17.77
N PRO B 115 21.59 -43.48 17.33
CA PRO B 115 21.79 -44.61 18.25
C PRO B 115 22.96 -44.36 19.21
N ASP B 116 23.04 -45.16 20.27
CA ASP B 116 24.02 -44.99 21.38
C ASP B 116 25.42 -45.48 20.97
N GLN B 117 26.10 -44.70 20.10
CA GLN B 117 27.44 -44.98 19.47
C GLN B 117 28.38 -43.76 19.57
N SER B 118 28.24 -42.97 20.62
CA SER B 118 28.92 -41.66 20.82
C SER B 118 29.03 -40.89 19.49
N LEU B 119 27.90 -40.59 18.85
CA LEU B 119 27.85 -39.85 17.56
C LEU B 119 27.45 -38.40 17.79
N TYR B 120 27.04 -38.05 19.00
CA TYR B 120 26.59 -36.68 19.37
C TYR B 120 27.75 -35.91 20.00
N PRO B 121 27.68 -34.54 19.95
CA PRO B 121 28.63 -33.65 20.66
C PRO B 121 28.71 -33.89 22.18
N ALA B 122 29.94 -33.91 22.69
CA ALA B 122 30.30 -34.32 24.06
C ALA B 122 29.79 -33.34 25.11
N ASN B 123 29.36 -32.12 24.72
CA ASN B 123 28.83 -31.13 25.71
C ASN B 123 27.30 -31.25 25.81
N SER B 124 26.68 -32.14 25.08
CA SER B 124 25.22 -32.31 25.17
C SER B 124 24.82 -32.76 26.58
N GLY B 125 25.53 -33.72 27.16
CA GLY B 125 25.19 -34.22 28.51
C GLY B 125 25.19 -33.11 29.57
N PRO B 126 26.33 -32.41 29.77
CA PRO B 126 26.41 -31.31 30.73
C PRO B 126 25.41 -30.19 30.45
N GLN B 127 25.13 -29.87 29.19
CA GLN B 127 24.12 -28.86 28.82
C GLN B 127 22.79 -29.31 29.44
N LEU B 128 22.37 -30.56 29.17
CA LEU B 128 21.06 -31.11 29.62
C LEU B 128 20.99 -31.09 31.15
N VAL B 129 22.08 -31.40 31.86
CA VAL B 129 22.14 -31.22 33.33
C VAL B 129 21.85 -29.74 33.68
N ARG B 130 22.54 -28.76 33.08
CA ARG B 130 22.26 -27.31 33.35
C ARG B 130 20.76 -27.00 33.19
N ASN B 131 20.12 -27.43 32.08
CA ASN B 131 18.69 -27.20 31.75
C ASN B 131 17.79 -27.77 32.84
N ILE B 132 18.09 -28.99 33.31
CA ILE B 132 17.29 -29.70 34.34
C ILE B 132 17.38 -28.91 35.65
N ASN B 133 18.60 -28.71 36.11
CA ASN B 133 18.91 -27.84 37.26
C ASN B 133 18.23 -26.47 37.09
N ASN B 134 18.18 -25.89 35.88
CA ASN B 134 17.41 -24.64 35.65
C ASN B 134 15.90 -24.91 35.94
N ALA B 135 15.26 -25.87 35.27
CA ALA B 135 13.84 -26.18 35.50
C ALA B 135 13.59 -26.36 37.00
N LEU B 136 14.41 -27.18 37.65
CA LEU B 136 14.27 -27.49 39.09
C LEU B 136 14.38 -26.20 39.93
N ARG B 137 15.36 -25.37 39.63
CA ARG B 137 15.58 -24.02 40.23
C ARG B 137 14.33 -23.13 40.14
N ARG B 138 13.62 -23.15 39.00
CA ARG B 138 12.43 -22.31 38.75
C ARG B 138 11.28 -22.94 39.55
N ALA B 139 11.17 -24.26 39.52
CA ALA B 139 10.18 -24.99 40.36
C ALA B 139 10.36 -24.52 41.80
N ASP B 140 11.60 -24.50 42.26
CA ASP B 140 11.96 -23.99 43.61
C ASP B 140 11.58 -22.49 43.73
N GLN B 141 11.89 -21.66 42.73
CA GLN B 141 11.64 -20.18 42.79
C GLN B 141 10.14 -19.93 42.97
N ILE B 142 9.32 -20.62 42.18
CA ILE B 142 7.82 -20.63 42.26
C ILE B 142 7.35 -21.01 43.67
N TYR B 143 7.63 -22.24 44.14
CA TYR B 143 7.25 -22.76 45.49
C TYR B 143 7.67 -21.74 46.57
N HIS B 144 8.91 -21.25 46.52
CA HIS B 144 9.42 -20.26 47.51
C HIS B 144 8.56 -19.01 47.49
N SER B 145 8.16 -18.49 46.33
CA SER B 145 7.37 -17.24 46.22
C SER B 145 5.99 -17.47 46.82
N GLU B 146 5.40 -18.64 46.55
CA GLU B 146 4.07 -19.08 47.05
C GLU B 146 4.14 -19.48 48.53
N GLY B 147 5.33 -19.46 49.13
CA GLY B 147 5.55 -19.83 50.55
C GLY B 147 5.41 -21.32 50.85
N ARG B 148 5.04 -22.15 49.86
CA ARG B 148 5.07 -23.63 49.98
C ARG B 148 6.51 -24.11 50.27
N ASN B 149 6.67 -25.31 50.85
CA ASN B 149 7.91 -26.16 50.80
C ASN B 149 7.63 -27.61 51.26
N ASP B 150 6.71 -28.29 50.57
CA ASP B 150 6.45 -29.76 50.68
C ASP B 150 7.43 -30.60 49.80
N ILE B 151 8.01 -30.05 48.73
CA ILE B 151 9.03 -30.77 47.90
C ILE B 151 10.38 -30.09 48.11
N TYR B 152 11.45 -30.87 48.24
CA TYR B 152 12.85 -30.40 48.06
C TYR B 152 13.27 -30.66 46.59
N TRP B 153 13.60 -29.58 45.87
CA TRP B 153 13.61 -29.62 44.39
C TRP B 153 14.97 -30.08 43.87
N PHE B 154 15.99 -30.02 44.70
CA PHE B 154 17.39 -30.10 44.24
C PHE B 154 17.80 -31.57 44.31
N ALA B 155 16.93 -32.42 43.77
CA ALA B 155 17.22 -33.86 43.59
C ALA B 155 18.54 -33.94 42.86
N PRO B 156 19.53 -34.60 43.45
CA PRO B 156 20.80 -34.76 42.77
C PRO B 156 20.57 -35.53 41.45
N ILE B 157 21.32 -35.16 40.42
CA ILE B 157 21.33 -35.79 39.07
C ILE B 157 22.59 -36.65 38.94
N VAL B 158 22.45 -37.86 38.44
CA VAL B 158 23.60 -38.73 38.06
C VAL B 158 23.70 -38.77 36.54
N ALA B 159 24.85 -38.39 36.00
CA ALA B 159 25.10 -38.14 34.56
C ALA B 159 26.07 -39.15 33.93
N ASP B 160 25.73 -39.58 32.71
CA ASP B 160 26.51 -40.46 31.78
C ASP B 160 27.62 -39.61 31.14
N ALA B 161 28.87 -39.93 31.44
CA ALA B 161 30.07 -39.39 30.78
C ALA B 161 30.64 -40.41 29.79
N GLU B 162 29.78 -41.33 29.32
CA GLU B 162 30.09 -42.41 28.34
C GLU B 162 31.47 -42.97 28.70
N ALA B 163 32.43 -43.00 27.78
CA ALA B 163 33.81 -43.46 28.03
C ALA B 163 34.75 -42.25 28.05
N GLY B 164 34.30 -41.11 28.55
CA GLY B 164 35.13 -39.89 28.57
C GLY B 164 35.20 -39.17 27.22
N PHE B 165 34.56 -39.68 26.17
CA PHE B 165 34.65 -39.14 24.78
C PHE B 165 36.11 -39.00 24.37
N GLY B 166 36.97 -39.91 24.84
CA GLY B 166 38.37 -39.89 24.39
C GLY B 166 39.29 -40.30 25.49
N GLY B 167 40.40 -39.57 25.65
CA GLY B 167 41.48 -39.93 26.58
C GLY B 167 41.24 -39.33 27.96
N PRO B 168 42.20 -39.53 28.88
CA PRO B 168 42.06 -39.00 30.22
C PRO B 168 41.82 -37.47 30.27
N LEU B 169 42.41 -36.71 29.34
CA LEU B 169 42.19 -35.25 29.22
C LEU B 169 40.72 -34.99 28.85
N ASN B 170 40.21 -35.75 27.89
CA ASN B 170 38.78 -35.74 27.52
C ASN B 170 37.91 -36.03 28.75
N VAL B 171 38.31 -36.96 29.61
CA VAL B 171 37.57 -37.31 30.85
C VAL B 171 37.56 -36.12 31.79
N PHE B 172 38.73 -35.58 32.09
CA PHE B 172 38.95 -34.44 33.03
C PHE B 172 38.07 -33.23 32.66
N GLU B 173 38.08 -32.84 31.37
CA GLU B 173 37.24 -31.74 30.84
C GLU B 173 35.76 -32.05 31.05
N ILE B 174 35.30 -33.26 30.70
CA ILE B 174 33.83 -33.56 30.74
C ILE B 174 33.36 -33.68 32.20
N MET B 175 34.23 -34.11 33.12
CA MET B 175 33.88 -34.14 34.55
C MET B 175 33.63 -32.70 34.97
N LYS B 176 34.57 -31.82 34.65
CA LYS B 176 34.51 -30.43 35.13
C LYS B 176 33.25 -29.77 34.58
N ALA B 177 32.95 -30.03 33.31
CA ALA B 177 31.72 -29.55 32.64
C ALA B 177 30.50 -29.97 33.46
N TYR B 178 30.38 -31.25 33.82
CA TYR B 178 29.23 -31.83 34.58
C TYR B 178 29.10 -31.12 35.95
N ILE B 179 30.26 -30.82 36.55
CA ILE B 179 30.34 -30.07 37.84
C ILE B 179 29.83 -28.63 37.61
N GLU B 180 30.28 -27.93 36.57
CA GLU B 180 29.68 -26.61 36.22
C GLU B 180 28.14 -26.75 36.07
N ALA B 181 27.63 -27.80 35.44
CA ALA B 181 26.19 -27.96 35.14
C ALA B 181 25.42 -28.23 36.43
N GLY B 182 26.04 -28.91 37.40
CA GLY B 182 25.46 -29.18 38.74
C GLY B 182 25.12 -30.65 38.96
N ALA B 183 25.83 -31.58 38.33
CA ALA B 183 25.71 -33.03 38.59
C ALA B 183 26.28 -33.36 39.98
N ALA B 184 25.70 -34.37 40.63
CA ALA B 184 26.14 -34.93 41.94
C ALA B 184 27.02 -36.16 41.73
N GLY B 185 26.73 -36.89 40.67
CA GLY B 185 27.46 -38.10 40.30
C GLY B 185 27.61 -38.20 38.80
N VAL B 186 28.72 -38.79 38.39
CA VAL B 186 29.05 -39.02 36.97
C VAL B 186 29.54 -40.45 36.83
N HIS B 187 29.04 -41.19 35.83
CA HIS B 187 29.60 -42.54 35.53
C HIS B 187 30.55 -42.46 34.32
N PHE B 188 31.62 -43.24 34.38
CA PHE B 188 32.53 -43.61 33.27
C PHE B 188 32.61 -45.14 33.16
N GLU B 189 32.66 -45.66 31.92
CA GLU B 189 32.70 -47.12 31.58
C GLU B 189 33.96 -47.44 30.78
N ASP B 190 34.30 -48.72 30.68
CA ASP B 190 35.63 -49.21 30.29
C ASP B 190 35.62 -49.70 28.84
N GLN B 191 34.77 -49.11 27.99
CA GLN B 191 34.77 -49.31 26.51
C GLN B 191 35.71 -48.29 25.84
N LEU B 192 36.25 -48.62 24.66
CA LEU B 192 37.00 -47.70 23.76
C LEU B 192 36.10 -46.56 23.24
N ALA B 193 36.54 -45.31 23.38
CA ALA B 193 35.71 -44.12 23.05
C ALA B 193 35.28 -44.20 21.59
N SER B 194 36.14 -44.65 20.67
CA SER B 194 35.87 -44.67 19.20
C SER B 194 34.92 -45.82 18.84
N GLU B 195 34.61 -46.72 19.77
CA GLU B 195 33.80 -47.94 19.51
C GLU B 195 32.72 -48.07 20.59
N LYS B 196 32.48 -46.99 21.32
CA LYS B 196 31.52 -46.96 22.46
C LYS B 196 30.16 -47.28 21.89
N LYS B 197 29.48 -48.28 22.43
CA LYS B 197 28.11 -48.68 22.03
C LYS B 197 27.29 -48.68 23.33
N CYS B 198 25.97 -48.79 23.17
CA CYS B 198 25.02 -49.14 24.25
C CYS B 198 25.44 -50.47 24.88
N GLY B 199 25.40 -50.55 26.21
CA GLY B 199 25.80 -51.72 26.99
C GLY B 199 24.89 -52.90 26.73
N HIS B 200 23.85 -52.78 25.91
CA HIS B 200 22.95 -53.89 25.54
C HIS B 200 22.93 -54.04 24.01
N MET B 201 23.93 -53.48 23.35
CA MET B 201 24.21 -53.70 21.91
C MET B 201 25.29 -54.77 21.84
N GLY B 202 25.47 -55.41 20.70
CA GLY B 202 26.61 -56.33 20.49
C GLY B 202 27.86 -55.54 20.15
N GLY B 203 29.02 -56.21 20.15
CA GLY B 203 30.24 -55.69 19.53
C GLY B 203 30.82 -54.51 20.30
N LYS B 204 30.78 -54.58 21.62
CA LYS B 204 31.49 -53.64 22.52
C LYS B 204 32.96 -54.06 22.61
N VAL B 205 33.85 -53.08 22.83
CA VAL B 205 35.32 -53.30 22.95
C VAL B 205 35.79 -52.70 24.28
N LEU B 206 36.40 -53.50 25.17
CA LEU B 206 37.04 -52.97 26.40
C LEU B 206 38.37 -52.31 26.05
N ILE B 207 38.78 -51.35 26.89
CA ILE B 207 40.17 -50.85 27.02
C ILE B 207 40.82 -51.68 28.12
N PRO B 208 42.15 -51.63 28.26
CA PRO B 208 42.84 -52.24 29.38
C PRO B 208 42.49 -51.66 30.74
N THR B 209 42.55 -52.51 31.75
CA THR B 209 42.32 -52.12 33.17
C THR B 209 43.10 -50.83 33.47
N GLN B 210 44.41 -50.78 33.20
CA GLN B 210 45.25 -49.60 33.55
C GLN B 210 44.67 -48.36 32.86
N ALA B 211 44.02 -48.53 31.70
CA ALA B 211 43.40 -47.43 30.93
C ALA B 211 42.14 -46.94 31.66
N ALA B 212 41.22 -47.83 32.01
CA ALA B 212 40.03 -47.49 32.82
C ALA B 212 40.44 -46.83 34.14
N ILE B 213 41.49 -47.30 34.80
CA ILE B 213 41.95 -46.71 36.09
C ILE B 213 42.40 -45.26 35.81
N ARG B 214 43.23 -45.02 34.78
CA ARG B 214 43.66 -43.65 34.39
C ARG B 214 42.40 -42.75 34.25
N ASN B 215 41.35 -43.25 33.57
CA ASN B 215 40.10 -42.46 33.37
C ASN B 215 39.44 -42.16 34.72
N LEU B 216 39.48 -43.08 35.67
CA LEU B 216 38.83 -42.86 36.98
C LEU B 216 39.68 -41.90 37.80
N VAL B 217 40.98 -41.85 37.54
CA VAL B 217 41.86 -40.91 38.28
C VAL B 217 41.58 -39.50 37.71
N ALA B 218 41.63 -39.36 36.38
CA ALA B 218 41.30 -38.10 35.68
C ALA B 218 39.99 -37.58 36.25
N ALA B 219 38.99 -38.43 36.40
CA ALA B 219 37.69 -38.03 36.98
C ALA B 219 37.92 -37.42 38.37
N ARG B 220 38.46 -38.17 39.31
CA ARG B 220 38.71 -37.62 40.67
C ARG B 220 39.52 -36.32 40.58
N LEU B 221 40.57 -36.28 39.76
CA LEU B 221 41.51 -35.14 39.79
C LEU B 221 40.76 -33.91 39.31
N ALA B 222 39.83 -34.07 38.36
CA ALA B 222 38.89 -33.01 37.94
C ALA B 222 38.13 -32.51 39.17
N ALA B 223 37.45 -33.43 39.88
CA ALA B 223 36.65 -33.14 41.09
C ALA B 223 37.52 -32.42 42.13
N ASP B 224 38.71 -32.95 42.40
CA ASP B 224 39.61 -32.35 43.42
C ASP B 224 39.90 -30.94 42.92
N VAL B 225 40.23 -30.82 41.65
CA VAL B 225 40.66 -29.51 41.07
C VAL B 225 39.54 -28.48 41.27
N MET B 226 38.27 -28.89 41.29
CA MET B 226 37.09 -28.00 41.36
C MET B 226 36.54 -27.91 42.80
N GLY B 227 37.22 -28.49 43.77
CA GLY B 227 36.81 -28.41 45.19
C GLY B 227 35.43 -28.99 45.43
N VAL B 228 35.08 -30.11 44.82
CA VAL B 228 33.71 -30.69 44.96
C VAL B 228 33.79 -32.21 45.05
N PRO B 229 33.09 -32.84 46.01
CA PRO B 229 33.18 -34.28 46.26
C PRO B 229 32.17 -35.11 45.44
N THR B 230 32.09 -34.86 44.15
CA THR B 230 31.21 -35.52 43.18
C THR B 230 31.32 -37.04 43.26
N ILE B 231 30.21 -37.73 43.40
CA ILE B 231 30.17 -39.22 43.38
C ILE B 231 30.81 -39.66 42.04
N ILE B 232 31.79 -40.54 42.10
CA ILE B 232 32.31 -41.22 40.88
C ILE B 232 31.80 -42.66 40.82
N VAL B 233 31.29 -43.01 39.65
CA VAL B 233 30.65 -44.31 39.32
C VAL B 233 31.48 -44.90 38.18
N ALA B 234 32.30 -45.90 38.48
CA ALA B 234 32.98 -46.75 37.48
C ALA B 234 32.02 -47.85 37.07
N ARG B 235 31.62 -47.80 35.80
CA ARG B 235 30.89 -48.84 35.05
C ARG B 235 31.87 -49.85 34.40
N THR B 236 31.47 -51.12 34.34
CA THR B 236 32.12 -52.12 33.45
C THR B 236 31.11 -52.80 32.51
N ASP B 237 31.51 -52.88 31.24
CA ASP B 237 30.80 -53.62 30.16
C ASP B 237 31.48 -54.97 29.85
N ALA B 238 32.30 -55.46 30.80
CA ALA B 238 33.18 -56.63 30.67
C ALA B 238 32.39 -57.95 30.76
N ASN B 239 31.16 -57.89 31.26
CA ASN B 239 30.26 -59.06 31.38
C ASN B 239 29.92 -59.57 29.98
N ALA B 240 29.72 -58.65 29.03
CA ALA B 240 29.24 -58.95 27.66
C ALA B 240 30.30 -58.64 26.61
N ALA B 241 31.36 -57.90 26.93
CA ALA B 241 32.37 -57.51 25.92
C ALA B 241 33.36 -58.67 25.65
N THR B 242 33.39 -59.13 24.39
CA THR B 242 34.26 -60.22 23.89
C THR B 242 35.44 -59.63 23.12
N LEU B 243 35.65 -58.30 23.13
CA LEU B 243 36.83 -57.66 22.48
C LEU B 243 37.51 -56.68 23.44
N LEU B 244 38.74 -56.31 23.08
CA LEU B 244 39.76 -55.65 23.94
C LEU B 244 40.85 -55.10 23.02
N THR B 245 41.33 -53.90 23.31
CA THR B 245 42.18 -53.12 22.39
C THR B 245 43.60 -53.67 22.49
N SER B 246 44.00 -54.16 23.66
CA SER B 246 45.42 -54.50 23.95
C SER B 246 45.53 -55.47 25.13
N ASP B 247 46.43 -56.46 24.96
CA ASP B 247 46.76 -57.53 25.94
C ASP B 247 47.93 -57.07 26.83
N ILE B 248 48.16 -55.76 26.88
CA ILE B 248 49.30 -55.12 27.62
C ILE B 248 49.12 -55.33 29.13
N ASP B 249 47.89 -55.35 29.65
CA ASP B 249 47.66 -55.44 31.10
C ASP B 249 47.79 -56.91 31.53
N GLU B 250 48.78 -57.18 32.39
CA GLU B 250 48.98 -58.46 33.12
C GLU B 250 47.59 -58.97 33.53
N ARG B 251 46.69 -58.10 34.00
CA ARG B 251 45.41 -58.46 34.68
C ARG B 251 44.37 -58.96 33.67
N ASP B 252 44.51 -58.55 32.41
CA ASP B 252 43.53 -58.85 31.33
C ASP B 252 43.99 -60.10 30.60
N ARG B 253 45.30 -60.35 30.56
CA ARG B 253 45.94 -61.49 29.85
C ARG B 253 45.16 -62.78 30.12
N PRO B 254 44.90 -63.18 31.39
CA PRO B 254 44.04 -64.35 31.63
C PRO B 254 42.76 -64.42 30.78
N PHE B 255 42.02 -63.33 30.55
CA PHE B 255 40.73 -63.41 29.82
C PHE B 255 40.94 -63.53 28.32
N CYS B 256 42.08 -63.08 27.75
CA CYS B 256 42.30 -63.18 26.28
C CYS B 256 42.33 -64.66 25.83
N THR B 257 41.70 -64.95 24.71
CA THR B 257 41.75 -66.30 24.10
C THR B 257 43.10 -66.42 23.41
N GLY B 258 43.62 -65.35 22.81
CA GLY B 258 44.76 -65.48 21.89
C GLY B 258 44.30 -65.30 20.44
N GLU B 259 43.05 -65.59 20.09
CA GLU B 259 42.49 -65.09 18.80
C GLU B 259 42.57 -63.56 18.83
N ARG B 260 42.71 -62.97 17.64
CA ARG B 260 42.58 -61.52 17.35
C ARG B 260 41.66 -61.36 16.16
N THR B 261 40.88 -60.27 16.09
CA THR B 261 39.94 -59.99 14.98
C THR B 261 40.73 -59.47 13.76
N SER B 262 40.10 -59.40 12.58
CA SER B 262 40.67 -58.79 11.36
C SER B 262 41.08 -57.32 11.57
N GLU B 263 40.53 -56.64 12.58
CA GLU B 263 40.90 -55.23 12.90
C GLU B 263 42.00 -55.22 13.96
N GLY B 264 42.34 -56.35 14.57
CA GLY B 264 43.41 -56.46 15.59
C GLY B 264 42.90 -56.62 17.02
N PHE B 265 41.60 -56.43 17.27
CA PHE B 265 41.02 -56.51 18.63
C PHE B 265 41.28 -57.92 19.16
N TYR B 266 41.74 -58.05 20.39
CA TYR B 266 41.93 -59.34 21.06
C TYR B 266 40.58 -59.86 21.56
N ARG B 267 40.13 -61.04 21.15
CA ARG B 267 38.93 -61.70 21.77
C ARG B 267 39.25 -62.01 23.24
N VAL B 268 38.27 -61.78 24.13
CA VAL B 268 38.32 -62.06 25.60
C VAL B 268 37.07 -62.83 26.06
N ARG B 269 37.15 -63.38 27.26
CA ARG B 269 36.19 -64.31 27.85
C ARG B 269 35.17 -63.51 28.65
N ALA B 270 34.29 -62.83 27.93
CA ALA B 270 33.14 -62.09 28.47
C ALA B 270 32.40 -62.96 29.50
N GLY B 271 32.05 -62.36 30.63
CA GLY B 271 31.29 -63.03 31.69
C GLY B 271 31.55 -62.38 33.02
N LEU B 272 30.78 -62.82 34.01
CA LEU B 272 30.76 -62.20 35.34
C LEU B 272 32.16 -62.26 35.94
N ASP B 273 33.02 -63.15 35.49
CA ASP B 273 34.39 -63.23 36.07
C ASP B 273 35.19 -61.99 35.64
N GLN B 274 35.16 -61.61 34.35
CA GLN B 274 35.79 -60.36 33.79
C GLN B 274 35.16 -59.12 34.45
N ALA B 275 33.82 -59.03 34.46
CA ALA B 275 33.06 -57.97 35.16
C ALA B 275 33.64 -57.79 36.57
N ILE B 276 33.91 -58.91 37.26
CA ILE B 276 34.36 -58.91 38.68
C ILE B 276 35.82 -58.49 38.72
N ALA B 277 36.61 -58.86 37.72
CA ALA B 277 38.05 -58.53 37.66
C ALA B 277 38.18 -57.02 37.61
N ARG B 278 37.36 -56.41 36.75
CA ARG B 278 37.33 -54.95 36.54
C ARG B 278 36.77 -54.24 37.78
N GLY B 279 35.59 -54.64 38.26
CA GLY B 279 34.99 -54.13 39.51
C GLY B 279 36.00 -54.03 40.67
N LEU B 280 36.77 -55.09 40.94
CA LEU B 280 37.76 -55.15 42.05
C LEU B 280 38.95 -54.23 41.73
N ALA B 281 39.30 -54.11 40.44
CA ALA B 281 40.38 -53.24 39.94
C ALA B 281 40.01 -51.76 40.11
N TYR B 282 38.73 -51.41 39.86
CA TYR B 282 38.23 -50.00 39.85
C TYR B 282 37.84 -49.58 41.26
N ALA B 283 37.33 -50.52 42.03
CA ALA B 283 36.67 -50.29 43.34
C ALA B 283 37.43 -49.26 44.16
N PRO B 284 38.77 -49.37 44.35
CA PRO B 284 39.50 -48.39 45.18
C PRO B 284 39.62 -46.95 44.61
N TYR B 285 39.10 -46.72 43.40
CA TYR B 285 39.26 -45.48 42.59
C TYR B 285 37.90 -44.84 42.24
N ALA B 286 36.81 -45.35 42.84
CA ALA B 286 35.42 -44.90 42.61
C ALA B 286 34.56 -45.17 43.85
N ASP B 287 33.46 -44.42 44.01
CA ASP B 287 32.59 -44.45 45.21
C ASP B 287 31.49 -45.50 44.98
N MET B 288 31.33 -45.93 43.73
CA MET B 288 30.17 -46.75 43.34
C MET B 288 30.56 -47.58 42.11
N ILE B 289 30.21 -48.85 42.11
CA ILE B 289 30.52 -49.80 41.02
C ILE B 289 29.18 -50.20 40.37
N TRP B 290 29.16 -50.30 39.05
CA TRP B 290 27.94 -50.68 38.30
C TRP B 290 28.36 -51.75 37.30
N CYS B 291 27.80 -52.94 37.47
CA CYS B 291 28.05 -54.04 36.54
C CYS B 291 26.90 -54.07 35.56
N GLU B 292 27.15 -53.70 34.31
CA GLU B 292 26.12 -53.85 33.25
C GLU B 292 25.83 -55.35 33.10
N THR B 293 24.67 -55.69 32.54
CA THR B 293 23.99 -57.00 32.62
C THR B 293 23.08 -57.14 31.40
N SER B 294 22.76 -58.37 30.99
CA SER B 294 22.03 -58.65 29.73
C SER B 294 20.59 -59.12 30.02
N GLU B 295 20.25 -59.38 31.29
CA GLU B 295 18.86 -59.66 31.71
C GLU B 295 18.70 -59.36 33.22
N PRO B 296 17.48 -59.02 33.72
CA PRO B 296 17.29 -58.66 35.12
C PRO B 296 17.31 -59.91 35.99
N ASN B 297 18.51 -60.27 36.45
CA ASN B 297 18.82 -61.57 37.11
C ASN B 297 19.38 -61.24 38.49
N LEU B 298 18.54 -61.39 39.53
CA LEU B 298 18.86 -61.10 40.95
C LEU B 298 20.03 -61.96 41.44
N GLU B 299 20.03 -63.26 41.09
CA GLU B 299 21.12 -64.25 41.38
C GLU B 299 22.41 -63.66 40.82
N GLU B 300 22.42 -63.27 39.53
CA GLU B 300 23.59 -62.57 38.93
C GLU B 300 24.05 -61.44 39.85
N ALA B 301 23.17 -60.54 40.26
CA ALA B 301 23.59 -59.31 40.97
C ALA B 301 24.07 -59.67 42.39
N ARG B 302 23.52 -60.74 42.97
CA ARG B 302 23.95 -61.37 44.26
C ARG B 302 25.43 -61.79 44.12
N ARG B 303 25.76 -62.69 43.17
CA ARG B 303 27.17 -63.09 42.89
C ARG B 303 28.04 -61.82 42.87
N PHE B 304 27.67 -60.85 42.03
CA PHE B 304 28.51 -59.66 41.75
C PHE B 304 28.72 -58.90 43.07
N ALA B 305 27.66 -58.67 43.85
CA ALA B 305 27.74 -58.00 45.17
C ALA B 305 28.65 -58.77 46.13
N GLU B 306 28.41 -60.08 46.27
CA GLU B 306 29.21 -60.95 47.16
C GLU B 306 30.70 -60.72 46.85
N ALA B 307 31.09 -60.84 45.58
CA ALA B 307 32.47 -60.67 45.05
C ALA B 307 33.05 -59.31 45.46
N ILE B 308 32.40 -58.19 45.12
CA ILE B 308 32.92 -56.83 45.45
C ILE B 308 33.04 -56.68 46.98
N HIS B 309 31.97 -56.97 47.74
CA HIS B 309 31.91 -56.80 49.22
C HIS B 309 32.90 -57.77 49.90
N ALA B 310 33.06 -58.97 49.33
CA ALA B 310 34.11 -59.92 49.73
C ALA B 310 35.41 -59.15 50.02
N GLN B 311 35.84 -58.24 49.13
CA GLN B 311 37.14 -57.51 49.25
C GLN B 311 36.97 -56.03 49.61
N PHE B 312 35.79 -55.44 49.41
CA PHE B 312 35.50 -53.99 49.65
C PHE B 312 34.15 -53.87 50.35
N PRO B 313 34.06 -54.24 51.64
CA PRO B 313 32.79 -54.16 52.37
C PRO B 313 32.21 -52.74 52.31
N GLY B 314 30.88 -52.63 52.25
CA GLY B 314 30.17 -51.35 52.25
C GLY B 314 30.01 -50.77 50.84
N LYS B 315 30.90 -51.14 49.92
CA LYS B 315 30.99 -50.47 48.60
C LYS B 315 29.61 -50.38 47.98
N LEU B 316 29.20 -49.15 47.68
CA LEU B 316 27.91 -48.81 47.04
C LEU B 316 27.92 -49.41 45.65
N LEU B 317 26.85 -50.12 45.27
CA LEU B 317 26.62 -50.61 43.89
C LEU B 317 25.47 -49.83 43.25
N ALA B 318 25.42 -49.84 41.93
CA ALA B 318 24.37 -49.20 41.10
C ALA B 318 23.85 -50.22 40.10
N TYR B 319 22.54 -50.26 39.86
CA TYR B 319 21.93 -51.24 38.93
C TYR B 319 21.02 -50.54 37.90
N ASN B 320 21.33 -50.79 36.63
CA ASN B 320 20.48 -50.42 35.46
C ASN B 320 19.31 -51.42 35.36
N CYS B 321 18.17 -51.02 35.89
CA CYS B 321 16.87 -51.64 35.54
C CYS B 321 16.51 -51.22 34.09
N SER B 322 17.29 -51.69 33.11
CA SER B 322 17.22 -51.28 31.68
C SER B 322 15.88 -51.62 31.06
N PRO B 323 15.22 -50.62 30.41
CA PRO B 323 14.15 -50.88 29.43
C PRO B 323 14.51 -51.76 28.23
N SER B 324 15.82 -51.87 27.93
CA SER B 324 16.42 -52.80 26.90
C SER B 324 16.12 -54.29 27.20
N PHE B 325 15.69 -54.64 28.42
CA PHE B 325 15.14 -55.96 28.80
C PHE B 325 13.62 -56.00 28.64
N ASN B 326 13.05 -57.12 28.18
CA ASN B 326 11.59 -57.37 28.14
C ASN B 326 11.18 -57.95 29.49
N TRP B 327 10.63 -57.12 30.37
CA TRP B 327 10.52 -57.48 31.80
C TRP B 327 9.53 -58.64 32.01
N LYS B 328 8.38 -58.66 31.33
CA LYS B 328 7.41 -59.78 31.42
C LYS B 328 8.11 -61.06 30.92
N LYS B 329 8.72 -61.03 29.73
CA LYS B 329 9.40 -62.21 29.11
C LYS B 329 10.36 -62.88 30.13
N LYS B 330 11.04 -62.11 30.97
CA LYS B 330 12.21 -62.61 31.74
C LYS B 330 11.80 -62.92 33.19
N LEU B 331 10.65 -62.41 33.66
CA LEU B 331 10.32 -62.41 35.11
C LEU B 331 8.81 -62.57 35.31
N ASP B 332 8.36 -63.20 36.39
CA ASP B 332 6.94 -63.18 36.84
C ASP B 332 6.64 -61.86 37.58
N ASP B 333 5.35 -61.58 37.82
CA ASP B 333 4.90 -60.33 38.49
C ASP B 333 5.47 -60.31 39.92
N ALA B 334 5.65 -61.47 40.54
CA ALA B 334 6.09 -61.53 41.96
C ALA B 334 7.50 -60.95 42.06
N THR B 335 8.37 -61.32 41.12
CA THR B 335 9.81 -60.93 41.16
C THR B 335 9.91 -59.46 40.74
N ILE B 336 9.19 -59.08 39.68
CA ILE B 336 9.19 -57.69 39.15
C ILE B 336 8.80 -56.73 40.29
N ALA B 337 7.80 -57.10 41.10
CA ALA B 337 7.29 -56.28 42.22
C ALA B 337 8.30 -56.26 43.38
N ALA B 338 9.25 -57.18 43.41
CA ALA B 338 10.17 -57.36 44.54
C ALA B 338 11.58 -56.86 44.18
N PHE B 339 11.78 -56.62 42.87
CA PHE B 339 13.09 -56.56 42.19
C PHE B 339 13.98 -55.54 42.91
N GLN B 340 13.55 -54.29 42.98
CA GLN B 340 14.33 -53.14 43.54
C GLN B 340 14.55 -53.32 45.05
N ARG B 341 13.61 -53.93 45.77
CA ARG B 341 13.74 -54.13 47.25
C ARG B 341 14.87 -55.14 47.50
N GLU B 342 14.93 -56.20 46.68
CA GLU B 342 15.96 -57.27 46.72
C GLU B 342 17.34 -56.65 46.43
N LEU B 343 17.53 -56.04 45.26
CA LEU B 343 18.78 -55.30 44.92
C LEU B 343 19.22 -54.39 46.09
N GLY B 344 18.30 -53.67 46.74
CA GLY B 344 18.60 -52.74 47.85
C GLY B 344 19.26 -53.49 49.00
N ALA B 345 18.68 -54.63 49.41
CA ALA B 345 19.25 -55.54 50.42
C ALA B 345 20.68 -55.96 50.03
N MET B 346 20.96 -56.13 48.73
CA MET B 346 22.28 -56.57 48.21
C MET B 346 23.31 -55.43 48.19
N GLY B 347 22.90 -54.17 48.38
CA GLY B 347 23.81 -52.99 48.38
C GLY B 347 23.69 -52.15 47.10
N TYR B 348 22.75 -52.45 46.21
CA TYR B 348 22.46 -51.66 44.99
C TYR B 348 21.58 -50.47 45.42
N LYS B 349 22.26 -49.46 45.96
CA LYS B 349 21.66 -48.26 46.60
C LYS B 349 21.22 -47.23 45.56
N PHE B 350 21.67 -47.33 44.31
CA PHE B 350 21.24 -46.44 43.22
C PHE B 350 20.79 -47.31 42.05
N GLN B 351 19.49 -47.32 41.79
CA GLN B 351 18.84 -48.15 40.73
C GLN B 351 18.06 -47.20 39.82
N PHE B 352 18.06 -47.45 38.52
CA PHE B 352 17.66 -46.42 37.56
C PHE B 352 17.21 -47.06 36.27
N VAL B 353 16.10 -46.59 35.72
CA VAL B 353 15.53 -47.07 34.44
C VAL B 353 15.98 -46.08 33.37
N THR B 354 17.09 -46.39 32.72
CA THR B 354 17.83 -45.52 31.77
C THR B 354 16.90 -44.87 30.74
N LEU B 355 16.11 -45.64 29.99
CA LEU B 355 15.29 -45.09 28.88
C LEU B 355 13.85 -44.77 29.30
N ALA B 356 13.57 -44.49 30.58
CA ALA B 356 12.18 -44.21 31.04
C ALA B 356 11.59 -42.99 30.31
N GLY B 357 12.40 -41.93 30.16
CA GLY B 357 11.99 -40.71 29.41
C GLY B 357 11.58 -41.04 27.99
N PHE B 358 12.39 -41.85 27.30
CA PHE B 358 12.24 -42.19 25.86
C PHE B 358 10.86 -42.82 25.62
N HIS B 359 10.54 -43.86 26.40
CA HIS B 359 9.34 -44.71 26.22
C HIS B 359 8.13 -43.90 26.66
N ALA B 360 8.21 -43.24 27.82
CA ALA B 360 7.14 -42.34 28.30
C ALA B 360 6.79 -41.32 27.20
N LEU B 361 7.81 -40.60 26.69
CA LEU B 361 7.60 -39.56 25.65
C LEU B 361 7.06 -40.17 24.36
N ASN B 362 7.70 -41.18 23.76
CA ASN B 362 7.27 -41.71 22.43
C ASN B 362 5.91 -42.38 22.51
N TYR B 363 5.67 -43.19 23.54
CA TYR B 363 4.38 -43.89 23.78
C TYR B 363 3.28 -42.83 23.86
N SER B 364 3.38 -41.95 24.87
CA SER B 364 2.35 -40.94 25.16
C SER B 364 2.03 -40.18 23.86
N MET B 365 3.05 -39.68 23.16
CA MET B 365 2.75 -38.87 21.94
C MET B 365 2.12 -39.78 20.88
N PHE B 366 2.64 -40.98 20.61
CA PHE B 366 2.05 -41.87 19.60
C PHE B 366 0.57 -42.10 19.90
N GLU B 367 0.25 -42.40 21.17
CA GLU B 367 -1.11 -42.81 21.60
C GLU B 367 -2.04 -41.60 21.39
N LEU B 368 -1.63 -40.43 21.85
CA LEU B 368 -2.43 -39.20 21.64
C LEU B 368 -2.63 -39.03 20.14
N ALA B 369 -1.57 -39.23 19.37
CA ALA B 369 -1.54 -38.87 17.94
C ALA B 369 -2.50 -39.78 17.21
N ARG B 370 -2.38 -41.08 17.47
CA ARG B 370 -3.15 -42.19 16.87
C ARG B 370 -4.64 -41.94 17.09
N ASN B 371 -5.00 -41.51 18.30
CA ASN B 371 -6.40 -41.27 18.74
C ASN B 371 -6.92 -39.96 18.11
N TYR B 372 -6.07 -38.94 18.07
CA TYR B 372 -6.43 -37.59 17.57
C TYR B 372 -6.76 -37.67 16.07
N ARG B 373 -6.13 -38.59 15.36
CA ARG B 373 -6.36 -38.70 13.89
C ARG B 373 -7.83 -39.05 13.69
N ASP B 374 -8.31 -40.01 14.46
CA ASP B 374 -9.61 -40.68 14.27
C ASP B 374 -10.71 -39.88 14.96
N ARG B 375 -10.43 -39.22 16.09
CA ARG B 375 -11.47 -38.79 17.07
C ARG B 375 -11.29 -37.31 17.47
N GLY B 376 -10.23 -36.65 16.99
CA GLY B 376 -10.02 -35.22 17.21
C GLY B 376 -10.05 -34.83 18.67
N MET B 377 -10.75 -33.75 19.00
CA MET B 377 -10.71 -33.19 20.37
C MET B 377 -11.35 -34.16 21.38
N ALA B 378 -12.10 -35.16 20.91
CA ALA B 378 -12.64 -36.26 21.74
C ALA B 378 -11.47 -36.96 22.46
N ALA B 379 -10.46 -37.32 21.68
CA ALA B 379 -9.14 -37.81 22.11
C ALA B 379 -8.44 -36.78 23.02
N TYR B 380 -8.27 -35.52 22.60
CA TYR B 380 -7.51 -34.58 23.48
C TYR B 380 -8.22 -34.41 24.84
N SER B 381 -9.56 -34.36 24.85
CA SER B 381 -10.34 -34.12 26.09
C SER B 381 -10.14 -35.29 27.06
N GLU B 382 -9.99 -36.52 26.55
CA GLU B 382 -9.64 -37.70 27.38
C GLU B 382 -8.34 -37.39 28.11
N LEU B 383 -7.31 -36.98 27.39
CA LEU B 383 -6.03 -36.66 28.06
C LEU B 383 -6.27 -35.55 29.09
N GLN B 384 -6.93 -34.46 28.69
CA GLN B 384 -7.19 -33.30 29.58
C GLN B 384 -7.91 -33.79 30.83
N GLN B 385 -8.79 -34.77 30.71
CA GLN B 385 -9.54 -35.33 31.88
C GLN B 385 -8.55 -36.19 32.68
N ALA B 386 -7.86 -37.10 32.01
CA ALA B 386 -6.87 -37.95 32.67
C ALA B 386 -6.02 -37.07 33.57
N GLU B 387 -5.71 -35.85 33.11
CA GLU B 387 -4.76 -34.95 33.81
C GLU B 387 -5.44 -34.36 35.07
N PHE B 388 -6.71 -34.01 34.96
CA PHE B 388 -7.44 -33.50 36.16
C PHE B 388 -7.42 -34.61 37.21
N ALA B 389 -7.86 -35.81 36.82
CA ALA B 389 -7.94 -37.00 37.68
C ALA B 389 -6.59 -37.24 38.38
N ALA B 390 -5.50 -36.95 37.69
CA ALA B 390 -4.15 -37.12 38.23
C ALA B 390 -3.92 -36.18 39.42
N GLU B 391 -4.77 -35.19 39.65
CA GLU B 391 -4.60 -34.28 40.81
C GLU B 391 -4.75 -35.06 42.13
N ALA B 392 -5.43 -36.22 42.13
CA ALA B 392 -5.56 -37.09 43.30
C ALA B 392 -4.18 -37.59 43.72
N TYR B 393 -3.29 -37.80 42.74
CA TYR B 393 -1.92 -38.36 42.94
C TYR B 393 -0.88 -37.24 43.09
N GLY B 394 -1.25 -35.96 42.91
CA GLY B 394 -0.36 -34.78 43.09
C GLY B 394 0.03 -34.07 41.80
N TYR B 395 -0.53 -34.44 40.64
CA TYR B 395 -0.29 -33.75 39.34
C TYR B 395 -0.85 -32.34 39.41
N THR B 396 -0.25 -31.38 38.72
CA THR B 396 -0.73 -29.96 38.69
C THR B 396 -0.49 -29.27 37.34
N ALA B 397 0.26 -29.88 36.42
CA ALA B 397 0.65 -29.29 35.12
C ALA B 397 -0.61 -29.06 34.28
N THR B 398 -1.70 -29.76 34.58
CA THR B 398 -3.02 -29.49 33.98
C THR B 398 -3.31 -27.97 33.98
N ARG B 399 -2.87 -27.24 35.03
CA ARG B 399 -2.85 -25.76 35.08
C ARG B 399 -1.43 -25.32 34.71
N HIS B 400 -1.21 -25.09 33.42
CA HIS B 400 0.13 -25.10 32.77
C HIS B 400 0.73 -23.70 32.76
N GLN B 401 -0.04 -22.66 33.02
CA GLN B 401 0.55 -21.30 33.08
C GLN B 401 1.27 -21.19 34.43
N ARG B 402 0.64 -21.61 35.53
CA ARG B 402 1.26 -21.56 36.88
C ARG B 402 2.43 -22.56 36.92
N GLU B 403 2.36 -23.65 36.15
CA GLU B 403 3.35 -24.78 36.21
C GLU B 403 4.74 -24.30 35.79
N VAL B 404 4.81 -23.43 34.78
CA VAL B 404 6.09 -23.00 34.16
C VAL B 404 6.51 -21.65 34.73
N GLY B 405 5.73 -21.07 35.66
CA GLY B 405 6.10 -19.85 36.41
C GLY B 405 5.48 -18.55 35.86
N THR B 406 4.30 -18.61 35.26
CA THR B 406 3.55 -17.38 34.91
C THR B 406 3.33 -16.54 36.18
N GLY B 407 2.88 -17.16 37.27
CA GLY B 407 2.66 -16.45 38.54
C GLY B 407 3.95 -15.80 39.03
N TYR B 408 5.06 -16.53 38.99
CA TYR B 408 6.30 -16.05 39.60
C TYR B 408 6.77 -14.79 38.83
N PHE B 409 6.70 -14.80 37.50
CA PHE B 409 7.22 -13.67 36.66
C PHE B 409 6.25 -12.50 36.83
N ASP B 410 4.97 -12.78 37.14
CA ASP B 410 3.96 -11.76 37.50
C ASP B 410 4.34 -11.11 38.83
N GLU B 411 4.84 -11.88 39.79
CA GLU B 411 5.32 -11.38 41.10
C GLU B 411 6.52 -10.45 40.87
N VAL B 412 7.40 -10.78 39.92
CA VAL B 412 8.64 -10.02 39.58
C VAL B 412 8.25 -8.69 38.93
N ALA B 413 7.34 -8.72 37.97
CA ALA B 413 6.86 -7.54 37.22
C ALA B 413 6.21 -6.53 38.20
N GLN B 414 5.37 -7.02 39.11
CA GLN B 414 4.73 -6.19 40.18
C GLN B 414 5.83 -5.56 41.05
N VAL B 415 6.73 -6.34 41.64
CA VAL B 415 7.84 -5.76 42.45
C VAL B 415 8.49 -4.67 41.59
N ILE B 416 8.74 -4.92 40.31
CA ILE B 416 9.45 -3.95 39.44
C ILE B 416 8.58 -2.70 39.26
N ALA B 417 7.30 -2.88 38.99
CA ALA B 417 6.39 -1.79 38.62
C ALA B 417 6.06 -0.93 39.84
N GLY B 418 6.47 -1.34 41.06
CA GLY B 418 5.94 -0.86 42.35
C GLY B 418 4.43 -1.04 42.44
N GLY B 419 3.93 -2.28 42.23
CA GLY B 419 2.50 -2.63 42.34
C GLY B 419 1.66 -2.26 41.12
N GLU B 420 2.09 -1.28 40.31
CA GLU B 420 1.36 -0.62 39.17
C GLU B 420 0.77 -1.64 38.18
N ILE B 421 1.33 -1.70 36.96
CA ILE B 421 1.25 -2.77 35.92
C ILE B 421 -0.20 -3.12 35.53
N SER B 422 -0.59 -2.76 34.30
CA SER B 422 -1.85 -3.18 33.65
C SER B 422 -1.58 -4.32 32.65
N THR B 423 -0.43 -5.01 32.73
CA THR B 423 0.05 -6.10 31.81
C THR B 423 0.32 -7.43 32.55
N THR B 424 -0.09 -7.57 33.82
CA THR B 424 -0.06 -8.87 34.57
C THR B 424 -0.67 -9.96 33.66
N ALA B 425 -0.15 -11.19 33.74
CA ALA B 425 -0.40 -12.28 32.76
C ALA B 425 -1.51 -13.22 33.24
N LEU B 426 -1.51 -13.51 34.54
CA LEU B 426 -2.35 -14.59 35.13
C LEU B 426 -3.70 -14.01 35.55
N THR B 427 -3.76 -12.70 35.80
CA THR B 427 -5.02 -11.92 35.97
C THR B 427 -5.63 -11.76 34.58
N GLY B 428 -6.78 -12.35 34.32
CA GLY B 428 -7.45 -12.25 33.01
C GLY B 428 -7.27 -13.51 32.19
N SER B 429 -6.43 -14.44 32.66
CA SER B 429 -6.06 -15.68 31.92
C SER B 429 -7.25 -16.65 31.93
N THR B 430 -7.42 -17.43 30.85
CA THR B 430 -8.38 -18.55 30.74
C THR B 430 -8.12 -19.59 31.84
N GLU B 431 -6.91 -19.63 32.39
CA GLU B 431 -6.55 -20.50 33.53
C GLU B 431 -7.33 -20.13 34.82
N GLU B 432 -7.46 -18.85 35.17
CA GLU B 432 -8.26 -18.40 36.35
C GLU B 432 -9.77 -18.59 36.06
N GLU B 433 -10.18 -18.40 34.81
CA GLU B 433 -11.59 -18.41 34.32
C GLU B 433 -12.11 -19.86 34.28
N GLN B 434 -11.35 -20.80 33.68
CA GLN B 434 -11.80 -22.15 33.25
C GLN B 434 -11.19 -23.32 34.08
N PHE B 435 -10.25 -23.05 34.98
CA PHE B 435 -9.59 -24.03 35.88
C PHE B 435 -9.49 -23.42 37.27
N MET C 13 11.04 -48.25 -13.55
CA MET C 13 11.61 -48.38 -12.17
C MET C 13 12.59 -47.22 -11.98
N ASP C 14 12.23 -46.25 -11.11
CA ASP C 14 13.06 -45.06 -10.80
C ASP C 14 14.12 -45.41 -9.75
N ARG C 15 13.96 -46.54 -9.03
CA ARG C 15 15.01 -47.16 -8.18
C ARG C 15 16.23 -47.37 -9.09
N ALA C 16 16.02 -48.13 -10.17
CA ALA C 16 17.05 -48.51 -11.15
C ALA C 16 17.52 -47.28 -11.95
N ALA C 17 16.65 -46.29 -12.17
CA ALA C 17 17.02 -44.99 -12.81
C ALA C 17 17.91 -44.15 -11.89
N GLN C 18 17.63 -44.09 -10.58
CA GLN C 18 18.42 -43.33 -9.56
C GLN C 18 19.82 -43.95 -9.45
N ILE C 19 19.91 -45.28 -9.31
CA ILE C 19 21.19 -46.04 -9.12
C ILE C 19 22.06 -45.83 -10.36
N LYS C 20 21.40 -45.89 -11.53
CA LYS C 20 21.97 -45.53 -12.84
C LYS C 20 22.63 -44.16 -12.69
N GLN C 21 21.90 -43.14 -12.21
CA GLN C 21 22.39 -41.74 -12.21
C GLN C 21 23.54 -41.62 -11.21
N ILE C 22 23.48 -42.38 -10.12
CA ILE C 22 24.59 -42.39 -9.09
C ILE C 22 25.85 -42.84 -9.82
N ALA C 23 25.76 -44.02 -10.45
CA ALA C 23 26.86 -44.71 -11.18
C ALA C 23 27.49 -43.76 -12.22
N ASP C 24 26.72 -43.24 -13.19
CA ASP C 24 27.22 -42.28 -14.21
C ASP C 24 28.02 -41.13 -13.57
N SER C 25 27.46 -40.49 -12.54
CA SER C 25 28.11 -39.43 -11.72
C SER C 25 29.50 -39.87 -11.26
N TRP C 26 29.63 -41.10 -10.72
CA TRP C 26 30.89 -41.68 -10.17
C TRP C 26 31.97 -41.84 -11.25
N ASN C 27 31.54 -42.02 -12.49
CA ASN C 27 32.43 -42.43 -13.60
C ASN C 27 32.63 -41.19 -14.47
N THR C 28 33.32 -40.17 -13.95
CA THR C 28 33.70 -38.92 -14.67
C THR C 28 35.17 -38.62 -14.37
N PRO C 29 35.79 -37.57 -15.01
CA PRO C 29 37.22 -37.30 -14.86
C PRO C 29 37.63 -36.97 -13.40
N ARG C 30 36.85 -36.13 -12.70
CA ARG C 30 36.78 -36.16 -11.22
C ARG C 30 36.59 -37.64 -10.87
N PHE C 31 37.28 -38.17 -9.89
CA PHE C 31 37.14 -39.60 -9.49
C PHE C 31 37.92 -40.56 -10.40
N ALA C 32 38.55 -40.08 -11.48
CA ALA C 32 39.39 -40.90 -12.39
C ALA C 32 40.30 -41.79 -11.56
N GLY C 33 41.06 -41.18 -10.68
CA GLY C 33 42.03 -41.95 -9.87
C GLY C 33 41.34 -43.01 -9.01
N ILE C 34 40.18 -42.67 -8.45
CA ILE C 34 39.88 -43.05 -7.04
C ILE C 34 38.95 -44.27 -6.99
N VAL C 35 39.11 -45.04 -5.92
CA VAL C 35 38.45 -46.34 -5.62
C VAL C 35 37.29 -46.10 -4.64
N ARG C 36 36.15 -46.73 -4.89
CA ARG C 36 35.00 -46.79 -3.95
C ARG C 36 34.65 -48.25 -3.78
N PRO C 37 34.97 -48.88 -2.63
CA PRO C 37 34.68 -50.30 -2.40
C PRO C 37 33.23 -50.57 -1.99
N TYR C 38 32.29 -49.91 -2.65
CA TYR C 38 30.82 -50.04 -2.41
C TYR C 38 30.12 -49.80 -3.75
N THR C 39 28.98 -50.45 -3.91
CA THR C 39 28.13 -50.37 -5.13
C THR C 39 27.32 -49.07 -5.05
N PRO C 40 26.81 -48.57 -6.19
CA PRO C 40 25.71 -47.60 -6.18
C PRO C 40 24.45 -48.05 -5.43
N GLU C 41 23.99 -49.29 -5.67
CA GLU C 41 22.98 -50.01 -4.85
C GLU C 41 23.15 -49.55 -3.39
N ASP C 42 24.36 -49.66 -2.81
CA ASP C 42 24.63 -49.34 -1.37
C ASP C 42 24.32 -47.85 -1.10
N VAL C 43 24.94 -46.94 -1.83
CA VAL C 43 24.62 -45.50 -1.69
C VAL C 43 23.10 -45.28 -1.76
N TYR C 44 22.43 -45.76 -2.81
CA TYR C 44 20.95 -45.68 -2.96
C TYR C 44 20.25 -46.08 -1.66
N ARG C 45 20.52 -47.29 -1.13
CA ARG C 45 19.89 -47.86 0.11
C ARG C 45 20.00 -46.89 1.30
N LEU C 46 21.13 -46.18 1.45
CA LEU C 46 21.48 -45.46 2.71
C LEU C 46 21.24 -43.95 2.58
N ARG C 47 20.66 -43.44 1.48
CA ARG C 47 20.57 -41.97 1.32
C ARG C 47 19.12 -41.47 1.52
N GLY C 48 18.20 -42.32 1.96
CA GLY C 48 16.76 -42.00 2.06
C GLY C 48 16.10 -41.75 0.69
N SER C 49 14.86 -41.26 0.69
CA SER C 49 13.96 -41.23 -0.48
C SER C 49 13.99 -39.86 -1.16
N VAL C 50 14.34 -38.82 -0.41
CA VAL C 50 14.38 -37.41 -0.87
C VAL C 50 15.85 -37.01 -0.87
N GLN C 51 16.34 -36.50 -2.00
CA GLN C 51 17.73 -35.99 -2.10
C GLN C 51 17.68 -34.48 -1.82
N ILE C 52 18.24 -34.06 -0.69
CA ILE C 52 18.39 -32.63 -0.30
C ILE C 52 19.51 -32.03 -1.14
N GLU C 53 19.48 -30.72 -1.36
CA GLU C 53 20.51 -29.98 -2.15
C GLU C 53 21.47 -29.27 -1.19
N TYR C 54 22.76 -29.29 -1.45
CA TYR C 54 23.79 -28.57 -0.65
C TYR C 54 24.57 -27.63 -1.57
N THR C 55 23.91 -26.53 -1.90
CA THR C 55 24.34 -25.54 -2.90
C THR C 55 25.78 -25.08 -2.62
N LEU C 56 26.09 -24.56 -1.43
CA LEU C 56 27.41 -23.98 -1.13
C LEU C 56 28.48 -25.07 -1.15
N ALA C 57 28.17 -26.27 -0.66
CA ALA C 57 29.08 -27.44 -0.69
C ALA C 57 29.39 -27.85 -2.13
N ARG C 58 28.37 -27.98 -2.96
CA ARG C 58 28.51 -28.40 -4.38
C ARG C 58 29.32 -27.35 -5.12
N MET C 59 28.90 -26.09 -5.04
CA MET C 59 29.63 -24.95 -5.66
C MET C 59 31.09 -24.97 -5.17
N GLY C 60 31.29 -25.11 -3.86
CA GLY C 60 32.64 -25.03 -3.27
C GLY C 60 33.53 -26.13 -3.79
N ALA C 61 33.00 -27.35 -3.86
CA ALA C 61 33.71 -28.54 -4.39
C ALA C 61 34.10 -28.30 -5.85
N GLU C 62 33.17 -27.90 -6.69
CA GLU C 62 33.40 -27.75 -8.14
C GLU C 62 34.45 -26.64 -8.31
N ARG C 63 34.27 -25.53 -7.61
CA ARG C 63 35.21 -24.38 -7.76
C ARG C 63 36.62 -24.74 -7.26
N LEU C 64 36.73 -25.59 -6.25
CA LEU C 64 38.04 -25.92 -5.65
C LEU C 64 38.79 -26.86 -6.59
N TRP C 65 38.11 -27.89 -7.07
CA TRP C 65 38.61 -28.81 -8.12
C TRP C 65 39.16 -27.98 -9.29
N ASN C 66 38.41 -27.00 -9.79
CA ASN C 66 38.82 -26.27 -11.00
C ASN C 66 40.03 -25.39 -10.69
N LEU C 67 39.96 -24.51 -9.71
CA LEU C 67 41.14 -23.77 -9.21
C LEU C 67 42.36 -24.72 -9.10
N LEU C 68 42.20 -25.90 -8.51
CA LEU C 68 43.37 -26.78 -8.23
C LEU C 68 43.97 -27.27 -9.54
N HIS C 69 43.15 -27.38 -10.58
CA HIS C 69 43.55 -27.86 -11.91
C HIS C 69 43.82 -26.70 -12.88
N THR C 70 43.66 -25.45 -12.48
CA THR C 70 43.83 -24.32 -13.43
C THR C 70 44.74 -23.22 -12.88
N GLU C 71 45.31 -23.37 -11.68
CA GLU C 71 46.18 -22.34 -11.08
C GLU C 71 47.56 -22.92 -10.84
N PRO C 72 48.62 -22.08 -10.83
CA PRO C 72 49.94 -22.48 -10.35
C PRO C 72 49.77 -23.29 -9.06
N TYR C 73 49.02 -22.68 -8.13
CA TYR C 73 48.60 -23.28 -6.84
C TYR C 73 47.65 -22.33 -6.11
N ILE C 74 46.93 -22.87 -5.13
CA ILE C 74 45.94 -22.17 -4.26
C ILE C 74 46.65 -21.96 -2.92
N ASN C 75 46.84 -20.72 -2.51
CA ASN C 75 47.49 -20.41 -1.20
C ASN C 75 46.42 -19.81 -0.26
N ALA C 76 46.22 -20.45 0.90
CA ALA C 76 45.24 -20.02 1.94
C ALA C 76 45.90 -19.67 3.29
N LEU C 77 45.12 -18.98 4.12
CA LEU C 77 45.39 -18.73 5.54
C LEU C 77 44.20 -19.24 6.34
N GLY C 78 44.42 -19.79 7.53
CA GLY C 78 43.35 -20.24 8.42
C GLY C 78 42.54 -19.04 8.86
N ALA C 79 41.22 -19.19 8.93
CA ALA C 79 40.28 -18.19 9.48
C ALA C 79 39.51 -18.84 10.63
N LEU C 80 39.24 -18.09 11.71
CA LEU C 80 38.47 -18.55 12.91
C LEU C 80 37.25 -17.65 13.20
N THR C 81 37.07 -16.59 12.42
CA THR C 81 35.81 -15.81 12.37
C THR C 81 35.44 -15.57 10.91
N GLY C 82 34.18 -15.26 10.63
CA GLY C 82 33.71 -14.88 9.28
C GLY C 82 34.37 -13.60 8.85
N ASN C 83 34.49 -12.62 9.76
CA ASN C 83 35.13 -11.32 9.44
C ASN C 83 36.52 -11.57 8.84
N GLN C 84 37.33 -12.46 9.44
CA GLN C 84 38.65 -12.89 8.89
C GLN C 84 38.46 -13.52 7.51
N ALA C 85 37.60 -14.51 7.36
CA ALA C 85 37.43 -15.16 6.04
C ALA C 85 37.11 -14.08 5.00
N MET C 86 36.32 -13.10 5.41
CA MET C 86 35.82 -12.01 4.55
C MET C 86 36.99 -11.20 4.01
N GLN C 87 37.85 -10.73 4.92
CA GLN C 87 39.05 -9.91 4.58
C GLN C 87 40.06 -10.76 3.78
N GLN C 88 40.14 -12.06 4.01
CA GLN C 88 40.97 -12.98 3.18
C GLN C 88 40.42 -12.97 1.74
N VAL C 89 39.11 -12.99 1.56
CA VAL C 89 38.53 -12.99 0.18
C VAL C 89 38.69 -11.57 -0.41
N LYS C 90 38.49 -10.54 0.41
CA LYS C 90 38.63 -9.13 -0.01
C LYS C 90 40.04 -8.87 -0.53
N ALA C 91 41.05 -9.54 0.02
CA ALA C 91 42.48 -9.35 -0.35
C ALA C 91 42.79 -10.09 -1.66
N GLY C 92 42.04 -11.14 -1.97
CA GLY C 92 42.17 -11.82 -3.27
C GLY C 92 42.70 -13.24 -3.13
N LEU C 93 42.64 -13.81 -1.93
CA LEU C 93 42.94 -15.25 -1.76
C LEU C 93 41.69 -16.00 -2.24
N LYS C 94 41.84 -17.20 -2.78
CA LYS C 94 40.81 -17.88 -3.58
C LYS C 94 40.25 -19.09 -2.83
N ALA C 95 40.73 -19.32 -1.59
CA ALA C 95 40.31 -20.43 -0.71
C ALA C 95 40.59 -20.07 0.75
N ILE C 96 39.88 -20.76 1.66
CA ILE C 96 39.86 -20.45 3.12
C ILE C 96 40.16 -21.74 3.87
N TYR C 97 41.06 -21.71 4.86
CA TYR C 97 41.40 -22.91 5.68
C TYR C 97 40.72 -22.78 7.05
N LEU C 98 40.05 -23.86 7.43
CA LEU C 98 39.42 -24.08 8.77
C LEU C 98 40.35 -24.97 9.63
N SER C 99 41.12 -24.33 10.52
CA SER C 99 42.08 -24.94 11.47
C SER C 99 41.33 -25.40 12.73
N GLY C 100 41.32 -26.70 12.98
CA GLY C 100 40.89 -27.27 14.27
C GLY C 100 41.68 -26.70 15.43
N TRP C 101 42.99 -26.49 15.24
CA TRP C 101 43.87 -25.85 16.24
C TRP C 101 43.24 -24.52 16.65
N GLN C 102 42.88 -23.70 15.65
CA GLN C 102 42.38 -22.33 15.89
C GLN C 102 41.02 -22.40 16.58
N VAL C 103 40.20 -23.40 16.21
CA VAL C 103 38.88 -23.78 16.82
C VAL C 103 39.08 -24.16 18.29
N ALA C 104 40.02 -25.04 18.63
CA ALA C 104 40.37 -25.40 20.04
C ALA C 104 40.76 -24.15 20.85
N ALA C 105 41.72 -23.39 20.33
CA ALA C 105 42.31 -22.19 20.96
C ALA C 105 41.25 -21.18 21.37
N ASP C 106 40.35 -20.80 20.43
CA ASP C 106 39.56 -19.54 20.52
C ASP C 106 38.13 -19.60 19.90
N ALA C 107 37.64 -20.75 19.41
CA ALA C 107 36.35 -20.77 18.66
C ALA C 107 35.72 -22.17 18.62
N ASN C 108 35.23 -22.65 19.75
CA ASN C 108 34.54 -23.94 19.81
C ASN C 108 33.26 -23.78 20.62
N LEU C 109 32.41 -24.78 20.65
CA LEU C 109 31.06 -24.66 21.27
C LEU C 109 31.18 -25.03 22.75
N ALA C 110 32.36 -25.30 23.25
CA ALA C 110 32.60 -25.40 24.70
C ALA C 110 32.88 -24.01 25.26
N GLY C 111 33.25 -23.03 24.44
CA GLY C 111 33.61 -21.66 24.88
C GLY C 111 34.95 -21.61 25.63
N GLN C 112 35.78 -22.66 25.52
CA GLN C 112 37.06 -22.83 26.26
C GLN C 112 38.25 -22.51 25.35
N MET C 113 39.36 -22.15 26.02
CA MET C 113 40.73 -22.14 25.43
C MET C 113 41.33 -23.54 25.63
N TYR C 114 41.66 -24.21 24.52
CA TYR C 114 42.08 -25.62 24.49
C TYR C 114 43.35 -25.76 23.65
N PRO C 115 44.35 -26.55 24.11
CA PRO C 115 45.41 -27.00 23.23
C PRO C 115 44.85 -28.05 22.27
N ASP C 116 45.61 -28.40 21.24
CA ASP C 116 45.11 -29.25 20.13
C ASP C 116 45.18 -30.71 20.54
N GLN C 117 44.26 -31.15 21.39
CA GLN C 117 44.29 -32.48 22.04
C GLN C 117 42.93 -33.17 21.82
N SER C 118 42.14 -32.66 20.87
CA SER C 118 40.73 -33.05 20.63
C SER C 118 39.93 -32.97 21.94
N LEU C 119 39.85 -31.79 22.55
CA LEU C 119 39.10 -31.55 23.82
C LEU C 119 37.78 -30.82 23.55
N TYR C 120 37.62 -30.22 22.37
CA TYR C 120 36.46 -29.37 22.02
C TYR C 120 35.36 -30.26 21.45
N PRO C 121 34.10 -29.75 21.47
CA PRO C 121 32.95 -30.42 20.87
C PRO C 121 33.01 -30.56 19.35
N ALA C 122 32.64 -31.75 18.87
CA ALA C 122 32.87 -32.25 17.50
C ALA C 122 32.10 -31.44 16.44
N ASN C 123 31.04 -30.73 16.83
CA ASN C 123 30.26 -29.90 15.86
C ASN C 123 30.89 -28.50 15.76
N SER C 124 31.96 -28.19 16.49
CA SER C 124 32.63 -26.86 16.43
C SER C 124 33.07 -26.48 15.01
N GLY C 125 33.82 -27.31 14.30
CA GLY C 125 34.29 -26.93 12.96
C GLY C 125 33.15 -26.66 11.98
N PRO C 126 32.19 -27.59 11.82
CA PRO C 126 31.06 -27.37 10.92
C PRO C 126 30.31 -26.06 11.20
N GLN C 127 30.03 -25.77 12.47
CA GLN C 127 29.30 -24.52 12.85
C GLN C 127 30.12 -23.30 12.41
N LEU C 128 31.44 -23.33 12.58
CA LEU C 128 32.33 -22.21 12.19
C LEU C 128 32.27 -22.05 10.68
N VAL C 129 32.41 -23.15 9.92
CA VAL C 129 32.28 -23.15 8.44
C VAL C 129 30.94 -22.48 8.05
N ARG C 130 29.84 -22.91 8.68
CA ARG C 130 28.50 -22.32 8.50
C ARG C 130 28.57 -20.82 8.83
N ASN C 131 29.25 -20.40 9.91
CA ASN C 131 29.39 -18.96 10.26
C ASN C 131 30.21 -18.26 9.18
N ILE C 132 31.26 -18.89 8.68
CA ILE C 132 32.16 -18.24 7.68
C ILE C 132 31.37 -18.05 6.39
N ASN C 133 30.63 -19.07 5.95
CA ASN C 133 29.77 -19.00 4.74
C ASN C 133 28.74 -17.88 4.93
N ASN C 134 28.16 -17.76 6.12
CA ASN C 134 27.15 -16.70 6.44
C ASN C 134 27.80 -15.33 6.25
N ALA C 135 28.95 -15.05 6.85
CA ALA C 135 29.67 -13.77 6.66
C ALA C 135 29.84 -13.53 5.15
N LEU C 136 30.28 -14.56 4.41
CA LEU C 136 30.60 -14.46 2.95
C LEU C 136 29.33 -14.12 2.18
N ARG C 137 28.17 -14.65 2.60
CA ARG C 137 26.86 -14.48 1.90
C ARG C 137 26.36 -13.05 2.11
N ARG C 138 26.65 -12.48 3.28
CA ARG C 138 26.27 -11.08 3.64
C ARG C 138 27.12 -10.12 2.79
N ALA C 139 28.41 -10.41 2.68
CA ALA C 139 29.34 -9.67 1.80
C ALA C 139 28.71 -9.62 0.41
N ASP C 140 28.28 -10.78 -0.08
CA ASP C 140 27.81 -10.95 -1.48
C ASP C 140 26.50 -10.19 -1.61
N GLN C 141 25.54 -10.46 -0.71
CA GLN C 141 24.26 -9.70 -0.58
C GLN C 141 24.51 -8.18 -0.62
N ILE C 142 25.54 -7.69 0.07
CA ILE C 142 25.86 -6.23 0.18
C ILE C 142 26.37 -5.75 -1.18
N TYR C 143 27.32 -6.49 -1.77
CA TYR C 143 27.97 -6.15 -3.06
C TYR C 143 26.89 -6.17 -4.13
N HIS C 144 26.04 -7.19 -4.12
CA HIS C 144 24.94 -7.37 -5.10
C HIS C 144 24.02 -6.16 -4.97
N SER C 145 23.78 -5.69 -3.75
CA SER C 145 22.79 -4.61 -3.50
C SER C 145 23.33 -3.33 -4.11
N GLU C 146 24.65 -3.17 -4.21
CA GLU C 146 25.34 -1.97 -4.72
C GLU C 146 25.72 -2.17 -6.20
N GLY C 147 25.31 -3.27 -6.81
CA GLY C 147 25.62 -3.58 -8.21
C GLY C 147 27.13 -3.55 -8.42
N ARG C 148 27.88 -4.23 -7.55
CA ARG C 148 29.33 -4.40 -7.70
C ARG C 148 29.57 -5.80 -8.22
N ASN C 149 30.77 -6.10 -8.69
CA ASN C 149 31.09 -7.39 -9.35
C ASN C 149 32.54 -7.80 -9.05
N ASP C 150 33.32 -6.99 -8.33
CA ASP C 150 34.81 -7.05 -8.33
C ASP C 150 35.34 -8.24 -7.48
N ILE C 151 34.47 -8.96 -6.76
CA ILE C 151 34.88 -10.07 -5.84
C ILE C 151 33.93 -11.26 -6.00
N TYR C 152 34.44 -12.47 -6.17
CA TYR C 152 33.62 -13.71 -6.09
C TYR C 152 33.74 -14.20 -4.65
N TRP C 153 32.69 -14.11 -3.85
CA TRP C 153 32.81 -14.31 -2.38
C TRP C 153 32.73 -15.78 -1.97
N PHE C 154 32.20 -16.69 -2.79
CA PHE C 154 31.99 -18.09 -2.38
C PHE C 154 33.29 -18.86 -2.61
N ALA C 155 34.30 -18.44 -1.86
CA ALA C 155 35.62 -19.06 -1.78
C ALA C 155 35.45 -20.47 -1.21
N PRO C 156 35.91 -21.54 -1.88
CA PRO C 156 35.99 -22.85 -1.24
C PRO C 156 36.72 -22.79 0.12
N ILE C 157 36.11 -23.46 1.11
CA ILE C 157 36.63 -23.65 2.49
C ILE C 157 37.09 -25.11 2.64
N VAL C 158 38.31 -25.31 3.12
CA VAL C 158 38.91 -26.66 3.38
C VAL C 158 38.95 -26.81 4.89
N ALA C 159 38.29 -27.83 5.42
CA ALA C 159 38.01 -27.92 6.87
C ALA C 159 38.73 -29.11 7.48
N ASP C 160 39.07 -28.97 8.78
CA ASP C 160 39.81 -29.92 9.65
C ASP C 160 38.80 -30.82 10.37
N ALA C 161 38.79 -32.10 10.01
CA ALA C 161 37.92 -33.14 10.59
C ALA C 161 38.78 -33.97 11.54
N GLU C 162 39.91 -33.41 11.95
CA GLU C 162 40.86 -34.07 12.86
C GLU C 162 41.00 -35.55 12.45
N ALA C 163 40.87 -36.46 13.42
CA ALA C 163 41.00 -37.92 13.27
C ALA C 163 39.62 -38.58 13.22
N GLY C 164 38.59 -37.81 12.89
CA GLY C 164 37.21 -38.31 12.73
C GLY C 164 36.39 -38.15 13.99
N PHE C 165 37.00 -37.75 15.10
CA PHE C 165 36.31 -37.59 16.42
C PHE C 165 35.75 -38.94 16.85
N GLY C 166 36.37 -40.01 16.35
CA GLY C 166 36.16 -41.40 16.80
C GLY C 166 36.22 -42.37 15.65
N GLY C 167 35.28 -43.29 15.64
CA GLY C 167 35.21 -44.39 14.67
C GLY C 167 34.62 -43.92 13.35
N PRO C 168 34.56 -44.83 12.36
CA PRO C 168 34.19 -44.45 11.00
C PRO C 168 32.81 -43.78 10.93
N LEU C 169 31.83 -44.24 11.70
CA LEU C 169 30.50 -43.55 11.82
C LEU C 169 30.71 -42.08 12.24
N ASN C 170 31.59 -41.81 13.21
CA ASN C 170 31.91 -40.43 13.64
C ASN C 170 32.50 -39.69 12.43
N VAL C 171 33.39 -40.31 11.66
CA VAL C 171 33.89 -39.77 10.36
C VAL C 171 32.70 -39.46 9.45
N PHE C 172 31.85 -40.47 9.19
CA PHE C 172 30.66 -40.36 8.31
C PHE C 172 29.84 -39.12 8.72
N GLU C 173 29.65 -38.93 10.02
CA GLU C 173 28.74 -37.87 10.54
C GLU C 173 29.40 -36.52 10.35
N ILE C 174 30.68 -36.40 10.67
CA ILE C 174 31.29 -35.04 10.61
C ILE C 174 31.40 -34.62 9.14
N MET C 175 31.70 -35.58 8.25
CA MET C 175 31.75 -35.32 6.79
C MET C 175 30.40 -34.71 6.38
N LYS C 176 29.29 -35.38 6.68
CA LYS C 176 27.93 -34.86 6.38
C LYS C 176 27.73 -33.46 6.99
N ALA C 177 28.17 -33.19 8.24
CA ALA C 177 27.99 -31.87 8.94
C ALA C 177 28.72 -30.76 8.22
N TYR C 178 29.97 -31.02 7.81
CA TYR C 178 30.81 -30.09 7.04
C TYR C 178 30.13 -29.80 5.69
N ILE C 179 29.48 -30.80 5.09
CA ILE C 179 28.77 -30.60 3.80
C ILE C 179 27.53 -29.74 4.05
N GLU C 180 26.68 -30.10 5.01
CA GLU C 180 25.51 -29.28 5.42
C GLU C 180 26.01 -27.84 5.62
N ALA C 181 27.08 -27.59 6.38
CA ALA C 181 27.61 -26.22 6.62
C ALA C 181 28.18 -25.61 5.34
N GLY C 182 28.47 -26.44 4.35
CA GLY C 182 28.91 -26.05 2.99
C GLY C 182 30.43 -25.99 2.84
N ALA C 183 31.19 -27.02 3.22
CA ALA C 183 32.65 -27.01 3.05
C ALA C 183 32.99 -27.60 1.66
N ALA C 184 33.95 -27.01 0.95
CA ALA C 184 34.38 -27.46 -0.38
C ALA C 184 35.20 -28.72 -0.21
N GLY C 185 35.87 -28.85 0.93
CA GLY C 185 36.88 -29.91 1.08
C GLY C 185 37.17 -30.18 2.53
N VAL C 186 37.57 -31.41 2.84
CA VAL C 186 37.65 -31.88 4.25
C VAL C 186 38.87 -32.81 4.41
N HIS C 187 39.74 -32.53 5.38
CA HIS C 187 40.94 -33.37 5.59
C HIS C 187 40.73 -34.27 6.80
N PHE C 188 41.19 -35.52 6.70
CA PHE C 188 41.16 -36.56 7.75
C PHE C 188 42.57 -37.15 7.95
N GLU C 189 43.00 -37.32 9.21
CA GLU C 189 44.37 -37.81 9.57
C GLU C 189 44.30 -39.22 10.17
N ASP C 190 45.46 -39.90 10.19
CA ASP C 190 45.68 -41.32 10.60
C ASP C 190 46.19 -41.40 12.06
N GLN C 191 45.70 -40.53 12.96
CA GLN C 191 46.00 -40.56 14.42
C GLN C 191 44.88 -41.30 15.15
N LEU C 192 45.19 -41.82 16.33
CA LEU C 192 44.19 -42.37 17.27
C LEU C 192 43.35 -41.22 17.87
N ALA C 193 42.05 -41.14 17.53
CA ALA C 193 41.14 -40.10 18.02
C ALA C 193 41.34 -39.86 19.52
N SER C 194 41.37 -40.95 20.33
CA SER C 194 41.48 -40.94 21.81
C SER C 194 42.71 -40.15 22.23
N GLU C 195 43.68 -39.93 21.33
CA GLU C 195 45.01 -39.33 21.63
C GLU C 195 45.44 -38.42 20.49
N LYS C 196 44.49 -37.95 19.68
CA LYS C 196 44.81 -37.03 18.56
C LYS C 196 45.63 -35.86 19.13
N LYS C 197 46.50 -35.28 18.32
CA LYS C 197 47.46 -34.24 18.78
C LYS C 197 47.86 -33.37 17.58
N CYS C 198 48.29 -32.14 17.85
CA CYS C 198 48.90 -31.28 16.81
C CYS C 198 50.00 -32.09 16.12
N GLY C 199 50.21 -31.84 14.82
CA GLY C 199 51.21 -32.56 14.01
C GLY C 199 52.63 -32.19 14.40
N HIS C 200 52.80 -31.02 15.01
CA HIS C 200 54.11 -30.48 15.44
C HIS C 200 54.20 -30.59 16.96
N MET C 201 53.42 -31.53 17.52
CA MET C 201 53.42 -31.94 18.94
C MET C 201 54.07 -33.31 19.03
N GLY C 202 54.71 -33.63 20.15
CA GLY C 202 55.20 -35.00 20.45
C GLY C 202 54.05 -35.87 20.89
N GLY C 203 54.28 -37.17 21.05
CA GLY C 203 53.26 -38.09 21.58
C GLY C 203 52.27 -38.55 20.51
N LYS C 204 52.42 -38.19 19.24
CA LYS C 204 51.47 -38.64 18.19
C LYS C 204 51.46 -40.18 18.16
N VAL C 205 50.30 -40.78 17.91
CA VAL C 205 50.05 -42.24 17.82
C VAL C 205 49.28 -42.57 16.55
N LEU C 206 49.82 -43.45 15.72
CA LEU C 206 49.15 -43.92 14.48
C LEU C 206 48.12 -45.02 14.77
N ILE C 207 47.18 -45.15 13.85
CA ILE C 207 46.23 -46.29 13.73
C ILE C 207 46.71 -47.22 12.62
N PRO C 208 46.26 -48.48 12.60
CA PRO C 208 46.52 -49.36 11.47
C PRO C 208 46.11 -48.74 10.12
N THR C 209 47.00 -48.83 9.13
CA THR C 209 46.78 -48.37 7.73
C THR C 209 45.36 -48.76 7.25
N GLN C 210 44.87 -49.98 7.49
CA GLN C 210 43.50 -50.39 7.05
C GLN C 210 42.47 -49.55 7.82
N ALA C 211 42.77 -49.20 9.09
CA ALA C 211 41.95 -48.31 9.96
C ALA C 211 41.76 -46.96 9.28
N ALA C 212 42.86 -46.37 8.82
CA ALA C 212 42.89 -45.03 8.22
C ALA C 212 42.11 -45.05 6.90
N ILE C 213 42.16 -46.17 6.18
CA ILE C 213 41.44 -46.34 4.89
C ILE C 213 39.95 -46.44 5.19
N ARG C 214 39.55 -47.24 6.19
CA ARG C 214 38.11 -47.33 6.60
C ARG C 214 37.64 -45.87 6.80
N ASN C 215 38.41 -45.04 7.50
CA ASN C 215 38.05 -43.64 7.80
C ASN C 215 37.81 -42.93 6.47
N LEU C 216 38.73 -43.06 5.52
CA LEU C 216 38.61 -42.36 4.22
C LEU C 216 37.40 -42.88 3.43
N VAL C 217 37.06 -44.17 3.55
CA VAL C 217 35.92 -44.73 2.80
C VAL C 217 34.62 -44.10 3.35
N ALA C 218 34.55 -43.89 4.67
CA ALA C 218 33.41 -43.32 5.43
C ALA C 218 33.20 -41.85 5.01
N ALA C 219 34.30 -41.12 4.81
CA ALA C 219 34.29 -39.76 4.22
C ALA C 219 33.58 -39.83 2.85
N ARG C 220 34.07 -40.68 1.94
CA ARG C 220 33.56 -40.71 0.53
C ARG C 220 32.11 -41.21 0.54
N LEU C 221 31.81 -42.16 1.41
CA LEU C 221 30.45 -42.73 1.42
C LEU C 221 29.49 -41.60 1.83
N ALA C 222 29.84 -40.88 2.89
CA ALA C 222 29.08 -39.73 3.43
C ALA C 222 28.82 -38.77 2.27
N ALA C 223 29.90 -38.39 1.61
CA ALA C 223 29.88 -37.40 0.53
C ALA C 223 28.94 -37.93 -0.56
N ASP C 224 28.91 -39.23 -0.80
CA ASP C 224 28.13 -39.79 -1.94
C ASP C 224 26.65 -39.76 -1.57
N VAL C 225 26.37 -40.17 -0.35
CA VAL C 225 25.01 -40.20 0.24
C VAL C 225 24.39 -38.79 0.26
N MET C 226 25.18 -37.73 0.49
CA MET C 226 24.76 -36.30 0.36
C MET C 226 24.75 -35.90 -1.13
N GLY C 227 25.36 -36.69 -2.00
CA GLY C 227 25.38 -36.40 -3.44
C GLY C 227 26.20 -35.18 -3.78
N VAL C 228 27.38 -35.00 -3.18
CA VAL C 228 28.30 -33.86 -3.42
C VAL C 228 29.73 -34.37 -3.67
N PRO C 229 30.46 -33.83 -4.67
CA PRO C 229 31.81 -34.31 -4.98
C PRO C 229 32.77 -33.51 -4.09
N THR C 230 32.51 -33.56 -2.79
CA THR C 230 33.35 -32.92 -1.77
C THR C 230 34.76 -33.50 -1.92
N ILE C 231 35.76 -32.64 -1.80
CA ILE C 231 37.21 -32.98 -1.89
C ILE C 231 37.69 -33.58 -0.56
N ILE C 232 38.16 -34.83 -0.59
CA ILE C 232 38.71 -35.60 0.55
C ILE C 232 40.24 -35.48 0.57
N VAL C 233 40.79 -34.88 1.62
CA VAL C 233 42.26 -34.77 1.77
C VAL C 233 42.70 -35.83 2.78
N ALA C 234 43.56 -36.77 2.37
CA ALA C 234 44.12 -37.76 3.29
C ALA C 234 45.44 -37.18 3.81
N ARG C 235 45.47 -36.89 5.10
CA ARG C 235 46.70 -36.44 5.80
C ARG C 235 47.34 -37.65 6.48
N THR C 236 48.66 -37.72 6.52
CA THR C 236 49.40 -38.70 7.36
C THR C 236 50.29 -37.98 8.36
N ASP C 237 50.35 -38.58 9.55
CA ASP C 237 51.12 -38.10 10.72
C ASP C 237 52.27 -39.08 10.96
N ALA C 238 52.66 -39.88 9.96
CA ALA C 238 53.60 -41.03 10.12
C ALA C 238 55.09 -40.63 10.06
N ASN C 239 55.41 -39.45 9.49
CA ASN C 239 56.79 -38.85 9.37
C ASN C 239 57.41 -38.60 10.75
N ALA C 240 56.62 -38.29 11.76
CA ALA C 240 57.11 -38.00 13.12
C ALA C 240 56.55 -39.00 14.13
N ALA C 241 55.51 -39.76 13.80
CA ALA C 241 54.74 -40.62 14.75
C ALA C 241 55.51 -41.91 15.00
N THR C 242 55.99 -42.10 16.23
CA THR C 242 56.87 -43.24 16.59
C THR C 242 56.08 -44.24 17.45
N LEU C 243 54.74 -44.11 17.45
CA LEU C 243 53.78 -44.96 18.21
C LEU C 243 52.67 -45.41 17.26
N LEU C 244 52.20 -46.65 17.46
CA LEU C 244 51.14 -47.30 16.63
C LEU C 244 50.21 -48.09 17.57
N THR C 245 48.91 -48.15 17.29
CA THR C 245 47.95 -48.80 18.23
C THR C 245 48.09 -50.32 18.16
N SER C 246 48.38 -50.89 16.99
CA SER C 246 48.38 -52.34 16.72
C SER C 246 49.21 -52.67 15.45
N ASP C 247 50.02 -53.71 15.57
CA ASP C 247 50.86 -54.31 14.51
C ASP C 247 50.06 -55.29 13.64
N ILE C 248 48.73 -55.22 13.59
CA ILE C 248 47.90 -56.25 12.89
C ILE C 248 48.09 -56.15 11.37
N ASP C 249 48.36 -54.98 10.82
CA ASP C 249 48.32 -54.72 9.36
C ASP C 249 49.71 -55.04 8.79
N GLU C 250 49.74 -55.98 7.84
CA GLU C 250 51.00 -56.46 7.18
C GLU C 250 51.87 -55.28 6.74
N ARG C 251 51.28 -54.16 6.30
CA ARG C 251 51.99 -52.95 5.81
C ARG C 251 52.69 -52.19 6.94
N ASP C 252 52.32 -52.42 8.21
CA ASP C 252 52.82 -51.58 9.34
C ASP C 252 53.91 -52.32 10.10
N ARG C 253 53.90 -53.66 10.08
CA ARG C 253 54.89 -54.51 10.80
C ARG C 253 56.30 -54.09 10.42
N PRO C 254 56.67 -53.96 9.13
CA PRO C 254 58.00 -53.50 8.75
C PRO C 254 58.51 -52.30 9.54
N PHE C 255 57.63 -51.45 10.05
CA PHE C 255 58.06 -50.24 10.80
C PHE C 255 58.11 -50.52 12.30
N CYS C 256 57.71 -51.70 12.77
CA CYS C 256 57.64 -51.98 14.23
C CYS C 256 58.96 -52.55 14.77
N THR C 257 59.75 -51.75 15.47
CA THR C 257 60.94 -52.25 16.24
C THR C 257 60.58 -53.44 17.16
N GLY C 258 59.32 -53.82 17.29
CA GLY C 258 58.99 -55.00 18.09
C GLY C 258 59.00 -54.69 19.57
N GLU C 259 59.32 -53.46 20.00
CA GLU C 259 59.11 -53.05 21.42
C GLU C 259 57.74 -52.36 21.59
N ARG C 260 57.36 -52.13 22.86
CA ARG C 260 55.98 -51.69 23.27
C ARG C 260 56.07 -50.82 24.53
N THR C 261 55.31 -49.72 24.61
CA THR C 261 55.30 -48.80 25.80
C THR C 261 54.44 -49.39 26.93
N SER C 262 54.49 -48.80 28.12
CA SER C 262 53.72 -49.34 29.26
C SER C 262 52.20 -49.25 28.99
N GLU C 263 51.74 -48.37 28.08
CA GLU C 263 50.32 -48.36 27.59
C GLU C 263 50.13 -49.41 26.47
N GLY C 264 51.17 -50.08 26.00
CA GLY C 264 50.98 -51.15 24.99
C GLY C 264 50.89 -50.60 23.58
N PHE C 265 51.37 -49.37 23.36
CA PHE C 265 51.63 -48.85 21.99
C PHE C 265 52.83 -49.60 21.42
N TYR C 266 52.79 -49.87 20.12
CA TYR C 266 53.90 -50.43 19.33
C TYR C 266 54.80 -49.26 18.91
N ARG C 267 56.09 -49.31 19.26
CA ARG C 267 57.11 -48.32 18.79
C ARG C 267 57.41 -48.55 17.29
N VAL C 268 57.60 -47.47 16.54
CA VAL C 268 57.80 -47.52 15.05
C VAL C 268 58.91 -46.55 14.65
N ARG C 269 59.57 -46.84 13.50
CA ARG C 269 60.59 -45.98 12.82
C ARG C 269 59.86 -44.99 11.92
N ALA C 270 59.45 -43.86 12.50
CA ALA C 270 58.91 -42.68 11.80
C ALA C 270 59.96 -42.18 10.82
N GLY C 271 59.58 -41.26 9.95
CA GLY C 271 60.45 -40.69 8.90
C GLY C 271 59.79 -40.83 7.55
N LEU C 272 60.33 -40.19 6.53
CA LEU C 272 59.66 -40.08 5.20
C LEU C 272 59.22 -41.46 4.72
N ASP C 273 59.86 -42.53 5.17
CA ASP C 273 59.59 -43.88 4.64
C ASP C 273 58.17 -44.29 5.05
N GLN C 274 57.82 -44.17 6.35
CA GLN C 274 56.49 -44.50 6.94
C GLN C 274 55.44 -43.47 6.46
N ALA C 275 55.84 -42.20 6.30
CA ALA C 275 55.02 -41.14 5.66
C ALA C 275 54.65 -41.53 4.22
N ILE C 276 55.62 -41.97 3.40
CA ILE C 276 55.37 -42.42 1.99
C ILE C 276 54.47 -43.66 2.00
N ALA C 277 54.78 -44.66 2.84
CA ALA C 277 54.00 -45.92 2.92
C ALA C 277 52.53 -45.54 3.11
N ARG C 278 52.23 -44.65 4.08
CA ARG C 278 50.83 -44.26 4.40
C ARG C 278 50.28 -43.48 3.21
N GLY C 279 51.04 -42.52 2.66
CA GLY C 279 50.64 -41.69 1.50
C GLY C 279 50.20 -42.55 0.31
N LEU C 280 51.02 -43.52 -0.07
CA LEU C 280 50.73 -44.50 -1.16
C LEU C 280 49.44 -45.29 -0.86
N ALA C 281 49.27 -45.71 0.40
CA ALA C 281 48.15 -46.58 0.84
C ALA C 281 46.85 -45.80 0.73
N TYR C 282 46.85 -44.51 1.07
CA TYR C 282 45.63 -43.67 1.21
C TYR C 282 45.22 -43.09 -0.14
N ALA C 283 46.12 -43.04 -1.11
CA ALA C 283 45.95 -42.20 -2.32
C ALA C 283 44.85 -42.72 -3.26
N PRO C 284 44.54 -44.04 -3.34
CA PRO C 284 43.42 -44.51 -4.16
C PRO C 284 42.05 -44.08 -3.62
N TYR C 285 42.06 -43.45 -2.44
CA TYR C 285 40.87 -43.20 -1.58
C TYR C 285 40.66 -41.70 -1.37
N ALA C 286 41.61 -40.88 -1.82
CA ALA C 286 41.79 -39.44 -1.46
C ALA C 286 41.98 -38.59 -2.70
N ASP C 287 41.46 -37.37 -2.71
CA ASP C 287 41.62 -36.47 -3.86
C ASP C 287 42.99 -35.76 -3.75
N MET C 288 43.52 -35.73 -2.54
CA MET C 288 44.74 -34.95 -2.21
C MET C 288 45.45 -35.62 -1.02
N ILE C 289 46.78 -35.63 -1.05
CA ILE C 289 47.63 -36.27 -0.01
C ILE C 289 48.40 -35.16 0.70
N TRP C 290 48.42 -35.22 2.03
CA TRP C 290 49.11 -34.26 2.93
C TRP C 290 50.03 -35.05 3.88
N CYS C 291 51.33 -34.75 3.82
CA CYS C 291 52.38 -35.35 4.67
C CYS C 291 52.81 -34.34 5.73
N GLU C 292 52.22 -34.37 6.92
CA GLU C 292 52.77 -33.56 8.04
C GLU C 292 54.31 -33.68 8.02
N THR C 293 55.00 -32.67 8.51
CA THR C 293 56.43 -32.38 8.25
C THR C 293 57.00 -31.73 9.50
N SER C 294 58.21 -32.07 9.89
CA SER C 294 58.83 -31.47 11.10
C SER C 294 59.33 -30.04 10.82
N GLU C 295 59.82 -29.75 9.61
CA GLU C 295 60.28 -28.38 9.24
C GLU C 295 59.97 -28.08 7.78
N PRO C 296 60.05 -26.81 7.35
CA PRO C 296 59.88 -26.47 5.93
C PRO C 296 61.17 -26.82 5.18
N ASN C 297 61.19 -27.99 4.54
CA ASN C 297 62.37 -28.57 3.85
C ASN C 297 61.97 -28.86 2.40
N LEU C 298 62.28 -27.96 1.47
CA LEU C 298 61.84 -28.13 0.07
C LEU C 298 62.27 -29.52 -0.46
N GLU C 299 63.40 -30.07 0.01
CA GLU C 299 63.97 -31.38 -0.45
C GLU C 299 63.03 -32.52 -0.06
N GLU C 300 62.65 -32.61 1.24
CA GLU C 300 61.72 -33.61 1.84
C GLU C 300 60.37 -33.58 1.09
N ALA C 301 59.92 -32.41 0.68
CA ALA C 301 58.68 -32.26 -0.09
C ALA C 301 58.88 -32.82 -1.51
N ARG C 302 60.08 -32.60 -2.09
CA ARG C 302 60.44 -33.11 -3.45
C ARG C 302 60.45 -34.64 -3.38
N ARG C 303 61.00 -35.22 -2.31
CA ARG C 303 61.14 -36.69 -2.17
C ARG C 303 59.75 -37.30 -1.93
N PHE C 304 58.94 -36.68 -1.07
CA PHE C 304 57.56 -37.15 -0.76
C PHE C 304 56.73 -37.13 -2.06
N ALA C 305 56.66 -35.98 -2.73
CA ALA C 305 55.96 -35.78 -4.01
C ALA C 305 56.51 -36.73 -5.10
N GLU C 306 57.83 -36.93 -5.17
CA GLU C 306 58.45 -37.82 -6.19
C GLU C 306 57.88 -39.22 -5.94
N ALA C 307 57.95 -39.65 -4.68
CA ALA C 307 57.56 -41.01 -4.25
C ALA C 307 56.12 -41.27 -4.68
N ILE C 308 55.23 -40.28 -4.47
CA ILE C 308 53.76 -40.41 -4.65
C ILE C 308 53.43 -40.31 -6.13
N HIS C 309 54.07 -39.42 -6.89
CA HIS C 309 53.86 -39.32 -8.36
C HIS C 309 54.43 -40.58 -9.04
N ALA C 310 55.51 -41.14 -8.51
CA ALA C 310 56.09 -42.41 -9.01
C ALA C 310 54.98 -43.45 -9.26
N GLN C 311 53.97 -43.58 -8.39
CA GLN C 311 52.89 -44.57 -8.60
C GLN C 311 51.53 -43.91 -8.85
N PHE C 312 51.41 -42.58 -8.69
CA PHE C 312 50.11 -41.87 -8.80
C PHE C 312 50.35 -40.56 -9.54
N PRO C 313 50.74 -40.61 -10.83
CA PRO C 313 51.06 -39.37 -11.56
C PRO C 313 49.95 -38.33 -11.40
N GLY C 314 50.32 -37.07 -11.17
CA GLY C 314 49.41 -35.90 -11.11
C GLY C 314 48.45 -35.89 -9.93
N LYS C 315 48.72 -36.70 -8.89
CA LYS C 315 47.84 -36.76 -7.70
C LYS C 315 48.06 -35.46 -6.95
N LEU C 316 46.98 -34.76 -6.63
CA LEU C 316 47.07 -33.46 -5.91
C LEU C 316 47.79 -33.65 -4.58
N LEU C 317 48.61 -32.69 -4.20
CA LEU C 317 49.28 -32.69 -2.89
C LEU C 317 49.02 -31.34 -2.20
N ALA C 318 48.85 -31.37 -0.89
CA ALA C 318 48.72 -30.17 -0.02
C ALA C 318 49.92 -30.11 0.92
N TYR C 319 50.30 -28.88 1.30
CA TYR C 319 51.46 -28.58 2.16
C TYR C 319 51.04 -27.53 3.20
N ASN C 320 51.31 -27.87 4.47
CA ASN C 320 51.05 -27.02 5.66
C ASN C 320 52.28 -26.11 5.84
N CYS C 321 52.18 -24.82 5.51
CA CYS C 321 53.23 -23.83 5.80
C CYS C 321 52.99 -23.34 7.22
N SER C 322 53.34 -24.16 8.19
CA SER C 322 52.91 -24.07 9.61
C SER C 322 53.61 -22.93 10.34
N PRO C 323 52.86 -22.01 11.03
CA PRO C 323 53.41 -21.15 12.08
C PRO C 323 54.02 -21.94 13.25
N SER C 324 53.85 -23.27 13.18
CA SER C 324 54.45 -24.23 14.13
C SER C 324 55.94 -24.39 13.80
N PHE C 325 56.43 -23.79 12.70
CA PHE C 325 57.88 -23.68 12.37
C PHE C 325 58.39 -22.26 12.62
N ASN C 326 59.65 -22.17 13.10
CA ASN C 326 60.43 -20.93 13.29
C ASN C 326 61.16 -20.63 11.99
N TRP C 327 60.46 -20.01 11.06
CA TRP C 327 60.82 -19.98 9.62
C TRP C 327 62.25 -19.48 9.41
N LYS C 328 62.63 -18.36 10.01
CA LYS C 328 63.93 -17.69 9.74
C LYS C 328 65.04 -18.40 10.50
N LYS C 329 64.72 -19.37 11.35
CA LYS C 329 65.73 -20.30 11.91
C LYS C 329 66.04 -21.39 10.88
N LYS C 330 65.04 -21.92 10.20
CA LYS C 330 65.23 -23.14 9.37
C LYS C 330 65.68 -22.76 7.95
N LEU C 331 65.56 -21.48 7.56
CA LEU C 331 65.61 -21.04 6.14
C LEU C 331 66.13 -19.61 6.02
N ASP C 332 66.91 -19.35 4.97
CA ASP C 332 67.37 -18.00 4.52
C ASP C 332 66.20 -17.25 3.83
N ASP C 333 66.25 -15.92 3.83
CA ASP C 333 65.15 -15.02 3.39
C ASP C 333 64.83 -15.24 1.89
N ALA C 334 65.78 -15.68 1.07
CA ALA C 334 65.55 -15.98 -0.37
C ALA C 334 64.67 -17.25 -0.49
N THR C 335 65.04 -18.37 0.15
CA THR C 335 64.24 -19.63 0.11
C THR C 335 62.81 -19.38 0.61
N ILE C 336 62.65 -18.74 1.77
CA ILE C 336 61.29 -18.34 2.25
C ILE C 336 60.59 -17.69 1.06
N ALA C 337 61.15 -16.60 0.51
CA ALA C 337 60.56 -15.79 -0.59
C ALA C 337 60.08 -16.69 -1.74
N ALA C 338 60.71 -17.83 -1.98
CA ALA C 338 60.42 -18.71 -3.14
C ALA C 338 59.61 -19.93 -2.71
N PHE C 339 59.49 -20.16 -1.39
CA PHE C 339 58.96 -21.42 -0.81
C PHE C 339 57.71 -21.89 -1.56
N GLN C 340 56.65 -21.07 -1.66
CA GLN C 340 55.33 -21.49 -2.22
C GLN C 340 55.40 -21.74 -3.73
N ARG C 341 56.18 -20.97 -4.49
CA ARG C 341 56.45 -21.25 -5.94
C ARG C 341 57.07 -22.65 -6.06
N GLU C 342 58.12 -22.94 -5.29
CA GLU C 342 58.85 -24.23 -5.34
C GLU C 342 57.89 -25.38 -5.01
N LEU C 343 57.12 -25.24 -3.93
CA LEU C 343 56.16 -26.28 -3.48
C LEU C 343 55.11 -26.43 -4.56
N GLY C 344 54.73 -25.28 -5.14
CA GLY C 344 53.87 -25.21 -6.33
C GLY C 344 54.33 -26.21 -7.37
N ALA C 345 55.54 -26.01 -7.90
CA ALA C 345 56.10 -26.74 -9.07
C ALA C 345 56.25 -28.25 -8.82
N MET C 346 56.25 -28.74 -7.59
CA MET C 346 56.39 -30.20 -7.34
C MET C 346 55.03 -30.90 -7.35
N GLY C 347 53.92 -30.16 -7.41
CA GLY C 347 52.56 -30.74 -7.32
C GLY C 347 51.75 -30.37 -6.07
N TYR C 348 52.22 -29.47 -5.18
CA TYR C 348 51.52 -29.06 -3.92
C TYR C 348 50.55 -27.94 -4.26
N LYS C 349 49.37 -28.30 -4.79
CA LYS C 349 48.46 -27.33 -5.46
C LYS C 349 47.66 -26.55 -4.41
N PHE C 350 47.56 -27.10 -3.19
CA PHE C 350 46.91 -26.41 -2.05
C PHE C 350 47.87 -26.24 -0.89
N GLN C 351 48.19 -24.99 -0.57
CA GLN C 351 49.14 -24.61 0.52
C GLN C 351 48.47 -23.62 1.47
N PHE C 352 48.64 -23.82 2.78
CA PHE C 352 47.79 -23.16 3.81
C PHE C 352 48.60 -22.91 5.08
N VAL C 353 48.70 -21.63 5.48
CA VAL C 353 49.24 -21.22 6.81
C VAL C 353 48.15 -21.43 7.87
N THR C 354 48.19 -22.56 8.55
CA THR C 354 47.13 -23.11 9.42
C THR C 354 46.76 -22.10 10.51
N LEU C 355 47.73 -21.69 11.34
CA LEU C 355 47.51 -20.82 12.53
C LEU C 355 47.64 -19.31 12.19
N ALA C 356 47.38 -18.91 10.94
CA ALA C 356 47.55 -17.50 10.53
C ALA C 356 46.58 -16.62 11.32
N GLY C 357 45.36 -17.13 11.52
CA GLY C 357 44.27 -16.41 12.20
C GLY C 357 44.60 -16.07 13.64
N PHE C 358 45.10 -17.09 14.39
CA PHE C 358 45.49 -16.99 15.82
C PHE C 358 46.56 -15.90 15.95
N HIS C 359 47.60 -16.00 15.12
CA HIS C 359 48.79 -15.11 15.23
C HIS C 359 48.34 -13.69 14.87
N ALA C 360 47.55 -13.58 13.82
CA ALA C 360 47.01 -12.30 13.35
C ALA C 360 46.13 -11.68 14.46
N LEU C 361 45.35 -12.49 15.18
CA LEU C 361 44.37 -11.94 16.15
C LEU C 361 45.10 -11.52 17.44
N ASN C 362 45.99 -12.39 17.89
CA ASN C 362 46.64 -12.31 19.21
C ASN C 362 47.69 -11.19 19.14
N TYR C 363 48.52 -11.17 18.10
CA TYR C 363 49.60 -10.15 17.96
C TYR C 363 48.95 -8.78 17.77
N SER C 364 47.94 -8.69 16.90
CA SER C 364 47.27 -7.40 16.52
C SER C 364 46.63 -6.77 17.75
N MET C 365 45.96 -7.55 18.60
CA MET C 365 45.28 -7.03 19.82
C MET C 365 46.35 -6.65 20.84
N PHE C 366 47.43 -7.44 20.93
CA PHE C 366 48.55 -7.17 21.85
C PHE C 366 49.18 -5.83 21.50
N GLU C 367 49.48 -5.59 20.23
CA GLU C 367 50.15 -4.32 19.92
C GLU C 367 49.17 -3.17 20.23
N LEU C 368 47.87 -3.30 19.97
CA LEU C 368 46.92 -2.17 20.14
C LEU C 368 46.71 -1.91 21.63
N ALA C 369 46.33 -2.96 22.36
CA ALA C 369 46.13 -2.97 23.83
C ALA C 369 47.35 -2.37 24.55
N ARG C 370 48.58 -2.77 24.19
CA ARG C 370 49.80 -2.31 24.91
C ARG C 370 50.06 -0.83 24.62
N ASN C 371 49.95 -0.38 23.37
CA ASN C 371 50.05 1.06 23.00
C ASN C 371 48.92 1.86 23.66
N TYR C 372 47.72 1.30 23.72
CA TYR C 372 46.56 1.95 24.35
C TYR C 372 46.87 2.19 25.83
N ARG C 373 47.43 1.22 26.55
CA ARG C 373 47.74 1.41 27.99
C ARG C 373 48.69 2.59 28.08
N ASP C 374 49.63 2.68 27.14
CA ASP C 374 50.74 3.65 27.21
C ASP C 374 50.23 5.02 26.73
N ARG C 375 49.63 5.11 25.54
CA ARG C 375 49.34 6.41 24.87
C ARG C 375 47.84 6.61 24.64
N GLY C 376 46.95 5.78 25.18
CA GLY C 376 45.49 5.92 25.04
C GLY C 376 45.05 6.12 23.60
N MET C 377 44.31 7.17 23.28
CA MET C 377 43.60 7.32 21.98
C MET C 377 44.59 7.60 20.85
N ALA C 378 45.84 7.94 21.14
CA ALA C 378 46.91 7.99 20.12
C ALA C 378 47.04 6.62 19.44
N ALA C 379 47.09 5.56 20.26
CA ALA C 379 47.12 4.15 19.80
C ALA C 379 45.95 3.92 18.84
N TYR C 380 44.72 4.27 19.21
CA TYR C 380 43.56 3.97 18.34
C TYR C 380 43.61 4.85 17.09
N SER C 381 43.95 6.13 17.22
CA SER C 381 44.02 7.04 16.05
C SER C 381 44.96 6.45 15.01
N GLU C 382 46.09 5.90 15.46
CA GLU C 382 47.15 5.33 14.57
C GLU C 382 46.58 4.16 13.77
N LEU C 383 45.79 3.30 14.43
CA LEU C 383 45.17 2.11 13.81
C LEU C 383 44.19 2.60 12.77
N GLN C 384 43.35 3.57 13.14
CA GLN C 384 42.33 4.15 12.23
C GLN C 384 43.05 4.79 11.03
N GLN C 385 44.21 5.41 11.24
CA GLN C 385 44.95 6.03 10.12
C GLN C 385 45.52 4.90 9.24
N ALA C 386 46.12 3.85 9.81
CA ALA C 386 46.58 2.65 9.08
C ALA C 386 45.42 2.07 8.23
N GLU C 387 44.22 2.10 8.79
CA GLU C 387 43.02 1.52 8.13
C GLU C 387 42.67 2.42 6.95
N PHE C 388 42.76 3.75 7.10
CA PHE C 388 42.48 4.70 6.01
C PHE C 388 43.50 4.50 4.87
N ALA C 389 44.79 4.56 5.19
CA ALA C 389 45.90 4.20 4.28
C ALA C 389 45.57 2.93 3.48
N ALA C 390 45.07 1.88 4.14
CA ALA C 390 44.91 0.55 3.51
C ALA C 390 43.73 0.59 2.53
N GLU C 391 42.98 1.69 2.46
CA GLU C 391 41.80 1.78 1.56
C GLU C 391 42.24 1.75 0.11
N ALA C 392 43.45 2.27 -0.18
CA ALA C 392 44.10 2.24 -1.52
C ALA C 392 44.24 0.80 -2.06
N TYR C 393 44.16 -0.23 -1.21
CA TYR C 393 44.49 -1.64 -1.58
C TYR C 393 43.25 -2.53 -1.60
N GLY C 394 42.07 -1.99 -1.29
CA GLY C 394 40.79 -2.74 -1.20
C GLY C 394 40.09 -2.56 0.14
N TYR C 395 40.82 -2.31 1.22
CA TYR C 395 40.29 -2.28 2.61
C TYR C 395 39.16 -1.24 2.66
N THR C 396 38.15 -1.49 3.48
CA THR C 396 36.90 -0.67 3.58
C THR C 396 36.29 -0.75 5.00
N ALA C 397 36.73 -1.71 5.81
CA ALA C 397 36.14 -2.01 7.13
C ALA C 397 36.26 -0.78 8.04
N THR C 398 37.14 0.17 7.73
CA THR C 398 37.30 1.43 8.50
C THR C 398 35.92 2.11 8.51
N ARG C 399 35.18 1.92 7.41
CA ARG C 399 33.73 2.22 7.27
C ARG C 399 32.94 0.96 7.69
N HIS C 400 32.89 0.71 9.00
CA HIS C 400 32.48 -0.56 9.67
C HIS C 400 30.95 -0.76 9.66
N GLN C 401 30.18 0.32 9.63
CA GLN C 401 28.69 0.23 9.55
C GLN C 401 28.29 -0.33 8.18
N ARG C 402 28.81 0.21 7.07
CA ARG C 402 28.58 -0.34 5.72
C ARG C 402 29.13 -1.77 5.70
N GLU C 403 30.26 -2.03 6.36
CA GLU C 403 31.10 -3.24 6.16
C GLU C 403 30.32 -4.51 6.51
N VAL C 404 29.45 -4.42 7.53
CA VAL C 404 28.74 -5.54 8.21
C VAL C 404 27.27 -5.59 7.75
N GLY C 405 26.81 -4.57 7.03
CA GLY C 405 25.55 -4.61 6.27
C GLY C 405 24.49 -3.63 6.73
N THR C 406 24.85 -2.52 7.37
CA THR C 406 23.86 -1.45 7.69
C THR C 406 23.23 -0.89 6.39
N GLY C 407 24.02 -0.81 5.32
CA GLY C 407 23.53 -0.38 4.00
C GLY C 407 22.43 -1.32 3.55
N TYR C 408 22.73 -2.60 3.56
CA TYR C 408 21.87 -3.67 2.99
C TYR C 408 20.55 -3.69 3.75
N PHE C 409 20.62 -3.73 5.08
CA PHE C 409 19.46 -3.81 5.98
C PHE C 409 18.66 -2.51 5.94
N ASP C 410 19.29 -1.39 5.58
CA ASP C 410 18.52 -0.13 5.39
C ASP C 410 17.65 -0.33 4.16
N GLU C 411 18.16 -0.93 3.10
CA GLU C 411 17.43 -1.07 1.81
C GLU C 411 16.29 -2.08 2.00
N VAL C 412 16.50 -3.13 2.78
CA VAL C 412 15.45 -4.11 3.23
C VAL C 412 14.33 -3.35 3.95
N ALA C 413 14.71 -2.58 4.97
CA ALA C 413 13.79 -1.77 5.79
C ALA C 413 12.99 -0.81 4.89
N GLN C 414 13.56 -0.31 3.80
CA GLN C 414 12.84 0.65 2.91
C GLN C 414 11.88 -0.17 2.01
N VAL C 415 12.29 -1.32 1.48
CA VAL C 415 11.32 -2.16 0.73
C VAL C 415 10.14 -2.50 1.65
N ILE C 416 10.37 -2.76 2.94
CA ILE C 416 9.32 -3.21 3.90
C ILE C 416 8.35 -2.05 4.20
N ALA C 417 8.84 -0.85 4.43
CA ALA C 417 7.97 0.32 4.69
C ALA C 417 7.30 0.74 3.37
N GLY C 418 8.08 0.98 2.31
CA GLY C 418 7.64 1.54 1.02
C GLY C 418 8.25 2.90 0.76
N GLY C 419 9.36 3.25 1.43
CA GLY C 419 10.07 4.54 1.31
C GLY C 419 9.80 5.45 2.50
N GLU C 420 8.81 5.09 3.33
CA GLU C 420 8.28 5.96 4.42
C GLU C 420 8.71 5.36 5.78
N ILE C 421 9.98 5.55 6.17
CA ILE C 421 10.48 5.19 7.54
C ILE C 421 11.35 6.34 8.07
N SER C 422 11.08 6.75 9.31
CA SER C 422 11.89 7.76 10.04
C SER C 422 13.06 7.07 10.76
N THR C 423 13.27 5.75 10.57
CA THR C 423 14.23 4.90 11.35
C THR C 423 15.34 4.31 10.44
N THR C 424 15.53 4.78 9.21
CA THR C 424 16.76 4.51 8.41
C THR C 424 18.00 4.86 9.26
N ALA C 425 18.96 3.91 9.33
CA ALA C 425 20.10 3.87 10.27
C ALA C 425 21.36 4.54 9.68
N LEU C 426 21.73 4.20 8.45
CA LEU C 426 22.98 4.70 7.81
C LEU C 426 22.81 6.20 7.52
N THR C 427 21.59 6.63 7.16
CA THR C 427 21.20 8.06 6.98
C THR C 427 21.23 8.78 8.32
N GLY C 428 22.14 9.75 8.51
CA GLY C 428 22.25 10.59 9.71
C GLY C 428 23.19 10.00 10.74
N SER C 429 23.96 8.99 10.35
CA SER C 429 24.99 8.34 11.19
C SER C 429 26.33 9.13 11.09
N THR C 430 27.18 8.96 12.11
CA THR C 430 28.56 9.49 12.18
C THR C 430 29.38 8.96 10.98
N GLU C 431 29.01 7.81 10.43
CA GLU C 431 29.68 7.19 9.24
C GLU C 431 29.42 8.03 7.99
N GLU C 432 28.16 8.36 7.74
CA GLU C 432 27.75 9.16 6.56
C GLU C 432 28.26 10.60 6.75
N GLU C 433 28.53 11.08 7.97
CA GLU C 433 28.83 12.51 8.26
C GLU C 433 30.27 12.80 8.65
N GLN C 434 31.20 11.83 8.62
CA GLN C 434 32.60 12.05 9.11
C GLN C 434 33.65 11.19 8.37
N PHE C 435 33.29 10.41 7.35
CA PHE C 435 34.22 9.47 6.66
C PHE C 435 34.25 9.76 5.15
N MET D 13 13.60 -16.59 63.94
CA MET D 13 13.12 -17.19 62.66
C MET D 13 14.21 -16.99 61.58
N ASP D 14 14.67 -18.10 61.00
CA ASP D 14 15.79 -18.16 60.03
C ASP D 14 15.48 -17.22 58.83
N ARG D 15 14.21 -17.15 58.41
CA ARG D 15 13.68 -16.21 57.38
C ARG D 15 14.03 -14.75 57.77
N ALA D 16 13.82 -14.35 59.04
CA ALA D 16 14.02 -12.96 59.54
C ALA D 16 15.51 -12.58 59.43
N ALA D 17 16.43 -13.50 59.71
CA ALA D 17 17.86 -13.22 59.53
C ALA D 17 18.11 -12.87 58.05
N GLN D 18 17.60 -13.71 57.15
CA GLN D 18 17.86 -13.61 55.69
C GLN D 18 17.38 -12.24 55.19
N ILE D 19 16.19 -11.83 55.63
CA ILE D 19 15.58 -10.53 55.26
C ILE D 19 16.36 -9.39 55.94
N LYS D 20 16.91 -9.63 57.13
CA LYS D 20 17.80 -8.66 57.82
C LYS D 20 19.11 -8.55 57.04
N GLN D 21 19.69 -9.69 56.64
CA GLN D 21 21.07 -9.76 56.06
C GLN D 21 21.08 -9.08 54.67
N ILE D 22 20.00 -9.20 53.90
CA ILE D 22 19.84 -8.47 52.61
C ILE D 22 19.96 -6.98 52.92
N ALA D 23 19.02 -6.47 53.73
CA ALA D 23 18.90 -5.05 54.18
C ALA D 23 20.28 -4.50 54.59
N ASP D 24 20.99 -5.21 55.47
CA ASP D 24 22.33 -4.82 55.95
C ASP D 24 23.25 -4.60 54.74
N SER D 25 23.12 -5.45 53.70
CA SER D 25 24.04 -5.42 52.54
C SER D 25 23.72 -4.19 51.69
N TRP D 26 22.46 -3.78 51.64
CA TRP D 26 21.98 -2.57 50.92
C TRP D 26 22.51 -1.30 51.58
N ASN D 27 22.74 -1.36 52.89
CA ASN D 27 22.98 -0.19 53.77
C ASN D 27 24.50 -0.15 53.95
N THR D 28 25.22 0.13 52.86
CA THR D 28 26.70 0.11 52.79
C THR D 28 27.16 1.21 51.85
N PRO D 29 28.43 1.68 51.93
CA PRO D 29 28.89 2.76 51.06
C PRO D 29 28.73 2.41 49.56
N ARG D 30 28.73 1.12 49.23
CA ARG D 30 28.57 0.59 47.85
C ARG D 30 27.30 1.18 47.22
N PHE D 31 26.20 1.25 47.98
CA PHE D 31 24.87 1.68 47.50
C PHE D 31 24.51 3.09 47.98
N ALA D 32 25.52 3.92 48.27
CA ALA D 32 25.44 5.20 49.03
C ALA D 32 24.29 6.05 48.51
N GLY D 33 24.27 6.35 47.20
CA GLY D 33 23.28 7.28 46.66
C GLY D 33 22.12 6.65 45.90
N ILE D 34 21.90 5.35 45.99
CA ILE D 34 21.01 4.67 44.98
C ILE D 34 19.76 4.12 45.68
N VAL D 35 18.64 4.25 44.97
CA VAL D 35 17.25 4.00 45.42
C VAL D 35 16.81 2.62 44.93
N ARG D 36 16.14 1.85 45.80
CA ARG D 36 15.49 0.56 45.45
C ARG D 36 14.00 0.68 45.74
N PRO D 37 13.12 0.85 44.72
CA PRO D 37 11.69 1.02 44.97
C PRO D 37 11.01 -0.29 45.38
N TYR D 38 11.73 -1.17 46.07
CA TYR D 38 11.25 -2.52 46.44
C TYR D 38 11.87 -2.81 47.80
N THR D 39 11.47 -3.89 48.46
CA THR D 39 11.84 -4.13 49.89
C THR D 39 12.70 -5.38 49.97
N PRO D 40 13.49 -5.53 51.05
CA PRO D 40 14.23 -6.76 51.30
C PRO D 40 13.30 -8.00 51.29
N GLU D 41 12.06 -7.82 51.74
CA GLU D 41 11.06 -8.93 51.78
C GLU D 41 10.78 -9.39 50.34
N ASP D 42 10.68 -8.45 49.39
CA ASP D 42 10.51 -8.72 47.94
C ASP D 42 11.68 -9.59 47.43
N VAL D 43 12.88 -9.08 47.55
CA VAL D 43 14.07 -9.82 47.09
C VAL D 43 13.98 -11.23 47.65
N TYR D 44 13.69 -11.37 48.94
CA TYR D 44 13.58 -12.69 49.61
C TYR D 44 12.56 -13.57 48.86
N ARG D 45 11.36 -13.06 48.59
CA ARG D 45 10.21 -13.84 48.03
C ARG D 45 10.56 -14.37 46.61
N LEU D 46 11.46 -13.68 45.92
CA LEU D 46 11.72 -13.93 44.50
C LEU D 46 13.01 -14.73 44.31
N ARG D 47 13.84 -14.89 45.34
CA ARG D 47 15.21 -15.43 45.14
C ARG D 47 15.28 -16.94 45.41
N GLY D 48 14.18 -17.65 45.58
CA GLY D 48 14.19 -19.12 45.83
C GLY D 48 14.64 -19.47 47.24
N SER D 49 14.84 -20.77 47.54
CA SER D 49 15.16 -21.26 48.90
C SER D 49 16.67 -21.43 49.10
N VAL D 50 17.49 -21.30 48.04
CA VAL D 50 18.93 -21.68 48.07
C VAL D 50 19.71 -20.55 47.43
N GLN D 51 20.78 -20.12 48.09
CA GLN D 51 21.63 -18.96 47.72
C GLN D 51 22.72 -19.47 46.79
N ILE D 52 22.56 -19.43 45.46
CA ILE D 52 23.62 -19.95 44.54
C ILE D 52 24.75 -18.90 44.44
N GLU D 53 26.00 -19.35 44.34
CA GLU D 53 27.22 -18.51 44.51
C GLU D 53 27.86 -18.24 43.13
N TYR D 54 27.94 -16.98 42.75
CA TYR D 54 28.51 -16.49 41.46
C TYR D 54 29.86 -15.82 41.74
N THR D 55 30.88 -16.64 41.96
CA THR D 55 32.25 -16.19 42.30
C THR D 55 32.77 -15.17 41.30
N LEU D 56 32.69 -15.43 40.00
CA LEU D 56 33.38 -14.58 38.99
C LEU D 56 32.72 -13.22 39.00
N ALA D 57 31.41 -13.15 39.15
CA ALA D 57 30.64 -11.88 39.13
C ALA D 57 30.98 -11.02 40.38
N ARG D 58 30.83 -11.62 41.56
CA ARG D 58 31.06 -10.98 42.88
C ARG D 58 32.45 -10.34 42.87
N MET D 59 33.46 -11.13 42.49
CA MET D 59 34.88 -10.73 42.44
C MET D 59 35.05 -9.51 41.53
N GLY D 60 34.38 -9.57 40.38
CA GLY D 60 34.52 -8.59 39.29
C GLY D 60 33.87 -7.28 39.66
N ALA D 61 32.69 -7.34 40.27
CA ALA D 61 31.96 -6.16 40.73
C ALA D 61 32.76 -5.53 41.85
N GLU D 62 33.27 -6.34 42.77
CA GLU D 62 34.02 -5.81 43.94
C GLU D 62 35.30 -5.13 43.45
N ARG D 63 36.03 -5.75 42.52
CA ARG D 63 37.25 -5.16 41.90
C ARG D 63 36.94 -3.99 40.94
N LEU D 64 35.85 -4.05 40.17
CA LEU D 64 35.50 -2.97 39.21
C LEU D 64 35.19 -1.72 40.02
N TRP D 65 34.50 -1.91 41.15
CA TRP D 65 34.10 -0.83 42.08
C TRP D 65 35.36 -0.20 42.70
N ASN D 66 36.21 -1.05 43.27
CA ASN D 66 37.47 -0.67 43.96
C ASN D 66 38.40 0.03 42.96
N LEU D 67 38.55 -0.49 41.75
CA LEU D 67 39.36 0.14 40.68
C LEU D 67 38.81 1.51 40.30
N LEU D 68 37.51 1.62 40.04
CA LEU D 68 36.89 2.88 39.56
C LEU D 68 37.03 3.99 40.61
N HIS D 69 37.26 3.63 41.88
CA HIS D 69 37.48 4.60 43.01
C HIS D 69 38.98 4.82 43.21
N THR D 70 39.79 3.78 43.46
CA THR D 70 41.26 3.91 43.61
C THR D 70 41.85 4.63 42.38
N GLU D 71 41.79 4.05 41.16
CA GLU D 71 42.58 4.48 39.96
C GLU D 71 42.17 5.86 39.41
N PRO D 72 43.07 6.57 38.68
CA PRO D 72 42.72 7.85 38.08
C PRO D 72 41.54 7.71 37.09
N TYR D 73 41.59 6.64 36.30
CA TYR D 73 40.48 6.14 35.43
C TYR D 73 40.86 4.74 34.92
N ILE D 74 39.92 4.06 34.26
CA ILE D 74 40.14 2.69 33.72
C ILE D 74 39.76 2.68 32.24
N ASN D 75 40.74 2.60 31.36
CA ASN D 75 40.53 2.52 29.90
C ASN D 75 40.52 1.04 29.51
N ALA D 76 39.53 0.64 28.71
CA ALA D 76 39.39 -0.72 28.18
C ALA D 76 39.20 -0.70 26.66
N LEU D 77 39.24 -1.88 26.06
CA LEU D 77 38.96 -2.13 24.62
C LEU D 77 37.94 -3.27 24.49
N GLY D 78 37.18 -3.24 23.40
CA GLY D 78 36.23 -4.30 23.08
C GLY D 78 36.95 -5.61 22.78
N ALA D 79 36.58 -6.67 23.48
CA ALA D 79 36.98 -8.04 23.12
C ALA D 79 35.78 -8.69 22.45
N LEU D 80 36.04 -9.54 21.46
CA LEU D 80 34.99 -10.39 20.82
C LEU D 80 35.46 -11.83 20.76
N THR D 81 36.68 -12.13 21.20
CA THR D 81 37.12 -13.52 21.43
C THR D 81 37.80 -13.54 22.80
N GLY D 82 37.80 -14.70 23.46
CA GLY D 82 38.61 -14.93 24.67
C GLY D 82 40.06 -14.50 24.47
N ASN D 83 40.66 -14.78 23.31
CA ASN D 83 42.09 -14.51 23.06
C ASN D 83 42.30 -12.99 23.11
N GLN D 84 41.42 -12.20 22.51
CA GLN D 84 41.52 -10.72 22.51
C GLN D 84 41.49 -10.26 23.95
N ALA D 85 40.49 -10.68 24.70
CA ALA D 85 40.37 -10.41 26.15
C ALA D 85 41.71 -10.70 26.84
N MET D 86 42.33 -11.83 26.57
CA MET D 86 43.43 -12.25 27.46
C MET D 86 44.65 -11.42 27.09
N GLN D 87 44.85 -11.09 25.81
CA GLN D 87 46.01 -10.25 25.37
C GLN D 87 45.80 -8.81 25.85
N GLN D 88 44.56 -8.36 25.99
CA GLN D 88 44.24 -7.07 26.63
C GLN D 88 44.77 -7.12 28.08
N VAL D 89 44.48 -8.19 28.82
CA VAL D 89 44.93 -8.31 30.24
C VAL D 89 46.46 -8.42 30.31
N LYS D 90 47.07 -9.19 29.42
CA LYS D 90 48.54 -9.38 29.36
C LYS D 90 49.22 -8.04 29.06
N ALA D 91 48.65 -7.19 28.23
CA ALA D 91 49.24 -5.88 27.86
C ALA D 91 49.05 -4.90 29.02
N GLY D 92 48.31 -5.30 30.07
CA GLY D 92 48.16 -4.55 31.33
C GLY D 92 46.97 -3.59 31.38
N LEU D 93 45.94 -3.81 30.54
CA LEU D 93 44.64 -3.14 30.67
C LEU D 93 43.90 -3.89 31.77
N LYS D 94 43.33 -3.16 32.72
CA LYS D 94 42.80 -3.70 34.00
C LYS D 94 41.32 -4.09 33.90
N ALA D 95 40.70 -3.98 32.71
CA ALA D 95 39.28 -4.31 32.43
C ALA D 95 39.00 -4.52 30.92
N ILE D 96 37.94 -5.29 30.67
CA ILE D 96 37.54 -5.77 29.32
C ILE D 96 36.16 -5.21 29.03
N TYR D 97 35.94 -4.66 27.84
CA TYR D 97 34.62 -4.15 27.36
C TYR D 97 34.04 -5.17 26.38
N LEU D 98 32.75 -5.47 26.55
CA LEU D 98 32.00 -6.45 25.73
C LEU D 98 31.07 -5.62 24.83
N SER D 99 31.45 -5.43 23.58
CA SER D 99 30.62 -4.69 22.60
C SER D 99 29.61 -5.61 21.95
N GLY D 100 28.32 -5.33 22.08
CA GLY D 100 27.29 -6.07 21.33
C GLY D 100 27.34 -5.81 19.83
N TRP D 101 27.76 -4.61 19.43
CA TRP D 101 28.08 -4.28 18.01
C TRP D 101 28.95 -5.39 17.41
N GLN D 102 29.93 -5.79 18.21
CA GLN D 102 30.97 -6.79 17.92
C GLN D 102 30.32 -8.17 17.92
N VAL D 103 29.47 -8.45 18.90
CA VAL D 103 28.72 -9.73 18.99
C VAL D 103 27.96 -9.88 17.67
N ALA D 104 27.40 -8.77 17.21
CA ALA D 104 26.49 -8.72 16.06
C ALA D 104 27.28 -8.95 14.76
N ALA D 105 28.40 -8.28 14.58
CA ALA D 105 29.28 -8.32 13.39
C ALA D 105 29.95 -9.69 13.18
N ASP D 106 30.38 -10.39 14.26
CA ASP D 106 31.35 -11.51 14.14
C ASP D 106 31.38 -12.46 15.34
N ALA D 107 30.38 -12.52 16.23
CA ALA D 107 30.51 -13.30 17.49
C ALA D 107 29.15 -13.47 18.19
N ASN D 108 28.17 -14.07 17.53
CA ASN D 108 26.79 -14.18 18.05
C ASN D 108 26.31 -15.59 17.75
N LEU D 109 25.29 -16.05 18.48
CA LEU D 109 24.88 -17.48 18.51
C LEU D 109 24.04 -17.80 17.27
N ALA D 110 23.69 -16.84 16.43
CA ALA D 110 23.05 -17.09 15.14
C ALA D 110 24.12 -17.41 14.11
N GLY D 111 25.37 -17.00 14.37
CA GLY D 111 26.47 -17.14 13.41
C GLY D 111 26.21 -16.30 12.17
N GLN D 112 25.69 -15.08 12.36
CA GLN D 112 25.42 -14.11 11.27
C GLN D 112 26.32 -12.87 11.39
N MET D 113 26.71 -12.30 10.25
CA MET D 113 27.28 -10.94 10.24
C MET D 113 26.10 -9.96 10.21
N TYR D 114 25.94 -9.19 11.27
CA TYR D 114 24.78 -8.27 11.47
C TYR D 114 25.26 -6.85 11.74
N PRO D 115 24.58 -5.82 11.18
CA PRO D 115 24.63 -4.47 11.76
C PRO D 115 24.08 -4.42 13.20
N ASP D 116 24.25 -3.27 13.87
CA ASP D 116 23.89 -3.10 15.31
C ASP D 116 22.44 -2.66 15.40
N GLN D 117 21.52 -3.60 15.23
CA GLN D 117 20.04 -3.39 15.20
C GLN D 117 19.36 -4.56 15.94
N SER D 118 20.02 -5.11 16.97
CA SER D 118 19.47 -6.23 17.79
C SER D 118 18.78 -7.25 16.87
N LEU D 119 19.55 -7.92 16.02
CA LEU D 119 19.09 -9.04 15.16
C LEU D 119 19.57 -10.39 15.70
N TYR D 120 20.62 -10.40 16.52
CA TYR D 120 21.27 -11.63 17.05
C TYR D 120 20.51 -12.14 18.28
N PRO D 121 20.66 -13.44 18.63
CA PRO D 121 20.01 -14.03 19.80
C PRO D 121 20.51 -13.39 21.11
N ALA D 122 19.59 -13.05 22.01
CA ALA D 122 19.83 -12.23 23.24
C ALA D 122 20.85 -12.91 24.18
N ASN D 123 21.00 -14.23 24.13
CA ASN D 123 21.98 -14.96 24.99
C ASN D 123 23.39 -14.92 24.37
N SER D 124 23.58 -14.26 23.23
CA SER D 124 24.92 -14.15 22.59
C SER D 124 25.84 -13.36 23.50
N GLY D 125 25.36 -12.22 24.02
CA GLY D 125 26.18 -11.34 24.90
C GLY D 125 26.86 -12.09 26.05
N PRO D 126 26.07 -12.79 26.91
CA PRO D 126 26.61 -13.58 28.02
C PRO D 126 27.44 -14.80 27.65
N GLN D 127 27.04 -15.58 26.66
CA GLN D 127 27.86 -16.71 26.16
C GLN D 127 29.26 -16.19 25.93
N LEU D 128 29.39 -15.02 25.33
CA LEU D 128 30.72 -14.43 25.05
C LEU D 128 31.42 -14.09 26.38
N VAL D 129 30.72 -13.58 27.38
CA VAL D 129 31.39 -13.23 28.65
C VAL D 129 31.97 -14.52 29.25
N ARG D 130 31.16 -15.58 29.32
CA ARG D 130 31.58 -16.90 29.88
C ARG D 130 32.87 -17.34 29.15
N ASN D 131 32.80 -17.41 27.81
CA ASN D 131 33.92 -17.72 26.89
C ASN D 131 35.19 -16.97 27.29
N ILE D 132 35.09 -15.67 27.52
CA ILE D 132 36.24 -14.80 27.85
C ILE D 132 36.79 -15.26 29.20
N ASN D 133 35.93 -15.27 30.22
CA ASN D 133 36.28 -15.72 31.59
C ASN D 133 36.83 -17.16 31.56
N ASN D 134 36.28 -18.06 30.74
CA ASN D 134 36.89 -19.39 30.47
C ASN D 134 38.36 -19.21 30.05
N ALA D 135 38.67 -18.26 29.17
CA ALA D 135 40.04 -18.03 28.66
C ALA D 135 40.93 -17.43 29.75
N LEU D 136 40.46 -16.43 30.50
CA LEU D 136 41.25 -15.81 31.60
C LEU D 136 41.51 -16.87 32.66
N ARG D 137 40.52 -17.73 32.89
CA ARG D 137 40.56 -18.88 33.82
C ARG D 137 41.64 -19.88 33.37
N ARG D 138 41.82 -20.06 32.07
CA ARG D 138 42.84 -21.00 31.55
C ARG D 138 44.22 -20.31 31.62
N ALA D 139 44.27 -19.01 31.38
CA ALA D 139 45.51 -18.22 31.51
C ALA D 139 45.99 -18.26 32.97
N ASP D 140 45.03 -18.18 33.89
CA ASP D 140 45.30 -18.18 35.34
C ASP D 140 45.74 -19.59 35.74
N GLN D 141 45.15 -20.62 35.15
CA GLN D 141 45.54 -22.03 35.44
C GLN D 141 46.99 -22.19 35.01
N ILE D 142 47.33 -21.57 33.89
CA ILE D 142 48.66 -21.78 33.27
C ILE D 142 49.65 -21.12 34.19
N TYR D 143 49.51 -19.80 34.42
CA TYR D 143 50.48 -19.00 35.24
C TYR D 143 50.66 -19.65 36.61
N HIS D 144 49.54 -20.01 37.23
CA HIS D 144 49.54 -20.68 38.54
C HIS D 144 50.38 -21.95 38.52
N SER D 145 50.26 -22.80 37.48
CA SER D 145 50.94 -24.13 37.45
C SER D 145 52.45 -23.89 37.36
N GLU D 146 52.83 -22.77 36.74
CA GLU D 146 54.21 -22.32 36.51
C GLU D 146 54.73 -21.48 37.69
N GLY D 147 54.00 -21.40 38.80
CA GLY D 147 54.36 -20.55 39.95
C GLY D 147 54.59 -19.09 39.61
N ARG D 148 54.23 -18.62 38.40
CA ARG D 148 54.22 -17.17 38.05
C ARG D 148 53.03 -16.49 38.74
N ASN D 149 53.10 -15.18 39.02
CA ASN D 149 51.90 -14.39 39.44
C ASN D 149 52.12 -12.89 39.18
N ASP D 150 52.88 -12.53 38.15
CA ASP D 150 53.19 -11.12 37.79
C ASP D 150 52.02 -10.49 37.04
N ILE D 151 50.84 -11.09 37.06
CA ILE D 151 49.63 -10.64 36.30
C ILE D 151 48.36 -11.09 37.01
N TYR D 152 47.35 -10.21 37.11
CA TYR D 152 46.01 -10.50 37.67
C TYR D 152 45.06 -10.76 36.50
N TRP D 153 44.69 -12.03 36.28
CA TRP D 153 43.92 -12.52 35.09
C TRP D 153 42.45 -12.11 35.15
N PHE D 154 41.86 -12.11 36.35
CA PHE D 154 40.39 -11.97 36.52
C PHE D 154 40.01 -10.51 36.34
N ALA D 155 40.33 -9.91 35.18
CA ALA D 155 39.90 -8.54 34.82
C ALA D 155 38.39 -8.53 34.80
N PRO D 156 37.75 -7.50 35.40
CA PRO D 156 36.31 -7.36 35.36
C PRO D 156 35.89 -6.95 33.95
N ILE D 157 34.77 -7.53 33.52
CA ILE D 157 34.13 -7.32 32.19
C ILE D 157 32.91 -6.40 32.39
N VAL D 158 32.76 -5.40 31.53
CA VAL D 158 31.56 -4.54 31.44
C VAL D 158 30.86 -4.97 30.14
N ALA D 159 29.60 -5.36 30.25
CA ALA D 159 28.88 -6.06 29.15
C ALA D 159 27.69 -5.25 28.63
N ASP D 160 27.43 -5.37 27.31
CA ASP D 160 26.32 -4.71 26.56
C ASP D 160 25.03 -5.53 26.74
N ALA D 161 24.05 -4.95 27.42
CA ALA D 161 22.68 -5.50 27.57
C ALA D 161 21.76 -4.83 26.54
N GLU D 162 22.35 -4.13 25.56
CA GLU D 162 21.64 -3.26 24.60
C GLU D 162 20.51 -2.54 25.35
N ALA D 163 19.26 -2.71 24.91
CA ALA D 163 18.05 -2.17 25.58
C ALA D 163 17.27 -3.28 26.29
N GLY D 164 17.93 -4.32 26.81
CA GLY D 164 17.27 -5.41 27.55
C GLY D 164 16.62 -6.43 26.64
N PHE D 165 16.71 -6.25 25.33
CA PHE D 165 16.06 -7.21 24.39
C PHE D 165 14.61 -7.39 24.84
N GLY D 166 13.92 -6.29 25.19
CA GLY D 166 12.45 -6.28 25.31
C GLY D 166 11.97 -5.58 26.57
N GLY D 167 11.04 -6.18 27.29
CA GLY D 167 10.41 -5.59 28.49
C GLY D 167 11.29 -5.76 29.73
N PRO D 168 10.85 -5.24 30.88
CA PRO D 168 11.60 -5.41 32.12
C PRO D 168 11.91 -6.88 32.49
N LEU D 169 11.03 -7.81 32.14
CA LEU D 169 11.27 -9.25 32.45
C LEU D 169 12.47 -9.77 31.65
N ASN D 170 12.63 -9.26 30.43
CA ASN D 170 13.82 -9.52 29.57
C ASN D 170 15.08 -8.95 30.24
N VAL D 171 15.06 -7.68 30.68
CA VAL D 171 16.16 -7.01 31.44
C VAL D 171 16.57 -7.90 32.62
N PHE D 172 15.61 -8.30 33.46
CA PHE D 172 15.75 -9.28 34.57
C PHE D 172 16.57 -10.51 34.08
N GLU D 173 16.13 -11.14 33.00
CA GLU D 173 16.75 -12.42 32.57
C GLU D 173 18.17 -12.15 32.04
N ILE D 174 18.36 -11.13 31.22
CA ILE D 174 19.71 -10.90 30.61
C ILE D 174 20.73 -10.46 31.69
N MET D 175 20.29 -9.79 32.76
CA MET D 175 21.19 -9.39 33.87
C MET D 175 21.62 -10.68 34.60
N LYS D 176 20.65 -11.54 34.92
CA LYS D 176 20.91 -12.82 35.63
C LYS D 176 21.91 -13.63 34.80
N ALA D 177 21.69 -13.72 33.49
CA ALA D 177 22.50 -14.48 32.51
C ALA D 177 23.94 -13.98 32.53
N TYR D 178 24.10 -12.65 32.50
CA TYR D 178 25.40 -11.93 32.57
C TYR D 178 26.05 -12.22 33.93
N ILE D 179 25.32 -12.15 35.03
CA ILE D 179 25.91 -12.45 36.38
C ILE D 179 26.34 -13.93 36.40
N GLU D 180 25.47 -14.89 36.06
CA GLU D 180 25.81 -16.32 35.83
C GLU D 180 27.14 -16.44 35.08
N ALA D 181 27.35 -15.65 34.03
CA ALA D 181 28.52 -15.74 33.12
C ALA D 181 29.75 -15.05 33.72
N GLY D 182 29.58 -14.18 34.73
CA GLY D 182 30.72 -13.57 35.45
C GLY D 182 31.05 -12.15 35.01
N ALA D 183 30.05 -11.40 34.53
CA ALA D 183 30.16 -9.95 34.33
C ALA D 183 30.32 -9.22 35.67
N ALA D 184 31.12 -8.13 35.66
CA ALA D 184 31.38 -7.18 36.79
C ALA D 184 30.42 -5.99 36.69
N GLY D 185 30.09 -5.57 35.47
CA GLY D 185 29.09 -4.54 35.19
C GLY D 185 28.31 -4.80 33.91
N VAL D 186 27.07 -4.34 33.89
CA VAL D 186 26.18 -4.45 32.70
C VAL D 186 25.57 -3.06 32.45
N HIS D 187 25.48 -2.67 31.18
CA HIS D 187 24.96 -1.34 30.75
C HIS D 187 23.69 -1.54 29.92
N PHE D 188 22.63 -0.84 30.31
CA PHE D 188 21.30 -0.74 29.65
C PHE D 188 21.10 0.65 29.06
N GLU D 189 20.49 0.71 27.87
CA GLU D 189 20.18 1.99 27.21
C GLU D 189 18.67 2.11 27.08
N ASP D 190 18.21 3.31 26.72
CA ASP D 190 16.82 3.81 26.82
C ASP D 190 16.29 3.93 25.39
N GLN D 191 16.71 3.02 24.53
CA GLN D 191 16.13 2.91 23.17
C GLN D 191 14.94 1.98 23.25
N LEU D 192 14.02 2.14 22.31
CA LEU D 192 12.97 1.15 22.02
C LEU D 192 13.68 -0.14 21.56
N ALA D 193 13.43 -1.25 22.26
CA ALA D 193 14.06 -2.57 22.01
C ALA D 193 13.78 -3.09 20.57
N SER D 194 12.61 -2.84 19.99
CA SER D 194 12.23 -3.31 18.62
C SER D 194 13.00 -2.50 17.56
N GLU D 195 13.56 -1.36 17.95
CA GLU D 195 14.10 -0.35 17.00
C GLU D 195 15.51 0.06 17.47
N LYS D 196 16.12 -0.79 18.30
CA LYS D 196 17.45 -0.51 18.90
C LYS D 196 18.44 -0.41 17.75
N LYS D 197 19.42 0.48 17.92
CA LYS D 197 20.35 0.89 16.86
C LYS D 197 21.64 1.32 17.52
N CYS D 198 22.73 1.13 16.80
CA CYS D 198 24.03 1.68 17.23
C CYS D 198 23.74 3.11 17.71
N GLY D 199 24.48 3.58 18.69
CA GLY D 199 24.30 4.94 19.22
C GLY D 199 24.76 5.99 18.24
N HIS D 200 25.53 5.62 17.22
CA HIS D 200 26.09 6.54 16.19
C HIS D 200 25.32 6.34 14.87
N MET D 201 24.24 5.56 14.89
CA MET D 201 23.34 5.37 13.73
C MET D 201 22.22 6.42 13.80
N GLY D 202 21.69 6.84 12.65
CA GLY D 202 20.47 7.67 12.56
C GLY D 202 19.22 6.90 12.95
N GLY D 203 18.16 7.63 13.26
CA GLY D 203 16.80 7.06 13.41
C GLY D 203 16.63 6.25 14.68
N LYS D 204 17.25 6.70 15.77
CA LYS D 204 17.08 6.12 17.12
C LYS D 204 15.82 6.66 17.78
N VAL D 205 15.21 5.83 18.61
CA VAL D 205 13.87 6.07 19.24
C VAL D 205 14.01 5.86 20.75
N LEU D 206 13.59 6.85 21.54
CA LEU D 206 13.48 6.78 23.02
C LEU D 206 12.14 6.17 23.47
N ILE D 207 12.23 5.39 24.54
CA ILE D 207 11.12 5.02 25.46
C ILE D 207 10.98 6.12 26.52
N PRO D 208 9.82 6.29 27.15
CA PRO D 208 9.70 7.28 28.23
C PRO D 208 10.68 7.02 29.39
N THR D 209 10.94 8.08 30.14
CA THR D 209 11.85 8.13 31.32
C THR D 209 11.41 7.00 32.28
N GLN D 210 10.12 6.94 32.64
CA GLN D 210 9.61 5.94 33.63
C GLN D 210 9.87 4.52 33.10
N ALA D 211 9.85 4.30 31.79
CA ALA D 211 10.11 2.96 31.21
C ALA D 211 11.61 2.66 31.28
N ALA D 212 12.40 3.68 30.97
CA ALA D 212 13.86 3.60 31.07
C ALA D 212 14.22 3.29 32.53
N ILE D 213 13.47 3.83 33.48
CA ILE D 213 13.79 3.60 34.92
C ILE D 213 13.29 2.20 35.31
N ARG D 214 12.16 1.73 34.76
CA ARG D 214 11.63 0.38 35.09
C ARG D 214 12.72 -0.64 34.75
N ASN D 215 13.47 -0.37 33.68
CA ASN D 215 14.49 -1.30 33.14
C ASN D 215 15.66 -1.38 34.12
N LEU D 216 16.09 -0.25 34.66
CA LEU D 216 17.24 -0.17 35.59
C LEU D 216 16.83 -0.75 36.95
N VAL D 217 15.53 -0.76 37.24
CA VAL D 217 15.02 -1.30 38.53
C VAL D 217 15.07 -2.81 38.41
N ALA D 218 14.53 -3.30 37.29
CA ALA D 218 14.50 -4.74 36.92
C ALA D 218 15.92 -5.30 36.91
N ALA D 219 16.90 -4.47 36.54
CA ALA D 219 18.33 -4.83 36.48
C ALA D 219 18.90 -4.89 37.89
N ARG D 220 18.59 -3.94 38.77
CA ARG D 220 19.12 -4.03 40.16
C ARG D 220 18.46 -5.24 40.83
N LEU D 221 17.16 -5.44 40.59
CA LEU D 221 16.40 -6.54 41.22
C LEU D 221 17.01 -7.89 40.81
N ALA D 222 17.28 -8.08 39.52
CA ALA D 222 18.03 -9.25 39.03
C ALA D 222 19.24 -9.44 39.94
N ALA D 223 20.00 -8.38 40.17
CA ALA D 223 21.33 -8.49 40.78
C ALA D 223 21.12 -8.80 42.26
N ASP D 224 20.05 -8.27 42.84
CA ASP D 224 19.79 -8.43 44.29
C ASP D 224 19.32 -9.87 44.51
N VAL D 225 18.49 -10.36 43.60
CA VAL D 225 17.97 -11.76 43.58
C VAL D 225 19.12 -12.77 43.47
N MET D 226 20.16 -12.47 42.67
CA MET D 226 21.35 -13.35 42.51
C MET D 226 22.33 -13.15 43.68
N GLY D 227 22.20 -12.03 44.40
CA GLY D 227 23.02 -11.69 45.59
C GLY D 227 24.40 -11.15 45.24
N VAL D 228 24.50 -10.31 44.21
CA VAL D 228 25.81 -9.84 43.68
C VAL D 228 25.73 -8.35 43.40
N PRO D 229 26.71 -7.55 43.84
CA PRO D 229 26.64 -6.10 43.76
C PRO D 229 27.11 -5.58 42.38
N THR D 230 26.53 -6.14 41.32
CA THR D 230 26.98 -5.92 39.93
C THR D 230 26.86 -4.43 39.61
N ILE D 231 27.90 -3.84 39.03
CA ILE D 231 27.86 -2.42 38.60
C ILE D 231 26.76 -2.30 37.55
N ILE D 232 25.89 -1.30 37.70
CA ILE D 232 24.80 -0.99 36.74
C ILE D 232 25.12 0.34 36.04
N VAL D 233 25.24 0.29 34.71
CA VAL D 233 25.56 1.49 33.88
C VAL D 233 24.31 1.84 33.05
N ALA D 234 23.80 3.07 33.18
CA ALA D 234 22.61 3.58 32.48
C ALA D 234 23.10 4.50 31.38
N ARG D 235 22.78 4.16 30.14
CA ARG D 235 23.13 4.91 28.92
C ARG D 235 21.91 5.72 28.46
N THR D 236 22.14 6.96 28.04
CA THR D 236 21.11 7.75 27.34
C THR D 236 21.55 8.03 25.88
N ASP D 237 20.68 7.60 24.96
CA ASP D 237 20.80 7.88 23.50
C ASP D 237 20.03 9.15 23.17
N ALA D 238 19.61 9.92 24.16
CA ALA D 238 18.73 11.10 24.01
C ALA D 238 19.48 12.30 23.41
N ASN D 239 20.81 12.26 23.39
CA ASN D 239 21.68 13.36 22.91
C ASN D 239 21.46 13.58 21.42
N ALA D 240 20.92 12.60 20.71
CA ALA D 240 20.86 12.58 19.23
C ALA D 240 19.48 12.10 18.77
N ALA D 241 18.83 11.21 19.52
CA ALA D 241 17.54 10.62 19.11
C ALA D 241 16.46 11.71 19.13
N THR D 242 15.72 11.81 18.02
CA THR D 242 14.70 12.84 17.76
C THR D 242 13.32 12.17 17.66
N LEU D 243 13.22 10.90 18.03
CA LEU D 243 11.99 10.07 18.08
C LEU D 243 11.80 9.52 19.50
N LEU D 244 10.55 9.47 19.94
CA LEU D 244 10.07 9.02 21.27
C LEU D 244 8.76 8.28 21.01
N THR D 245 8.40 7.28 21.83
CA THR D 245 7.29 6.32 21.54
C THR D 245 6.00 6.81 22.18
N SER D 246 6.12 7.43 23.36
CA SER D 246 4.96 7.90 24.16
C SER D 246 5.26 9.32 24.65
N ASP D 247 4.24 10.18 24.66
CA ASP D 247 4.24 11.51 25.31
C ASP D 247 3.76 11.38 26.76
N ILE D 248 3.77 10.17 27.32
CA ILE D 248 3.05 9.79 28.57
C ILE D 248 3.71 10.43 29.79
N ASP D 249 5.03 10.68 29.77
CA ASP D 249 5.79 11.03 31.00
C ASP D 249 5.96 12.57 31.06
N GLU D 250 5.50 13.22 32.15
CA GLU D 250 5.70 14.67 32.42
C GLU D 250 7.10 15.11 31.96
N ARG D 251 8.15 14.47 32.47
CA ARG D 251 9.55 14.95 32.34
C ARG D 251 9.92 15.05 30.85
N ASP D 252 9.26 14.29 29.98
CA ASP D 252 9.60 14.22 28.54
C ASP D 252 8.75 15.19 27.71
N ARG D 253 7.55 15.54 28.18
CA ARG D 253 6.59 16.33 27.38
C ARG D 253 7.28 17.59 26.83
N PRO D 254 8.04 18.33 27.67
CA PRO D 254 8.77 19.53 27.24
C PRO D 254 9.60 19.43 25.95
N PHE D 255 9.99 18.21 25.52
CA PHE D 255 10.93 17.99 24.38
C PHE D 255 10.16 17.64 23.10
N CYS D 256 8.92 17.17 23.21
CA CYS D 256 8.07 16.84 22.04
C CYS D 256 7.78 18.14 21.27
N THR D 257 8.02 18.16 19.97
CA THR D 257 7.71 19.28 19.06
C THR D 257 6.19 19.41 18.89
N GLY D 258 5.49 18.28 18.89
CA GLY D 258 4.07 18.23 18.51
C GLY D 258 3.87 17.45 17.23
N GLU D 259 4.90 17.37 16.39
CA GLU D 259 4.94 16.49 15.19
C GLU D 259 4.86 15.03 15.64
N ARG D 260 4.25 14.16 14.84
CA ARG D 260 4.23 12.69 15.00
C ARG D 260 4.51 12.05 13.63
N THR D 261 5.31 10.98 13.57
CA THR D 261 5.77 10.36 12.29
C THR D 261 4.68 9.43 11.80
N SER D 262 4.75 8.98 10.56
CA SER D 262 3.71 8.08 9.98
C SER D 262 3.65 6.75 10.75
N GLU D 263 4.77 6.31 11.37
CA GLU D 263 4.84 5.12 12.26
C GLU D 263 4.05 5.34 13.55
N GLY D 264 4.02 6.56 14.09
CA GLY D 264 3.45 6.85 15.41
C GLY D 264 4.36 7.73 16.25
N PHE D 265 5.66 7.76 15.93
CA PHE D 265 6.72 8.31 16.83
C PHE D 265 6.49 9.82 17.06
N TYR D 266 6.55 10.22 18.34
CA TYR D 266 6.64 11.61 18.85
C TYR D 266 8.05 12.14 18.55
N ARG D 267 8.17 13.20 17.74
CA ARG D 267 9.46 13.91 17.46
C ARG D 267 9.81 14.76 18.69
N VAL D 268 11.09 14.74 19.10
CA VAL D 268 11.61 15.49 20.28
C VAL D 268 12.89 16.24 19.90
N ARG D 269 13.16 17.34 20.64
CA ARG D 269 14.37 18.19 20.50
C ARG D 269 15.56 17.47 21.18
N ALA D 270 16.30 16.69 20.40
CA ALA D 270 17.60 16.12 20.81
C ALA D 270 18.54 17.26 21.24
N GLY D 271 19.69 16.93 21.81
CA GLY D 271 20.67 17.86 22.39
C GLY D 271 21.14 17.38 23.76
N LEU D 272 22.24 17.95 24.26
CA LEU D 272 22.75 17.79 25.65
C LEU D 272 21.64 18.03 26.68
N ASP D 273 20.71 18.95 26.36
CA ASP D 273 19.48 19.21 27.16
C ASP D 273 18.80 17.88 27.51
N GLN D 274 18.28 17.17 26.48
CA GLN D 274 17.55 15.88 26.65
C GLN D 274 18.42 14.88 27.41
N ALA D 275 19.69 14.72 27.04
CA ALA D 275 20.60 13.75 27.69
C ALA D 275 20.69 14.03 29.20
N ILE D 276 20.74 15.30 29.60
CA ILE D 276 20.90 15.70 31.03
C ILE D 276 19.61 15.33 31.76
N ALA D 277 18.46 15.64 31.16
CA ALA D 277 17.14 15.28 31.70
C ALA D 277 17.15 13.77 32.01
N ARG D 278 17.58 12.95 31.04
CA ARG D 278 17.54 11.47 31.10
C ARG D 278 18.54 10.96 32.15
N GLY D 279 19.82 11.33 31.99
CA GLY D 279 20.87 11.08 32.99
C GLY D 279 20.44 11.39 34.43
N LEU D 280 19.85 12.59 34.65
CA LEU D 280 19.48 13.08 36.01
C LEU D 280 18.32 12.24 36.58
N ALA D 281 17.40 11.80 35.70
CA ALA D 281 16.28 10.90 36.08
C ALA D 281 16.87 9.55 36.47
N TYR D 282 17.85 9.06 35.70
CA TYR D 282 18.39 7.69 35.81
C TYR D 282 19.37 7.59 36.99
N ALA D 283 19.94 8.73 37.39
CA ALA D 283 21.17 8.78 38.21
C ALA D 283 20.95 8.08 39.55
N PRO D 284 19.77 8.22 40.22
CA PRO D 284 19.52 7.56 41.49
C PRO D 284 19.29 6.04 41.40
N TYR D 285 19.17 5.45 40.20
CA TYR D 285 18.86 4.01 40.01
C TYR D 285 20.01 3.27 39.31
N ALA D 286 21.17 3.93 39.16
CA ALA D 286 22.36 3.45 38.42
C ALA D 286 23.65 3.81 39.18
N ASP D 287 24.72 3.08 38.87
CA ASP D 287 26.04 3.28 39.50
C ASP D 287 26.88 4.28 38.70
N MET D 288 26.51 4.50 37.44
CA MET D 288 27.40 5.16 36.44
C MET D 288 26.55 5.63 35.25
N ILE D 289 26.76 6.88 34.81
CA ILE D 289 25.94 7.54 33.75
C ILE D 289 26.83 7.69 32.51
N TRP D 290 26.32 7.20 31.38
CA TRP D 290 27.01 7.20 30.07
C TRP D 290 26.10 7.93 29.07
N CYS D 291 26.55 9.12 28.68
CA CYS D 291 25.92 9.97 27.63
C CYS D 291 26.62 9.61 26.32
N GLU D 292 25.87 8.96 25.45
CA GLU D 292 26.28 8.67 24.06
C GLU D 292 26.42 10.03 23.39
N THR D 293 27.37 10.18 22.48
CA THR D 293 27.80 11.47 21.88
C THR D 293 28.14 11.26 20.40
N SER D 294 28.06 12.30 19.57
CA SER D 294 28.22 12.14 18.09
C SER D 294 29.56 12.72 17.61
N GLU D 295 30.39 13.29 18.49
CA GLU D 295 31.81 13.57 18.17
C GLU D 295 32.64 13.55 19.45
N PRO D 296 33.98 13.36 19.37
CA PRO D 296 34.81 13.25 20.58
C PRO D 296 35.18 14.65 21.08
N ASN D 297 34.21 15.31 21.72
CA ASN D 297 34.22 16.75 22.11
C ASN D 297 34.24 16.89 23.64
N LEU D 298 35.32 17.49 24.15
CA LEU D 298 35.63 17.53 25.61
C LEU D 298 34.75 18.57 26.33
N GLU D 299 34.49 19.73 25.72
CA GLU D 299 33.57 20.72 26.33
C GLU D 299 32.19 20.08 26.51
N GLU D 300 31.72 19.30 25.54
CA GLU D 300 30.41 18.60 25.63
C GLU D 300 30.41 17.69 26.87
N ALA D 301 31.55 17.03 27.13
CA ALA D 301 31.67 16.03 28.21
C ALA D 301 31.75 16.76 29.56
N ARG D 302 32.57 17.82 29.61
CA ARG D 302 32.65 18.80 30.72
C ARG D 302 31.24 19.33 31.04
N ARG D 303 30.52 19.88 30.05
CA ARG D 303 29.15 20.41 30.29
C ARG D 303 28.34 19.28 30.96
N PHE D 304 28.31 18.09 30.35
CA PHE D 304 27.46 16.96 30.81
C PHE D 304 27.86 16.56 32.22
N ALA D 305 29.17 16.38 32.47
CA ALA D 305 29.75 15.98 33.78
C ALA D 305 29.25 16.87 34.93
N GLU D 306 29.36 18.19 34.75
CA GLU D 306 29.02 19.22 35.77
C GLU D 306 27.52 19.25 36.01
N ALA D 307 26.71 19.08 34.95
CA ALA D 307 25.25 18.94 35.01
C ALA D 307 24.86 17.80 35.97
N ILE D 308 25.41 16.60 35.80
CA ILE D 308 25.18 15.41 36.70
C ILE D 308 25.76 15.72 38.09
N HIS D 309 26.95 16.32 38.14
CA HIS D 309 27.69 16.53 39.42
C HIS D 309 27.03 17.65 40.23
N ALA D 310 26.47 18.67 39.57
CA ALA D 310 25.60 19.68 40.20
C ALA D 310 24.72 18.96 41.22
N GLN D 311 23.99 17.94 40.78
CA GLN D 311 22.90 17.27 41.55
C GLN D 311 23.41 16.02 42.28
N PHE D 312 24.44 15.36 41.76
CA PHE D 312 24.92 14.02 42.20
C PHE D 312 26.44 14.07 42.31
N PRO D 313 26.98 15.00 43.13
CA PRO D 313 28.43 15.16 43.24
C PRO D 313 29.13 13.80 43.44
N GLY D 314 30.19 13.57 42.65
CA GLY D 314 31.02 12.34 42.72
C GLY D 314 30.34 11.15 42.07
N LYS D 315 29.22 11.32 41.36
CA LYS D 315 28.59 10.24 40.55
C LYS D 315 29.53 9.82 39.42
N LEU D 316 29.66 8.51 39.18
CA LEU D 316 30.64 7.89 38.24
C LEU D 316 30.18 8.06 36.79
N LEU D 317 31.06 8.34 35.85
CA LEU D 317 30.67 8.49 34.42
C LEU D 317 31.50 7.56 33.51
N ALA D 318 30.96 7.32 32.30
CA ALA D 318 31.58 6.48 31.26
C ALA D 318 31.55 7.21 29.91
N TYR D 319 32.66 7.15 29.18
CA TYR D 319 32.81 7.80 27.86
C TYR D 319 33.24 6.74 26.84
N ASN D 320 32.45 6.62 25.76
CA ASN D 320 32.73 5.70 24.63
C ASN D 320 33.56 6.51 23.62
N CYS D 321 34.86 6.29 23.68
CA CYS D 321 35.83 6.73 22.67
C CYS D 321 35.54 5.94 21.40
N SER D 322 34.45 6.29 20.72
CA SER D 322 33.88 5.46 19.62
C SER D 322 34.83 5.47 18.42
N PRO D 323 35.26 4.30 17.90
CA PRO D 323 35.78 4.21 16.53
C PRO D 323 34.83 4.71 15.43
N SER D 324 33.56 5.00 15.76
CA SER D 324 32.53 5.59 14.86
C SER D 324 32.82 7.10 14.65
N PHE D 325 33.75 7.66 15.44
CA PHE D 325 34.40 8.98 15.22
C PHE D 325 35.66 8.83 14.38
N ASN D 326 35.98 9.90 13.65
CA ASN D 326 37.18 10.02 12.79
C ASN D 326 38.08 11.00 13.53
N TRP D 327 39.01 10.45 14.31
CA TRP D 327 39.74 11.18 15.36
C TRP D 327 40.64 12.28 14.78
N LYS D 328 41.45 12.02 13.74
CA LYS D 328 42.42 13.04 13.20
C LYS D 328 41.63 14.14 12.48
N LYS D 329 40.56 13.80 11.76
CA LYS D 329 39.64 14.78 11.11
C LYS D 329 39.10 15.74 12.18
N LYS D 330 38.76 15.23 13.37
CA LYS D 330 38.00 16.00 14.40
C LYS D 330 38.93 16.62 15.46
N LEU D 331 40.17 16.14 15.63
CA LEU D 331 41.06 16.55 16.75
C LEU D 331 42.50 16.75 16.27
N ASP D 332 43.24 17.59 16.96
CA ASP D 332 44.68 17.80 16.70
C ASP D 332 45.43 16.78 17.56
N ASP D 333 46.70 16.52 17.22
CA ASP D 333 47.52 15.43 17.83
C ASP D 333 47.61 15.60 19.35
N ALA D 334 47.57 16.85 19.83
CA ALA D 334 47.75 17.21 21.27
C ALA D 334 46.51 16.79 22.05
N THR D 335 45.31 17.04 21.52
CA THR D 335 44.00 16.73 22.18
C THR D 335 43.83 15.21 22.30
N ILE D 336 43.90 14.52 21.17
CA ILE D 336 43.81 13.04 21.07
C ILE D 336 44.67 12.45 22.19
N ALA D 337 45.93 12.87 22.25
CA ALA D 337 46.95 12.33 23.16
C ALA D 337 46.54 12.56 24.62
N ALA D 338 45.84 13.66 24.92
CA ALA D 338 45.52 14.06 26.29
C ALA D 338 44.05 13.77 26.59
N PHE D 339 43.28 13.40 25.57
CA PHE D 339 41.81 13.14 25.63
C PHE D 339 41.40 12.37 26.90
N GLN D 340 42.06 11.26 27.24
CA GLN D 340 41.59 10.34 28.31
C GLN D 340 41.92 10.91 29.69
N ARG D 341 43.09 11.53 29.88
CA ARG D 341 43.40 12.29 31.13
C ARG D 341 42.32 13.36 31.35
N GLU D 342 42.05 14.16 30.34
CA GLU D 342 40.99 15.18 30.41
C GLU D 342 39.73 14.51 30.99
N LEU D 343 39.22 13.44 30.37
CA LEU D 343 37.91 12.84 30.74
C LEU D 343 37.94 12.36 32.18
N GLY D 344 39.04 11.75 32.58
CA GLY D 344 39.21 11.19 33.94
C GLY D 344 39.03 12.25 35.00
N ALA D 345 39.77 13.36 34.88
CA ALA D 345 39.61 14.64 35.62
C ALA D 345 38.12 15.03 35.76
N MET D 346 37.37 15.05 34.66
CA MET D 346 35.93 15.43 34.68
C MET D 346 35.05 14.39 35.41
N GLY D 347 35.54 13.19 35.73
CA GLY D 347 34.77 12.15 36.48
C GLY D 347 34.38 10.93 35.64
N TYR D 348 34.87 10.83 34.39
CA TYR D 348 34.68 9.65 33.49
C TYR D 348 35.74 8.61 33.85
N LYS D 349 35.39 7.69 34.75
CA LYS D 349 36.32 6.72 35.39
C LYS D 349 36.42 5.43 34.56
N PHE D 350 35.47 5.19 33.64
CA PHE D 350 35.50 4.05 32.68
C PHE D 350 35.44 4.59 31.24
N GLN D 351 36.55 4.49 30.52
CA GLN D 351 36.61 4.99 29.12
C GLN D 351 36.90 3.79 28.22
N PHE D 352 36.17 3.64 27.13
CA PHE D 352 36.24 2.39 26.35
C PHE D 352 36.21 2.70 24.85
N VAL D 353 37.03 1.97 24.10
CA VAL D 353 37.01 1.98 22.60
C VAL D 353 36.19 0.75 22.20
N THR D 354 34.93 0.97 21.87
CA THR D 354 33.92 -0.10 21.67
C THR D 354 34.36 -1.10 20.59
N LEU D 355 34.74 -0.62 19.42
CA LEU D 355 34.90 -1.49 18.23
C LEU D 355 36.39 -1.84 17.97
N ALA D 356 37.29 -1.64 18.95
CA ALA D 356 38.75 -1.90 18.84
C ALA D 356 38.96 -3.34 18.36
N GLY D 357 38.36 -4.29 19.08
CA GLY D 357 38.37 -5.73 18.77
C GLY D 357 38.11 -5.99 17.30
N PHE D 358 37.06 -5.38 16.74
CA PHE D 358 36.63 -5.50 15.34
C PHE D 358 37.75 -4.97 14.43
N HIS D 359 38.27 -3.77 14.67
CA HIS D 359 39.14 -3.12 13.67
C HIS D 359 40.53 -3.73 13.74
N ALA D 360 40.97 -4.17 14.92
CA ALA D 360 42.24 -4.92 15.06
C ALA D 360 42.11 -6.17 14.17
N LEU D 361 41.00 -6.89 14.29
CA LEU D 361 40.85 -8.21 13.65
C LEU D 361 40.86 -8.02 12.13
N ASN D 362 39.98 -7.15 11.63
CA ASN D 362 39.72 -6.96 10.19
C ASN D 362 40.98 -6.39 9.51
N TYR D 363 41.58 -5.34 10.12
CA TYR D 363 42.78 -4.66 9.60
C TYR D 363 43.92 -5.68 9.54
N SER D 364 44.20 -6.33 10.66
CA SER D 364 45.32 -7.27 10.79
C SER D 364 45.20 -8.34 9.71
N MET D 365 44.01 -8.88 9.45
CA MET D 365 43.89 -10.06 8.54
C MET D 365 43.88 -9.57 7.11
N PHE D 366 43.27 -8.40 6.84
CA PHE D 366 43.27 -7.84 5.47
C PHE D 366 44.74 -7.60 5.10
N GLU D 367 45.53 -7.09 6.04
CA GLU D 367 46.96 -6.77 5.82
C GLU D 367 47.78 -8.08 5.69
N LEU D 368 47.59 -9.08 6.53
CA LEU D 368 48.37 -10.32 6.35
C LEU D 368 48.00 -10.93 5.00
N ALA D 369 46.71 -11.06 4.72
CA ALA D 369 46.20 -11.79 3.54
C ALA D 369 46.71 -11.14 2.25
N ARG D 370 46.77 -9.81 2.24
CA ARG D 370 47.07 -8.98 1.06
C ARG D 370 48.55 -9.14 0.73
N ASN D 371 49.41 -9.02 1.75
CA ASN D 371 50.87 -9.19 1.62
C ASN D 371 51.15 -10.66 1.23
N TYR D 372 50.39 -11.59 1.80
CA TYR D 372 50.56 -13.05 1.56
C TYR D 372 50.18 -13.36 0.12
N ARG D 373 49.22 -12.63 -0.44
CA ARG D 373 48.77 -12.93 -1.82
C ARG D 373 49.92 -12.60 -2.76
N ASP D 374 50.56 -11.44 -2.56
CA ASP D 374 51.69 -10.98 -3.41
C ASP D 374 52.95 -11.79 -3.12
N ARG D 375 53.32 -11.97 -1.85
CA ARG D 375 54.71 -12.30 -1.43
C ARG D 375 54.83 -13.61 -0.64
N GLY D 376 53.77 -14.40 -0.51
CA GLY D 376 53.81 -15.77 0.02
C GLY D 376 54.30 -15.81 1.45
N MET D 377 55.16 -16.77 1.79
CA MET D 377 55.67 -16.92 3.17
C MET D 377 56.55 -15.72 3.59
N ALA D 378 57.03 -14.88 2.68
CA ALA D 378 57.79 -13.67 3.08
C ALA D 378 56.92 -12.80 3.99
N ALA D 379 55.62 -12.70 3.71
CA ALA D 379 54.68 -11.90 4.52
C ALA D 379 54.52 -12.61 5.87
N TYR D 380 54.24 -13.93 5.90
CA TYR D 380 54.01 -14.63 7.17
C TYR D 380 55.24 -14.52 8.08
N SER D 381 56.44 -14.59 7.49
CA SER D 381 57.76 -14.40 8.16
C SER D 381 57.76 -13.09 8.95
N GLU D 382 57.24 -12.02 8.33
CA GLU D 382 57.36 -10.67 8.90
C GLU D 382 56.47 -10.61 10.14
N LEU D 383 55.32 -11.31 10.09
CA LEU D 383 54.43 -11.43 11.28
C LEU D 383 55.19 -12.23 12.34
N GLN D 384 55.65 -13.44 12.03
CA GLN D 384 56.42 -14.23 13.01
C GLN D 384 57.56 -13.34 13.53
N GLN D 385 58.26 -12.63 12.64
CA GLN D 385 59.45 -11.81 12.99
C GLN D 385 59.02 -10.72 13.99
N ALA D 386 57.86 -10.12 13.76
CA ALA D 386 57.26 -9.08 14.63
C ALA D 386 56.83 -9.69 15.96
N GLU D 387 56.31 -10.91 15.95
CA GLU D 387 55.81 -11.59 17.16
C GLU D 387 56.99 -11.81 18.10
N PHE D 388 58.13 -12.23 17.58
CA PHE D 388 59.37 -12.38 18.37
C PHE D 388 59.80 -11.01 18.94
N ALA D 389 59.85 -9.97 18.11
CA ALA D 389 60.17 -8.59 18.57
C ALA D 389 59.24 -8.13 19.69
N ALA D 390 57.99 -8.61 19.70
CA ALA D 390 56.95 -8.14 20.61
C ALA D 390 57.25 -8.61 22.05
N GLU D 391 58.06 -9.65 22.21
CA GLU D 391 58.38 -10.24 23.53
C GLU D 391 59.10 -9.22 24.44
N ALA D 392 59.81 -8.26 23.86
CA ALA D 392 60.38 -7.12 24.59
C ALA D 392 59.27 -6.38 25.38
N TYR D 393 58.01 -6.48 24.93
CA TYR D 393 56.84 -5.81 25.60
C TYR D 393 56.00 -6.81 26.43
N GLY D 394 56.24 -8.12 26.31
CA GLY D 394 55.61 -9.17 27.15
C GLY D 394 54.69 -10.08 26.34
N TYR D 395 54.53 -9.84 25.04
CA TYR D 395 53.87 -10.77 24.11
C TYR D 395 54.55 -12.14 24.21
N THR D 396 53.78 -13.22 24.23
CA THR D 396 54.29 -14.62 24.30
C THR D 396 53.61 -15.55 23.29
N ALA D 397 52.56 -15.13 22.58
CA ALA D 397 51.73 -16.09 21.83
C ALA D 397 52.48 -16.62 20.60
N THR D 398 53.64 -16.03 20.32
CA THR D 398 54.57 -16.53 19.29
C THR D 398 54.84 -18.01 19.59
N ARG D 399 55.07 -18.35 20.84
CA ARG D 399 55.05 -19.77 21.28
C ARG D 399 53.59 -20.17 21.57
N HIS D 400 52.84 -20.54 20.55
CA HIS D 400 51.36 -20.71 20.55
C HIS D 400 50.90 -22.01 21.24
N GLN D 401 51.71 -23.07 21.28
CA GLN D 401 51.36 -24.35 21.98
C GLN D 401 51.28 -24.09 23.49
N ARG D 402 52.18 -23.28 24.04
CA ARG D 402 52.15 -22.99 25.49
C ARG D 402 51.03 -21.99 25.80
N GLU D 403 50.78 -20.99 24.95
CA GLU D 403 49.83 -19.86 25.16
C GLU D 403 48.43 -20.38 25.50
N VAL D 404 48.04 -21.52 24.93
CA VAL D 404 46.64 -22.04 24.96
C VAL D 404 46.51 -23.29 25.84
N GLY D 405 47.55 -23.59 26.62
CA GLY D 405 47.54 -24.62 27.69
C GLY D 405 48.22 -25.95 27.36
N THR D 406 49.03 -26.09 26.32
CA THR D 406 49.61 -27.42 26.00
C THR D 406 50.38 -27.92 27.22
N GLY D 407 51.06 -27.00 27.91
CA GLY D 407 51.93 -27.31 29.07
C GLY D 407 51.09 -27.63 30.27
N TYR D 408 50.01 -26.89 30.45
CA TYR D 408 49.09 -27.13 31.59
C TYR D 408 48.55 -28.57 31.50
N PHE D 409 48.09 -28.99 30.32
CA PHE D 409 47.39 -30.27 30.11
C PHE D 409 48.39 -31.45 30.17
N ASP D 410 49.68 -31.22 29.85
CA ASP D 410 50.80 -32.17 30.07
C ASP D 410 50.91 -32.48 31.57
N GLU D 411 51.11 -31.46 32.41
CA GLU D 411 51.14 -31.57 33.91
C GLU D 411 49.97 -32.43 34.41
N VAL D 412 48.74 -32.08 34.00
CA VAL D 412 47.50 -32.82 34.35
C VAL D 412 47.69 -34.28 33.92
N ALA D 413 48.17 -34.51 32.69
CA ALA D 413 48.28 -35.87 32.09
C ALA D 413 49.28 -36.72 32.89
N GLN D 414 50.41 -36.10 33.29
CA GLN D 414 51.53 -36.73 34.06
C GLN D 414 51.10 -37.00 35.50
N VAL D 415 50.23 -36.15 36.08
CA VAL D 415 49.68 -36.37 37.45
C VAL D 415 48.72 -37.56 37.40
N ILE D 416 47.85 -37.61 36.40
CA ILE D 416 46.93 -38.75 36.12
C ILE D 416 47.74 -40.04 35.94
N ALA D 417 48.93 -39.96 35.33
CA ALA D 417 49.71 -41.12 34.85
C ALA D 417 50.52 -41.81 35.95
N GLY D 418 50.80 -41.09 37.04
CA GLY D 418 51.96 -41.33 37.92
C GLY D 418 53.15 -40.48 37.50
N GLY D 419 53.45 -40.47 36.19
CA GLY D 419 54.68 -39.94 35.56
C GLY D 419 55.10 -40.78 34.34
N GLU D 420 54.74 -42.07 34.34
CA GLU D 420 54.91 -43.02 33.19
C GLU D 420 53.98 -42.62 32.03
N ILE D 421 54.44 -41.75 31.12
CA ILE D 421 53.59 -41.30 29.96
C ILE D 421 54.49 -41.00 28.75
N SER D 422 54.18 -41.66 27.63
CA SER D 422 54.88 -41.57 26.32
C SER D 422 54.16 -40.61 25.35
N THR D 423 52.89 -40.28 25.59
CA THR D 423 52.04 -39.46 24.69
C THR D 423 52.04 -37.98 25.12
N THR D 424 52.97 -37.55 25.97
CA THR D 424 53.17 -36.12 26.33
C THR D 424 53.33 -35.28 25.04
N ALA D 425 52.75 -34.08 25.06
CA ALA D 425 52.46 -33.23 23.88
C ALA D 425 53.58 -32.22 23.60
N LEU D 426 54.00 -31.45 24.59
CA LEU D 426 54.94 -30.31 24.42
C LEU D 426 56.37 -30.85 24.24
N THR D 427 56.76 -31.89 24.97
CA THR D 427 58.10 -32.53 24.79
C THR D 427 58.14 -33.19 23.41
N GLY D 428 59.10 -32.80 22.56
CA GLY D 428 59.29 -33.39 21.22
C GLY D 428 58.58 -32.59 20.14
N SER D 429 57.79 -31.61 20.55
CA SER D 429 57.10 -30.62 19.67
C SER D 429 58.13 -29.78 18.91
N THR D 430 57.84 -29.39 17.68
CA THR D 430 58.65 -28.36 16.99
C THR D 430 58.71 -27.10 17.86
N GLU D 431 57.76 -26.89 18.78
CA GLU D 431 57.81 -25.68 19.65
C GLU D 431 59.08 -25.74 20.54
N GLU D 432 59.43 -26.89 21.11
CA GLU D 432 60.65 -27.01 21.97
C GLU D 432 61.89 -27.06 21.06
N GLU D 433 61.81 -27.72 19.90
CA GLU D 433 62.91 -27.87 18.91
C GLU D 433 63.33 -26.48 18.38
N GLN D 434 62.38 -25.64 17.91
CA GLN D 434 62.63 -24.47 17.03
C GLN D 434 62.33 -23.14 17.75
N PHE D 435 61.84 -23.17 18.97
CA PHE D 435 61.64 -21.96 19.81
C PHE D 435 62.32 -22.27 21.15
N MET E 13 -27.46 -11.20 7.02
CA MET E 13 -27.86 -9.82 6.62
C MET E 13 -27.88 -9.71 5.08
N ASP E 14 -28.65 -8.75 4.58
CA ASP E 14 -28.59 -8.24 3.19
C ASP E 14 -27.23 -7.50 2.99
N ARG E 15 -26.77 -6.75 4.00
CA ARG E 15 -25.46 -5.99 4.01
C ARG E 15 -24.31 -6.92 3.62
N ALA E 16 -23.99 -7.91 4.47
CA ALA E 16 -22.93 -8.92 4.24
C ALA E 16 -23.13 -9.57 2.87
N ALA E 17 -24.37 -9.86 2.47
CA ALA E 17 -24.71 -10.47 1.17
C ALA E 17 -24.32 -9.55 0.00
N GLN E 18 -24.52 -8.24 0.11
CA GLN E 18 -24.18 -7.23 -0.93
C GLN E 18 -22.66 -6.98 -0.96
N ILE E 19 -22.06 -6.82 0.21
CA ILE E 19 -20.57 -6.73 0.37
C ILE E 19 -19.92 -7.89 -0.40
N LYS E 20 -20.40 -9.10 -0.19
CA LYS E 20 -19.79 -10.28 -0.84
C LYS E 20 -19.95 -10.12 -2.35
N GLN E 21 -21.09 -9.62 -2.80
CA GLN E 21 -21.36 -9.59 -4.25
C GLN E 21 -20.22 -8.82 -4.93
N ILE E 22 -19.77 -7.73 -4.28
CA ILE E 22 -18.62 -6.85 -4.63
C ILE E 22 -17.34 -7.69 -4.70
N ALA E 23 -16.93 -8.26 -3.56
CA ALA E 23 -15.73 -9.11 -3.36
C ALA E 23 -15.66 -10.18 -4.46
N ASP E 24 -16.77 -10.85 -4.73
CA ASP E 24 -16.84 -11.94 -5.73
C ASP E 24 -16.45 -11.38 -7.11
N SER E 25 -16.96 -10.19 -7.45
CA SER E 25 -16.81 -9.52 -8.78
C SER E 25 -15.37 -9.05 -9.01
N TRP E 26 -14.65 -8.73 -7.92
CA TRP E 26 -13.20 -8.41 -7.91
C TRP E 26 -12.38 -9.68 -8.13
N ASN E 27 -12.89 -10.85 -7.75
CA ASN E 27 -12.11 -12.10 -7.66
C ASN E 27 -12.29 -12.87 -8.98
N THR E 28 -11.81 -12.30 -10.08
CA THR E 28 -12.09 -12.76 -11.47
C THR E 28 -10.84 -12.60 -12.32
N PRO E 29 -10.73 -13.33 -13.46
CA PRO E 29 -9.58 -13.17 -14.35
C PRO E 29 -9.25 -11.70 -14.64
N ARG E 30 -10.24 -10.90 -15.08
CA ARG E 30 -10.19 -9.42 -14.98
C ARG E 30 -9.63 -9.14 -13.59
N PHE E 31 -8.81 -8.12 -13.37
CA PHE E 31 -8.37 -7.73 -11.99
C PHE E 31 -7.29 -8.67 -11.45
N ALA E 32 -7.04 -9.81 -12.09
CA ALA E 32 -5.81 -10.57 -11.81
C ALA E 32 -4.62 -9.61 -11.95
N GLY E 33 -3.89 -9.37 -10.85
CA GLY E 33 -2.70 -8.51 -10.84
C GLY E 33 -3.02 -7.10 -10.38
N ILE E 34 -4.26 -6.84 -9.97
CA ILE E 34 -4.71 -5.46 -9.66
C ILE E 34 -4.82 -5.31 -8.13
N VAL E 35 -3.89 -4.57 -7.55
CA VAL E 35 -3.95 -4.17 -6.11
C VAL E 35 -5.07 -3.13 -5.94
N ARG E 36 -5.91 -3.34 -4.92
CA ARG E 36 -6.87 -2.32 -4.43
C ARG E 36 -6.50 -2.01 -2.99
N PRO E 37 -6.01 -0.82 -2.65
CA PRO E 37 -5.64 -0.51 -1.26
C PRO E 37 -6.85 -0.20 -0.37
N TYR E 38 -7.91 -1.00 -0.47
CA TYR E 38 -9.19 -0.81 0.26
C TYR E 38 -9.97 -2.10 0.12
N THR E 39 -11.03 -2.25 0.88
CA THR E 39 -11.83 -3.50 1.01
C THR E 39 -13.16 -3.35 0.28
N PRO E 40 -13.85 -4.48 -0.02
CA PRO E 40 -15.24 -4.44 -0.47
C PRO E 40 -16.15 -3.64 0.49
N GLU E 41 -15.97 -3.82 1.80
CA GLU E 41 -16.80 -3.08 2.78
C GLU E 41 -16.66 -1.59 2.45
N ASP E 42 -15.43 -1.11 2.23
CA ASP E 42 -15.17 0.34 1.96
C ASP E 42 -16.09 0.80 0.80
N VAL E 43 -15.96 0.19 -0.38
CA VAL E 43 -16.87 0.43 -1.52
C VAL E 43 -18.33 0.44 -1.04
N TYR E 44 -18.82 -0.63 -0.42
CA TYR E 44 -20.19 -0.68 0.16
C TYR E 44 -20.49 0.62 0.92
N ARG E 45 -19.59 1.03 1.81
CA ARG E 45 -19.86 2.18 2.70
C ARG E 45 -20.11 3.44 1.84
N LEU E 46 -19.50 3.54 0.64
CA LEU E 46 -19.40 4.82 -0.11
C LEU E 46 -20.33 4.83 -1.33
N ARG E 47 -21.09 3.77 -1.59
CA ARG E 47 -21.84 3.69 -2.89
C ARG E 47 -23.32 4.11 -2.74
N GLY E 48 -23.69 4.76 -1.62
CA GLY E 48 -25.11 4.91 -1.25
C GLY E 48 -25.82 3.56 -1.23
N SER E 49 -27.15 3.61 -1.27
CA SER E 49 -28.06 2.49 -0.89
C SER E 49 -28.71 1.91 -2.15
N VAL E 50 -28.48 2.51 -3.31
CA VAL E 50 -29.07 1.98 -4.56
C VAL E 50 -27.96 1.95 -5.61
N GLN E 51 -27.93 0.88 -6.40
CA GLN E 51 -26.85 0.58 -7.38
C GLN E 51 -27.43 0.93 -8.74
N ILE E 52 -27.08 2.09 -9.31
CA ILE E 52 -27.62 2.54 -10.63
C ILE E 52 -26.89 1.81 -11.76
N GLU E 53 -27.63 1.24 -12.70
CA GLU E 53 -27.03 0.46 -13.84
C GLU E 53 -26.51 1.47 -14.86
N TYR E 54 -25.40 1.13 -15.50
CA TYR E 54 -24.71 1.95 -16.52
C TYR E 54 -24.35 1.06 -17.70
N THR E 55 -25.28 0.97 -18.65
CA THR E 55 -25.30 -0.11 -19.66
C THR E 55 -24.11 0.06 -20.59
N LEU E 56 -23.95 1.26 -21.15
CA LEU E 56 -22.94 1.54 -22.21
C LEU E 56 -21.55 1.42 -21.59
N ALA E 57 -21.36 1.92 -20.37
CA ALA E 57 -20.08 1.83 -19.61
C ALA E 57 -19.67 0.36 -19.38
N ARG E 58 -20.63 -0.49 -19.05
CA ARG E 58 -20.42 -1.90 -18.65
C ARG E 58 -20.09 -2.67 -19.92
N MET E 59 -20.97 -2.60 -20.90
CA MET E 59 -20.76 -3.16 -22.25
C MET E 59 -19.42 -2.69 -22.80
N GLY E 60 -19.20 -1.39 -22.77
CA GLY E 60 -17.96 -0.77 -23.26
C GLY E 60 -16.79 -1.47 -22.66
N ALA E 61 -16.73 -1.50 -21.34
CA ALA E 61 -15.57 -2.03 -20.58
C ALA E 61 -15.43 -3.53 -20.83
N GLU E 62 -16.54 -4.28 -20.85
CA GLU E 62 -16.54 -5.75 -21.04
C GLU E 62 -16.01 -6.07 -22.45
N ARG E 63 -16.57 -5.37 -23.45
CA ARG E 63 -16.19 -5.54 -24.89
C ARG E 63 -14.72 -5.14 -25.08
N LEU E 64 -14.27 -4.03 -24.50
CA LEU E 64 -12.89 -3.53 -24.72
C LEU E 64 -11.90 -4.54 -24.14
N TRP E 65 -12.15 -5.04 -22.93
CA TRP E 65 -11.35 -6.11 -22.30
C TRP E 65 -11.22 -7.29 -23.26
N ASN E 66 -12.31 -7.69 -23.93
CA ASN E 66 -12.34 -8.90 -24.79
C ASN E 66 -11.56 -8.63 -26.08
N LEU E 67 -11.96 -7.62 -26.85
CA LEU E 67 -11.15 -7.11 -28.00
C LEU E 67 -9.65 -7.04 -27.66
N LEU E 68 -9.27 -6.47 -26.50
CA LEU E 68 -7.84 -6.26 -26.14
C LEU E 68 -7.16 -7.62 -25.98
N HIS E 69 -7.94 -8.68 -25.75
CA HIS E 69 -7.41 -10.02 -25.38
C HIS E 69 -7.55 -11.01 -26.55
N THR E 70 -8.21 -10.66 -27.64
CA THR E 70 -8.47 -11.61 -28.77
C THR E 70 -8.12 -11.02 -30.14
N GLU E 71 -7.99 -9.71 -30.28
CA GLU E 71 -7.46 -9.11 -31.53
C GLU E 71 -5.94 -8.98 -31.39
N PRO E 72 -5.18 -9.04 -32.51
CA PRO E 72 -3.73 -8.83 -32.48
C PRO E 72 -3.39 -7.54 -31.74
N TYR E 73 -4.10 -6.46 -32.10
CA TYR E 73 -4.18 -5.21 -31.34
C TYR E 73 -5.48 -4.50 -31.74
N ILE E 74 -5.83 -3.42 -31.01
CA ILE E 74 -6.92 -2.46 -31.36
C ILE E 74 -6.26 -1.17 -31.84
N ASN E 75 -6.66 -0.69 -33.02
CA ASN E 75 -6.22 0.63 -33.55
C ASN E 75 -7.46 1.49 -33.81
N ALA E 76 -7.30 2.77 -33.51
CA ALA E 76 -8.41 3.69 -33.28
C ALA E 76 -7.94 5.11 -33.55
N LEU E 77 -8.89 6.00 -33.85
CA LEU E 77 -8.60 7.40 -34.19
C LEU E 77 -9.25 8.33 -33.15
N GLY E 78 -8.72 9.53 -33.07
CA GLY E 78 -9.39 10.65 -32.39
C GLY E 78 -10.77 10.89 -32.96
N ALA E 79 -11.62 11.58 -32.23
CA ALA E 79 -13.01 11.91 -32.61
C ALA E 79 -13.50 13.04 -31.71
N LEU E 80 -13.96 14.12 -32.31
CA LEU E 80 -14.40 15.32 -31.55
C LEU E 80 -15.86 15.63 -31.94
N THR E 81 -16.42 14.81 -32.80
CA THR E 81 -17.88 14.79 -33.00
C THR E 81 -18.33 13.34 -33.04
N GLY E 82 -19.61 13.16 -32.68
CA GLY E 82 -20.33 11.91 -32.87
C GLY E 82 -20.26 11.49 -34.32
N ASN E 83 -20.37 12.45 -35.25
CA ASN E 83 -20.34 12.11 -36.70
C ASN E 83 -18.99 11.48 -36.99
N GLN E 84 -17.90 12.06 -36.49
CA GLN E 84 -16.56 11.49 -36.73
C GLN E 84 -16.53 10.06 -36.17
N ALA E 85 -16.92 9.88 -34.91
CA ALA E 85 -16.98 8.55 -34.25
C ALA E 85 -17.83 7.55 -35.04
N MET E 86 -18.96 8.00 -35.58
CA MET E 86 -19.92 7.19 -36.38
C MET E 86 -19.21 6.50 -37.55
N GLN E 87 -18.60 7.32 -38.41
CA GLN E 87 -17.91 6.97 -39.67
C GLN E 87 -16.69 6.12 -39.31
N GLN E 88 -16.14 6.35 -38.13
CA GLN E 88 -15.01 5.54 -37.63
C GLN E 88 -15.49 4.11 -37.43
N VAL E 89 -16.68 3.95 -36.84
CA VAL E 89 -17.22 2.59 -36.61
C VAL E 89 -17.65 2.01 -37.96
N LYS E 90 -18.11 2.85 -38.89
CA LYS E 90 -18.64 2.42 -40.21
C LYS E 90 -17.51 1.84 -41.08
N ALA E 91 -16.37 2.52 -41.14
CA ALA E 91 -15.17 2.05 -41.87
C ALA E 91 -14.70 0.75 -41.24
N GLY E 92 -15.00 0.54 -39.97
CA GLY E 92 -14.81 -0.76 -39.30
C GLY E 92 -13.73 -0.74 -38.24
N LEU E 93 -13.49 0.41 -37.62
CA LEU E 93 -12.61 0.48 -36.44
C LEU E 93 -13.42 0.01 -35.21
N LYS E 94 -12.74 -0.68 -34.31
CA LYS E 94 -13.38 -1.47 -33.23
C LYS E 94 -13.43 -0.65 -31.93
N ALA E 95 -12.80 0.53 -31.92
CA ALA E 95 -12.76 1.43 -30.75
C ALA E 95 -12.57 2.87 -31.21
N ILE E 96 -12.84 3.84 -30.31
CA ILE E 96 -12.83 5.32 -30.52
C ILE E 96 -11.96 5.93 -29.41
N TYR E 97 -11.12 6.91 -29.75
CA TYR E 97 -10.33 7.71 -28.77
C TYR E 97 -10.96 9.11 -28.64
N LEU E 98 -11.12 9.54 -27.41
CA LEU E 98 -11.55 10.91 -26.97
C LEU E 98 -10.27 11.62 -26.47
N SER E 99 -9.80 12.61 -27.25
CA SER E 99 -8.56 13.39 -27.04
C SER E 99 -8.91 14.68 -26.31
N GLY E 100 -8.33 14.94 -25.16
CA GLY E 100 -8.53 16.21 -24.43
C GLY E 100 -8.02 17.38 -25.22
N TRP E 101 -6.86 17.17 -25.88
CA TRP E 101 -6.29 18.05 -26.93
C TRP E 101 -7.39 18.56 -27.86
N GLN E 102 -8.14 17.65 -28.49
CA GLN E 102 -9.14 18.02 -29.50
C GLN E 102 -10.30 18.72 -28.77
N VAL E 103 -10.64 18.26 -27.56
CA VAL E 103 -11.67 18.93 -26.73
C VAL E 103 -11.26 20.40 -26.57
N ALA E 104 -10.04 20.67 -26.11
CA ALA E 104 -9.46 22.03 -25.93
C ALA E 104 -9.56 22.91 -27.21
N ALA E 105 -9.39 22.34 -28.39
CA ALA E 105 -9.24 23.08 -29.65
C ALA E 105 -10.59 23.41 -30.31
N ASP E 106 -11.64 22.60 -30.07
CA ASP E 106 -12.83 22.62 -30.96
C ASP E 106 -14.08 21.97 -30.34
N ALA E 107 -14.04 21.50 -29.08
CA ALA E 107 -15.10 20.63 -28.50
C ALA E 107 -15.15 20.75 -26.98
N ASN E 108 -15.26 21.95 -26.44
CA ASN E 108 -15.23 22.12 -24.97
C ASN E 108 -16.40 23.02 -24.60
N LEU E 109 -16.78 23.07 -23.33
CA LEU E 109 -18.05 23.67 -22.92
C LEU E 109 -17.71 25.09 -22.51
N ALA E 110 -16.51 25.57 -22.77
CA ALA E 110 -16.20 27.02 -22.71
C ALA E 110 -16.46 27.62 -24.09
N GLY E 111 -16.54 26.77 -25.12
CA GLY E 111 -16.62 27.21 -26.51
C GLY E 111 -15.42 28.07 -26.89
N GLN E 112 -14.25 27.66 -26.44
CA GLN E 112 -12.99 28.38 -26.69
C GLN E 112 -12.10 27.48 -27.55
N MET E 113 -11.28 28.09 -28.40
CA MET E 113 -10.13 27.37 -28.99
C MET E 113 -8.97 27.56 -28.02
N TYR E 114 -8.52 26.45 -27.50
CA TYR E 114 -7.48 26.38 -26.47
C TYR E 114 -6.41 25.39 -26.89
N PRO E 115 -5.17 25.73 -26.53
CA PRO E 115 -4.08 24.77 -26.54
C PRO E 115 -4.16 23.74 -25.38
N ASP E 116 -3.42 22.66 -25.52
CA ASP E 116 -3.46 21.52 -24.58
C ASP E 116 -2.78 21.92 -23.27
N GLN E 117 -3.43 22.80 -22.50
CA GLN E 117 -2.87 23.44 -21.26
C GLN E 117 -3.85 23.28 -20.09
N SER E 118 -4.76 22.31 -20.15
CA SER E 118 -5.89 22.22 -19.20
C SER E 118 -6.42 23.64 -18.89
N LEU E 119 -7.18 24.20 -19.84
CA LEU E 119 -7.86 25.52 -19.76
C LEU E 119 -9.37 25.35 -19.94
N TYR E 120 -9.89 24.18 -20.30
CA TYR E 120 -11.33 24.01 -20.62
C TYR E 120 -12.06 23.51 -19.39
N PRO E 121 -13.42 23.62 -19.32
CA PRO E 121 -14.20 23.00 -18.25
C PRO E 121 -14.12 21.47 -18.19
N ALA E 122 -13.77 20.94 -17.00
CA ALA E 122 -13.42 19.51 -16.77
C ALA E 122 -14.52 18.55 -17.27
N ASN E 123 -15.80 18.99 -17.26
CA ASN E 123 -16.96 18.16 -17.72
C ASN E 123 -17.08 18.16 -19.25
N SER E 124 -16.25 18.92 -19.98
CA SER E 124 -16.22 18.85 -21.47
C SER E 124 -16.01 17.42 -21.97
N GLY E 125 -15.04 16.69 -21.42
CA GLY E 125 -14.68 15.34 -21.92
C GLY E 125 -15.86 14.39 -21.80
N PRO E 126 -16.34 14.13 -20.56
CA PRO E 126 -17.52 13.29 -20.32
C PRO E 126 -18.73 13.68 -21.19
N GLN E 127 -18.99 14.98 -21.34
CA GLN E 127 -20.10 15.56 -22.16
C GLN E 127 -20.00 15.05 -23.59
N LEU E 128 -18.81 15.02 -24.15
CA LEU E 128 -18.55 14.56 -25.52
C LEU E 128 -18.79 13.05 -25.63
N VAL E 129 -18.22 12.27 -24.71
CA VAL E 129 -18.51 10.81 -24.69
C VAL E 129 -20.03 10.65 -24.74
N ARG E 130 -20.83 11.47 -24.06
CA ARG E 130 -22.29 11.28 -24.11
C ARG E 130 -22.71 11.45 -25.58
N ASN E 131 -22.35 12.58 -26.18
CA ASN E 131 -22.79 12.96 -27.54
C ASN E 131 -22.42 11.81 -28.48
N ILE E 132 -21.20 11.32 -28.39
CA ILE E 132 -20.71 10.20 -29.26
C ILE E 132 -21.54 8.94 -29.00
N ASN E 133 -21.79 8.59 -27.74
CA ASN E 133 -22.62 7.40 -27.43
C ASN E 133 -24.04 7.64 -27.97
N ASN E 134 -24.51 8.88 -27.96
CA ASN E 134 -25.83 9.25 -28.56
C ASN E 134 -25.81 8.98 -30.06
N ALA E 135 -24.81 9.49 -30.76
CA ALA E 135 -24.67 9.33 -32.22
C ALA E 135 -24.67 7.83 -32.58
N LEU E 136 -23.95 7.02 -31.82
CA LEU E 136 -23.88 5.56 -32.08
C LEU E 136 -25.25 4.95 -31.79
N ARG E 137 -25.93 5.41 -30.75
CA ARG E 137 -27.28 4.91 -30.41
C ARG E 137 -28.26 5.23 -31.55
N ARG E 138 -28.14 6.36 -32.22
CA ARG E 138 -29.08 6.76 -33.31
C ARG E 138 -28.78 5.95 -34.57
N ALA E 139 -27.52 5.80 -34.96
CA ALA E 139 -27.06 4.92 -36.05
C ALA E 139 -27.59 3.48 -35.82
N ASP E 140 -27.38 2.92 -34.61
CA ASP E 140 -27.81 1.53 -34.23
C ASP E 140 -29.34 1.41 -34.35
N GLN E 141 -30.05 2.47 -33.92
CA GLN E 141 -31.52 2.66 -33.97
C GLN E 141 -31.97 2.60 -35.44
N ILE E 142 -31.26 3.31 -36.32
CA ILE E 142 -31.55 3.41 -37.79
C ILE E 142 -31.44 2.01 -38.40
N TYR E 143 -30.28 1.37 -38.19
CA TYR E 143 -29.89 0.04 -38.73
C TYR E 143 -30.91 -1.03 -38.27
N HIS E 144 -31.24 -0.99 -36.99
CA HIS E 144 -32.23 -1.94 -36.43
C HIS E 144 -33.56 -1.77 -37.18
N SER E 145 -34.00 -0.53 -37.42
CA SER E 145 -35.33 -0.19 -38.02
C SER E 145 -35.37 -0.58 -39.50
N GLU E 146 -34.20 -0.75 -40.12
CA GLU E 146 -34.02 -1.26 -41.50
C GLU E 146 -33.67 -2.75 -41.41
N GLY E 147 -33.80 -3.34 -40.21
CA GLY E 147 -33.35 -4.71 -39.87
C GLY E 147 -32.01 -5.07 -40.48
N ARG E 148 -30.95 -4.31 -40.18
CA ARG E 148 -29.56 -4.58 -40.62
C ARG E 148 -28.72 -5.05 -39.44
N ASN E 149 -27.62 -5.75 -39.70
CA ASN E 149 -26.75 -6.43 -38.71
C ASN E 149 -25.25 -6.27 -39.04
N ASP E 150 -24.87 -5.61 -40.14
CA ASP E 150 -23.46 -5.70 -40.60
C ASP E 150 -22.56 -5.10 -39.50
N ILE E 151 -22.87 -3.91 -39.00
CA ILE E 151 -22.00 -3.17 -38.04
C ILE E 151 -22.53 -3.32 -36.62
N TYR E 152 -21.62 -3.48 -35.63
CA TYR E 152 -21.91 -3.40 -34.17
C TYR E 152 -21.49 -1.99 -33.71
N TRP E 153 -22.46 -1.14 -33.41
CA TRP E 153 -22.26 0.33 -33.24
C TRP E 153 -21.57 0.68 -31.91
N PHE E 154 -21.76 -0.13 -30.88
CA PHE E 154 -21.34 0.23 -29.50
C PHE E 154 -19.84 -0.10 -29.34
N ALA E 155 -19.05 0.59 -30.16
CA ALA E 155 -17.57 0.65 -30.13
C ALA E 155 -17.17 1.22 -28.78
N PRO E 156 -16.32 0.54 -28.00
CA PRO E 156 -15.86 1.10 -26.74
C PRO E 156 -15.11 2.41 -27.00
N ILE E 157 -15.15 3.30 -26.01
CA ILE E 157 -14.51 4.65 -26.04
C ILE E 157 -13.46 4.71 -24.94
N VAL E 158 -12.25 5.07 -25.33
CA VAL E 158 -11.15 5.34 -24.37
C VAL E 158 -11.01 6.85 -24.28
N ALA E 159 -11.20 7.41 -23.08
CA ALA E 159 -11.33 8.86 -22.83
C ALA E 159 -10.23 9.37 -21.91
N ASP E 160 -9.91 10.64 -22.12
CA ASP E 160 -8.79 11.40 -21.52
C ASP E 160 -9.30 12.19 -20.31
N ALA E 161 -8.87 11.79 -19.13
CA ALA E 161 -9.13 12.49 -17.86
C ALA E 161 -7.93 13.40 -17.54
N GLU E 162 -7.04 13.62 -18.52
CA GLU E 162 -5.78 14.38 -18.33
C GLU E 162 -5.14 13.93 -17.01
N ALA E 163 -4.92 14.88 -16.09
CA ALA E 163 -4.23 14.72 -14.79
C ALA E 163 -5.29 14.87 -13.69
N GLY E 164 -6.53 14.49 -14.03
CA GLY E 164 -7.72 14.45 -13.13
C GLY E 164 -8.31 15.83 -12.84
N PHE E 165 -7.82 16.90 -13.46
CA PHE E 165 -8.31 18.28 -13.19
C PHE E 165 -8.31 18.59 -11.69
N GLY E 166 -7.29 18.16 -10.94
CA GLY E 166 -7.05 18.63 -9.56
C GLY E 166 -6.54 17.52 -8.68
N GLY E 167 -7.21 17.30 -7.55
CA GLY E 167 -6.78 16.32 -6.54
C GLY E 167 -7.38 14.94 -6.81
N PRO E 168 -7.17 13.95 -5.92
CA PRO E 168 -7.85 12.66 -6.05
C PRO E 168 -9.38 12.73 -6.02
N LEU E 169 -10.00 13.69 -5.34
CA LEU E 169 -11.48 13.77 -5.36
C LEU E 169 -11.93 14.23 -6.75
N ASN E 170 -11.17 15.12 -7.39
CA ASN E 170 -11.38 15.59 -8.79
C ASN E 170 -11.32 14.37 -9.73
N VAL E 171 -10.40 13.44 -9.50
CA VAL E 171 -10.23 12.20 -10.32
C VAL E 171 -11.46 11.32 -10.12
N PHE E 172 -11.90 11.19 -8.87
CA PHE E 172 -13.07 10.36 -8.46
C PHE E 172 -14.25 10.86 -9.28
N GLU E 173 -14.44 12.17 -9.32
CA GLU E 173 -15.66 12.77 -9.91
C GLU E 173 -15.58 12.69 -11.45
N ILE E 174 -14.44 12.89 -12.09
CA ILE E 174 -14.40 12.82 -13.58
C ILE E 174 -14.45 11.36 -14.02
N MET E 175 -13.97 10.42 -13.20
CA MET E 175 -14.04 8.98 -13.57
C MET E 175 -15.53 8.62 -13.64
N LYS E 176 -16.28 8.95 -12.59
CA LYS E 176 -17.74 8.70 -12.54
C LYS E 176 -18.37 9.33 -13.79
N ALA E 177 -18.18 10.62 -13.97
CA ALA E 177 -18.74 11.42 -15.10
C ALA E 177 -18.61 10.62 -16.40
N TYR E 178 -17.43 10.05 -16.62
CA TYR E 178 -17.04 9.37 -17.87
C TYR E 178 -17.86 8.08 -17.97
N ILE E 179 -18.05 7.44 -16.83
CA ILE E 179 -18.87 6.20 -16.72
C ILE E 179 -20.35 6.54 -16.97
N GLU E 180 -20.95 7.53 -16.30
CA GLU E 180 -22.34 7.97 -16.59
C GLU E 180 -22.49 8.11 -18.11
N ALA E 181 -21.57 8.82 -18.76
CA ALA E 181 -21.61 9.11 -20.20
C ALA E 181 -21.35 7.86 -21.07
N GLY E 182 -20.86 6.75 -20.49
CA GLY E 182 -20.66 5.46 -21.20
C GLY E 182 -19.25 5.23 -21.74
N ALA E 183 -18.19 5.73 -21.10
CA ALA E 183 -16.78 5.43 -21.48
C ALA E 183 -16.46 3.98 -21.11
N ALA E 184 -15.61 3.32 -21.91
CA ALA E 184 -15.14 1.93 -21.67
C ALA E 184 -13.78 1.97 -20.97
N GLY E 185 -12.94 2.95 -21.31
CA GLY E 185 -11.61 3.12 -20.71
C GLY E 185 -11.35 4.58 -20.41
N VAL E 186 -10.62 4.87 -19.36
CA VAL E 186 -10.20 6.26 -19.06
C VAL E 186 -8.72 6.26 -18.72
N HIS E 187 -8.01 7.28 -19.17
CA HIS E 187 -6.53 7.34 -19.03
C HIS E 187 -6.20 8.56 -18.19
N PHE E 188 -5.27 8.41 -17.24
CA PHE E 188 -4.84 9.45 -16.27
C PHE E 188 -3.33 9.55 -16.31
N GLU E 189 -2.78 10.76 -16.19
CA GLU E 189 -1.32 11.02 -16.33
C GLU E 189 -0.74 11.71 -15.10
N ASP E 190 0.57 11.57 -14.95
CA ASP E 190 1.37 11.90 -13.73
C ASP E 190 1.96 13.31 -13.80
N GLN E 191 1.27 14.25 -14.45
CA GLN E 191 1.65 15.70 -14.55
C GLN E 191 0.94 16.48 -13.44
N LEU E 192 1.58 17.49 -12.84
CA LEU E 192 0.87 18.46 -11.99
C LEU E 192 -0.37 18.99 -12.76
N ALA E 193 -1.55 18.91 -12.12
CA ALA E 193 -2.84 19.29 -12.72
C ALA E 193 -2.79 20.78 -13.14
N SER E 194 -2.24 21.65 -12.29
CA SER E 194 -2.26 23.12 -12.46
C SER E 194 -1.29 23.57 -13.56
N GLU E 195 -0.49 22.65 -14.10
CA GLU E 195 0.54 22.96 -15.13
C GLU E 195 0.43 21.97 -16.30
N LYS E 196 -0.65 21.18 -16.35
CA LYS E 196 -0.82 20.04 -17.29
C LYS E 196 -0.68 20.58 -18.71
N LYS E 197 -0.02 19.85 -19.60
CA LYS E 197 0.29 20.28 -21.00
C LYS E 197 0.35 19.06 -21.90
N CYS E 198 0.24 19.27 -23.20
CA CYS E 198 0.45 18.23 -24.24
C CYS E 198 1.70 17.47 -23.82
N GLY E 199 1.72 16.16 -24.07
CA GLY E 199 2.88 15.28 -23.82
C GLY E 199 4.04 15.62 -24.73
N HIS E 200 3.77 16.39 -25.77
CA HIS E 200 4.74 16.72 -26.83
C HIS E 200 5.06 18.21 -26.75
N MET E 201 4.64 18.86 -25.66
CA MET E 201 5.01 20.26 -25.32
C MET E 201 6.21 20.23 -24.35
N GLY E 202 7.08 21.24 -24.41
CA GLY E 202 8.09 21.39 -23.34
C GLY E 202 7.35 21.84 -22.09
N GLY E 203 8.01 21.81 -20.93
CA GLY E 203 7.56 22.53 -19.74
C GLY E 203 6.67 21.65 -18.90
N LYS E 204 6.71 20.34 -19.14
CA LYS E 204 5.94 19.33 -18.37
C LYS E 204 6.54 19.16 -16.99
N VAL E 205 5.69 19.13 -15.95
CA VAL E 205 6.05 18.97 -14.51
C VAL E 205 5.45 17.68 -13.97
N LEU E 206 6.25 16.82 -13.35
CA LEU E 206 5.79 15.54 -12.73
C LEU E 206 5.28 15.83 -11.30
N ILE E 207 4.35 15.00 -10.80
CA ILE E 207 3.93 14.98 -9.38
C ILE E 207 4.70 13.83 -8.80
N PRO E 208 4.91 13.76 -7.47
CA PRO E 208 5.48 12.58 -6.83
C PRO E 208 4.77 11.28 -7.20
N THR E 209 5.56 10.24 -7.45
CA THR E 209 5.07 8.86 -7.71
C THR E 209 3.87 8.49 -6.80
N GLN E 210 3.97 8.63 -5.46
CA GLN E 210 2.88 8.25 -4.50
C GLN E 210 1.59 9.02 -4.85
N ALA E 211 1.71 10.19 -5.47
CA ALA E 211 0.57 11.05 -5.84
C ALA E 211 -0.12 10.50 -7.10
N ALA E 212 0.65 10.31 -8.17
CA ALA E 212 0.18 9.56 -9.35
C ALA E 212 -0.63 8.34 -8.83
N ILE E 213 -0.16 7.68 -7.77
CA ILE E 213 -0.76 6.37 -7.37
C ILE E 213 -2.11 6.65 -6.73
N ARG E 214 -2.21 7.66 -5.84
CA ARG E 214 -3.51 8.05 -5.24
C ARG E 214 -4.51 8.30 -6.37
N ASN E 215 -4.13 9.09 -7.39
CA ASN E 215 -4.95 9.44 -8.57
C ASN E 215 -5.45 8.19 -9.28
N LEU E 216 -4.58 7.24 -9.53
CA LEU E 216 -5.01 5.96 -10.12
C LEU E 216 -6.00 5.23 -9.18
N VAL E 217 -5.75 5.28 -7.86
CA VAL E 217 -6.57 4.58 -6.81
C VAL E 217 -7.94 5.26 -6.79
N ALA E 218 -8.00 6.59 -6.75
CA ALA E 218 -9.28 7.34 -6.81
C ALA E 218 -10.09 6.86 -8.01
N ALA E 219 -9.45 6.59 -9.15
CA ALA E 219 -10.10 6.13 -10.39
C ALA E 219 -10.71 4.75 -10.17
N ARG E 220 -9.96 3.84 -9.53
CA ARG E 220 -10.45 2.46 -9.31
C ARG E 220 -11.62 2.50 -8.33
N LEU E 221 -11.57 3.33 -7.29
CA LEU E 221 -12.66 3.43 -6.27
C LEU E 221 -13.90 4.04 -6.91
N ALA E 222 -13.72 4.85 -7.94
CA ALA E 222 -14.81 5.55 -8.64
C ALA E 222 -15.54 4.50 -9.47
N ALA E 223 -14.78 3.73 -10.23
CA ALA E 223 -15.31 2.69 -11.15
C ALA E 223 -16.05 1.61 -10.34
N ASP E 224 -15.52 1.29 -9.17
CA ASP E 224 -16.00 0.22 -8.27
C ASP E 224 -17.31 0.67 -7.59
N VAL E 225 -17.31 1.89 -7.06
CA VAL E 225 -18.54 2.53 -6.53
C VAL E 225 -19.66 2.42 -7.58
N MET E 226 -19.42 2.74 -8.84
CA MET E 226 -20.46 2.74 -9.90
C MET E 226 -20.79 1.31 -10.33
N GLY E 227 -19.94 0.36 -9.95
CA GLY E 227 -20.14 -1.08 -10.17
C GLY E 227 -19.78 -1.49 -11.58
N VAL E 228 -18.69 -0.96 -12.12
CA VAL E 228 -18.33 -1.11 -13.57
C VAL E 228 -16.83 -1.37 -13.70
N PRO E 229 -16.42 -2.36 -14.55
CA PRO E 229 -15.01 -2.73 -14.69
C PRO E 229 -14.31 -1.83 -15.71
N THR E 230 -14.39 -0.51 -15.48
CA THR E 230 -13.90 0.49 -16.46
C THR E 230 -12.39 0.27 -16.58
N ILE E 231 -11.88 0.15 -17.80
CA ILE E 231 -10.42 -0.03 -18.06
C ILE E 231 -9.72 1.27 -17.66
N ILE E 232 -8.84 1.18 -16.66
CA ILE E 232 -7.96 2.28 -16.19
C ILE E 232 -6.64 2.18 -16.95
N VAL E 233 -6.23 3.24 -17.64
CA VAL E 233 -4.91 3.31 -18.33
C VAL E 233 -4.08 4.35 -17.57
N ALA E 234 -2.91 3.95 -17.03
CA ALA E 234 -1.93 4.85 -16.36
C ALA E 234 -0.91 5.31 -17.41
N ARG E 235 -0.83 6.62 -17.59
CA ARG E 235 0.08 7.30 -18.54
C ARG E 235 1.25 7.91 -17.74
N THR E 236 2.46 7.90 -18.32
CA THR E 236 3.63 8.59 -17.71
C THR E 236 4.22 9.57 -18.70
N ASP E 237 4.36 10.81 -18.28
CA ASP E 237 5.04 11.87 -19.07
C ASP E 237 6.47 12.03 -18.58
N ALA E 238 7.04 11.04 -17.87
CA ALA E 238 8.34 11.12 -17.17
C ALA E 238 9.50 10.74 -18.10
N ASN E 239 9.19 10.32 -19.33
CA ASN E 239 10.20 10.18 -20.42
C ASN E 239 10.84 11.54 -20.72
N ALA E 240 10.06 12.61 -20.89
CA ALA E 240 10.54 13.93 -21.37
C ALA E 240 10.57 14.97 -20.24
N ALA E 241 9.80 14.72 -19.17
CA ALA E 241 9.51 15.73 -18.13
C ALA E 241 10.74 15.84 -17.22
N THR E 242 11.32 17.04 -17.17
CA THR E 242 12.59 17.35 -16.46
C THR E 242 12.30 18.19 -15.19
N LEU E 243 11.04 18.33 -14.84
CA LEU E 243 10.58 19.15 -13.70
C LEU E 243 9.65 18.30 -12.83
N LEU E 244 9.71 18.50 -11.51
CA LEU E 244 8.95 17.74 -10.49
C LEU E 244 8.61 18.69 -9.32
N THR E 245 7.50 18.46 -8.62
CA THR E 245 6.96 19.41 -7.60
C THR E 245 7.70 19.23 -6.27
N SER E 246 8.09 17.98 -5.96
CA SER E 246 8.59 17.57 -4.63
C SER E 246 9.43 16.31 -4.80
N ASP E 247 10.58 16.33 -4.11
CA ASP E 247 11.55 15.21 -4.01
C ASP E 247 11.16 14.26 -2.86
N ILE E 248 9.88 14.21 -2.46
CA ILE E 248 9.41 13.52 -1.21
C ILE E 248 9.43 12.01 -1.40
N ASP E 249 9.21 11.49 -2.63
CA ASP E 249 9.10 10.02 -2.87
C ASP E 249 10.51 9.47 -3.07
N GLU E 250 10.89 8.41 -2.34
CA GLU E 250 12.23 7.75 -2.44
C GLU E 250 12.42 7.10 -3.80
N ARG E 251 11.36 6.96 -4.62
CA ARG E 251 11.44 6.47 -6.02
C ARG E 251 11.86 7.60 -6.97
N ASP E 252 11.73 8.87 -6.54
CA ASP E 252 11.96 10.04 -7.44
C ASP E 252 13.30 10.73 -7.13
N ARG E 253 13.82 10.65 -5.90
CA ARG E 253 15.10 11.30 -5.49
C ARG E 253 16.19 10.94 -6.49
N PRO E 254 16.39 9.63 -6.81
CA PRO E 254 17.45 9.20 -7.71
C PRO E 254 17.60 10.11 -8.94
N PHE E 255 16.47 10.58 -9.46
CA PHE E 255 16.36 11.37 -10.72
C PHE E 255 16.53 12.86 -10.44
N CYS E 256 16.40 13.32 -9.20
CA CYS E 256 16.65 14.75 -8.85
C CYS E 256 18.14 15.06 -8.94
N THR E 257 18.49 16.17 -9.59
CA THR E 257 19.87 16.70 -9.69
C THR E 257 20.18 17.50 -8.43
N GLY E 258 19.16 18.13 -7.83
CA GLY E 258 19.38 18.99 -6.67
C GLY E 258 19.32 20.45 -7.09
N GLU E 259 19.56 20.72 -8.38
CA GLU E 259 19.18 22.03 -8.99
C GLU E 259 17.67 22.23 -8.77
N ARG E 260 17.23 23.49 -8.63
CA ARG E 260 15.80 23.89 -8.48
C ARG E 260 15.53 25.10 -9.36
N THR E 261 14.28 25.31 -9.75
CA THR E 261 13.84 26.50 -10.52
C THR E 261 13.38 27.58 -9.53
N SER E 262 13.21 28.83 -9.99
CA SER E 262 12.73 29.96 -9.14
C SER E 262 11.30 29.67 -8.65
N GLU E 263 10.47 28.97 -9.44
CA GLU E 263 9.13 28.46 -9.02
C GLU E 263 9.37 27.37 -7.99
N GLY E 264 10.56 26.78 -7.94
CA GLY E 264 10.92 25.83 -6.88
C GLY E 264 10.61 24.39 -7.26
N PHE E 265 10.53 24.10 -8.57
CA PHE E 265 10.46 22.72 -9.10
C PHE E 265 11.83 22.07 -9.00
N TYR E 266 11.86 20.75 -8.86
CA TYR E 266 13.11 19.96 -8.76
C TYR E 266 13.44 19.44 -10.16
N ARG E 267 14.55 19.87 -10.75
CA ARG E 267 15.05 19.31 -12.03
C ARG E 267 15.32 17.83 -11.82
N VAL E 268 15.00 17.01 -12.82
CA VAL E 268 15.13 15.52 -12.79
C VAL E 268 15.74 15.07 -14.11
N ARG E 269 16.57 14.01 -14.09
CA ARG E 269 17.19 13.44 -15.31
C ARG E 269 16.09 12.62 -15.99
N ALA E 270 15.40 13.23 -16.97
CA ALA E 270 14.28 12.60 -17.68
C ALA E 270 14.82 11.61 -18.71
N GLY E 271 14.11 10.51 -18.93
CA GLY E 271 14.34 9.58 -20.05
C GLY E 271 13.62 8.26 -19.81
N LEU E 272 13.95 7.23 -20.57
CA LEU E 272 13.30 5.91 -20.41
C LEU E 272 13.50 5.35 -19.00
N ASP E 273 14.60 5.67 -18.32
CA ASP E 273 14.80 5.16 -16.93
C ASP E 273 13.72 5.76 -16.00
N GLN E 274 13.41 7.06 -16.12
CA GLN E 274 12.36 7.71 -15.30
C GLN E 274 11.00 7.11 -15.65
N ALA E 275 10.71 7.02 -16.95
CA ALA E 275 9.46 6.49 -17.49
C ALA E 275 9.29 5.03 -17.06
N ILE E 276 10.37 4.27 -16.97
CA ILE E 276 10.28 2.84 -16.54
C ILE E 276 9.95 2.83 -15.05
N ALA E 277 10.53 3.73 -14.26
CA ALA E 277 10.34 3.75 -12.80
C ALA E 277 8.88 4.06 -12.47
N ARG E 278 8.28 4.99 -13.23
CA ARG E 278 6.85 5.39 -13.07
C ARG E 278 5.94 4.25 -13.53
N GLY E 279 6.16 3.75 -14.76
CA GLY E 279 5.49 2.57 -15.32
C GLY E 279 5.40 1.44 -14.30
N LEU E 280 6.52 1.03 -13.73
CA LEU E 280 6.62 -0.11 -12.76
C LEU E 280 5.84 0.22 -11.47
N ALA E 281 5.99 1.45 -10.96
CA ALA E 281 5.19 1.98 -9.84
C ALA E 281 3.71 1.92 -10.18
N TYR E 282 3.26 2.43 -11.33
CA TYR E 282 1.81 2.52 -11.68
C TYR E 282 1.23 1.13 -12.04
N ALA E 283 2.03 0.13 -12.43
CA ALA E 283 1.52 -1.10 -13.11
C ALA E 283 0.46 -1.82 -12.29
N PRO E 284 0.67 -2.02 -10.97
CA PRO E 284 -0.25 -2.83 -10.16
C PRO E 284 -1.64 -2.21 -9.99
N TYR E 285 -1.79 -0.91 -10.28
CA TYR E 285 -3.01 -0.10 -10.02
C TYR E 285 -3.79 0.24 -11.30
N ALA E 286 -3.19 -0.02 -12.46
CA ALA E 286 -3.77 0.27 -13.78
C ALA E 286 -3.87 -1.02 -14.58
N ASP E 287 -4.82 -1.07 -15.51
CA ASP E 287 -5.02 -2.23 -16.41
C ASP E 287 -4.04 -2.15 -17.56
N MET E 288 -3.79 -0.95 -18.08
CA MET E 288 -2.96 -0.68 -19.29
C MET E 288 -1.95 0.45 -18.99
N ILE E 289 -0.69 0.26 -19.39
CA ILE E 289 0.41 1.25 -19.15
C ILE E 289 0.74 1.94 -20.46
N TRP E 290 0.99 3.25 -20.38
CA TRP E 290 1.19 4.13 -21.57
C TRP E 290 2.38 5.06 -21.28
N CYS E 291 3.46 4.87 -22.03
CA CYS E 291 4.65 5.73 -22.04
C CYS E 291 4.54 6.72 -23.19
N GLU E 292 4.44 8.01 -22.86
CA GLU E 292 4.60 9.09 -23.86
C GLU E 292 6.05 9.08 -24.30
N THR E 293 6.24 9.60 -25.50
CA THR E 293 7.45 9.41 -26.31
C THR E 293 7.59 10.68 -27.14
N SER E 294 8.77 11.00 -27.61
CA SER E 294 9.02 12.26 -28.36
C SER E 294 9.28 11.95 -29.85
N GLU E 295 9.27 10.68 -30.25
CA GLU E 295 9.36 10.25 -31.67
C GLU E 295 8.94 8.79 -31.84
N PRO E 296 8.47 8.35 -33.03
CA PRO E 296 7.90 7.01 -33.21
C PRO E 296 8.96 5.91 -33.41
N ASN E 297 9.65 5.59 -32.32
CA ASN E 297 10.90 4.78 -32.28
C ASN E 297 10.54 3.40 -31.74
N LEU E 298 10.64 2.37 -32.58
CA LEU E 298 10.18 0.99 -32.28
C LEU E 298 11.15 0.38 -31.25
N GLU E 299 12.42 0.78 -31.25
CA GLU E 299 13.45 0.19 -30.36
C GLU E 299 13.14 0.69 -28.95
N GLU E 300 12.92 1.99 -28.77
CA GLU E 300 12.47 2.57 -27.48
C GLU E 300 11.26 1.77 -27.00
N ALA E 301 10.31 1.52 -27.91
CA ALA E 301 9.05 0.78 -27.66
C ALA E 301 9.37 -0.61 -27.11
N ARG E 302 10.20 -1.38 -27.83
CA ARG E 302 10.68 -2.72 -27.40
C ARG E 302 11.26 -2.57 -25.98
N ARG E 303 12.14 -1.60 -25.72
CA ARG E 303 12.87 -1.50 -24.42
C ARG E 303 11.87 -1.35 -23.27
N PHE E 304 10.92 -0.43 -23.40
CA PHE E 304 9.82 -0.23 -22.42
C PHE E 304 9.01 -1.54 -22.29
N ALA E 305 8.50 -2.11 -23.39
CA ALA E 305 7.65 -3.32 -23.35
C ALA E 305 8.39 -4.43 -22.60
N GLU E 306 9.69 -4.54 -22.83
CA GLU E 306 10.59 -5.49 -22.14
C GLU E 306 10.66 -5.15 -20.63
N ALA E 307 11.06 -3.91 -20.30
CA ALA E 307 11.28 -3.41 -18.92
C ALA E 307 10.08 -3.75 -18.03
N ILE E 308 8.88 -3.53 -18.55
CA ILE E 308 7.61 -3.63 -17.81
C ILE E 308 7.22 -5.11 -17.73
N HIS E 309 7.23 -5.84 -18.87
CA HIS E 309 6.84 -7.27 -18.91
C HIS E 309 7.79 -8.13 -18.07
N ALA E 310 9.00 -7.62 -17.81
CA ALA E 310 10.05 -8.30 -17.02
C ALA E 310 9.54 -8.50 -15.59
N GLN E 311 8.74 -7.58 -15.11
CA GLN E 311 8.26 -7.58 -13.71
C GLN E 311 6.73 -7.74 -13.67
N PHE E 312 6.06 -7.50 -14.80
CA PHE E 312 4.58 -7.45 -14.90
C PHE E 312 4.20 -8.18 -16.17
N PRO E 313 4.33 -9.52 -16.19
CA PRO E 313 4.23 -10.29 -17.43
C PRO E 313 2.82 -10.20 -18.00
N GLY E 314 2.69 -10.04 -19.33
CA GLY E 314 1.41 -9.87 -20.06
C GLY E 314 0.65 -8.60 -19.67
N LYS E 315 1.31 -7.60 -19.08
CA LYS E 315 0.61 -6.32 -18.78
C LYS E 315 0.26 -5.66 -20.11
N LEU E 316 -0.96 -5.19 -20.24
CA LEU E 316 -1.39 -4.52 -21.49
C LEU E 316 -0.64 -3.18 -21.65
N LEU E 317 -0.24 -2.85 -22.88
CA LEU E 317 0.38 -1.54 -23.18
C LEU E 317 -0.48 -0.76 -24.17
N ALA E 318 -0.31 0.56 -24.15
CA ALA E 318 -0.86 1.50 -25.15
C ALA E 318 0.27 2.35 -25.74
N TYR E 319 0.11 2.68 -27.03
CA TYR E 319 1.02 3.58 -27.80
C TYR E 319 0.22 4.71 -28.45
N ASN E 320 0.52 5.96 -28.07
CA ASN E 320 0.17 7.19 -28.84
C ASN E 320 1.04 7.26 -30.12
N CYS E 321 0.43 6.90 -31.27
CA CYS E 321 0.92 7.18 -32.63
C CYS E 321 0.66 8.68 -32.91
N SER E 322 1.37 9.57 -32.25
CA SER E 322 0.99 11.00 -32.23
C SER E 322 1.17 11.67 -33.60
N PRO E 323 0.13 12.33 -34.16
CA PRO E 323 0.31 13.41 -35.13
C PRO E 323 1.26 14.53 -34.73
N SER E 324 1.73 14.58 -33.47
CA SER E 324 2.68 15.59 -32.98
C SER E 324 4.08 15.21 -33.44
N PHE E 325 4.21 14.02 -34.02
CA PHE E 325 5.40 13.50 -34.74
C PHE E 325 5.33 13.78 -36.23
N ASN E 326 6.42 14.26 -36.84
CA ASN E 326 6.54 14.36 -38.31
C ASN E 326 6.97 12.99 -38.83
N TRP E 327 6.00 12.14 -39.17
CA TRP E 327 6.17 10.68 -39.35
C TRP E 327 7.26 10.38 -40.39
N LYS E 328 7.24 11.01 -41.56
CA LYS E 328 8.17 10.62 -42.64
C LYS E 328 9.55 11.31 -42.50
N LYS E 329 9.70 12.34 -41.67
CA LYS E 329 11.06 12.79 -41.25
C LYS E 329 11.71 11.66 -40.45
N LYS E 330 10.97 11.06 -39.51
CA LYS E 330 11.54 10.13 -38.51
C LYS E 330 11.69 8.75 -39.11
N LEU E 331 10.82 8.34 -40.04
CA LEU E 331 10.75 6.90 -40.43
C LEU E 331 10.72 6.72 -41.95
N ASP E 332 11.32 5.63 -42.43
CA ASP E 332 11.15 5.19 -43.84
C ASP E 332 9.76 4.57 -43.98
N ASP E 333 9.25 4.53 -45.21
CA ASP E 333 7.84 4.22 -45.55
C ASP E 333 7.57 2.74 -45.22
N ALA E 334 8.57 1.87 -45.29
CA ALA E 334 8.40 0.44 -44.96
C ALA E 334 8.08 0.27 -43.47
N THR E 335 8.89 0.88 -42.60
CA THR E 335 8.74 0.90 -41.12
C THR E 335 7.36 1.50 -40.77
N ILE E 336 7.00 2.64 -41.37
CA ILE E 336 5.68 3.31 -41.19
C ILE E 336 4.58 2.31 -41.53
N ALA E 337 4.73 1.52 -42.58
CA ALA E 337 3.70 0.53 -43.01
C ALA E 337 3.64 -0.63 -42.02
N ALA E 338 4.67 -0.88 -41.24
CA ALA E 338 4.73 -2.06 -40.34
C ALA E 338 4.69 -1.63 -38.87
N PHE E 339 4.57 -0.34 -38.59
CA PHE E 339 4.74 0.28 -37.25
C PHE E 339 3.77 -0.38 -36.24
N GLN E 340 2.47 -0.36 -36.54
CA GLN E 340 1.42 -0.89 -35.64
C GLN E 340 1.57 -2.40 -35.51
N ARG E 341 1.90 -3.11 -36.60
CA ARG E 341 2.08 -4.60 -36.55
C ARG E 341 3.23 -4.92 -35.57
N GLU E 342 4.31 -4.13 -35.60
CA GLU E 342 5.50 -4.28 -34.74
C GLU E 342 5.08 -4.01 -33.30
N LEU E 343 4.59 -2.79 -33.02
CA LEU E 343 4.05 -2.37 -31.70
C LEU E 343 3.14 -3.47 -31.15
N GLY E 344 2.29 -4.04 -31.99
CA GLY E 344 1.33 -5.08 -31.57
C GLY E 344 2.05 -6.24 -30.93
N ALA E 345 2.84 -6.95 -31.72
CA ALA E 345 3.57 -8.16 -31.27
C ALA E 345 4.37 -7.81 -30.00
N MET E 346 4.78 -6.57 -29.80
CA MET E 346 5.50 -6.15 -28.58
C MET E 346 4.57 -6.06 -27.36
N GLY E 347 3.25 -6.20 -27.53
CA GLY E 347 2.24 -6.15 -26.44
C GLY E 347 1.46 -4.82 -26.36
N TYR E 348 1.66 -3.94 -27.34
CA TYR E 348 0.95 -2.63 -27.40
C TYR E 348 -0.40 -2.88 -28.08
N LYS E 349 -1.40 -3.20 -27.25
CA LYS E 349 -2.70 -3.74 -27.70
C LYS E 349 -3.68 -2.60 -27.95
N PHE E 350 -3.46 -1.41 -27.36
CA PHE E 350 -4.24 -0.18 -27.68
C PHE E 350 -3.30 0.85 -28.34
N GLN E 351 -3.54 1.05 -29.63
CA GLN E 351 -2.80 2.01 -30.49
C GLN E 351 -3.79 3.02 -31.08
N PHE E 352 -3.48 4.30 -30.97
CA PHE E 352 -4.44 5.41 -31.14
C PHE E 352 -3.71 6.63 -31.70
N VAL E 353 -4.33 7.24 -32.71
CA VAL E 353 -3.85 8.46 -33.39
C VAL E 353 -4.63 9.61 -32.76
N THR E 354 -4.03 10.24 -31.77
CA THR E 354 -4.72 11.18 -30.84
C THR E 354 -5.47 12.27 -31.62
N LEU E 355 -4.81 12.90 -32.57
CA LEU E 355 -5.31 14.16 -33.18
C LEU E 355 -5.80 13.93 -34.62
N ALA E 356 -6.09 12.68 -35.00
CA ALA E 356 -6.66 12.32 -36.32
C ALA E 356 -7.89 13.19 -36.58
N GLY E 357 -8.61 13.45 -35.50
CA GLY E 357 -9.90 14.15 -35.52
C GLY E 357 -9.72 15.54 -36.09
N PHE E 358 -8.83 16.30 -35.45
CA PHE E 358 -8.48 17.69 -35.78
C PHE E 358 -7.90 17.80 -37.20
N HIS E 359 -7.07 16.85 -37.62
CA HIS E 359 -6.35 16.94 -38.91
C HIS E 359 -7.34 16.65 -40.02
N ALA E 360 -8.11 15.59 -39.88
CA ALA E 360 -9.21 15.26 -40.82
C ALA E 360 -10.10 16.50 -41.05
N LEU E 361 -10.44 17.22 -39.97
CA LEU E 361 -11.46 18.30 -39.96
C LEU E 361 -10.89 19.56 -40.63
N ASN E 362 -9.68 19.93 -40.22
CA ASN E 362 -9.04 21.22 -40.58
C ASN E 362 -8.57 21.11 -42.02
N TYR E 363 -7.95 19.97 -42.35
CA TYR E 363 -7.52 19.62 -43.74
C TYR E 363 -8.75 19.65 -44.66
N SER E 364 -9.76 18.84 -44.35
CA SER E 364 -10.91 18.64 -45.25
C SER E 364 -11.56 20.01 -45.53
N MET E 365 -11.65 20.89 -44.54
CA MET E 365 -12.45 22.15 -44.71
C MET E 365 -11.58 23.21 -45.36
N PHE E 366 -10.30 23.30 -44.99
CA PHE E 366 -9.39 24.27 -45.61
C PHE E 366 -9.39 23.95 -47.10
N GLU E 367 -9.19 22.67 -47.43
CA GLU E 367 -9.07 22.18 -48.82
C GLU E 367 -10.32 22.60 -49.58
N LEU E 368 -11.52 22.31 -49.07
CA LEU E 368 -12.82 22.65 -49.73
C LEU E 368 -12.98 24.16 -49.87
N ALA E 369 -12.75 24.90 -48.79
CA ALA E 369 -12.88 26.38 -48.74
C ALA E 369 -12.01 27.04 -49.81
N ARG E 370 -10.77 26.59 -49.96
CA ARG E 370 -9.77 27.12 -50.93
C ARG E 370 -10.27 26.90 -52.37
N ASN E 371 -10.68 25.67 -52.73
CA ASN E 371 -11.19 25.31 -54.08
C ASN E 371 -12.51 26.03 -54.36
N TYR E 372 -13.38 26.10 -53.36
CA TYR E 372 -14.59 26.93 -53.38
C TYR E 372 -14.20 28.40 -53.66
N ARG E 373 -13.28 29.01 -52.89
CA ARG E 373 -12.90 30.41 -53.16
C ARG E 373 -12.62 30.57 -54.65
N ASP E 374 -11.85 29.68 -55.26
CA ASP E 374 -11.44 29.80 -56.68
C ASP E 374 -12.57 29.42 -57.63
N ARG E 375 -13.12 28.21 -57.51
CA ARG E 375 -13.87 27.53 -58.59
C ARG E 375 -15.34 27.27 -58.21
N GLY E 376 -15.84 27.89 -57.14
CA GLY E 376 -17.23 27.85 -56.67
C GLY E 376 -17.80 26.45 -56.60
N MET E 377 -19.04 26.27 -57.08
CA MET E 377 -19.81 25.00 -56.94
C MET E 377 -19.09 23.83 -57.64
N ALA E 378 -18.08 24.08 -58.47
CA ALA E 378 -17.33 22.99 -59.15
C ALA E 378 -16.54 22.22 -58.08
N ALA E 379 -15.92 22.94 -57.14
CA ALA E 379 -15.34 22.41 -55.88
C ALA E 379 -16.34 21.52 -55.12
N TYR E 380 -17.53 22.01 -54.76
CA TYR E 380 -18.46 21.21 -53.93
C TYR E 380 -18.88 19.95 -54.69
N SER E 381 -19.07 20.04 -56.01
CA SER E 381 -19.42 18.84 -56.84
C SER E 381 -18.31 17.81 -56.76
N GLU E 382 -17.04 18.23 -56.78
CA GLU E 382 -15.90 17.26 -56.73
C GLU E 382 -15.96 16.46 -55.41
N LEU E 383 -16.21 17.13 -54.29
CA LEU E 383 -16.40 16.46 -52.97
C LEU E 383 -17.53 15.42 -53.07
N GLN E 384 -18.68 15.85 -53.62
CA GLN E 384 -19.93 15.04 -53.70
C GLN E 384 -19.62 13.78 -54.50
N GLN E 385 -18.99 13.96 -55.65
CA GLN E 385 -18.59 12.83 -56.51
C GLN E 385 -17.63 11.94 -55.68
N ALA E 386 -16.62 12.52 -55.05
CA ALA E 386 -15.71 11.76 -54.16
C ALA E 386 -16.53 10.94 -53.15
N GLU E 387 -17.63 11.51 -52.64
CA GLU E 387 -18.54 10.89 -51.63
C GLU E 387 -19.29 9.70 -52.28
N PHE E 388 -19.79 9.89 -53.49
CA PHE E 388 -20.47 8.81 -54.26
C PHE E 388 -19.52 7.64 -54.48
N ALA E 389 -18.33 7.93 -55.00
CA ALA E 389 -17.22 6.96 -55.19
C ALA E 389 -17.05 6.11 -53.94
N ALA E 390 -17.15 6.71 -52.75
CA ALA E 390 -16.87 6.03 -51.46
C ALA E 390 -18.03 5.09 -51.05
N GLU E 391 -19.19 5.17 -51.70
CA GLU E 391 -20.29 4.22 -51.37
C GLU E 391 -19.84 2.79 -51.63
N ALA E 392 -19.03 2.57 -52.66
CA ALA E 392 -18.41 1.24 -52.96
C ALA E 392 -17.84 0.62 -51.67
N TYR E 393 -17.34 1.42 -50.73
CA TYR E 393 -16.57 0.94 -49.55
C TYR E 393 -17.35 1.09 -48.22
N GLY E 394 -18.64 1.49 -48.25
CA GLY E 394 -19.51 1.51 -47.05
C GLY E 394 -20.06 2.90 -46.71
N TYR E 395 -19.46 3.94 -47.26
CA TYR E 395 -19.87 5.34 -47.06
C TYR E 395 -21.29 5.51 -47.59
N THR E 396 -22.13 6.22 -46.84
CA THR E 396 -23.56 6.42 -47.15
C THR E 396 -23.98 7.86 -46.80
N ALA E 397 -23.07 8.67 -46.26
CA ALA E 397 -23.42 9.98 -45.65
C ALA E 397 -23.76 10.96 -46.77
N THR E 398 -23.47 10.58 -48.00
CA THR E 398 -23.77 11.42 -49.17
C THR E 398 -25.31 11.58 -49.24
N ARG E 399 -26.08 10.51 -48.99
CA ARG E 399 -27.55 10.55 -48.65
C ARG E 399 -27.68 10.95 -47.17
N HIS E 400 -27.57 12.25 -46.87
CA HIS E 400 -27.35 12.82 -45.51
C HIS E 400 -28.66 12.90 -44.69
N GLN E 401 -29.81 12.95 -45.34
CA GLN E 401 -31.13 12.88 -44.65
C GLN E 401 -31.31 11.51 -43.95
N ARG E 402 -31.09 10.39 -44.65
CA ARG E 402 -31.17 9.02 -44.05
C ARG E 402 -30.08 8.88 -42.96
N GLU E 403 -28.89 9.46 -43.19
CA GLU E 403 -27.66 9.32 -42.37
C GLU E 403 -27.89 9.77 -40.91
N VAL E 404 -28.63 10.88 -40.74
CA VAL E 404 -28.84 11.59 -39.44
C VAL E 404 -30.20 11.17 -38.84
N GLY E 405 -30.93 10.30 -39.55
CA GLY E 405 -32.06 9.51 -39.02
C GLY E 405 -33.44 10.05 -39.39
N THR E 406 -33.52 10.90 -40.42
CA THR E 406 -34.79 11.34 -41.06
C THR E 406 -35.73 10.15 -41.30
N GLY E 407 -35.21 9.05 -41.84
CA GLY E 407 -35.96 7.81 -42.07
C GLY E 407 -36.47 7.27 -40.76
N TYR E 408 -35.60 7.12 -39.76
CA TYR E 408 -36.02 6.57 -38.45
C TYR E 408 -37.22 7.39 -37.96
N PHE E 409 -37.09 8.72 -37.91
CA PHE E 409 -38.12 9.63 -37.33
C PHE E 409 -39.41 9.61 -38.18
N ASP E 410 -39.34 9.21 -39.44
CA ASP E 410 -40.53 8.99 -40.30
C ASP E 410 -41.32 7.77 -39.82
N GLU E 411 -40.63 6.70 -39.45
CA GLU E 411 -41.30 5.49 -38.91
C GLU E 411 -41.94 5.87 -37.57
N VAL E 412 -41.27 6.67 -36.72
CA VAL E 412 -41.85 7.07 -35.41
C VAL E 412 -43.13 7.86 -35.68
N ALA E 413 -43.01 8.95 -36.44
CA ALA E 413 -44.14 9.80 -36.87
C ALA E 413 -45.32 8.94 -37.39
N GLN E 414 -45.02 7.91 -38.20
CA GLN E 414 -46.02 6.99 -38.80
C GLN E 414 -46.65 6.10 -37.70
N VAL E 415 -45.88 5.49 -36.82
CA VAL E 415 -46.47 4.73 -35.68
C VAL E 415 -47.35 5.62 -34.80
N ILE E 416 -47.04 6.90 -34.61
CA ILE E 416 -47.86 7.78 -33.72
C ILE E 416 -49.21 8.11 -34.39
N ALA E 417 -49.32 7.98 -35.71
CA ALA E 417 -50.53 8.27 -36.50
C ALA E 417 -51.29 7.00 -36.92
N GLY E 418 -50.75 5.79 -36.69
CA GLY E 418 -51.37 4.53 -37.16
C GLY E 418 -51.63 4.56 -38.66
N GLY E 419 -50.61 4.84 -39.45
CA GLY E 419 -50.70 5.12 -40.89
C GLY E 419 -50.79 6.61 -41.13
N GLU E 420 -51.68 7.04 -42.03
CA GLU E 420 -52.10 8.46 -42.21
C GLU E 420 -50.87 9.36 -42.44
N ILE E 421 -50.91 10.58 -41.86
CA ILE E 421 -49.84 11.63 -41.76
C ILE E 421 -49.44 12.14 -43.17
N SER E 422 -49.69 13.43 -43.46
CA SER E 422 -49.27 14.11 -44.72
C SER E 422 -47.97 14.91 -44.55
N THR E 423 -47.32 14.87 -43.38
CA THR E 423 -46.07 15.61 -43.02
C THR E 423 -44.90 14.64 -42.85
N THR E 424 -44.75 13.68 -43.77
CA THR E 424 -43.65 12.67 -43.80
C THR E 424 -42.46 13.31 -44.54
N ALA E 425 -41.26 13.20 -43.97
CA ALA E 425 -40.05 13.94 -44.37
C ALA E 425 -39.45 13.38 -45.67
N LEU E 426 -39.01 12.11 -45.69
CA LEU E 426 -38.26 11.46 -46.81
C LEU E 426 -39.10 11.40 -48.08
N THR E 427 -40.41 11.17 -47.95
CA THR E 427 -41.37 11.10 -49.09
C THR E 427 -41.41 12.46 -49.79
N GLY E 428 -41.11 12.51 -51.09
CA GLY E 428 -41.18 13.75 -51.89
C GLY E 428 -40.00 14.68 -51.64
N SER E 429 -39.00 14.22 -50.86
CA SER E 429 -37.75 14.97 -50.53
C SER E 429 -36.81 14.98 -51.73
N THR E 430 -35.97 16.02 -51.88
CA THR E 430 -34.96 16.05 -52.97
C THR E 430 -34.05 14.84 -52.83
N GLU E 431 -33.88 14.31 -51.62
CA GLU E 431 -32.97 13.15 -51.42
C GLU E 431 -33.51 11.96 -52.22
N GLU E 432 -34.81 11.68 -52.09
CA GLU E 432 -35.45 10.47 -52.68
C GLU E 432 -35.74 10.75 -54.17
N GLU E 433 -35.70 12.02 -54.60
CA GLU E 433 -35.89 12.42 -56.02
C GLU E 433 -34.56 12.38 -56.81
N GLN E 434 -33.38 12.49 -56.18
CA GLN E 434 -32.07 12.77 -56.87
C GLN E 434 -30.96 11.78 -56.48
N PHE E 435 -31.15 10.87 -55.52
CA PHE E 435 -30.07 9.97 -55.03
C PHE E 435 -30.62 8.53 -54.92
N MET F 13 -34.80 67.68 -22.24
CA MET F 13 -35.27 66.30 -21.90
C MET F 13 -34.33 65.27 -22.58
N ASP F 14 -33.64 64.45 -21.80
CA ASP F 14 -32.67 63.42 -22.30
C ASP F 14 -33.43 62.09 -22.53
N ARG F 15 -34.73 62.05 -22.22
CA ARG F 15 -35.69 61.04 -22.78
C ARG F 15 -35.77 61.28 -24.29
N ALA F 16 -36.26 62.46 -24.70
CA ALA F 16 -36.52 62.89 -26.10
C ALA F 16 -35.22 62.89 -26.93
N ALA F 17 -34.07 63.17 -26.31
CA ALA F 17 -32.75 63.03 -26.95
C ALA F 17 -32.62 61.62 -27.53
N GLN F 18 -32.73 60.59 -26.67
CA GLN F 18 -32.48 59.15 -26.96
C GLN F 18 -33.48 58.66 -28.02
N ILE F 19 -34.77 58.93 -27.85
CA ILE F 19 -35.81 58.62 -28.90
C ILE F 19 -35.35 59.21 -30.23
N LYS F 20 -35.09 60.52 -30.28
CA LYS F 20 -34.56 61.18 -31.49
C LYS F 20 -33.39 60.36 -32.04
N GLN F 21 -32.48 59.90 -31.18
CA GLN F 21 -31.24 59.21 -31.68
C GLN F 21 -31.64 57.93 -32.42
N ILE F 22 -32.62 57.21 -31.89
CA ILE F 22 -33.17 55.96 -32.51
C ILE F 22 -33.65 56.34 -33.92
N ALA F 23 -34.59 57.30 -34.02
CA ALA F 23 -35.24 57.82 -35.25
C ALA F 23 -34.20 58.17 -36.31
N ASP F 24 -33.14 58.90 -35.96
CA ASP F 24 -32.12 59.30 -36.97
C ASP F 24 -31.53 58.02 -37.55
N SER F 25 -31.05 57.14 -36.66
CA SER F 25 -30.41 55.85 -37.04
C SER F 25 -31.32 55.04 -37.98
N TRP F 26 -32.65 55.23 -37.94
CA TRP F 26 -33.60 54.56 -38.88
C TRP F 26 -33.67 55.24 -40.24
N ASN F 27 -33.37 56.54 -40.28
CA ASN F 27 -33.57 57.40 -41.48
C ASN F 27 -32.22 57.53 -42.20
N THR F 28 -31.58 56.41 -42.56
CA THR F 28 -30.28 56.35 -43.27
C THR F 28 -30.42 55.37 -44.42
N PRO F 29 -29.45 55.27 -45.35
CA PRO F 29 -29.62 54.41 -46.53
C PRO F 29 -29.77 52.92 -46.18
N ARG F 30 -29.06 52.43 -45.15
CA ARG F 30 -29.37 51.16 -44.44
C ARG F 30 -30.77 51.34 -43.87
N PHE F 31 -31.76 50.55 -44.26
CA PHE F 31 -33.19 50.78 -43.88
C PHE F 31 -33.95 51.62 -44.91
N ALA F 32 -33.30 52.24 -45.88
CA ALA F 32 -34.01 52.64 -47.11
C ALA F 32 -34.60 51.38 -47.75
N GLY F 33 -35.80 51.48 -48.29
CA GLY F 33 -36.96 51.86 -47.51
C GLY F 33 -37.53 50.53 -47.06
N ILE F 34 -37.33 50.19 -45.80
CA ILE F 34 -37.90 48.96 -45.19
C ILE F 34 -38.79 49.46 -44.04
N VAL F 35 -39.92 48.80 -43.82
CA VAL F 35 -41.01 49.27 -42.93
C VAL F 35 -40.74 48.83 -41.48
N ARG F 36 -40.98 49.73 -40.53
CA ARG F 36 -41.24 49.40 -39.11
C ARG F 36 -42.66 49.82 -38.73
N PRO F 37 -43.59 48.89 -38.42
CA PRO F 37 -44.92 49.28 -37.96
C PRO F 37 -44.94 49.62 -36.46
N TYR F 38 -43.94 50.35 -35.98
CA TYR F 38 -43.77 50.74 -34.55
C TYR F 38 -42.87 51.97 -34.57
N THR F 39 -42.78 52.68 -33.45
CA THR F 39 -42.22 54.04 -33.37
C THR F 39 -40.90 54.04 -32.61
N PRO F 40 -40.02 55.04 -32.79
CA PRO F 40 -38.82 55.12 -31.96
C PRO F 40 -39.15 54.99 -30.46
N GLU F 41 -40.29 55.58 -30.03
CA GLU F 41 -40.79 55.64 -28.63
C GLU F 41 -41.05 54.20 -28.13
N ASP F 42 -41.70 53.35 -28.94
CA ASP F 42 -41.88 51.91 -28.61
C ASP F 42 -40.53 51.31 -28.22
N VAL F 43 -39.56 51.34 -29.13
CA VAL F 43 -38.21 50.73 -28.92
C VAL F 43 -37.62 51.22 -27.59
N TYR F 44 -37.73 52.51 -27.33
CA TYR F 44 -37.19 53.16 -26.12
C TYR F 44 -37.83 52.50 -24.88
N ARG F 45 -39.15 52.41 -24.86
CA ARG F 45 -39.93 51.82 -23.73
C ARG F 45 -39.43 50.37 -23.46
N LEU F 46 -39.06 49.62 -24.51
CA LEU F 46 -38.76 48.16 -24.38
C LEU F 46 -37.28 47.89 -24.14
N ARG F 47 -36.38 48.84 -24.37
CA ARG F 47 -34.93 48.52 -24.44
C ARG F 47 -34.31 48.46 -23.05
N GLY F 48 -34.99 49.02 -22.05
CA GLY F 48 -34.41 49.18 -20.70
C GLY F 48 -33.68 50.50 -20.61
N SER F 49 -32.99 50.73 -19.49
CA SER F 49 -32.44 52.06 -19.11
C SER F 49 -31.02 52.18 -19.62
N VAL F 50 -30.40 51.03 -19.91
CA VAL F 50 -28.93 50.88 -20.11
C VAL F 50 -28.71 50.18 -21.45
N GLN F 51 -27.77 50.70 -22.25
CA GLN F 51 -27.53 50.28 -23.66
C GLN F 51 -26.25 49.47 -23.68
N ILE F 52 -26.36 48.15 -23.50
CA ILE F 52 -25.19 47.23 -23.63
C ILE F 52 -24.69 47.24 -25.08
N GLU F 53 -23.37 47.23 -25.26
CA GLU F 53 -22.70 47.28 -26.57
C GLU F 53 -22.39 45.84 -27.00
N TYR F 54 -22.79 45.49 -28.21
CA TYR F 54 -22.54 44.17 -28.82
C TYR F 54 -21.56 44.38 -29.97
N THR F 55 -20.26 44.42 -29.63
CA THR F 55 -19.21 44.84 -30.59
C THR F 55 -19.18 43.90 -31.81
N LEU F 56 -19.08 42.59 -31.59
CA LEU F 56 -18.97 41.64 -32.73
C LEU F 56 -20.24 41.76 -33.60
N ALA F 57 -21.42 41.81 -33.00
CA ALA F 57 -22.70 41.90 -33.73
C ALA F 57 -22.63 43.11 -34.67
N ARG F 58 -22.25 44.28 -34.14
CA ARG F 58 -22.21 45.58 -34.85
C ARG F 58 -21.23 45.49 -36.02
N MET F 59 -19.98 45.13 -35.73
CA MET F 59 -18.94 45.08 -36.76
C MET F 59 -19.48 44.24 -37.89
N GLY F 60 -19.90 43.02 -37.57
CA GLY F 60 -20.27 41.98 -38.52
C GLY F 60 -21.47 42.42 -39.32
N ALA F 61 -22.43 43.07 -38.68
CA ALA F 61 -23.60 43.66 -39.36
C ALA F 61 -23.13 44.71 -40.37
N GLU F 62 -22.30 45.65 -39.94
CA GLU F 62 -21.89 46.80 -40.80
C GLU F 62 -20.98 46.25 -41.91
N ARG F 63 -20.22 45.20 -41.62
CA ARG F 63 -19.23 44.68 -42.58
C ARG F 63 -19.98 43.89 -43.64
N LEU F 64 -20.83 42.94 -43.22
CA LEU F 64 -21.70 42.15 -44.13
C LEU F 64 -22.42 43.09 -45.07
N TRP F 65 -23.06 44.13 -44.55
CA TRP F 65 -23.82 45.09 -45.38
C TRP F 65 -22.91 45.72 -46.45
N ASN F 66 -21.76 46.27 -46.07
CA ASN F 66 -20.76 46.86 -46.99
C ASN F 66 -20.30 45.81 -48.03
N LEU F 67 -19.98 44.59 -47.57
CA LEU F 67 -19.50 43.48 -48.44
C LEU F 67 -20.54 43.18 -49.53
N LEU F 68 -21.81 43.08 -49.17
CA LEU F 68 -22.95 42.73 -50.06
C LEU F 68 -23.17 43.86 -51.07
N HIS F 69 -22.63 45.04 -50.76
CA HIS F 69 -22.77 46.25 -51.61
C HIS F 69 -21.48 46.62 -52.34
N THR F 70 -20.43 45.80 -52.33
CA THR F 70 -19.15 46.14 -53.03
C THR F 70 -18.61 44.93 -53.77
N GLU F 71 -18.86 43.69 -53.31
CA GLU F 71 -18.45 42.47 -54.03
C GLU F 71 -19.44 42.14 -55.13
N PRO F 72 -18.95 41.43 -56.18
CA PRO F 72 -19.82 40.84 -57.18
C PRO F 72 -20.82 39.97 -56.41
N TYR F 73 -20.33 39.31 -55.36
CA TYR F 73 -21.14 38.49 -54.43
C TYR F 73 -20.28 37.95 -53.29
N ILE F 74 -20.90 37.50 -52.21
CA ILE F 74 -20.22 36.80 -51.09
C ILE F 74 -20.65 35.35 -51.18
N ASN F 75 -19.73 34.41 -51.31
CA ASN F 75 -20.05 32.96 -51.27
C ASN F 75 -19.42 32.39 -50.02
N ALA F 76 -20.19 31.63 -49.23
CA ALA F 76 -19.82 31.11 -47.89
C ALA F 76 -20.05 29.61 -47.84
N LEU F 77 -19.44 28.94 -46.86
CA LEU F 77 -19.69 27.50 -46.53
C LEU F 77 -20.28 27.38 -45.14
N GLY F 78 -21.04 26.31 -44.92
CA GLY F 78 -21.56 25.93 -43.59
C GLY F 78 -20.40 25.53 -42.70
N ALA F 79 -20.47 25.91 -41.43
CA ALA F 79 -19.48 25.59 -40.39
C ALA F 79 -20.24 25.09 -39.19
N LEU F 80 -19.69 24.07 -38.50
CA LEU F 80 -20.28 23.49 -37.26
C LEU F 80 -19.22 23.35 -36.17
N THR F 81 -18.04 23.89 -36.42
CA THR F 81 -17.02 24.12 -35.37
C THR F 81 -16.27 25.41 -35.66
N GLY F 82 -15.60 25.93 -34.64
CA GLY F 82 -14.72 27.10 -34.80
C GLY F 82 -13.62 26.75 -35.77
N ASN F 83 -13.01 25.59 -35.60
CA ASN F 83 -11.92 25.13 -36.49
C ASN F 83 -12.40 25.22 -37.96
N GLN F 84 -13.65 24.83 -38.27
CA GLN F 84 -14.16 24.89 -39.68
C GLN F 84 -14.21 26.35 -40.11
N ALA F 85 -14.86 27.21 -39.34
CA ALA F 85 -14.96 28.66 -39.62
C ALA F 85 -13.55 29.23 -39.81
N MET F 86 -12.63 28.79 -38.97
CA MET F 86 -11.26 29.34 -38.90
C MET F 86 -10.59 29.08 -40.25
N GLN F 87 -10.67 27.86 -40.74
CA GLN F 87 -10.09 27.43 -42.04
C GLN F 87 -10.84 28.12 -43.19
N GLN F 88 -12.10 28.46 -43.03
CA GLN F 88 -12.88 29.05 -44.15
C GLN F 88 -12.37 30.47 -44.38
N VAL F 89 -12.03 31.17 -43.30
CA VAL F 89 -11.51 32.56 -43.35
C VAL F 89 -10.05 32.52 -43.80
N LYS F 90 -9.27 31.57 -43.29
CA LYS F 90 -7.86 31.27 -43.68
C LYS F 90 -7.77 31.22 -45.21
N ALA F 91 -8.71 30.53 -45.86
CA ALA F 91 -8.67 30.11 -47.27
C ALA F 91 -9.20 31.25 -48.13
N GLY F 92 -9.78 32.27 -47.52
CA GLY F 92 -10.14 33.52 -48.22
C GLY F 92 -11.63 33.79 -48.29
N LEU F 93 -12.51 33.03 -47.66
CA LEU F 93 -13.95 33.37 -47.73
C LEU F 93 -14.21 34.55 -46.76
N LYS F 94 -15.14 35.41 -47.12
CA LYS F 94 -15.39 36.71 -46.44
C LYS F 94 -16.58 36.64 -45.47
N ALA F 95 -17.30 35.52 -45.42
CA ALA F 95 -18.51 35.29 -44.58
C ALA F 95 -18.59 33.81 -44.17
N ILE F 96 -19.31 33.55 -43.07
CA ILE F 96 -19.54 32.17 -42.54
C ILE F 96 -21.04 31.94 -42.43
N TYR F 97 -21.51 30.79 -42.91
CA TYR F 97 -22.92 30.36 -42.78
C TYR F 97 -23.05 29.41 -41.59
N LEU F 98 -24.08 29.58 -40.78
CA LEU F 98 -24.42 28.73 -39.60
C LEU F 98 -25.70 27.97 -39.97
N SER F 99 -25.58 26.68 -40.29
CA SER F 99 -26.71 25.81 -40.76
C SER F 99 -27.39 25.14 -39.57
N GLY F 100 -28.70 25.38 -39.38
CA GLY F 100 -29.52 24.70 -38.35
C GLY F 100 -29.52 23.18 -38.48
N TRP F 101 -29.55 22.69 -39.73
CA TRP F 101 -29.37 21.28 -40.14
C TRP F 101 -28.09 20.75 -39.48
N GLN F 102 -27.02 21.52 -39.59
CA GLN F 102 -25.68 21.09 -39.10
C GLN F 102 -25.75 21.02 -37.57
N VAL F 103 -26.33 22.04 -36.93
CA VAL F 103 -26.63 22.03 -35.48
C VAL F 103 -27.40 20.73 -35.17
N ALA F 104 -28.49 20.49 -35.91
CA ALA F 104 -29.33 19.29 -35.72
C ALA F 104 -28.46 18.04 -35.56
N ALA F 105 -27.64 17.79 -36.57
CA ALA F 105 -27.00 16.48 -36.86
C ALA F 105 -25.74 16.29 -36.03
N ASP F 106 -25.11 17.33 -35.48
CA ASP F 106 -23.78 17.06 -34.88
C ASP F 106 -23.22 18.22 -34.06
N ALA F 107 -24.00 19.24 -33.69
CA ALA F 107 -23.49 20.37 -32.88
C ALA F 107 -24.66 21.05 -32.18
N ASN F 108 -25.34 20.34 -31.29
CA ASN F 108 -26.51 20.90 -30.59
C ASN F 108 -26.35 20.60 -29.09
N LEU F 109 -26.93 21.44 -28.26
CA LEU F 109 -26.75 21.42 -26.79
C LEU F 109 -27.54 20.28 -26.16
N ALA F 110 -28.29 19.47 -26.91
CA ALA F 110 -28.80 18.16 -26.41
C ALA F 110 -27.79 17.06 -26.69
N GLY F 111 -26.80 17.33 -27.55
CA GLY F 111 -25.75 16.37 -27.92
C GLY F 111 -26.36 15.11 -28.49
N GLN F 112 -27.40 15.26 -29.29
CA GLN F 112 -28.11 14.20 -30.06
C GLN F 112 -27.83 14.36 -31.55
N MET F 113 -27.79 13.27 -32.30
CA MET F 113 -27.77 13.34 -33.78
C MET F 113 -29.22 13.33 -34.26
N TYR F 114 -29.75 14.47 -34.68
CA TYR F 114 -31.16 14.64 -35.08
C TYR F 114 -31.22 14.95 -36.56
N PRO F 115 -32.31 14.54 -37.27
CA PRO F 115 -32.66 15.12 -38.56
C PRO F 115 -33.27 16.51 -38.37
N ASP F 116 -33.39 17.27 -39.46
CA ASP F 116 -33.75 18.72 -39.43
C ASP F 116 -35.28 18.93 -39.28
N GLN F 117 -35.83 18.73 -38.04
CA GLN F 117 -37.27 18.76 -37.66
C GLN F 117 -37.51 19.52 -36.33
N SER F 118 -36.91 20.69 -36.20
CA SER F 118 -36.79 21.50 -34.95
C SER F 118 -36.83 20.60 -33.70
N LEU F 119 -35.92 19.62 -33.62
CA LEU F 119 -35.85 18.65 -32.48
C LEU F 119 -34.77 19.05 -31.48
N TYR F 120 -33.95 20.05 -31.76
CA TYR F 120 -32.81 20.41 -30.86
C TYR F 120 -33.16 21.66 -30.04
N PRO F 121 -32.48 21.84 -28.87
CA PRO F 121 -32.67 23.01 -28.01
C PRO F 121 -32.31 24.32 -28.72
N ALA F 122 -33.18 25.31 -28.58
CA ALA F 122 -33.23 26.54 -29.40
C ALA F 122 -32.00 27.41 -29.17
N ASN F 123 -31.21 27.20 -28.10
CA ASN F 123 -30.03 28.07 -27.80
C ASN F 123 -28.76 27.49 -28.45
N SER F 124 -28.83 26.31 -29.02
CA SER F 124 -27.71 25.64 -29.74
C SER F 124 -27.09 26.58 -30.80
N GLY F 125 -27.90 27.15 -31.69
CA GLY F 125 -27.41 28.02 -32.78
C GLY F 125 -26.65 29.25 -32.27
N PRO F 126 -27.26 30.09 -31.41
CA PRO F 126 -26.52 31.17 -30.77
C PRO F 126 -25.27 30.71 -30.03
N GLN F 127 -25.29 29.56 -29.33
CA GLN F 127 -24.10 29.06 -28.59
C GLN F 127 -23.00 28.79 -29.63
N LEU F 128 -23.34 28.17 -30.76
CA LEU F 128 -22.37 27.83 -31.83
C LEU F 128 -21.81 29.12 -32.45
N VAL F 129 -22.64 30.14 -32.64
CA VAL F 129 -22.15 31.44 -33.18
C VAL F 129 -21.04 31.96 -32.25
N ARG F 130 -21.28 32.03 -30.95
CA ARG F 130 -20.27 32.52 -29.95
C ARG F 130 -18.96 31.74 -30.09
N ASN F 131 -19.05 30.40 -30.05
CA ASN F 131 -17.95 29.43 -30.23
C ASN F 131 -17.06 29.81 -31.42
N ILE F 132 -17.70 30.10 -32.55
CA ILE F 132 -17.03 30.45 -33.84
C ILE F 132 -16.32 31.80 -33.70
N ASN F 133 -17.06 32.82 -33.30
CA ASN F 133 -16.51 34.15 -32.94
C ASN F 133 -15.35 33.99 -31.94
N ASN F 134 -15.44 33.09 -30.96
CA ASN F 134 -14.31 32.86 -30.00
C ASN F 134 -13.10 32.32 -30.78
N ALA F 135 -13.26 31.34 -31.67
CA ALA F 135 -12.11 30.78 -32.40
C ALA F 135 -11.51 31.88 -33.29
N LEU F 136 -12.36 32.65 -33.94
CA LEU F 136 -11.91 33.75 -34.82
C LEU F 136 -11.11 34.79 -34.01
N ARG F 137 -11.55 35.06 -32.78
CA ARG F 137 -10.90 35.97 -31.79
C ARG F 137 -9.50 35.45 -31.37
N ARG F 138 -9.35 34.16 -31.12
CA ARG F 138 -8.04 33.53 -30.79
C ARG F 138 -7.17 33.63 -32.05
N ALA F 139 -7.68 33.19 -33.20
CA ALA F 139 -7.01 33.39 -34.52
C ALA F 139 -6.52 34.83 -34.60
N ASP F 140 -7.33 35.80 -34.19
CA ASP F 140 -6.97 37.23 -34.28
C ASP F 140 -5.96 37.61 -33.18
N GLN F 141 -6.16 37.17 -31.93
CA GLN F 141 -5.21 37.35 -30.78
C GLN F 141 -3.81 36.90 -31.21
N ILE F 142 -3.74 35.71 -31.83
CA ILE F 142 -2.50 35.07 -32.35
C ILE F 142 -1.83 35.95 -33.40
N TYR F 143 -2.47 36.19 -34.54
CA TYR F 143 -1.94 37.00 -35.68
C TYR F 143 -1.43 38.35 -35.16
N HIS F 144 -2.19 38.96 -34.25
CA HIS F 144 -1.86 40.28 -33.68
C HIS F 144 -0.59 40.15 -32.85
N SER F 145 -0.45 39.15 -31.98
CA SER F 145 0.74 38.98 -31.10
C SER F 145 1.99 38.76 -31.96
N GLU F 146 1.86 38.14 -33.14
CA GLU F 146 2.96 37.83 -34.11
C GLU F 146 3.15 39.04 -35.04
N GLY F 147 2.45 40.15 -34.75
CA GLY F 147 2.48 41.44 -35.47
C GLY F 147 2.05 41.35 -36.93
N ARG F 148 1.73 40.18 -37.45
CA ARG F 148 1.15 40.07 -38.83
C ARG F 148 -0.33 40.48 -38.85
N ASN F 149 -0.87 40.69 -40.05
CA ASN F 149 -2.33 40.84 -40.36
C ASN F 149 -2.55 40.83 -41.87
N ASP F 150 -2.16 39.74 -42.53
CA ASP F 150 -2.57 39.39 -43.92
C ASP F 150 -4.08 39.07 -43.93
N ILE F 151 -4.62 38.52 -42.83
CA ILE F 151 -6.01 38.01 -42.80
C ILE F 151 -6.82 38.81 -41.78
N TYR F 152 -8.07 39.16 -42.15
CA TYR F 152 -9.08 39.85 -41.31
C TYR F 152 -10.10 38.82 -40.78
N TRP F 153 -10.06 38.60 -39.48
CA TRP F 153 -10.63 37.37 -38.86
C TRP F 153 -12.13 37.48 -38.60
N PHE F 154 -12.70 38.68 -38.64
CA PHE F 154 -14.07 38.92 -38.11
C PHE F 154 -15.06 38.89 -39.28
N ALA F 155 -14.98 37.79 -40.02
CA ALA F 155 -15.95 37.43 -41.08
C ALA F 155 -17.32 37.48 -40.45
N PRO F 156 -18.25 38.21 -41.05
CA PRO F 156 -19.61 38.19 -40.56
C PRO F 156 -20.12 36.74 -40.60
N ILE F 157 -20.97 36.39 -39.64
CA ILE F 157 -21.66 35.07 -39.58
C ILE F 157 -23.16 35.29 -39.78
N VAL F 158 -23.75 34.54 -40.72
CA VAL F 158 -25.22 34.48 -40.91
C VAL F 158 -25.71 33.15 -40.33
N ALA F 159 -26.71 33.24 -39.47
CA ALA F 159 -27.21 32.12 -38.64
C ALA F 159 -28.67 31.84 -38.95
N ASP F 160 -29.08 30.61 -38.63
CA ASP F 160 -30.39 30.01 -38.96
C ASP F 160 -31.22 30.07 -37.67
N ALA F 161 -32.30 30.84 -37.69
CA ALA F 161 -33.27 30.95 -36.58
C ALA F 161 -34.55 30.17 -36.94
N GLU F 162 -34.41 29.19 -37.84
CA GLU F 162 -35.47 28.20 -38.24
C GLU F 162 -36.77 28.99 -38.46
N ALA F 163 -37.89 28.61 -37.85
CA ALA F 163 -39.13 29.43 -37.87
C ALA F 163 -39.28 30.16 -36.54
N GLY F 164 -38.18 30.63 -35.95
CA GLY F 164 -38.17 31.29 -34.62
C GLY F 164 -38.52 30.39 -33.44
N PHE F 165 -38.40 29.06 -33.54
CA PHE F 165 -38.69 28.10 -32.43
C PHE F 165 -39.95 28.50 -31.68
N GLY F 166 -41.03 28.81 -32.40
CA GLY F 166 -42.30 29.17 -31.76
C GLY F 166 -42.84 30.43 -32.36
N GLY F 167 -43.47 31.27 -31.54
CA GLY F 167 -44.22 32.45 -31.98
C GLY F 167 -43.34 33.69 -31.93
N PRO F 168 -43.93 34.86 -32.14
CA PRO F 168 -43.14 36.10 -32.22
C PRO F 168 -42.23 36.33 -31.00
N LEU F 169 -42.70 36.06 -29.77
CA LEU F 169 -41.83 36.23 -28.57
C LEU F 169 -40.60 35.31 -28.73
N ASN F 170 -40.80 34.10 -29.26
CA ASN F 170 -39.71 33.11 -29.46
C ASN F 170 -38.72 33.62 -30.52
N VAL F 171 -39.19 34.32 -31.56
CA VAL F 171 -38.36 34.96 -32.62
C VAL F 171 -37.48 36.03 -31.99
N PHE F 172 -38.12 37.01 -31.34
CA PHE F 172 -37.52 38.15 -30.59
C PHE F 172 -36.35 37.65 -29.73
N GLU F 173 -36.60 36.61 -28.91
CA GLU F 173 -35.58 36.07 -27.98
C GLU F 173 -34.44 35.42 -28.76
N ILE F 174 -34.72 34.63 -29.79
CA ILE F 174 -33.61 33.95 -30.51
C ILE F 174 -32.82 34.98 -31.32
N MET F 175 -33.44 36.05 -31.80
CA MET F 175 -32.71 37.14 -32.52
C MET F 175 -31.78 37.78 -31.51
N LYS F 176 -32.31 38.09 -30.34
CA LYS F 176 -31.54 38.82 -29.33
C LYS F 176 -30.34 37.96 -28.93
N ALA F 177 -30.53 36.66 -28.83
CA ALA F 177 -29.46 35.72 -28.42
C ALA F 177 -28.37 35.78 -29.48
N TYR F 178 -28.75 35.69 -30.76
CA TYR F 178 -27.81 35.65 -31.92
C TYR F 178 -26.92 36.91 -31.92
N ILE F 179 -27.50 38.03 -31.50
CA ILE F 179 -26.81 39.34 -31.39
C ILE F 179 -25.81 39.25 -30.24
N GLU F 180 -26.19 38.73 -29.08
CA GLU F 180 -25.22 38.51 -27.97
C GLU F 180 -24.07 37.65 -28.50
N ALA F 181 -24.33 36.52 -29.14
CA ALA F 181 -23.28 35.60 -29.62
C ALA F 181 -22.41 36.32 -30.67
N GLY F 182 -23.00 37.30 -31.38
CA GLY F 182 -22.28 38.15 -32.35
C GLY F 182 -22.47 37.72 -33.80
N ALA F 183 -23.68 37.33 -34.21
CA ALA F 183 -24.05 37.14 -35.63
C ALA F 183 -24.29 38.49 -36.33
N ALA F 184 -24.06 38.52 -37.65
CA ALA F 184 -24.22 39.71 -38.54
C ALA F 184 -25.60 39.68 -39.21
N GLY F 185 -26.02 38.48 -39.58
CA GLY F 185 -27.31 38.24 -40.24
C GLY F 185 -27.98 37.04 -39.62
N VAL F 186 -29.30 37.02 -39.74
CA VAL F 186 -30.16 35.92 -39.22
C VAL F 186 -31.29 35.73 -40.23
N HIS F 187 -31.59 34.48 -40.62
CA HIS F 187 -32.73 34.14 -41.50
C HIS F 187 -33.88 33.51 -40.69
N PHE F 188 -35.10 33.87 -41.05
CA PHE F 188 -36.38 33.29 -40.55
C PHE F 188 -37.25 32.89 -41.75
N GLU F 189 -37.94 31.75 -41.64
CA GLU F 189 -38.71 31.09 -42.73
C GLU F 189 -40.16 30.93 -42.31
N ASP F 190 -41.05 30.82 -43.28
CA ASP F 190 -42.52 30.90 -43.08
C ASP F 190 -43.14 29.51 -42.87
N GLN F 191 -42.40 28.56 -42.31
CA GLN F 191 -42.97 27.25 -41.91
C GLN F 191 -43.65 27.38 -40.54
N LEU F 192 -44.32 26.33 -40.08
CA LEU F 192 -44.88 26.20 -38.70
C LEU F 192 -43.87 25.53 -37.77
N ALA F 193 -43.48 26.19 -36.68
CA ALA F 193 -42.48 25.72 -35.71
C ALA F 193 -42.80 24.29 -35.26
N SER F 194 -44.06 24.02 -34.90
CA SER F 194 -44.60 22.68 -34.52
C SER F 194 -44.11 21.64 -35.55
N GLU F 195 -43.99 21.99 -36.82
CA GLU F 195 -43.85 21.00 -37.91
C GLU F 195 -42.70 21.38 -38.84
N LYS F 196 -41.88 22.38 -38.46
CA LYS F 196 -40.70 22.88 -39.22
C LYS F 196 -39.79 21.73 -39.64
N LYS F 197 -39.38 21.70 -40.90
CA LYS F 197 -38.40 20.69 -41.35
C LYS F 197 -37.59 21.29 -42.48
N CYS F 198 -36.61 20.52 -42.93
CA CYS F 198 -35.63 20.97 -43.95
C CYS F 198 -36.37 21.31 -45.24
N GLY F 199 -35.95 22.38 -45.90
CA GLY F 199 -36.53 22.92 -47.14
C GLY F 199 -36.49 21.91 -48.26
N HIS F 200 -35.68 20.85 -48.19
CA HIS F 200 -35.54 19.84 -49.27
C HIS F 200 -36.17 18.49 -48.83
N MET F 201 -36.81 18.48 -47.67
CA MET F 201 -37.67 17.35 -47.20
C MET F 201 -39.09 17.59 -47.73
N GLY F 202 -39.92 16.56 -47.75
CA GLY F 202 -41.35 16.73 -48.06
C GLY F 202 -42.16 17.04 -46.81
N GLY F 203 -43.39 17.53 -46.96
CA GLY F 203 -44.33 17.68 -45.84
C GLY F 203 -44.10 18.96 -45.06
N LYS F 204 -43.62 20.00 -45.73
CA LYS F 204 -43.53 21.34 -45.12
C LYS F 204 -44.93 21.96 -45.03
N VAL F 205 -45.15 22.75 -43.98
CA VAL F 205 -46.42 23.47 -43.67
C VAL F 205 -46.09 24.97 -43.55
N LEU F 206 -46.63 25.81 -44.41
CA LEU F 206 -46.51 27.28 -44.26
C LEU F 206 -47.40 27.77 -43.10
N ILE F 207 -47.05 28.93 -42.55
CA ILE F 207 -47.96 29.79 -41.73
C ILE F 207 -48.58 30.81 -42.67
N PRO F 208 -49.61 31.55 -42.20
CA PRO F 208 -50.13 32.72 -42.91
C PRO F 208 -49.13 33.86 -43.14
N THR F 209 -49.30 34.55 -44.24
CA THR F 209 -48.40 35.67 -44.61
C THR F 209 -48.37 36.70 -43.47
N GLN F 210 -49.49 36.99 -42.83
CA GLN F 210 -49.49 37.94 -41.68
C GLN F 210 -48.65 37.32 -40.54
N ALA F 211 -48.70 36.01 -40.34
CA ALA F 211 -47.97 35.37 -39.22
C ALA F 211 -46.46 35.48 -39.45
N ALA F 212 -46.01 35.24 -40.68
CA ALA F 212 -44.60 35.42 -41.08
C ALA F 212 -44.19 36.91 -40.98
N ILE F 213 -45.08 37.84 -41.35
CA ILE F 213 -44.75 39.30 -41.30
C ILE F 213 -44.53 39.64 -39.82
N ARG F 214 -45.40 39.19 -38.91
CA ARG F 214 -45.22 39.39 -37.44
C ARG F 214 -43.79 38.93 -37.03
N ASN F 215 -43.38 37.71 -37.42
CA ASN F 215 -42.06 37.14 -37.06
C ASN F 215 -40.94 38.06 -37.55
N LEU F 216 -41.09 38.62 -38.75
CA LEU F 216 -40.08 39.56 -39.30
C LEU F 216 -40.07 40.84 -38.46
N VAL F 217 -41.22 41.32 -37.99
CA VAL F 217 -41.28 42.57 -37.20
C VAL F 217 -40.63 42.29 -35.83
N ALA F 218 -40.94 41.14 -35.21
CA ALA F 218 -40.30 40.66 -33.95
C ALA F 218 -38.77 40.66 -34.10
N ALA F 219 -38.28 40.18 -35.23
CA ALA F 219 -36.85 40.15 -35.58
C ALA F 219 -36.28 41.57 -35.54
N ARG F 220 -36.87 42.51 -36.30
CA ARG F 220 -36.36 43.91 -36.33
C ARG F 220 -36.51 44.53 -34.94
N LEU F 221 -37.64 44.30 -34.27
CA LEU F 221 -37.89 44.97 -32.97
C LEU F 221 -36.79 44.48 -32.04
N ALA F 222 -36.44 43.20 -32.09
CA ALA F 222 -35.31 42.67 -31.29
C ALA F 222 -34.06 43.49 -31.62
N ALA F 223 -33.70 43.55 -32.90
CA ALA F 223 -32.46 44.19 -33.39
C ALA F 223 -32.43 45.65 -32.93
N ASP F 224 -33.57 46.33 -33.02
CA ASP F 224 -33.69 47.75 -32.63
C ASP F 224 -33.41 47.83 -31.14
N VAL F 225 -34.17 47.08 -30.35
CA VAL F 225 -34.05 46.99 -28.87
C VAL F 225 -32.58 46.83 -28.48
N MET F 226 -31.76 46.15 -29.28
CA MET F 226 -30.33 45.88 -28.96
C MET F 226 -29.38 46.91 -29.60
N GLY F 227 -29.91 47.83 -30.40
CA GLY F 227 -29.15 48.96 -30.96
C GLY F 227 -28.15 48.49 -31.99
N VAL F 228 -28.49 47.49 -32.78
CA VAL F 228 -27.58 46.86 -33.78
C VAL F 228 -28.33 46.71 -35.10
N PRO F 229 -27.73 47.12 -36.24
CA PRO F 229 -28.41 47.09 -37.54
C PRO F 229 -28.24 45.73 -38.23
N THR F 230 -28.57 44.68 -37.48
CA THR F 230 -28.36 43.27 -37.88
C THR F 230 -29.20 42.96 -39.14
N ILE F 231 -28.55 42.36 -40.14
CA ILE F 231 -29.22 41.91 -41.39
C ILE F 231 -30.33 40.91 -41.03
N ILE F 232 -31.53 41.16 -41.54
CA ILE F 232 -32.63 40.16 -41.53
C ILE F 232 -32.86 39.56 -42.93
N VAL F 233 -32.80 38.24 -42.97
CA VAL F 233 -33.10 37.42 -44.17
C VAL F 233 -34.44 36.74 -43.95
N ALA F 234 -35.44 37.17 -44.70
CA ALA F 234 -36.76 36.50 -44.82
C ALA F 234 -36.62 35.42 -45.88
N ARG F 235 -36.80 34.17 -45.42
CA ARG F 235 -36.84 32.94 -46.23
C ARG F 235 -38.29 32.54 -46.49
N THR F 236 -38.56 31.97 -47.66
CA THR F 236 -39.88 31.34 -47.91
C THR F 236 -39.70 29.91 -48.41
N ASP F 237 -40.48 28.99 -47.86
CA ASP F 237 -40.55 27.56 -48.31
C ASP F 237 -41.82 27.30 -49.14
N ALA F 238 -42.40 28.39 -49.68
CA ALA F 238 -43.70 28.43 -50.37
C ALA F 238 -43.60 27.81 -51.78
N ASN F 239 -42.40 27.59 -52.27
CA ASN F 239 -42.16 26.99 -53.60
C ASN F 239 -42.61 25.53 -53.58
N ALA F 240 -42.52 24.83 -52.45
CA ALA F 240 -42.74 23.37 -52.36
C ALA F 240 -43.73 23.01 -51.25
N ALA F 241 -44.03 23.92 -50.33
CA ALA F 241 -45.06 23.68 -49.29
C ALA F 241 -46.46 23.58 -49.92
N THR F 242 -47.04 22.38 -49.88
CA THR F 242 -48.42 22.10 -50.36
C THR F 242 -49.40 22.29 -49.20
N LEU F 243 -48.96 22.46 -47.96
CA LEU F 243 -49.85 22.59 -46.77
C LEU F 243 -49.71 23.99 -46.16
N LEU F 244 -50.75 24.44 -45.47
CA LEU F 244 -50.91 25.79 -44.86
C LEU F 244 -51.80 25.61 -43.64
N THR F 245 -51.58 26.37 -42.57
CA THR F 245 -52.28 26.13 -41.28
C THR F 245 -53.67 26.78 -41.35
N SER F 246 -53.82 27.85 -42.14
CA SER F 246 -55.01 28.75 -42.09
C SER F 246 -55.19 29.56 -43.40
N ASP F 247 -56.43 29.49 -43.92
CA ASP F 247 -56.96 30.32 -45.04
C ASP F 247 -57.35 31.70 -44.51
N ILE F 248 -56.91 32.12 -43.32
CA ILE F 248 -57.32 33.43 -42.72
C ILE F 248 -56.84 34.59 -43.58
N ASP F 249 -55.72 34.49 -44.29
CA ASP F 249 -55.11 35.67 -44.96
C ASP F 249 -55.74 35.79 -46.37
N GLU F 250 -56.36 36.94 -46.68
CA GLU F 250 -56.90 37.27 -48.03
C GLU F 250 -55.87 36.78 -49.05
N ARG F 251 -54.57 37.03 -48.78
CA ARG F 251 -53.43 36.87 -49.73
C ARG F 251 -53.12 35.41 -50.00
N ASP F 252 -53.42 34.53 -49.05
CA ASP F 252 -53.06 33.10 -49.12
C ASP F 252 -54.21 32.33 -49.78
N ARG F 253 -55.41 32.93 -49.82
CA ARG F 253 -56.67 32.27 -50.27
C ARG F 253 -56.58 31.90 -51.74
N PRO F 254 -56.14 32.78 -52.66
CA PRO F 254 -55.92 32.35 -54.04
C PRO F 254 -55.17 31.01 -54.11
N PHE F 255 -54.21 30.74 -53.24
CA PHE F 255 -53.37 29.52 -53.33
C PHE F 255 -54.05 28.28 -52.75
N CYS F 256 -55.01 28.42 -51.82
CA CYS F 256 -55.77 27.26 -51.25
C CYS F 256 -56.61 26.60 -52.35
N THR F 257 -56.54 25.27 -52.46
CA THR F 257 -57.41 24.53 -53.38
C THR F 257 -58.77 24.49 -52.71
N GLY F 258 -58.83 24.45 -51.39
CA GLY F 258 -60.13 24.23 -50.69
C GLY F 258 -60.18 22.87 -50.04
N GLU F 259 -59.39 21.89 -50.49
CA GLU F 259 -59.31 20.60 -49.75
C GLU F 259 -58.41 20.85 -48.55
N ARG F 260 -58.50 19.94 -47.58
CA ARG F 260 -57.85 19.97 -46.23
C ARG F 260 -57.45 18.55 -45.83
N THR F 261 -56.32 18.39 -45.14
CA THR F 261 -55.77 17.08 -44.71
C THR F 261 -56.58 16.59 -43.50
N SER F 262 -56.49 15.29 -43.16
CA SER F 262 -57.18 14.70 -41.99
C SER F 262 -56.78 15.46 -40.72
N GLU F 263 -55.58 16.06 -40.69
CA GLU F 263 -55.04 16.83 -39.55
C GLU F 263 -55.67 18.21 -39.49
N GLY F 264 -56.19 18.71 -40.60
CA GLY F 264 -56.86 20.03 -40.69
C GLY F 264 -56.06 21.05 -41.49
N PHE F 265 -54.98 20.64 -42.17
CA PHE F 265 -54.11 21.57 -42.94
C PHE F 265 -54.77 21.84 -44.28
N TYR F 266 -54.71 23.06 -44.77
CA TYR F 266 -55.23 23.47 -46.09
C TYR F 266 -54.19 23.16 -47.17
N ARG F 267 -54.49 22.29 -48.14
CA ARG F 267 -53.61 22.04 -49.33
C ARG F 267 -53.53 23.35 -50.14
N VAL F 268 -52.33 23.73 -50.60
CA VAL F 268 -52.04 24.97 -51.37
C VAL F 268 -51.24 24.66 -52.65
N ARG F 269 -51.20 25.65 -53.53
CA ARG F 269 -50.62 25.56 -54.88
C ARG F 269 -49.15 25.94 -54.82
N ALA F 270 -48.34 25.03 -54.26
CA ALA F 270 -46.87 25.10 -54.26
C ALA F 270 -46.35 25.49 -55.65
N GLY F 271 -45.34 26.35 -55.66
CA GLY F 271 -44.62 26.77 -56.85
C GLY F 271 -44.17 28.21 -56.72
N LEU F 272 -43.45 28.66 -57.74
CA LEU F 272 -42.74 29.94 -57.75
C LEU F 272 -43.75 31.06 -57.49
N ASP F 273 -44.98 30.95 -57.98
CA ASP F 273 -45.98 32.03 -57.81
C ASP F 273 -46.22 32.28 -56.31
N GLN F 274 -46.49 31.23 -55.51
CA GLN F 274 -46.73 31.33 -54.03
C GLN F 274 -45.45 31.95 -53.40
N ALA F 275 -44.29 31.36 -53.69
CA ALA F 275 -42.95 31.83 -53.26
C ALA F 275 -42.79 33.33 -53.56
N ILE F 276 -43.31 33.73 -54.72
CA ILE F 276 -43.20 35.13 -55.20
C ILE F 276 -44.17 35.98 -54.39
N ALA F 277 -45.37 35.48 -54.13
CA ALA F 277 -46.37 36.18 -53.30
C ALA F 277 -45.76 36.45 -51.92
N ARG F 278 -45.20 35.40 -51.30
CA ARG F 278 -44.55 35.51 -49.98
C ARG F 278 -43.39 36.50 -50.08
N GLY F 279 -42.45 36.26 -51.00
CA GLY F 279 -41.26 37.13 -51.18
C GLY F 279 -41.63 38.60 -51.14
N LEU F 280 -42.63 39.02 -51.94
CA LEU F 280 -43.09 40.42 -52.11
C LEU F 280 -43.73 40.89 -50.80
N ALA F 281 -44.45 40.00 -50.11
CA ALA F 281 -45.17 40.33 -48.85
C ALA F 281 -44.17 40.66 -47.73
N TYR F 282 -43.03 39.95 -47.69
CA TYR F 282 -41.97 40.05 -46.65
C TYR F 282 -40.95 41.13 -47.01
N ALA F 283 -40.81 41.42 -48.30
CA ALA F 283 -39.71 42.25 -48.85
C ALA F 283 -39.60 43.60 -48.12
N PRO F 284 -40.70 44.31 -47.81
CA PRO F 284 -40.60 45.60 -47.09
C PRO F 284 -40.08 45.49 -45.63
N TYR F 285 -39.89 44.26 -45.15
CA TYR F 285 -39.82 43.90 -43.70
C TYR F 285 -38.48 43.24 -43.36
N ALA F 286 -37.57 43.19 -44.34
CA ALA F 286 -36.43 42.26 -44.41
C ALA F 286 -35.42 42.75 -45.46
N ASP F 287 -34.11 42.59 -45.16
CA ASP F 287 -32.98 43.21 -45.93
C ASP F 287 -32.63 42.32 -47.12
N MET F 288 -32.91 41.03 -46.98
CA MET F 288 -32.51 40.01 -47.97
C MET F 288 -33.66 39.01 -48.05
N ILE F 289 -34.00 38.58 -49.25
CA ILE F 289 -35.06 37.58 -49.51
C ILE F 289 -34.39 36.31 -50.03
N TRP F 290 -34.75 35.15 -49.48
CA TRP F 290 -34.20 33.85 -49.91
C TRP F 290 -35.39 32.97 -50.28
N CYS F 291 -35.48 32.61 -51.54
CA CYS F 291 -36.47 31.64 -52.03
C CYS F 291 -35.80 30.26 -52.07
N GLU F 292 -36.28 29.34 -51.24
CA GLU F 292 -35.85 27.91 -51.22
C GLU F 292 -36.35 27.27 -52.51
N THR F 293 -35.73 26.17 -52.93
CA THR F 293 -35.73 25.70 -54.34
C THR F 293 -35.32 24.24 -54.34
N SER F 294 -35.82 23.45 -55.29
CA SER F 294 -35.72 21.97 -55.25
C SER F 294 -34.69 21.44 -56.27
N GLU F 295 -34.11 22.33 -57.09
CA GLU F 295 -32.94 22.00 -57.93
C GLU F 295 -32.17 23.27 -58.32
N PRO F 296 -30.85 23.19 -58.64
CA PRO F 296 -30.05 24.37 -58.95
C PRO F 296 -30.32 24.86 -60.37
N ASN F 297 -31.36 25.69 -60.51
CA ASN F 297 -31.99 26.08 -61.79
C ASN F 297 -31.84 27.59 -61.96
N LEU F 298 -30.86 28.04 -62.75
CA LEU F 298 -30.55 29.48 -63.00
C LEU F 298 -31.77 30.24 -63.53
N GLU F 299 -32.58 29.65 -64.42
CA GLU F 299 -33.77 30.32 -65.01
C GLU F 299 -34.78 30.54 -63.86
N GLU F 300 -34.98 29.55 -62.99
CA GLU F 300 -35.86 29.71 -61.80
C GLU F 300 -35.41 30.90 -60.94
N ALA F 301 -34.12 30.97 -60.63
CA ALA F 301 -33.51 32.05 -59.85
C ALA F 301 -33.77 33.39 -60.55
N ARG F 302 -33.68 33.41 -61.89
CA ARG F 302 -33.83 34.63 -62.74
C ARG F 302 -35.28 35.10 -62.65
N ARG F 303 -36.28 34.24 -62.93
CA ARG F 303 -37.72 34.57 -62.76
C ARG F 303 -37.85 35.23 -61.39
N PHE F 304 -37.46 34.53 -60.32
CA PHE F 304 -37.64 34.99 -58.93
C PHE F 304 -37.06 36.41 -58.79
N ALA F 305 -35.80 36.61 -59.19
CA ALA F 305 -35.13 37.93 -59.11
C ALA F 305 -35.96 39.00 -59.85
N GLU F 306 -36.33 38.71 -61.11
CA GLU F 306 -37.16 39.56 -61.99
C GLU F 306 -38.37 40.08 -61.17
N ALA F 307 -39.12 39.13 -60.58
CA ALA F 307 -40.42 39.38 -59.89
C ALA F 307 -40.19 40.33 -58.71
N ILE F 308 -39.21 40.02 -57.88
CA ILE F 308 -38.91 40.82 -56.66
C ILE F 308 -38.45 42.23 -57.10
N HIS F 309 -37.47 42.36 -58.01
CA HIS F 309 -36.85 43.65 -58.44
C HIS F 309 -37.85 44.52 -59.23
N ALA F 310 -38.77 43.85 -59.94
CA ALA F 310 -39.96 44.47 -60.55
C ALA F 310 -40.59 45.46 -59.57
N GLN F 311 -40.79 45.07 -58.30
CA GLN F 311 -41.49 45.91 -57.28
C GLN F 311 -40.48 46.50 -56.29
N PHE F 312 -39.41 45.79 -55.95
CA PHE F 312 -38.38 46.18 -54.96
C PHE F 312 -37.02 46.22 -55.65
N PRO F 313 -36.73 47.28 -56.42
CA PRO F 313 -35.44 47.37 -57.11
C PRO F 313 -34.31 47.34 -56.07
N GLY F 314 -33.20 46.70 -56.43
CA GLY F 314 -31.99 46.63 -55.60
C GLY F 314 -32.10 45.62 -54.45
N LYS F 315 -33.26 44.97 -54.28
CA LYS F 315 -33.44 44.11 -53.08
C LYS F 315 -32.39 43.02 -53.18
N LEU F 316 -31.62 42.84 -52.10
CA LEU F 316 -30.59 41.77 -51.93
C LEU F 316 -31.29 40.42 -51.85
N LEU F 317 -30.76 39.41 -52.55
CA LEU F 317 -31.28 38.03 -52.51
C LEU F 317 -30.18 37.11 -52.00
N ALA F 318 -30.57 35.96 -51.49
CA ALA F 318 -29.65 34.90 -51.01
C ALA F 318 -30.07 33.57 -51.63
N TYR F 319 -29.10 32.69 -51.89
CA TYR F 319 -29.33 31.42 -52.64
C TYR F 319 -28.58 30.27 -51.98
N ASN F 320 -29.33 29.26 -51.58
CA ASN F 320 -28.78 28.00 -51.02
C ASN F 320 -28.21 27.15 -52.17
N CYS F 321 -26.89 27.12 -52.29
CA CYS F 321 -26.19 26.13 -53.14
C CYS F 321 -26.17 24.79 -52.37
N SER F 322 -27.35 24.18 -52.18
CA SER F 322 -27.68 23.04 -51.29
C SER F 322 -26.96 21.79 -51.73
N PRO F 323 -26.15 21.20 -50.84
CA PRO F 323 -25.71 19.82 -51.00
C PRO F 323 -26.85 18.80 -51.09
N SER F 324 -28.09 19.19 -50.76
CA SER F 324 -29.31 18.35 -50.89
C SER F 324 -29.64 18.09 -52.38
N PHE F 325 -29.19 18.95 -53.32
CA PHE F 325 -29.12 18.64 -54.78
C PHE F 325 -27.89 17.78 -55.11
N ASN F 326 -28.03 16.83 -56.04
CA ASN F 326 -26.95 16.06 -56.72
C ASN F 326 -26.45 16.84 -57.95
N TRP F 327 -25.37 17.61 -57.80
CA TRP F 327 -24.98 18.65 -58.78
C TRP F 327 -24.62 18.09 -60.16
N LYS F 328 -23.94 16.92 -60.26
CA LYS F 328 -23.58 16.35 -61.59
C LYS F 328 -24.86 15.81 -62.26
N LYS F 329 -25.75 15.17 -61.52
CA LYS F 329 -27.05 14.68 -62.06
C LYS F 329 -27.85 15.86 -62.67
N LYS F 330 -27.76 17.06 -62.12
CA LYS F 330 -28.67 18.16 -62.53
C LYS F 330 -27.98 19.11 -63.53
N LEU F 331 -26.65 19.23 -63.54
CA LEU F 331 -26.00 20.29 -64.38
C LEU F 331 -24.74 19.71 -65.06
N ASP F 332 -24.24 20.41 -66.06
CA ASP F 332 -22.96 20.08 -66.75
C ASP F 332 -21.83 20.98 -66.20
N ASP F 333 -20.59 20.51 -66.33
CA ASP F 333 -19.41 21.14 -65.69
C ASP F 333 -19.40 22.63 -66.02
N ALA F 334 -19.77 23.05 -67.23
CA ALA F 334 -19.76 24.48 -67.61
C ALA F 334 -20.70 25.25 -66.68
N THR F 335 -21.94 24.78 -66.51
CA THR F 335 -22.96 25.52 -65.73
C THR F 335 -22.53 25.51 -64.26
N ILE F 336 -22.02 24.37 -63.78
CA ILE F 336 -21.55 24.26 -62.37
C ILE F 336 -20.46 25.30 -62.10
N ALA F 337 -19.51 25.46 -63.03
CA ALA F 337 -18.38 26.42 -62.97
C ALA F 337 -18.92 27.85 -63.03
N ALA F 338 -20.02 28.07 -63.75
CA ALA F 338 -20.53 29.43 -64.03
C ALA F 338 -21.61 29.83 -63.00
N PHE F 339 -22.05 28.88 -62.16
CA PHE F 339 -23.32 28.90 -61.40
C PHE F 339 -23.42 30.13 -60.49
N GLN F 340 -22.39 30.38 -59.67
CA GLN F 340 -22.38 31.45 -58.63
C GLN F 340 -22.13 32.82 -59.26
N ARG F 341 -21.46 32.90 -60.41
CA ARG F 341 -21.22 34.19 -61.12
C ARG F 341 -22.55 34.65 -61.77
N GLU F 342 -23.38 33.71 -62.19
CA GLU F 342 -24.69 34.03 -62.82
C GLU F 342 -25.64 34.55 -61.76
N LEU F 343 -25.83 33.80 -60.67
CA LEU F 343 -26.64 34.23 -59.51
C LEU F 343 -26.22 35.67 -59.14
N GLY F 344 -24.94 35.94 -58.94
CA GLY F 344 -24.42 37.26 -58.57
C GLY F 344 -24.91 38.37 -59.50
N ALA F 345 -24.85 38.11 -60.82
CA ALA F 345 -25.35 39.05 -61.86
C ALA F 345 -26.85 39.35 -61.64
N MET F 346 -27.61 38.34 -61.17
CA MET F 346 -29.08 38.43 -60.90
C MET F 346 -29.37 39.04 -59.54
N GLY F 347 -28.35 39.43 -58.75
CA GLY F 347 -28.53 40.04 -57.43
C GLY F 347 -28.54 39.03 -56.27
N TYR F 348 -28.01 37.84 -56.47
CA TYR F 348 -27.82 36.85 -55.38
C TYR F 348 -26.44 37.11 -54.77
N LYS F 349 -26.40 38.05 -53.82
CA LYS F 349 -25.15 38.62 -53.25
C LYS F 349 -24.66 37.79 -52.05
N PHE F 350 -25.49 36.91 -51.49
CA PHE F 350 -25.09 35.95 -50.43
C PHE F 350 -25.54 34.56 -50.86
N GLN F 351 -24.59 33.74 -51.30
CA GLN F 351 -24.81 32.34 -51.72
C GLN F 351 -23.98 31.46 -50.78
N PHE F 352 -24.43 30.26 -50.47
CA PHE F 352 -23.91 29.51 -49.32
C PHE F 352 -24.24 28.04 -49.47
N VAL F 353 -23.28 27.18 -49.17
CA VAL F 353 -23.43 25.71 -49.26
C VAL F 353 -23.70 25.24 -47.83
N THR F 354 -24.98 25.15 -47.51
CA THR F 354 -25.53 24.82 -46.17
C THR F 354 -24.73 23.68 -45.52
N LEU F 355 -24.74 22.50 -46.14
CA LEU F 355 -24.24 21.26 -45.49
C LEU F 355 -22.75 20.99 -45.80
N ALA F 356 -22.00 21.97 -46.30
CA ALA F 356 -20.58 21.80 -46.70
C ALA F 356 -19.75 21.26 -45.53
N GLY F 357 -20.05 21.75 -44.33
CA GLY F 357 -19.42 21.31 -43.08
C GLY F 357 -19.61 19.82 -42.83
N PHE F 358 -20.87 19.39 -42.76
CA PHE F 358 -21.35 17.98 -42.55
C PHE F 358 -20.55 17.02 -43.44
N HIS F 359 -20.49 17.36 -44.73
CA HIS F 359 -19.99 16.49 -45.81
C HIS F 359 -18.48 16.42 -45.72
N ALA F 360 -17.83 17.57 -45.52
CA ALA F 360 -16.37 17.61 -45.35
C ALA F 360 -16.00 16.72 -44.15
N LEU F 361 -16.65 16.93 -43.01
CA LEU F 361 -16.31 16.22 -41.76
C LEU F 361 -16.50 14.71 -41.97
N ASN F 362 -17.68 14.29 -42.45
CA ASN F 362 -18.08 12.85 -42.55
C ASN F 362 -17.25 12.14 -43.62
N TYR F 363 -16.93 12.81 -44.74
CA TYR F 363 -16.16 12.22 -45.86
C TYR F 363 -14.70 12.04 -45.40
N SER F 364 -14.07 13.13 -44.94
CA SER F 364 -12.67 13.13 -44.48
C SER F 364 -12.49 12.03 -43.41
N MET F 365 -13.33 11.96 -42.38
CA MET F 365 -13.10 10.96 -41.32
C MET F 365 -13.36 9.56 -41.89
N PHE F 366 -14.36 9.36 -42.73
CA PHE F 366 -14.69 7.99 -43.18
C PHE F 366 -13.52 7.43 -43.96
N GLU F 367 -12.98 8.27 -44.85
CA GLU F 367 -11.86 7.91 -45.76
C GLU F 367 -10.66 7.61 -44.85
N LEU F 368 -10.36 8.50 -43.89
CA LEU F 368 -9.21 8.27 -42.99
C LEU F 368 -9.39 6.90 -42.32
N ALA F 369 -10.59 6.66 -41.80
CA ALA F 369 -10.89 5.44 -41.00
C ALA F 369 -10.74 4.20 -41.89
N ARG F 370 -11.34 4.21 -43.09
CA ARG F 370 -11.37 3.04 -44.02
C ARG F 370 -9.94 2.65 -44.36
N ASN F 371 -9.10 3.64 -44.67
CA ASN F 371 -7.68 3.45 -45.06
C ASN F 371 -6.85 3.01 -43.84
N TYR F 372 -7.09 3.62 -42.68
CA TYR F 372 -6.36 3.34 -41.42
C TYR F 372 -6.62 1.90 -40.96
N ARG F 373 -7.78 1.35 -41.30
CA ARG F 373 -8.10 -0.04 -40.88
C ARG F 373 -7.07 -0.97 -41.54
N ASP F 374 -6.89 -0.83 -42.84
CA ASP F 374 -6.16 -1.80 -43.70
C ASP F 374 -4.67 -1.52 -43.67
N ARG F 375 -4.26 -0.29 -43.41
CA ARG F 375 -2.91 0.19 -43.79
C ARG F 375 -2.25 0.98 -42.66
N GLY F 376 -2.93 1.17 -41.53
CA GLY F 376 -2.36 1.82 -40.34
C GLY F 376 -1.74 3.20 -40.63
N MET F 377 -0.54 3.42 -40.08
CA MET F 377 0.10 4.77 -40.09
C MET F 377 0.56 5.16 -41.51
N ALA F 378 0.59 4.21 -42.44
CA ALA F 378 0.70 4.43 -43.90
C ALA F 378 -0.39 5.40 -44.36
N ALA F 379 -1.63 5.14 -43.94
CA ALA F 379 -2.80 5.99 -44.25
C ALA F 379 -2.70 7.33 -43.50
N TYR F 380 -2.25 7.34 -42.24
CA TYR F 380 -2.17 8.62 -41.50
C TYR F 380 -1.03 9.46 -42.09
N SER F 381 0.09 8.83 -42.46
CA SER F 381 1.28 9.54 -42.99
C SER F 381 0.88 10.23 -44.30
N GLU F 382 -0.06 9.66 -45.07
CA GLU F 382 -0.59 10.26 -46.34
C GLU F 382 -1.40 11.51 -45.99
N LEU F 383 -2.27 11.47 -44.98
CA LEU F 383 -2.93 12.72 -44.52
C LEU F 383 -1.89 13.78 -44.15
N GLN F 384 -0.83 13.39 -43.43
CA GLN F 384 0.21 14.34 -42.95
C GLN F 384 0.98 14.96 -44.14
N GLN F 385 1.32 14.20 -45.18
CA GLN F 385 1.91 14.76 -46.44
C GLN F 385 0.91 15.75 -47.06
N ALA F 386 -0.26 15.24 -47.42
CA ALA F 386 -1.34 16.04 -48.03
C ALA F 386 -1.36 17.39 -47.34
N GLU F 387 -1.32 17.38 -46.00
CA GLU F 387 -1.38 18.60 -45.15
C GLU F 387 -0.15 19.49 -45.44
N PHE F 388 1.06 18.96 -45.34
CA PHE F 388 2.28 19.77 -45.57
C PHE F 388 2.16 20.39 -46.97
N ALA F 389 1.78 19.57 -47.95
CA ALA F 389 1.66 19.94 -49.39
C ALA F 389 0.62 21.06 -49.57
N ALA F 390 -0.36 21.11 -48.67
CA ALA F 390 -1.37 22.17 -48.65
C ALA F 390 -0.74 23.50 -48.22
N GLU F 391 0.48 23.51 -47.72
CA GLU F 391 1.08 24.82 -47.32
C GLU F 391 1.26 25.70 -48.57
N ALA F 392 1.34 25.10 -49.77
CA ALA F 392 1.42 25.83 -51.04
C ALA F 392 0.19 26.74 -51.20
N TYR F 393 -0.99 26.26 -50.76
CA TYR F 393 -2.31 26.97 -50.85
C TYR F 393 -2.57 27.84 -49.60
N GLY F 394 -1.75 27.74 -48.54
CA GLY F 394 -1.82 28.60 -47.34
C GLY F 394 -2.23 27.87 -46.05
N TYR F 395 -2.40 26.54 -46.09
CA TYR F 395 -2.73 25.74 -44.89
C TYR F 395 -1.58 25.84 -43.89
N THR F 396 -1.87 25.89 -42.59
CA THR F 396 -0.83 25.96 -41.52
C THR F 396 -1.12 25.06 -40.33
N ALA F 397 -2.27 24.39 -40.31
CA ALA F 397 -2.73 23.56 -39.17
C ALA F 397 -1.88 22.29 -39.04
N THR F 398 -1.09 21.92 -40.04
CA THR F 398 -0.05 20.87 -39.87
C THR F 398 0.69 21.09 -38.53
N ARG F 399 1.13 22.33 -38.29
CA ARG F 399 1.76 22.80 -37.03
C ARG F 399 0.65 23.26 -36.10
N HIS F 400 0.14 22.33 -35.31
CA HIS F 400 -1.18 22.34 -34.66
C HIS F 400 -1.07 22.90 -33.25
N GLN F 401 0.12 22.92 -32.66
CA GLN F 401 0.34 23.62 -31.37
C GLN F 401 0.20 25.12 -31.63
N ARG F 402 0.84 25.64 -32.69
CA ARG F 402 0.84 27.09 -32.99
C ARG F 402 -0.59 27.47 -33.39
N GLU F 403 -1.28 26.58 -34.11
CA GLU F 403 -2.58 26.83 -34.79
C GLU F 403 -3.65 27.25 -33.78
N VAL F 404 -3.57 26.76 -32.55
CA VAL F 404 -4.64 26.91 -31.53
C VAL F 404 -4.16 27.82 -30.39
N GLY F 405 -2.98 28.42 -30.52
CA GLY F 405 -2.51 29.49 -29.62
C GLY F 405 -1.62 28.99 -28.48
N THR F 406 -0.89 27.89 -28.66
CA THR F 406 0.22 27.53 -27.76
C THR F 406 1.17 28.72 -27.64
N GLY F 407 1.57 29.30 -28.78
CA GLY F 407 2.53 30.41 -28.84
C GLY F 407 1.96 31.64 -28.17
N TYR F 408 0.67 31.88 -28.38
CA TYR F 408 0.00 33.07 -27.82
C TYR F 408 0.01 32.96 -26.28
N PHE F 409 -0.27 31.77 -25.75
CA PHE F 409 -0.49 31.55 -24.30
C PHE F 409 0.88 31.43 -23.62
N ASP F 410 1.89 31.02 -24.39
CA ASP F 410 3.32 31.07 -24.00
C ASP F 410 3.77 32.53 -23.84
N GLU F 411 3.32 33.39 -24.75
CA GLU F 411 3.49 34.87 -24.70
C GLU F 411 2.85 35.42 -23.41
N VAL F 412 1.60 35.03 -23.10
CA VAL F 412 0.84 35.49 -21.90
C VAL F 412 1.60 35.11 -20.62
N ALA F 413 2.07 33.87 -20.55
CA ALA F 413 2.79 33.27 -19.40
C ALA F 413 4.12 34.01 -19.16
N GLN F 414 4.92 34.23 -20.20
CA GLN F 414 6.15 35.07 -20.13
C GLN F 414 5.82 36.45 -19.53
N VAL F 415 4.81 37.15 -20.03
CA VAL F 415 4.43 38.48 -19.49
C VAL F 415 4.04 38.34 -18.03
N ILE F 416 3.40 37.24 -17.64
CA ILE F 416 2.94 37.10 -16.23
C ILE F 416 4.16 36.95 -15.32
N ALA F 417 5.14 36.13 -15.66
CA ALA F 417 6.42 36.14 -14.92
C ALA F 417 7.17 37.43 -15.28
N GLY F 418 8.42 37.55 -14.84
CA GLY F 418 9.35 38.51 -15.46
C GLY F 418 9.44 38.19 -16.94
N GLY F 419 9.80 36.95 -17.23
CA GLY F 419 10.25 36.47 -18.56
C GLY F 419 11.09 35.23 -18.31
N GLU F 420 11.62 35.17 -17.08
CA GLU F 420 12.07 33.95 -16.35
C GLU F 420 10.88 33.01 -16.11
N ILE F 421 10.79 31.90 -16.87
CA ILE F 421 9.76 30.83 -16.63
C ILE F 421 10.21 29.51 -17.28
N SER F 422 10.20 28.43 -16.50
CA SER F 422 10.74 27.12 -16.90
C SER F 422 9.60 26.16 -17.29
N THR F 423 8.41 26.66 -17.65
CA THR F 423 7.21 25.84 -18.05
C THR F 423 6.69 26.24 -19.46
N THR F 424 7.33 27.18 -20.15
CA THR F 424 7.00 27.56 -21.56
C THR F 424 6.93 26.27 -22.42
N ALA F 425 5.92 26.18 -23.29
CA ALA F 425 5.30 24.94 -23.83
C ALA F 425 5.80 24.61 -25.23
N LEU F 426 5.89 25.63 -26.07
CA LEU F 426 6.18 25.50 -27.51
C LEU F 426 7.69 25.32 -27.67
N THR F 427 8.43 25.92 -26.75
CA THR F 427 9.90 25.81 -26.68
C THR F 427 10.27 24.44 -26.07
N GLY F 428 10.93 23.58 -26.83
CA GLY F 428 11.30 22.23 -26.34
C GLY F 428 10.25 21.20 -26.75
N SER F 429 9.28 21.62 -27.56
CA SER F 429 8.20 20.76 -28.09
C SER F 429 8.69 19.99 -29.32
N THR F 430 8.01 18.88 -29.66
CA THR F 430 8.21 18.09 -30.92
C THR F 430 7.85 18.94 -32.14
N GLU F 431 7.06 20.01 -31.97
CA GLU F 431 6.70 20.91 -33.09
C GLU F 431 7.94 21.69 -33.55
N GLU F 432 8.74 22.21 -32.63
CA GLU F 432 9.95 22.98 -33.00
C GLU F 432 11.03 22.01 -33.49
N GLU F 433 11.03 20.74 -33.06
CA GLU F 433 12.10 19.76 -33.43
C GLU F 433 11.80 19.13 -34.79
N GLN F 434 10.54 18.70 -35.01
CA GLN F 434 10.15 17.80 -36.16
C GLN F 434 9.46 18.57 -37.30
N PHE F 435 9.14 19.86 -37.12
CA PHE F 435 8.46 20.73 -38.11
C PHE F 435 9.24 22.04 -38.22
N MET G 13 -36.62 -18.08 -32.31
CA MET G 13 -36.23 -16.72 -32.81
C MET G 13 -36.43 -15.70 -31.68
N ASP G 14 -35.35 -15.20 -31.07
CA ASP G 14 -35.43 -14.34 -29.85
C ASP G 14 -35.69 -12.87 -30.23
N ARG G 15 -35.89 -12.58 -31.53
CA ARG G 15 -36.60 -11.37 -32.02
C ARG G 15 -38.04 -11.46 -31.53
N ALA G 16 -38.70 -12.58 -31.86
CA ALA G 16 -40.11 -12.85 -31.48
C ALA G 16 -40.22 -13.13 -29.97
N ALA G 17 -39.14 -13.55 -29.29
CA ALA G 17 -39.08 -13.61 -27.81
C ALA G 17 -39.06 -12.20 -27.21
N GLN G 18 -38.18 -11.32 -27.71
CA GLN G 18 -38.12 -9.88 -27.32
C GLN G 18 -39.53 -9.27 -27.49
N ILE G 19 -40.17 -9.49 -28.65
CA ILE G 19 -41.50 -8.89 -29.01
C ILE G 19 -42.55 -9.42 -28.03
N LYS G 20 -42.45 -10.71 -27.70
CA LYS G 20 -43.40 -11.38 -26.78
C LYS G 20 -43.17 -10.77 -25.41
N GLN G 21 -41.94 -10.41 -25.04
CA GLN G 21 -41.67 -9.80 -23.71
C GLN G 21 -42.30 -8.42 -23.67
N ILE G 22 -42.19 -7.64 -24.75
CA ILE G 22 -42.86 -6.31 -24.83
C ILE G 22 -44.34 -6.56 -24.54
N ALA G 23 -44.96 -7.42 -25.35
CA ALA G 23 -46.41 -7.71 -25.34
C ALA G 23 -46.87 -8.14 -23.93
N ASP G 24 -46.12 -8.98 -23.22
CA ASP G 24 -46.45 -9.38 -21.83
C ASP G 24 -46.44 -8.16 -20.91
N SER G 25 -45.43 -7.30 -21.02
CA SER G 25 -45.23 -6.13 -20.14
C SER G 25 -46.46 -5.22 -20.24
N TRP G 26 -47.04 -5.10 -21.44
CA TRP G 26 -48.22 -4.23 -21.73
C TRP G 26 -49.45 -4.74 -21.00
N ASN G 27 -49.63 -6.07 -20.99
CA ASN G 27 -50.82 -6.77 -20.44
C ASN G 27 -50.58 -6.97 -18.94
N THR G 28 -50.71 -5.91 -18.12
CA THR G 28 -50.59 -5.99 -16.63
C THR G 28 -51.62 -5.05 -16.00
N PRO G 29 -51.78 -5.03 -14.65
CA PRO G 29 -52.81 -4.21 -14.01
C PRO G 29 -52.51 -2.70 -14.17
N ARG G 30 -51.26 -2.28 -13.96
CA ARG G 30 -50.71 -1.06 -14.59
C ARG G 30 -51.01 -1.20 -16.08
N PHE G 31 -51.58 -0.21 -16.72
CA PHE G 31 -52.04 -0.30 -18.15
C PHE G 31 -53.36 -1.06 -18.31
N ALA G 32 -54.07 -1.42 -17.24
CA ALA G 32 -55.47 -1.89 -17.37
C ALA G 32 -56.30 -0.75 -18.00
N GLY G 33 -57.08 -1.09 -19.02
CA GLY G 33 -57.80 -0.15 -19.89
C GLY G 33 -56.96 1.06 -20.27
N ILE G 34 -55.73 0.84 -20.74
CA ILE G 34 -54.87 1.86 -21.42
C ILE G 34 -54.67 1.44 -22.86
N VAL G 35 -55.03 2.31 -23.79
CA VAL G 35 -55.01 2.05 -25.26
C VAL G 35 -53.61 2.38 -25.83
N ARG G 36 -53.07 1.50 -26.67
CA ARG G 36 -51.85 1.73 -27.47
C ARG G 36 -52.16 1.48 -28.95
N PRO G 37 -52.40 2.51 -29.75
CA PRO G 37 -52.69 2.31 -31.17
C PRO G 37 -51.49 1.89 -32.01
N TYR G 38 -50.58 1.10 -31.45
CA TYR G 38 -49.36 0.57 -32.11
C TYR G 38 -49.14 -0.85 -31.58
N THR G 39 -48.40 -1.66 -32.36
CA THR G 39 -48.12 -3.09 -32.06
C THR G 39 -46.87 -3.19 -31.17
N PRO G 40 -46.61 -4.36 -30.56
CA PRO G 40 -45.28 -4.67 -30.03
C PRO G 40 -44.16 -4.68 -31.08
N GLU G 41 -44.40 -5.26 -32.27
CA GLU G 41 -43.49 -5.20 -33.44
C GLU G 41 -43.00 -3.76 -33.60
N ASP G 42 -43.92 -2.78 -33.59
CA ASP G 42 -43.63 -1.33 -33.78
C ASP G 42 -42.56 -0.89 -32.75
N VAL G 43 -42.82 -1.10 -31.46
CA VAL G 43 -41.85 -0.73 -30.40
C VAL G 43 -40.51 -1.40 -30.69
N TYR G 44 -40.48 -2.72 -30.84
CA TYR G 44 -39.27 -3.51 -31.22
C TYR G 44 -38.50 -2.84 -32.37
N ARG G 45 -39.15 -2.59 -33.53
CA ARG G 45 -38.49 -1.96 -34.71
C ARG G 45 -37.70 -0.68 -34.27
N LEU G 46 -38.27 0.08 -33.32
CA LEU G 46 -37.97 1.52 -33.13
C LEU G 46 -37.08 1.73 -31.91
N ARG G 47 -36.62 0.67 -31.24
CA ARG G 47 -35.86 0.85 -29.97
C ARG G 47 -34.40 0.44 -30.10
N GLY G 48 -33.90 0.09 -31.28
CA GLY G 48 -32.50 -0.38 -31.42
C GLY G 48 -32.30 -1.81 -30.92
N SER G 49 -31.06 -2.27 -30.92
CA SER G 49 -30.68 -3.68 -30.68
C SER G 49 -30.29 -3.88 -29.20
N VAL G 50 -29.71 -2.87 -28.58
CA VAL G 50 -29.28 -2.90 -27.15
C VAL G 50 -30.32 -2.09 -26.38
N GLN G 51 -30.89 -2.68 -25.33
CA GLN G 51 -31.85 -2.02 -24.42
C GLN G 51 -31.07 -1.47 -23.22
N ILE G 52 -31.01 -0.14 -23.11
CA ILE G 52 -30.30 0.60 -22.03
C ILE G 52 -31.25 0.69 -20.85
N GLU G 53 -30.71 0.60 -19.63
CA GLU G 53 -31.48 0.55 -18.35
C GLU G 53 -31.54 1.95 -17.75
N TYR G 54 -32.67 2.31 -17.16
CA TYR G 54 -32.95 3.66 -16.61
C TYR G 54 -33.49 3.50 -15.18
N THR G 55 -32.57 3.18 -14.27
CA THR G 55 -32.84 2.76 -12.88
C THR G 55 -33.74 3.79 -12.17
N LEU G 56 -33.42 5.09 -12.19
CA LEU G 56 -34.18 6.12 -11.43
C LEU G 56 -35.56 6.36 -12.06
N ALA G 57 -35.70 6.20 -13.37
CA ALA G 57 -37.00 6.31 -14.07
C ALA G 57 -37.90 5.14 -13.67
N ARG G 58 -37.33 3.94 -13.58
CA ARG G 58 -38.09 2.67 -13.37
C ARG G 58 -38.50 2.61 -11.88
N MET G 59 -37.57 2.86 -10.97
CA MET G 59 -37.87 2.99 -9.54
C MET G 59 -38.93 4.06 -9.31
N GLY G 60 -38.71 5.27 -9.82
CA GLY G 60 -39.62 6.42 -9.60
C GLY G 60 -41.04 6.11 -10.02
N ALA G 61 -41.19 5.50 -11.19
CA ALA G 61 -42.51 5.12 -11.77
C ALA G 61 -43.18 4.02 -10.94
N GLU G 62 -42.46 2.98 -10.57
CA GLU G 62 -43.07 1.88 -9.77
C GLU G 62 -43.46 2.48 -8.42
N ARG G 63 -42.57 3.27 -7.80
CA ARG G 63 -42.89 3.90 -6.50
C ARG G 63 -44.10 4.85 -6.60
N LEU G 64 -44.20 5.62 -7.67
CA LEU G 64 -45.31 6.60 -7.81
C LEU G 64 -46.61 5.85 -8.01
N TRP G 65 -46.61 4.85 -8.90
CA TRP G 65 -47.79 4.00 -9.16
C TRP G 65 -48.28 3.39 -7.85
N ASN G 66 -47.40 2.79 -7.04
CA ASN G 66 -47.79 2.26 -5.71
C ASN G 66 -48.34 3.36 -4.80
N LEU G 67 -47.61 4.43 -4.54
CA LEU G 67 -48.03 5.50 -3.62
C LEU G 67 -49.45 5.96 -4.00
N LEU G 68 -49.71 6.08 -5.31
CA LEU G 68 -50.99 6.64 -5.83
C LEU G 68 -52.10 5.63 -5.57
N HIS G 69 -51.76 4.38 -5.31
CA HIS G 69 -52.75 3.33 -5.00
C HIS G 69 -52.74 2.97 -3.51
N THR G 70 -51.79 3.42 -2.71
CA THR G 70 -51.67 2.95 -1.31
C THR G 70 -51.83 4.07 -0.29
N GLU G 71 -52.01 5.33 -0.72
CA GLU G 71 -52.00 6.50 0.20
C GLU G 71 -53.28 7.28 0.02
N PRO G 72 -53.80 7.98 1.04
CA PRO G 72 -54.92 8.92 0.88
C PRO G 72 -54.74 9.73 -0.42
N TYR G 73 -53.56 10.32 -0.54
CA TYR G 73 -53.17 11.16 -1.70
C TYR G 73 -51.71 11.60 -1.50
N ILE G 74 -51.03 11.88 -2.61
CA ILE G 74 -49.63 12.40 -2.65
C ILE G 74 -49.71 13.91 -2.77
N ASN G 75 -49.38 14.67 -1.72
CA ASN G 75 -49.26 16.15 -1.79
C ASN G 75 -47.78 16.52 -2.03
N ALA G 76 -47.50 17.36 -3.03
CA ALA G 76 -46.14 17.76 -3.42
C ALA G 76 -46.04 19.30 -3.52
N LEU G 77 -44.81 19.78 -3.61
CA LEU G 77 -44.50 21.22 -3.85
C LEU G 77 -43.51 21.31 -5.02
N GLY G 78 -43.53 22.42 -5.75
CA GLY G 78 -42.59 22.69 -6.85
C GLY G 78 -41.18 22.75 -6.29
N ALA G 79 -40.21 22.29 -7.08
CA ALA G 79 -38.77 22.37 -6.78
C ALA G 79 -38.07 22.94 -8.01
N LEU G 80 -37.07 23.82 -7.79
CA LEU G 80 -36.29 24.47 -8.87
C LEU G 80 -34.79 24.34 -8.60
N THR G 81 -34.45 23.70 -7.48
CA THR G 81 -33.09 23.27 -7.17
C THR G 81 -33.10 21.91 -6.46
N GLY G 82 -31.97 21.19 -6.52
CA GLY G 82 -31.74 19.98 -5.70
C GLY G 82 -31.97 20.29 -4.24
N ASN G 83 -31.36 21.35 -3.72
CA ASN G 83 -31.43 21.67 -2.27
C ASN G 83 -32.91 21.68 -1.86
N GLN G 84 -33.80 22.35 -2.62
CA GLN G 84 -35.27 22.41 -2.33
C GLN G 84 -35.85 20.98 -2.35
N ALA G 85 -35.63 20.18 -3.38
CA ALA G 85 -36.15 18.80 -3.42
C ALA G 85 -35.64 18.04 -2.19
N MET G 86 -34.41 18.35 -1.77
CA MET G 86 -33.71 17.66 -0.66
C MET G 86 -34.53 17.82 0.60
N GLN G 87 -34.84 19.07 0.93
CA GLN G 87 -35.52 19.52 2.16
C GLN G 87 -37.01 19.18 2.10
N GLN G 88 -37.61 19.16 0.92
CA GLN G 88 -38.96 18.58 0.72
C GLN G 88 -38.92 17.11 1.18
N VAL G 89 -37.90 16.34 0.78
CA VAL G 89 -37.82 14.90 1.14
C VAL G 89 -37.47 14.73 2.63
N LYS G 90 -36.57 15.55 3.13
CA LYS G 90 -36.14 15.60 4.54
C LYS G 90 -37.33 15.89 5.46
N ALA G 91 -38.34 16.58 4.95
CA ALA G 91 -39.53 16.97 5.76
C ALA G 91 -40.65 15.95 5.57
N GLY G 92 -40.47 15.00 4.66
CA GLY G 92 -41.37 13.84 4.64
C GLY G 92 -42.44 13.93 3.57
N LEU G 93 -42.30 14.78 2.56
CA LEU G 93 -43.18 14.72 1.37
C LEU G 93 -42.70 13.55 0.49
N LYS G 94 -43.56 12.90 -0.25
CA LYS G 94 -43.25 11.59 -0.84
C LYS G 94 -43.01 11.71 -2.34
N ALA G 95 -43.12 12.94 -2.88
CA ALA G 95 -42.98 13.23 -4.34
C ALA G 95 -42.57 14.69 -4.57
N ILE G 96 -41.99 14.96 -5.73
CA ILE G 96 -41.42 16.27 -6.09
C ILE G 96 -42.07 16.75 -7.40
N TYR G 97 -42.59 17.97 -7.44
CA TYR G 97 -43.13 18.58 -8.69
C TYR G 97 -42.02 19.44 -9.32
N LEU G 98 -41.84 19.23 -10.63
CA LEU G 98 -40.98 20.03 -11.55
C LEU G 98 -41.88 20.94 -12.42
N SER G 99 -42.02 22.21 -11.95
CA SER G 99 -42.73 23.36 -12.57
C SER G 99 -41.90 23.94 -13.71
N GLY G 100 -42.42 23.90 -14.94
CA GLY G 100 -41.86 24.66 -16.07
C GLY G 100 -41.85 26.14 -15.77
N TRP G 101 -42.94 26.62 -15.17
CA TRP G 101 -43.10 28.00 -14.68
C TRP G 101 -41.84 28.41 -13.92
N GLN G 102 -41.45 27.61 -12.92
CA GLN G 102 -40.30 27.92 -12.03
C GLN G 102 -38.99 27.80 -12.83
N VAL G 103 -38.95 26.94 -13.86
CA VAL G 103 -37.81 26.78 -14.83
C VAL G 103 -37.65 28.06 -15.69
N ALA G 104 -38.74 28.59 -16.24
CA ALA G 104 -38.74 29.89 -16.97
C ALA G 104 -38.23 31.02 -16.07
N ALA G 105 -38.78 31.11 -14.88
CA ALA G 105 -38.51 32.22 -13.93
C ALA G 105 -37.04 32.26 -13.57
N ASP G 106 -36.43 31.10 -13.25
CA ASP G 106 -35.14 31.03 -12.50
C ASP G 106 -34.30 29.73 -12.69
N ALA G 107 -34.62 28.81 -13.58
CA ALA G 107 -33.82 27.56 -13.66
C ALA G 107 -33.87 26.97 -15.05
N ASN G 108 -33.37 27.69 -16.04
CA ASN G 108 -33.36 27.27 -17.45
C ASN G 108 -31.97 27.45 -18.04
N LEU G 109 -31.73 26.88 -19.20
CA LEU G 109 -30.36 26.72 -19.76
C LEU G 109 -30.07 27.95 -20.61
N ALA G 110 -31.06 28.80 -20.84
CA ALA G 110 -30.85 30.15 -21.40
C ALA G 110 -30.25 31.07 -20.32
N GLY G 111 -30.40 30.74 -19.03
CA GLY G 111 -30.00 31.60 -17.90
C GLY G 111 -30.75 32.95 -17.89
N GLN G 112 -31.99 32.94 -18.34
CA GLN G 112 -32.89 34.11 -18.39
C GLN G 112 -33.96 34.05 -17.30
N MET G 113 -34.51 35.21 -16.95
CA MET G 113 -35.78 35.30 -16.22
C MET G 113 -36.90 35.49 -17.24
N TYR G 114 -37.71 34.44 -17.43
CA TYR G 114 -38.76 34.34 -18.49
C TYR G 114 -40.12 34.25 -17.82
N PRO G 115 -41.18 34.85 -18.40
CA PRO G 115 -42.54 34.46 -18.12
C PRO G 115 -42.85 33.10 -18.76
N ASP G 116 -43.98 32.52 -18.38
CA ASP G 116 -44.38 31.16 -18.80
C ASP G 116 -45.00 31.24 -20.20
N GLN G 117 -44.17 31.45 -21.23
CA GLN G 117 -44.62 31.60 -22.64
C GLN G 117 -43.83 30.66 -23.58
N SER G 118 -43.32 29.56 -23.02
CA SER G 118 -42.39 28.60 -23.68
C SER G 118 -41.29 29.36 -24.40
N LEU G 119 -40.48 30.11 -23.62
CA LEU G 119 -39.38 30.98 -24.08
C LEU G 119 -38.02 30.32 -23.79
N TYR G 120 -37.96 29.35 -22.88
CA TYR G 120 -36.71 28.74 -22.40
C TYR G 120 -36.37 27.50 -23.25
N PRO G 121 -35.09 27.07 -23.22
CA PRO G 121 -34.62 25.93 -24.00
C PRO G 121 -35.19 24.61 -23.48
N ALA G 122 -35.65 23.77 -24.40
CA ALA G 122 -36.56 22.63 -24.15
C ALA G 122 -35.88 21.49 -23.37
N ASN G 123 -34.55 21.47 -23.28
CA ASN G 123 -33.84 20.45 -22.48
C ASN G 123 -33.60 20.97 -21.06
N SER G 124 -34.13 22.15 -20.70
CA SER G 124 -34.02 22.76 -19.33
C SER G 124 -34.68 21.89 -18.24
N GLY G 125 -35.91 21.47 -18.42
CA GLY G 125 -36.62 20.71 -17.38
C GLY G 125 -35.94 19.38 -17.07
N PRO G 126 -35.60 18.58 -18.10
CA PRO G 126 -34.88 17.32 -17.91
C PRO G 126 -33.56 17.51 -17.15
N GLN G 127 -32.76 18.51 -17.52
CA GLN G 127 -31.52 18.87 -16.80
C GLN G 127 -31.83 19.11 -15.33
N LEU G 128 -32.91 19.82 -15.03
CA LEU G 128 -33.24 20.15 -13.64
C LEU G 128 -33.57 18.84 -12.92
N VAL G 129 -34.31 17.94 -13.57
CA VAL G 129 -34.72 16.64 -12.98
C VAL G 129 -33.45 15.84 -12.66
N ARG G 130 -32.47 15.91 -13.56
CA ARG G 130 -31.18 15.19 -13.41
C ARG G 130 -30.42 15.79 -12.23
N ASN G 131 -30.35 17.13 -12.13
CA ASN G 131 -29.80 17.90 -10.98
C ASN G 131 -30.51 17.49 -9.70
N ILE G 132 -31.85 17.48 -9.68
CA ILE G 132 -32.64 17.17 -8.46
C ILE G 132 -32.30 15.75 -8.02
N ASN G 133 -32.36 14.78 -8.91
CA ASN G 133 -31.95 13.36 -8.65
C ASN G 133 -30.50 13.28 -8.11
N ASN G 134 -29.59 14.18 -8.49
CA ASN G 134 -28.17 14.12 -8.04
C ASN G 134 -28.10 14.57 -6.57
N ALA G 135 -28.82 15.62 -6.19
CA ALA G 135 -28.84 16.06 -4.79
C ALA G 135 -29.35 14.87 -3.99
N LEU G 136 -30.45 14.25 -4.45
CA LEU G 136 -31.15 13.13 -3.75
C LEU G 136 -30.18 11.96 -3.60
N ARG G 137 -29.32 11.70 -4.59
CA ARG G 137 -28.40 10.54 -4.58
C ARG G 137 -27.20 10.82 -3.66
N ARG G 138 -26.77 12.09 -3.51
CA ARG G 138 -25.71 12.54 -2.57
C ARG G 138 -26.21 12.53 -1.13
N ALA G 139 -27.48 12.85 -0.93
CA ALA G 139 -28.14 12.76 0.38
C ALA G 139 -28.08 11.28 0.79
N ASP G 140 -28.43 10.42 -0.14
CA ASP G 140 -28.59 8.98 0.11
C ASP G 140 -27.21 8.46 0.45
N GLN G 141 -26.24 8.85 -0.39
CA GLN G 141 -24.79 8.51 -0.23
C GLN G 141 -24.32 8.92 1.17
N ILE G 142 -24.68 10.12 1.62
CA ILE G 142 -24.32 10.66 2.95
C ILE G 142 -24.98 9.80 4.03
N TYR G 143 -26.26 9.49 3.86
CA TYR G 143 -27.08 8.79 4.89
C TYR G 143 -26.53 7.37 5.02
N HIS G 144 -26.31 6.73 3.87
CA HIS G 144 -25.70 5.38 3.77
C HIS G 144 -24.31 5.37 4.42
N SER G 145 -23.50 6.43 4.26
CA SER G 145 -22.10 6.45 4.76
C SER G 145 -22.18 6.41 6.29
N GLU G 146 -23.24 6.99 6.86
CA GLU G 146 -23.40 7.15 8.34
C GLU G 146 -24.25 6.03 8.92
N GLY G 147 -24.74 5.09 8.12
CA GLY G 147 -25.51 3.93 8.61
C GLY G 147 -26.97 4.24 8.88
N ARG G 148 -27.52 5.31 8.28
CA ARG G 148 -28.89 5.79 8.58
C ARG G 148 -29.87 5.18 7.58
N ASN G 149 -31.05 4.79 8.06
CA ASN G 149 -32.14 4.10 7.32
C ASN G 149 -33.35 5.06 7.26
N ASP G 150 -33.18 6.29 7.72
CA ASP G 150 -34.22 7.18 8.34
C ASP G 150 -35.17 7.75 7.25
N ILE G 151 -34.70 7.98 6.01
CA ILE G 151 -35.38 8.71 4.90
C ILE G 151 -35.32 7.86 3.64
N TYR G 152 -36.35 7.83 2.81
CA TYR G 152 -36.23 7.16 1.49
C TYR G 152 -36.08 8.28 0.48
N TRP G 153 -34.88 8.46 -0.08
CA TRP G 153 -34.51 9.69 -0.81
C TRP G 153 -34.98 9.70 -2.25
N PHE G 154 -35.43 8.56 -2.81
CA PHE G 154 -35.74 8.46 -4.26
C PHE G 154 -37.24 8.68 -4.46
N ALA G 155 -37.70 9.80 -3.90
CA ALA G 155 -39.04 10.37 -4.11
C ALA G 155 -39.27 10.50 -5.60
N PRO G 156 -40.30 9.84 -6.19
CA PRO G 156 -40.70 10.12 -7.56
C PRO G 156 -40.86 11.63 -7.83
N ILE G 157 -40.35 12.04 -8.98
CA ILE G 157 -40.43 13.44 -9.51
C ILE G 157 -41.45 13.43 -10.64
N VAL G 158 -42.43 14.33 -10.59
CA VAL G 158 -43.44 14.54 -11.66
C VAL G 158 -43.04 15.82 -12.39
N ALA G 159 -42.80 15.71 -13.69
CA ALA G 159 -42.10 16.77 -14.44
C ALA G 159 -43.00 17.32 -15.52
N ASP G 160 -42.74 18.57 -15.89
CA ASP G 160 -43.56 19.41 -16.80
C ASP G 160 -42.94 19.45 -18.22
N ALA G 161 -43.65 18.90 -19.22
CA ALA G 161 -43.26 18.88 -20.64
C ALA G 161 -44.08 19.91 -21.44
N GLU G 162 -44.84 20.74 -20.74
CA GLU G 162 -45.61 21.84 -21.39
C GLU G 162 -46.45 21.24 -22.52
N ALA G 163 -46.52 21.93 -23.65
CA ALA G 163 -47.24 21.47 -24.84
C ALA G 163 -46.33 20.58 -25.68
N GLY G 164 -45.28 20.00 -25.11
CA GLY G 164 -44.38 19.10 -25.86
C GLY G 164 -43.27 19.82 -26.65
N PHE G 165 -43.20 21.15 -26.62
CA PHE G 165 -42.11 21.96 -27.22
C PHE G 165 -42.11 21.77 -28.72
N GLY G 166 -43.28 21.49 -29.29
CA GLY G 166 -43.48 21.32 -30.74
C GLY G 166 -44.47 20.23 -31.03
N GLY G 167 -44.31 19.57 -32.16
CA GLY G 167 -45.19 18.49 -32.65
C GLY G 167 -44.82 17.18 -31.99
N PRO G 168 -45.47 16.07 -32.40
CA PRO G 168 -45.35 14.82 -31.63
C PRO G 168 -43.92 14.25 -31.54
N LEU G 169 -43.04 14.44 -32.52
CA LEU G 169 -41.62 14.00 -32.37
C LEU G 169 -40.92 14.79 -31.26
N ASN G 170 -41.29 16.05 -31.02
CA ASN G 170 -40.73 16.87 -29.92
C ASN G 170 -41.26 16.27 -28.60
N VAL G 171 -42.53 15.86 -28.54
CA VAL G 171 -43.10 15.13 -27.38
C VAL G 171 -42.26 13.87 -27.12
N PHE G 172 -42.06 13.06 -28.17
CA PHE G 172 -41.28 11.80 -28.12
C PHE G 172 -39.91 12.07 -27.50
N GLU G 173 -39.25 13.14 -27.97
CA GLU G 173 -37.83 13.44 -27.60
C GLU G 173 -37.77 13.95 -26.16
N ILE G 174 -38.71 14.78 -25.72
CA ILE G 174 -38.65 15.30 -24.31
C ILE G 174 -39.05 14.20 -23.34
N MET G 175 -39.97 13.31 -23.73
CA MET G 175 -40.27 12.14 -22.87
C MET G 175 -38.98 11.35 -22.64
N LYS G 176 -38.31 10.90 -23.70
CA LYS G 176 -37.05 10.13 -23.59
C LYS G 176 -36.02 10.92 -22.76
N ALA G 177 -35.97 12.26 -22.87
CA ALA G 177 -35.01 13.11 -22.12
C ALA G 177 -35.32 13.04 -20.63
N TYR G 178 -36.61 13.14 -20.26
CA TYR G 178 -37.09 13.14 -18.86
C TYR G 178 -36.81 11.74 -18.30
N ILE G 179 -36.91 10.71 -19.13
CA ILE G 179 -36.65 9.32 -18.67
C ILE G 179 -35.14 9.15 -18.45
N GLU G 180 -34.30 9.61 -19.37
CA GLU G 180 -32.82 9.67 -19.18
C GLU G 180 -32.56 10.36 -17.84
N ALA G 181 -33.07 11.55 -17.54
CA ALA G 181 -32.82 12.22 -16.23
C ALA G 181 -33.48 11.47 -15.06
N GLY G 182 -34.41 10.56 -15.33
CA GLY G 182 -35.05 9.66 -14.33
C GLY G 182 -36.25 10.31 -13.67
N ALA G 183 -37.23 10.75 -14.45
CA ALA G 183 -38.48 11.32 -13.92
C ALA G 183 -39.45 10.16 -13.67
N ALA G 184 -40.28 10.26 -12.64
CA ALA G 184 -41.28 9.21 -12.32
C ALA G 184 -42.49 9.39 -13.22
N GLY G 185 -42.84 10.65 -13.49
CA GLY G 185 -44.00 11.00 -14.33
C GLY G 185 -43.82 12.29 -15.10
N VAL G 186 -44.58 12.43 -16.17
CA VAL G 186 -44.51 13.61 -17.07
C VAL G 186 -45.94 14.00 -17.48
N HIS G 187 -46.23 15.29 -17.47
CA HIS G 187 -47.54 15.84 -17.90
C HIS G 187 -47.39 16.61 -19.23
N PHE G 188 -48.48 16.68 -19.98
CA PHE G 188 -48.59 17.21 -21.36
C PHE G 188 -49.96 17.87 -21.51
N GLU G 189 -50.00 19.10 -22.00
CA GLU G 189 -51.24 19.93 -22.08
C GLU G 189 -51.61 20.10 -23.54
N ASP G 190 -52.87 20.50 -23.81
CA ASP G 190 -53.53 20.54 -25.15
C ASP G 190 -53.48 21.96 -25.71
N GLN G 191 -52.42 22.71 -25.40
CA GLN G 191 -52.16 24.09 -25.90
C GLN G 191 -51.36 24.01 -27.21
N LEU G 192 -51.56 24.97 -28.09
CA LEU G 192 -50.60 25.24 -29.20
C LEU G 192 -49.23 25.57 -28.61
N ALA G 193 -48.19 24.89 -29.08
CA ALA G 193 -46.81 25.11 -28.63
C ALA G 193 -46.39 26.54 -28.98
N SER G 194 -46.54 26.95 -30.24
CA SER G 194 -46.19 28.32 -30.73
C SER G 194 -46.72 29.35 -29.73
N GLU G 195 -47.74 29.00 -28.93
CA GLU G 195 -48.54 29.99 -28.16
C GLU G 195 -48.74 29.51 -26.72
N LYS G 196 -47.98 28.51 -26.28
CA LYS G 196 -48.11 27.94 -24.92
C LYS G 196 -47.98 29.07 -23.88
N LYS G 197 -48.83 29.02 -22.85
CA LYS G 197 -49.03 30.08 -21.83
C LYS G 197 -49.34 29.39 -20.51
N CYS G 198 -49.04 30.06 -19.38
CA CYS G 198 -49.49 29.61 -18.04
C CYS G 198 -50.98 29.27 -18.09
N GLY G 199 -51.37 28.21 -17.39
CA GLY G 199 -52.77 27.81 -17.24
C GLY G 199 -53.66 28.95 -16.77
N HIS G 200 -53.14 29.85 -15.95
CA HIS G 200 -53.90 30.92 -15.28
C HIS G 200 -53.55 32.29 -15.87
N MET G 201 -52.91 32.28 -17.04
CA MET G 201 -52.80 33.45 -17.95
C MET G 201 -54.03 33.41 -18.85
N GLY G 202 -54.36 34.51 -19.49
CA GLY G 202 -55.34 34.56 -20.60
C GLY G 202 -54.63 34.38 -21.92
N GLY G 203 -55.38 34.23 -23.00
CA GLY G 203 -54.80 34.08 -24.35
C GLY G 203 -54.43 32.65 -24.67
N LYS G 204 -54.79 31.68 -23.82
CA LYS G 204 -54.57 30.22 -24.06
C LYS G 204 -55.24 29.82 -25.37
N VAL G 205 -54.57 28.99 -26.19
CA VAL G 205 -55.14 28.43 -27.45
C VAL G 205 -55.11 26.90 -27.44
N LEU G 206 -56.25 26.26 -27.64
CA LEU G 206 -56.33 24.79 -27.78
C LEU G 206 -55.92 24.34 -29.18
N ILE G 207 -55.60 23.05 -29.28
CA ILE G 207 -55.26 22.31 -30.51
C ILE G 207 -56.37 21.30 -30.71
N PRO G 208 -56.57 20.76 -31.93
CA PRO G 208 -57.55 19.69 -32.11
C PRO G 208 -57.34 18.54 -31.12
N THR G 209 -58.44 18.05 -30.56
CA THR G 209 -58.51 16.87 -29.66
C THR G 209 -57.69 15.72 -30.27
N GLN G 210 -57.73 15.49 -31.59
CA GLN G 210 -56.97 14.37 -32.23
C GLN G 210 -55.47 14.67 -32.11
N ALA G 211 -55.08 15.96 -32.16
CA ALA G 211 -53.70 16.49 -32.01
C ALA G 211 -53.18 16.18 -30.60
N ALA G 212 -53.99 16.51 -29.58
CA ALA G 212 -53.63 16.29 -28.17
C ALA G 212 -53.42 14.79 -27.96
N ILE G 213 -54.22 13.95 -28.61
CA ILE G 213 -54.11 12.47 -28.52
C ILE G 213 -52.80 12.04 -29.22
N ARG G 214 -52.52 12.51 -30.44
CA ARG G 214 -51.24 12.14 -31.10
C ARG G 214 -50.10 12.38 -30.09
N ASN G 215 -50.09 13.56 -29.45
CA ASN G 215 -49.07 13.94 -28.43
C ASN G 215 -49.01 12.90 -27.29
N LEU G 216 -50.13 12.45 -26.76
CA LEU G 216 -50.11 11.46 -25.65
C LEU G 216 -49.63 10.10 -26.16
N VAL G 217 -49.93 9.72 -27.39
CA VAL G 217 -49.47 8.42 -27.95
C VAL G 217 -47.93 8.51 -28.07
N ALA G 218 -47.41 9.66 -28.52
CA ALA G 218 -45.97 9.92 -28.70
C ALA G 218 -45.25 9.81 -27.36
N ALA G 219 -45.86 10.33 -26.29
CA ALA G 219 -45.39 10.21 -24.90
C ALA G 219 -45.26 8.73 -24.52
N ARG G 220 -46.30 7.90 -24.76
CA ARG G 220 -46.29 6.44 -24.35
C ARG G 220 -45.33 5.67 -25.26
N LEU G 221 -45.34 5.95 -26.57
CA LEU G 221 -44.51 5.18 -27.52
C LEU G 221 -43.04 5.30 -27.06
N ALA G 222 -42.64 6.54 -26.72
CA ALA G 222 -41.34 6.95 -26.15
C ALA G 222 -41.06 6.12 -24.92
N ALA G 223 -41.95 6.19 -23.95
CA ALA G 223 -41.82 5.43 -22.70
C ALA G 223 -41.63 3.96 -23.07
N ASP G 224 -42.39 3.43 -24.01
CA ASP G 224 -42.29 1.96 -24.28
C ASP G 224 -40.93 1.69 -24.88
N VAL G 225 -40.52 2.51 -25.83
CA VAL G 225 -39.23 2.35 -26.55
C VAL G 225 -38.06 2.39 -25.54
N MET G 226 -38.11 3.26 -24.53
CA MET G 226 -37.13 3.32 -23.40
C MET G 226 -37.33 2.14 -22.43
N GLY G 227 -38.47 1.45 -22.49
CA GLY G 227 -38.72 0.26 -21.66
C GLY G 227 -39.08 0.62 -20.23
N VAL G 228 -39.79 1.72 -19.99
CA VAL G 228 -40.11 2.22 -18.62
C VAL G 228 -41.61 2.53 -18.51
N PRO G 229 -42.28 2.13 -17.41
CA PRO G 229 -43.71 2.35 -17.26
C PRO G 229 -43.88 3.72 -16.60
N THR G 230 -43.30 4.75 -17.20
CA THR G 230 -43.43 6.16 -16.81
C THR G 230 -44.91 6.51 -16.75
N ILE G 231 -45.36 7.18 -15.67
CA ILE G 231 -46.72 7.75 -15.51
C ILE G 231 -46.86 8.94 -16.48
N ILE G 232 -47.81 8.84 -17.41
CA ILE G 232 -48.22 9.93 -18.35
C ILE G 232 -49.41 10.69 -17.75
N VAL G 233 -49.30 11.99 -17.54
CA VAL G 233 -50.42 12.85 -17.03
C VAL G 233 -50.92 13.70 -18.19
N ALA G 234 -52.22 13.60 -18.51
CA ALA G 234 -52.86 14.37 -19.59
C ALA G 234 -53.53 15.57 -18.97
N ARG G 235 -52.99 16.76 -19.23
CA ARG G 235 -53.56 18.05 -18.77
C ARG G 235 -54.52 18.58 -19.85
N THR G 236 -55.61 19.22 -19.43
CA THR G 236 -56.44 20.04 -20.35
C THR G 236 -56.51 21.48 -19.84
N ASP G 237 -56.40 22.40 -20.81
CA ASP G 237 -56.49 23.86 -20.62
C ASP G 237 -57.82 24.36 -21.20
N ALA G 238 -58.71 23.43 -21.59
CA ALA G 238 -59.99 23.70 -22.29
C ALA G 238 -61.06 24.43 -21.44
N ASN G 239 -60.97 24.40 -20.10
CA ASN G 239 -61.87 25.11 -19.15
C ASN G 239 -61.81 26.64 -19.32
N ALA G 240 -60.66 27.22 -19.64
CA ALA G 240 -60.48 28.68 -19.71
C ALA G 240 -60.18 29.09 -21.14
N ALA G 241 -59.94 28.13 -22.02
CA ALA G 241 -59.34 28.37 -23.35
C ALA G 241 -60.47 28.65 -24.33
N THR G 242 -60.52 29.87 -24.84
CA THR G 242 -61.65 30.35 -25.66
C THR G 242 -61.18 30.43 -27.11
N LEU G 243 -59.96 29.95 -27.38
CA LEU G 243 -59.34 29.93 -28.74
C LEU G 243 -58.93 28.50 -29.10
N LEU G 244 -59.11 28.12 -30.37
CA LEU G 244 -58.84 26.78 -30.93
C LEU G 244 -58.17 26.95 -32.30
N THR G 245 -57.23 26.08 -32.67
CA THR G 245 -56.41 26.29 -33.89
C THR G 245 -57.26 25.94 -35.12
N SER G 246 -58.15 24.96 -35.00
CA SER G 246 -58.82 24.29 -36.15
C SER G 246 -60.07 23.53 -35.69
N ASP G 247 -61.15 23.70 -36.47
CA ASP G 247 -62.47 23.04 -36.32
C ASP G 247 -62.50 21.66 -36.99
N ILE G 248 -61.37 21.08 -37.39
CA ILE G 248 -61.34 19.83 -38.22
C ILE G 248 -61.99 18.68 -37.47
N ASP G 249 -61.89 18.64 -36.15
CA ASP G 249 -62.21 17.46 -35.31
C ASP G 249 -63.69 17.56 -34.91
N GLU G 250 -64.46 16.51 -35.23
CA GLU G 250 -65.91 16.34 -34.94
C GLU G 250 -66.20 16.68 -33.46
N ARG G 251 -65.35 16.27 -32.52
CA ARG G 251 -65.57 16.49 -31.05
C ARG G 251 -65.43 17.98 -30.66
N ASP G 252 -64.82 18.81 -31.54
CA ASP G 252 -64.43 20.18 -31.17
C ASP G 252 -65.46 21.17 -31.71
N ARG G 253 -66.03 20.86 -32.88
CA ARG G 253 -67.04 21.69 -33.59
C ARG G 253 -68.12 22.18 -32.63
N PRO G 254 -68.84 21.34 -31.86
CA PRO G 254 -69.88 21.84 -30.95
C PRO G 254 -69.46 23.07 -30.11
N PHE G 255 -68.17 23.23 -29.84
CA PHE G 255 -67.69 24.33 -28.96
C PHE G 255 -67.42 25.55 -29.84
N CYS G 256 -67.16 25.38 -31.12
CA CYS G 256 -66.98 26.54 -32.02
C CYS G 256 -68.29 27.36 -32.09
N THR G 257 -68.17 28.69 -31.98
CA THR G 257 -69.26 29.66 -32.24
C THR G 257 -69.23 30.04 -33.72
N GLY G 258 -68.30 29.53 -34.50
CA GLY G 258 -68.18 29.93 -35.91
C GLY G 258 -67.63 31.33 -36.04
N GLU G 259 -67.32 32.02 -34.91
CA GLU G 259 -66.46 33.24 -34.94
C GLU G 259 -64.98 32.84 -35.13
N ARG G 260 -64.17 33.71 -35.75
CA ARG G 260 -62.69 33.57 -35.88
C ARG G 260 -62.02 34.90 -35.51
N THR G 261 -60.82 34.88 -34.92
CA THR G 261 -60.04 36.11 -34.58
C THR G 261 -59.21 36.54 -35.80
N SER G 262 -58.65 37.75 -35.79
CA SER G 262 -57.91 38.27 -36.96
C SER G 262 -56.65 37.40 -37.20
N GLU G 263 -56.09 36.77 -36.16
CA GLU G 263 -55.03 35.73 -36.31
C GLU G 263 -55.61 34.49 -36.99
N GLY G 264 -56.94 34.28 -36.96
CA GLY G 264 -57.58 33.15 -37.66
C GLY G 264 -57.84 31.98 -36.74
N PHE G 265 -57.71 32.17 -35.42
CA PHE G 265 -58.15 31.17 -34.40
C PHE G 265 -59.68 31.13 -34.37
N TYR G 266 -60.22 29.94 -34.13
CA TYR G 266 -61.64 29.66 -33.88
C TYR G 266 -61.95 29.99 -32.42
N ARG G 267 -63.00 30.78 -32.16
CA ARG G 267 -63.52 31.09 -30.81
C ARG G 267 -64.34 29.90 -30.28
N VAL G 268 -64.12 29.49 -29.03
CA VAL G 268 -64.86 28.36 -28.41
C VAL G 268 -65.49 28.79 -27.08
N ARG G 269 -66.62 28.12 -26.76
CA ARG G 269 -67.41 28.27 -25.52
C ARG G 269 -66.71 27.38 -24.49
N ALA G 270 -65.77 28.00 -23.77
CA ALA G 270 -64.88 27.36 -22.79
C ALA G 270 -65.73 27.02 -21.58
N GLY G 271 -65.17 26.22 -20.66
CA GLY G 271 -65.74 25.90 -19.34
C GLY G 271 -65.74 24.41 -19.13
N LEU G 272 -66.24 23.98 -17.98
CA LEU G 272 -66.16 22.58 -17.49
C LEU G 272 -66.72 21.62 -18.56
N ASP G 273 -67.68 22.04 -19.36
CA ASP G 273 -68.19 21.17 -20.45
C ASP G 273 -67.03 20.82 -21.39
N GLN G 274 -66.28 21.82 -21.89
CA GLN G 274 -65.12 21.62 -22.81
C GLN G 274 -63.91 20.99 -22.09
N ALA G 275 -63.71 21.28 -20.81
CA ALA G 275 -62.72 20.58 -19.97
C ALA G 275 -63.06 19.09 -19.89
N ILE G 276 -64.33 18.73 -19.59
CA ILE G 276 -64.77 17.30 -19.46
C ILE G 276 -64.56 16.57 -20.80
N ALA G 277 -64.97 17.20 -21.91
CA ALA G 277 -64.88 16.63 -23.28
C ALA G 277 -63.42 16.25 -23.56
N ARG G 278 -62.48 17.11 -23.16
CA ARG G 278 -61.04 16.83 -23.39
C ARG G 278 -60.66 15.68 -22.46
N GLY G 279 -60.93 15.84 -21.15
CA GLY G 279 -60.65 14.81 -20.13
C GLY G 279 -61.07 13.42 -20.61
N LEU G 280 -62.31 13.30 -21.10
CA LEU G 280 -62.89 12.00 -21.56
C LEU G 280 -62.13 11.49 -22.77
N ALA G 281 -61.77 12.37 -23.71
CA ALA G 281 -61.07 12.01 -24.96
C ALA G 281 -59.68 11.44 -24.63
N TYR G 282 -58.97 12.05 -23.67
CA TYR G 282 -57.54 11.76 -23.37
C TYR G 282 -57.42 10.51 -22.48
N ALA G 283 -58.45 10.09 -21.77
CA ALA G 283 -58.29 9.17 -20.62
C ALA G 283 -57.91 7.74 -21.04
N PRO G 284 -58.28 7.25 -22.25
CA PRO G 284 -57.75 5.96 -22.74
C PRO G 284 -56.23 5.92 -22.92
N TYR G 285 -55.58 7.09 -22.85
CA TYR G 285 -54.24 7.40 -23.39
C TYR G 285 -53.27 7.86 -22.31
N ALA G 286 -53.76 8.13 -21.10
CA ALA G 286 -53.00 8.68 -19.94
C ALA G 286 -53.35 7.93 -18.65
N ASP G 287 -52.44 7.93 -17.69
CA ASP G 287 -52.63 7.23 -16.41
C ASP G 287 -53.36 8.15 -15.43
N MET G 288 -53.32 9.45 -15.68
CA MET G 288 -53.85 10.49 -14.76
C MET G 288 -54.30 11.71 -15.60
N ILE G 289 -55.42 12.29 -15.20
CA ILE G 289 -56.10 13.42 -15.89
C ILE G 289 -56.00 14.68 -15.02
N TRP G 290 -55.64 15.80 -15.64
CA TRP G 290 -55.49 17.11 -14.98
C TRP G 290 -56.34 18.15 -15.71
N CYS G 291 -57.38 18.64 -15.04
CA CYS G 291 -58.22 19.77 -15.47
C CYS G 291 -57.74 21.04 -14.76
N GLU G 292 -57.10 21.92 -15.50
CA GLU G 292 -56.67 23.25 -15.01
C GLU G 292 -57.95 24.03 -14.67
N THR G 293 -57.93 24.93 -13.70
CA THR G 293 -59.16 25.58 -13.14
C THR G 293 -58.83 27.03 -12.84
N SER G 294 -59.84 27.89 -12.81
CA SER G 294 -59.61 29.34 -12.67
C SER G 294 -59.47 29.68 -11.18
N GLU G 295 -60.09 28.86 -10.31
CA GLU G 295 -60.04 29.06 -8.83
C GLU G 295 -60.17 27.75 -8.07
N PRO G 296 -59.78 27.72 -6.77
CA PRO G 296 -59.81 26.50 -5.97
C PRO G 296 -61.26 26.22 -5.51
N ASN G 297 -62.03 25.53 -6.34
CA ASN G 297 -63.49 25.35 -6.15
C ASN G 297 -63.73 23.84 -6.02
N LEU G 298 -64.12 23.39 -4.83
CA LEU G 298 -64.24 21.95 -4.55
C LEU G 298 -65.42 21.38 -5.35
N GLU G 299 -66.46 22.21 -5.57
CA GLU G 299 -67.66 21.85 -6.38
C GLU G 299 -67.22 21.48 -7.80
N GLU G 300 -66.41 22.34 -8.43
CA GLU G 300 -65.87 22.20 -9.81
C GLU G 300 -65.11 20.87 -9.90
N ALA G 301 -64.25 20.61 -8.93
CA ALA G 301 -63.47 19.36 -8.83
C ALA G 301 -64.42 18.16 -8.80
N ARG G 302 -65.53 18.26 -8.06
CA ARG G 302 -66.49 17.14 -7.84
C ARG G 302 -67.16 16.83 -9.18
N ARG G 303 -67.58 17.86 -9.93
CA ARG G 303 -68.32 17.70 -11.20
C ARG G 303 -67.36 17.14 -12.25
N PHE G 304 -66.11 17.64 -12.32
CA PHE G 304 -65.08 17.10 -13.24
C PHE G 304 -64.85 15.62 -12.92
N ALA G 305 -64.53 15.30 -11.66
CA ALA G 305 -64.26 13.92 -11.20
C ALA G 305 -65.50 13.03 -11.41
N GLU G 306 -66.71 13.51 -11.11
CA GLU G 306 -67.94 12.71 -11.32
C GLU G 306 -67.99 12.35 -12.80
N ALA G 307 -67.77 13.34 -13.67
CA ALA G 307 -67.85 13.19 -15.14
C ALA G 307 -66.88 12.07 -15.60
N ILE G 308 -65.62 12.15 -15.16
CA ILE G 308 -64.53 11.29 -15.67
C ILE G 308 -64.75 9.87 -15.13
N HIS G 309 -65.07 9.74 -13.85
CA HIS G 309 -65.30 8.44 -13.17
C HIS G 309 -66.58 7.80 -13.71
N ALA G 310 -67.55 8.59 -14.19
CA ALA G 310 -68.79 8.08 -14.81
C ALA G 310 -68.42 7.07 -15.92
N GLN G 311 -67.43 7.36 -16.75
CA GLN G 311 -67.05 6.51 -17.91
C GLN G 311 -65.74 5.76 -17.63
N PHE G 312 -64.91 6.23 -16.70
CA PHE G 312 -63.58 5.63 -16.40
C PHE G 312 -63.47 5.49 -14.89
N PRO G 313 -64.25 4.58 -14.26
CA PRO G 313 -64.17 4.41 -12.80
C PRO G 313 -62.72 4.27 -12.33
N GLY G 314 -62.33 4.96 -11.26
CA GLY G 314 -61.02 4.81 -10.60
C GLY G 314 -59.86 5.46 -11.37
N LYS G 315 -60.12 6.30 -12.37
CA LYS G 315 -59.07 7.05 -13.07
C LYS G 315 -58.40 7.96 -12.04
N LEU G 316 -57.09 7.91 -11.94
CA LEU G 316 -56.32 8.86 -11.11
C LEU G 316 -56.53 10.26 -11.66
N LEU G 317 -56.68 11.24 -10.77
CA LEU G 317 -56.76 12.66 -11.15
C LEU G 317 -55.72 13.42 -10.33
N ALA G 318 -55.18 14.47 -10.93
CA ALA G 318 -54.26 15.43 -10.32
C ALA G 318 -54.98 16.77 -10.20
N TYR G 319 -54.57 17.55 -9.19
CA TYR G 319 -55.13 18.89 -8.90
C TYR G 319 -53.97 19.83 -8.57
N ASN G 320 -53.84 20.87 -9.39
CA ASN G 320 -52.91 22.01 -9.21
C ASN G 320 -53.50 22.91 -8.13
N CYS G 321 -52.95 22.87 -6.91
CA CYS G 321 -53.27 23.87 -5.85
C CYS G 321 -52.39 25.08 -6.13
N SER G 322 -52.71 25.85 -7.17
CA SER G 322 -51.83 26.90 -7.74
C SER G 322 -51.72 28.07 -6.78
N PRO G 323 -50.50 28.60 -6.51
CA PRO G 323 -50.30 29.94 -5.95
C PRO G 323 -50.77 31.08 -6.86
N SER G 324 -51.28 30.68 -8.03
CA SER G 324 -51.88 31.59 -9.03
C SER G 324 -53.29 31.94 -8.59
N PHE G 325 -53.82 31.25 -7.58
CA PHE G 325 -55.05 31.63 -6.85
C PHE G 325 -54.70 32.46 -5.60
N ASN G 326 -55.51 33.51 -5.33
CA ASN G 326 -55.47 34.30 -4.08
C ASN G 326 -56.28 33.53 -3.02
N TRP G 327 -55.62 32.63 -2.31
CA TRP G 327 -56.35 31.54 -1.63
C TRP G 327 -57.43 32.12 -0.72
N LYS G 328 -57.09 33.11 0.10
CA LYS G 328 -57.96 33.59 1.20
C LYS G 328 -58.97 34.59 0.65
N LYS G 329 -58.85 35.00 -0.60
CA LYS G 329 -59.90 35.78 -1.29
C LYS G 329 -61.01 34.81 -1.68
N LYS G 330 -60.66 33.62 -2.18
CA LYS G 330 -61.67 32.65 -2.69
C LYS G 330 -62.32 31.95 -1.49
N LEU G 331 -61.52 31.37 -0.60
CA LEU G 331 -62.03 30.42 0.41
C LEU G 331 -61.89 30.98 1.83
N ASP G 332 -62.70 30.45 2.74
CA ASP G 332 -62.60 30.66 4.21
C ASP G 332 -61.50 29.73 4.76
N ASP G 333 -60.98 30.03 5.95
CA ASP G 333 -59.79 29.36 6.54
C ASP G 333 -60.11 27.88 6.87
N ALA G 334 -61.38 27.49 7.02
CA ALA G 334 -61.76 26.08 7.32
C ALA G 334 -61.76 25.24 6.03
N THR G 335 -62.29 25.75 4.92
CA THR G 335 -62.26 25.06 3.60
C THR G 335 -60.80 24.89 3.14
N ILE G 336 -59.97 25.92 3.35
CA ILE G 336 -58.52 25.87 3.03
C ILE G 336 -57.90 24.74 3.85
N ALA G 337 -58.21 24.65 5.14
CA ALA G 337 -57.69 23.59 6.04
C ALA G 337 -58.08 22.20 5.52
N ALA G 338 -59.23 22.05 4.85
CA ALA G 338 -59.77 20.71 4.46
C ALA G 338 -59.49 20.39 2.99
N PHE G 339 -58.98 21.35 2.23
CA PHE G 339 -58.97 21.31 0.75
C PHE G 339 -58.37 20.00 0.19
N GLN G 340 -57.18 19.61 0.65
CA GLN G 340 -56.47 18.41 0.13
C GLN G 340 -57.20 17.14 0.57
N ARG G 341 -57.58 17.02 1.85
CA ARG G 341 -58.41 15.89 2.36
C ARG G 341 -59.63 15.75 1.44
N GLU G 342 -60.31 16.84 1.07
CA GLU G 342 -61.56 16.78 0.26
C GLU G 342 -61.24 16.37 -1.19
N LEU G 343 -60.22 16.96 -1.81
CA LEU G 343 -59.79 16.61 -3.20
C LEU G 343 -59.35 15.15 -3.20
N GLY G 344 -58.66 14.75 -2.13
CA GLY G 344 -58.29 13.34 -1.90
C GLY G 344 -59.47 12.43 -2.19
N ALA G 345 -60.55 12.59 -1.42
CA ALA G 345 -61.71 11.68 -1.40
C ALA G 345 -62.48 11.69 -2.73
N MET G 346 -62.31 12.69 -3.59
CA MET G 346 -62.98 12.71 -4.91
C MET G 346 -62.17 11.93 -5.97
N GLY G 347 -60.96 11.49 -5.64
CA GLY G 347 -60.05 10.76 -6.57
C GLY G 347 -58.82 11.55 -7.05
N TYR G 348 -58.51 12.72 -6.47
CA TYR G 348 -57.32 13.56 -6.79
C TYR G 348 -56.15 13.06 -5.95
N LYS G 349 -55.44 12.05 -6.45
CA LYS G 349 -54.43 11.29 -5.66
C LYS G 349 -53.07 12.01 -5.73
N PHE G 350 -52.82 12.82 -6.75
CA PHE G 350 -51.61 13.67 -6.85
C PHE G 350 -51.99 15.15 -6.88
N GLN G 351 -51.65 15.87 -5.80
CA GLN G 351 -51.96 17.30 -5.62
C GLN G 351 -50.66 18.07 -5.38
N PHE G 352 -50.46 19.21 -6.03
CA PHE G 352 -49.12 19.87 -6.12
C PHE G 352 -49.26 21.40 -6.13
N VAL G 353 -48.57 22.08 -5.20
CA VAL G 353 -48.41 23.56 -5.19
C VAL G 353 -47.26 23.91 -6.15
N THR G 354 -47.61 24.31 -7.37
CA THR G 354 -46.71 24.37 -8.54
C THR G 354 -45.56 25.35 -8.27
N LEU G 355 -45.88 26.57 -7.82
CA LEU G 355 -44.93 27.70 -7.70
C LEU G 355 -44.43 27.83 -6.25
N ALA G 356 -44.40 26.72 -5.51
CA ALA G 356 -44.05 26.74 -4.08
C ALA G 356 -42.58 27.18 -3.95
N GLY G 357 -41.75 26.69 -4.88
CA GLY G 357 -40.31 26.95 -4.92
C GLY G 357 -39.98 28.42 -5.08
N PHE G 358 -40.63 29.08 -6.05
CA PHE G 358 -40.41 30.49 -6.44
C PHE G 358 -40.79 31.37 -5.24
N HIS G 359 -41.94 31.05 -4.65
CA HIS G 359 -42.54 31.90 -3.58
C HIS G 359 -41.65 31.79 -2.34
N ALA G 360 -41.26 30.56 -2.00
CA ALA G 360 -40.38 30.29 -0.85
C ALA G 360 -38.99 30.91 -1.07
N LEU G 361 -38.45 30.87 -2.30
CA LEU G 361 -37.06 31.33 -2.53
C LEU G 361 -37.05 32.85 -2.42
N ASN G 362 -37.99 33.48 -3.14
CA ASN G 362 -38.08 34.94 -3.36
C ASN G 362 -38.48 35.64 -2.06
N TYR G 363 -39.46 35.12 -1.34
CA TYR G 363 -39.98 35.78 -0.12
C TYR G 363 -38.89 35.66 0.96
N SER G 364 -38.20 34.51 1.02
CA SER G 364 -37.15 34.22 2.04
C SER G 364 -35.97 35.16 1.79
N MET G 365 -35.48 35.28 0.56
CA MET G 365 -34.33 36.18 0.26
C MET G 365 -34.75 37.65 0.53
N PHE G 366 -35.97 38.05 0.17
CA PHE G 366 -36.49 39.42 0.45
C PHE G 366 -36.51 39.70 1.95
N GLU G 367 -37.10 38.85 2.79
CA GLU G 367 -37.24 39.27 4.20
C GLU G 367 -35.81 39.26 4.77
N LEU G 368 -34.93 38.36 4.33
CA LEU G 368 -33.55 38.32 4.89
C LEU G 368 -32.81 39.59 4.46
N ALA G 369 -32.67 39.78 3.15
CA ALA G 369 -32.00 40.93 2.52
C ALA G 369 -32.43 42.21 3.23
N ARG G 370 -33.74 42.45 3.33
CA ARG G 370 -34.33 43.73 3.83
C ARG G 370 -33.98 43.96 5.31
N ASN G 371 -34.11 42.95 6.20
CA ASN G 371 -33.60 43.03 7.60
C ASN G 371 -32.09 43.25 7.64
N TYR G 372 -31.36 42.60 6.73
CA TYR G 372 -29.90 42.73 6.61
C TYR G 372 -29.56 44.20 6.37
N ARG G 373 -30.26 44.88 5.47
CA ARG G 373 -29.90 46.30 5.18
C ARG G 373 -30.05 47.08 6.49
N ASP G 374 -31.18 46.89 7.17
CA ASP G 374 -31.55 47.65 8.39
C ASP G 374 -30.60 47.22 9.54
N ARG G 375 -30.62 45.94 9.94
CA ARG G 375 -30.06 45.51 11.25
C ARG G 375 -28.75 44.72 11.11
N GLY G 376 -28.20 44.54 9.91
CA GLY G 376 -26.92 43.83 9.66
C GLY G 376 -26.94 42.42 10.20
N MET G 377 -25.88 41.99 10.90
CA MET G 377 -25.68 40.57 11.30
C MET G 377 -26.73 40.09 12.30
N ALA G 378 -27.44 40.97 13.00
CA ALA G 378 -28.65 40.59 13.79
C ALA G 378 -29.62 39.80 12.92
N ALA G 379 -29.93 40.33 11.73
CA ALA G 379 -30.79 39.73 10.68
C ALA G 379 -30.35 38.30 10.42
N TYR G 380 -29.05 38.08 10.28
CA TYR G 380 -28.52 36.75 9.86
C TYR G 380 -28.55 35.83 11.10
N SER G 381 -28.22 36.40 12.27
CA SER G 381 -28.24 35.66 13.56
C SER G 381 -29.65 35.13 13.82
N GLU G 382 -30.70 35.93 13.56
CA GLU G 382 -32.10 35.50 13.81
C GLU G 382 -32.42 34.29 12.91
N LEU G 383 -31.93 34.33 11.66
CA LEU G 383 -32.13 33.23 10.69
C LEU G 383 -31.38 32.00 11.20
N GLN G 384 -30.17 32.16 11.76
CA GLN G 384 -29.34 31.02 12.21
C GLN G 384 -29.96 30.43 13.49
N GLN G 385 -30.48 31.27 14.39
CA GLN G 385 -31.18 30.78 15.60
C GLN G 385 -32.43 29.99 15.18
N ALA G 386 -33.18 30.51 14.22
CA ALA G 386 -34.37 29.86 13.62
C ALA G 386 -34.01 28.49 13.03
N GLU G 387 -32.80 28.33 12.49
CA GLU G 387 -32.37 27.08 11.82
C GLU G 387 -32.10 26.06 12.95
N PHE G 388 -31.40 26.49 13.99
CA PHE G 388 -31.17 25.69 15.22
C PHE G 388 -32.51 25.22 15.82
N ALA G 389 -33.41 26.14 16.12
CA ALA G 389 -34.78 25.80 16.55
C ALA G 389 -35.37 24.71 15.64
N ALA G 390 -35.30 24.89 14.32
CA ALA G 390 -35.92 23.96 13.34
C ALA G 390 -35.26 22.57 13.43
N GLU G 391 -34.18 22.40 14.21
CA GLU G 391 -33.43 21.11 14.24
C GLU G 391 -34.26 20.05 14.93
N ALA G 392 -35.14 20.44 15.84
CA ALA G 392 -35.97 19.52 16.65
C ALA G 392 -37.01 18.82 15.76
N TYR G 393 -37.06 19.15 14.46
CA TYR G 393 -38.18 18.76 13.54
C TYR G 393 -37.65 17.96 12.33
N GLY G 394 -36.33 17.85 12.18
CA GLY G 394 -35.67 17.15 11.05
C GLY G 394 -34.49 17.95 10.52
N TYR G 395 -34.52 19.27 10.63
CA TYR G 395 -33.62 20.21 9.91
C TYR G 395 -32.18 20.05 10.40
N THR G 396 -31.22 20.00 9.46
CA THR G 396 -29.78 19.80 9.75
C THR G 396 -28.88 20.69 8.90
N ALA G 397 -29.46 21.51 8.00
CA ALA G 397 -28.68 22.28 7.00
C ALA G 397 -27.92 23.45 7.67
N THR G 398 -28.30 23.87 8.87
CA THR G 398 -27.58 24.89 9.68
C THR G 398 -26.14 24.41 9.86
N ARG G 399 -25.97 23.08 9.92
CA ARG G 399 -24.66 22.37 9.77
C ARG G 399 -24.48 22.04 8.28
N HIS G 400 -24.06 23.05 7.51
CA HIS G 400 -24.07 23.08 6.01
C HIS G 400 -22.93 22.27 5.39
N GLN G 401 -21.77 22.16 6.05
CA GLN G 401 -20.61 21.42 5.50
C GLN G 401 -20.95 19.94 5.43
N ARG G 402 -21.56 19.39 6.49
CA ARG G 402 -22.04 17.98 6.51
C ARG G 402 -23.17 17.89 5.47
N GLU G 403 -24.03 18.90 5.39
CA GLU G 403 -25.32 18.86 4.68
C GLU G 403 -25.13 18.48 3.19
N VAL G 404 -24.01 18.88 2.59
CA VAL G 404 -23.70 18.84 1.14
C VAL G 404 -22.62 17.80 0.81
N GLY G 405 -22.01 17.19 1.84
CA GLY G 405 -21.27 15.93 1.71
C GLY G 405 -19.80 16.05 2.05
N THR G 406 -19.38 17.08 2.78
CA THR G 406 -17.97 17.16 3.23
C THR G 406 -17.58 15.87 3.99
N GLY G 407 -18.50 15.33 4.79
CA GLY G 407 -18.28 14.06 5.52
C GLY G 407 -18.06 12.93 4.53
N TYR G 408 -18.97 12.78 3.58
CA TYR G 408 -18.93 11.70 2.58
C TYR G 408 -17.61 11.76 1.81
N PHE G 409 -17.22 12.94 1.34
CA PHE G 409 -16.01 13.14 0.52
C PHE G 409 -14.73 13.01 1.38
N ASP G 410 -14.81 13.25 2.68
CA ASP G 410 -13.68 13.00 3.61
C ASP G 410 -13.44 11.50 3.71
N GLU G 411 -14.49 10.67 3.72
CA GLU G 411 -14.36 9.19 3.93
C GLU G 411 -13.79 8.60 2.64
N VAL G 412 -14.20 9.16 1.51
CA VAL G 412 -13.69 8.82 0.15
C VAL G 412 -12.20 9.17 0.09
N ALA G 413 -11.85 10.41 0.42
CA ALA G 413 -10.45 10.89 0.52
C ALA G 413 -9.64 9.94 1.42
N GLN G 414 -10.20 9.48 2.54
CA GLN G 414 -9.45 8.61 3.49
C GLN G 414 -9.26 7.23 2.84
N VAL G 415 -10.27 6.65 2.20
CA VAL G 415 -10.06 5.38 1.47
C VAL G 415 -8.98 5.59 0.40
N ILE G 416 -8.90 6.76 -0.23
CA ILE G 416 -8.02 6.98 -1.42
C ILE G 416 -6.58 7.07 -0.94
N ALA G 417 -6.27 7.95 -0.01
CA ALA G 417 -5.02 7.83 0.77
C ALA G 417 -5.11 6.47 1.46
N GLY G 418 -4.01 5.85 1.85
CA GLY G 418 -4.08 4.64 2.67
C GLY G 418 -4.91 4.85 3.94
N GLY G 419 -5.34 6.08 4.26
CA GLY G 419 -6.06 6.43 5.50
C GLY G 419 -5.15 7.23 6.42
N GLU G 420 -4.57 8.29 5.86
CA GLU G 420 -3.43 9.09 6.37
C GLU G 420 -3.25 10.28 5.41
N ILE G 421 -4.07 11.33 5.59
CA ILE G 421 -4.02 12.60 4.81
C ILE G 421 -4.05 13.77 5.79
N SER G 422 -3.14 14.73 5.56
CA SER G 422 -3.07 16.04 6.26
C SER G 422 -4.26 16.93 5.86
N THR G 423 -5.05 16.55 4.86
CA THR G 423 -5.98 17.44 4.11
C THR G 423 -7.45 17.12 4.47
N THR G 424 -7.73 16.20 5.39
CA THR G 424 -9.11 15.97 5.90
C THR G 424 -9.77 17.34 6.18
N ALA G 425 -11.04 17.49 5.78
CA ALA G 425 -11.78 18.77 5.64
C ALA G 425 -12.63 19.05 6.88
N LEU G 426 -13.60 18.18 7.19
CA LEU G 426 -14.52 18.37 8.36
C LEU G 426 -13.68 18.49 9.62
N THR G 427 -12.70 17.60 9.79
CA THR G 427 -11.92 17.44 11.04
C THR G 427 -10.91 18.59 11.14
N GLY G 428 -11.21 19.61 11.95
CA GLY G 428 -10.43 20.87 12.09
C GLY G 428 -11.22 22.06 11.59
N SER G 429 -12.44 21.81 11.11
CA SER G 429 -13.36 22.85 10.59
C SER G 429 -14.04 23.61 11.74
N THR G 430 -14.42 24.84 11.44
CA THR G 430 -15.38 25.71 12.18
C THR G 430 -16.69 24.94 12.47
N GLU G 431 -17.07 23.98 11.63
CA GLU G 431 -18.27 23.11 11.87
C GLU G 431 -18.06 22.22 13.11
N GLU G 432 -16.94 21.49 13.22
CA GLU G 432 -16.66 20.67 14.42
C GLU G 432 -16.45 21.58 15.62
N GLU G 433 -15.78 22.73 15.48
CA GLU G 433 -15.35 23.55 16.64
C GLU G 433 -16.56 24.26 17.29
N GLN G 434 -17.68 24.57 16.58
CA GLN G 434 -18.64 25.65 17.00
C GLN G 434 -20.14 25.24 16.98
N PHE G 435 -20.50 23.97 16.76
CA PHE G 435 -21.92 23.59 16.53
C PHE G 435 -22.28 22.38 17.42
N MET H 13 0.13 54.64 -37.79
CA MET H 13 0.64 54.04 -36.53
C MET H 13 -0.19 54.57 -35.34
N ASP H 14 -1.47 54.15 -35.29
CA ASP H 14 -2.33 54.15 -34.08
C ASP H 14 -1.84 53.13 -33.07
N ARG H 15 -0.87 52.29 -33.45
CA ARG H 15 -0.14 51.37 -32.53
C ARG H 15 0.45 52.21 -31.37
N ALA H 16 0.92 53.45 -31.64
CA ALA H 16 1.55 54.40 -30.68
C ALA H 16 0.47 55.08 -29.83
N ALA H 17 -0.61 55.53 -30.46
CA ALA H 17 -1.82 56.05 -29.80
C ALA H 17 -2.40 55.00 -28.84
N GLN H 18 -2.57 53.77 -29.34
CA GLN H 18 -3.28 52.67 -28.64
C GLN H 18 -2.48 52.38 -27.37
N ILE H 19 -1.16 52.29 -27.52
CA ILE H 19 -0.21 52.01 -26.40
C ILE H 19 -0.15 53.24 -25.49
N LYS H 20 -0.33 54.45 -26.03
CA LYS H 20 -0.33 55.70 -25.22
C LYS H 20 -1.60 55.74 -24.37
N GLN H 21 -2.74 55.27 -24.89
CA GLN H 21 -4.03 55.36 -24.16
C GLN H 21 -4.03 54.35 -23.01
N ILE H 22 -3.49 53.13 -23.23
CA ILE H 22 -3.48 52.07 -22.19
C ILE H 22 -2.76 52.69 -21.01
N ALA H 23 -1.57 53.24 -21.28
CA ALA H 23 -0.74 54.01 -20.33
C ALA H 23 -1.57 55.03 -19.52
N ASP H 24 -2.32 55.93 -20.18
CA ASP H 24 -2.94 57.08 -19.47
C ASP H 24 -4.07 56.54 -18.58
N SER H 25 -4.66 55.41 -18.98
CA SER H 25 -5.74 54.77 -18.19
C SER H 25 -5.13 54.17 -16.91
N TRP H 26 -3.86 53.73 -16.95
CA TRP H 26 -3.14 53.16 -15.79
C TRP H 26 -2.78 54.27 -14.79
N ASN H 27 -2.68 55.51 -15.27
CA ASN H 27 -2.12 56.68 -14.54
C ASN H 27 -3.34 57.51 -14.08
N THR H 28 -4.17 56.93 -13.22
CA THR H 28 -5.42 57.56 -12.70
C THR H 28 -5.52 57.26 -11.21
N PRO H 29 -6.33 58.00 -10.43
CA PRO H 29 -6.41 57.80 -8.98
C PRO H 29 -6.82 56.36 -8.63
N ARG H 30 -7.76 55.83 -9.41
CA ARG H 30 -7.99 54.37 -9.61
C ARG H 30 -6.63 53.79 -10.01
N PHE H 31 -6.08 52.86 -9.26
CA PHE H 31 -4.74 52.27 -9.56
C PHE H 31 -3.58 52.97 -8.83
N ALA H 32 -3.81 54.03 -8.05
CA ALA H 32 -2.76 54.61 -7.17
C ALA H 32 -2.18 53.49 -6.30
N GLY H 33 -0.87 53.29 -6.39
CA GLY H 33 -0.13 52.27 -5.62
C GLY H 33 -0.35 50.85 -6.12
N ILE H 34 -0.77 50.68 -7.38
CA ILE H 34 -1.06 49.34 -7.96
C ILE H 34 0.03 49.03 -8.97
N VAL H 35 0.89 48.07 -8.60
CA VAL H 35 2.06 47.65 -9.40
C VAL H 35 1.57 46.73 -10.54
N ARG H 36 2.13 46.92 -11.74
CA ARG H 36 1.97 46.04 -12.94
C ARG H 36 3.35 45.67 -13.49
N PRO H 37 3.94 44.49 -13.16
CA PRO H 37 5.27 44.14 -13.68
C PRO H 37 5.30 43.88 -15.21
N TYR H 38 4.51 44.63 -15.96
CA TYR H 38 4.41 44.48 -17.43
C TYR H 38 4.13 45.88 -17.99
N THR H 39 4.21 46.00 -19.30
CA THR H 39 4.29 47.31 -20.01
C THR H 39 2.97 47.48 -20.76
N PRO H 40 2.60 48.72 -21.12
CA PRO H 40 1.45 48.97 -22.01
C PRO H 40 1.63 48.24 -23.36
N GLU H 41 2.87 48.21 -23.86
CA GLU H 41 3.25 47.57 -25.16
C GLU H 41 2.90 46.08 -25.04
N ASP H 42 3.09 45.44 -23.87
CA ASP H 42 2.68 44.03 -23.57
C ASP H 42 1.15 43.86 -23.73
N VAL H 43 0.36 44.63 -22.99
CA VAL H 43 -1.11 44.49 -23.06
C VAL H 43 -1.51 44.65 -24.51
N TYR H 44 -0.91 45.57 -25.23
CA TYR H 44 -1.23 45.82 -26.67
C TYR H 44 -1.07 44.50 -27.46
N ARG H 45 0.08 43.83 -27.34
CA ARG H 45 0.48 42.60 -28.10
C ARG H 45 -0.54 41.46 -27.89
N LEU H 46 -1.14 41.42 -26.69
CA LEU H 46 -1.94 40.25 -26.26
C LEU H 46 -3.45 40.47 -26.40
N ARG H 47 -3.92 41.66 -26.80
CA ARG H 47 -5.36 41.94 -26.77
C ARG H 47 -5.97 41.86 -28.17
N GLY H 48 -5.27 41.32 -29.17
CA GLY H 48 -5.78 41.27 -30.55
C GLY H 48 -5.97 42.65 -31.18
N SER H 49 -6.65 42.72 -32.33
CA SER H 49 -6.72 43.93 -33.20
C SER H 49 -7.99 44.76 -32.96
N VAL H 50 -8.93 44.21 -32.21
CA VAL H 50 -10.30 44.78 -32.00
C VAL H 50 -10.59 44.62 -30.51
N GLN H 51 -10.98 45.71 -29.86
CA GLN H 51 -11.39 45.69 -28.43
C GLN H 51 -12.90 45.51 -28.40
N ILE H 52 -13.36 44.38 -27.86
CA ILE H 52 -14.80 44.14 -27.59
C ILE H 52 -15.18 44.98 -26.36
N GLU H 53 -16.38 45.57 -26.33
CA GLU H 53 -16.87 46.43 -25.21
C GLU H 53 -17.68 45.54 -24.26
N TYR H 54 -17.37 45.61 -22.97
CA TYR H 54 -17.98 44.81 -21.87
C TYR H 54 -18.69 45.80 -20.93
N THR H 55 -19.85 46.23 -21.38
CA THR H 55 -20.66 47.27 -20.70
C THR H 55 -20.91 46.91 -19.23
N LEU H 56 -21.45 45.72 -18.95
CA LEU H 56 -21.90 45.35 -17.58
C LEU H 56 -20.71 45.41 -16.65
N ALA H 57 -19.54 44.95 -17.09
CA ALA H 57 -18.32 44.85 -16.24
C ALA H 57 -17.81 46.25 -15.89
N ARG H 58 -17.64 47.09 -16.92
CA ARG H 58 -17.15 48.49 -16.81
C ARG H 58 -18.06 49.28 -15.87
N MET H 59 -19.37 49.03 -15.94
CA MET H 59 -20.40 49.75 -15.15
C MET H 59 -20.27 49.38 -13.68
N GLY H 60 -20.28 48.06 -13.41
CA GLY H 60 -20.20 47.51 -12.06
C GLY H 60 -18.87 47.83 -11.40
N ALA H 61 -17.79 47.80 -12.18
CA ALA H 61 -16.44 48.14 -11.71
C ALA H 61 -16.45 49.62 -11.27
N GLU H 62 -16.76 50.53 -12.20
CA GLU H 62 -16.82 51.97 -11.90
C GLU H 62 -17.75 52.19 -10.70
N ARG H 63 -18.92 51.57 -10.67
CA ARG H 63 -19.89 51.81 -9.57
C ARG H 63 -19.38 51.21 -8.25
N LEU H 64 -18.77 50.02 -8.28
CA LEU H 64 -18.22 49.34 -7.06
C LEU H 64 -17.09 50.21 -6.50
N TRP H 65 -16.22 50.72 -7.37
CA TRP H 65 -15.11 51.61 -6.95
C TRP H 65 -15.65 52.84 -6.20
N ASN H 66 -16.66 53.50 -6.78
CA ASN H 66 -17.27 54.75 -6.25
C ASN H 66 -17.98 54.43 -4.93
N LEU H 67 -18.75 53.34 -4.87
CA LEU H 67 -19.52 52.94 -3.67
C LEU H 67 -18.58 52.66 -2.50
N LEU H 68 -17.49 51.95 -2.75
CA LEU H 68 -16.54 51.58 -1.66
C LEU H 68 -15.92 52.86 -1.08
N HIS H 69 -15.94 53.95 -1.84
CA HIS H 69 -15.18 55.20 -1.56
C HIS H 69 -16.14 56.34 -1.14
N THR H 70 -17.41 56.06 -0.93
CA THR H 70 -18.40 57.10 -0.58
C THR H 70 -19.27 56.57 0.56
N GLU H 71 -19.74 55.33 0.45
CA GLU H 71 -20.60 54.70 1.49
C GLU H 71 -19.75 54.42 2.74
N PRO H 72 -20.35 54.50 3.95
CA PRO H 72 -19.71 54.01 5.17
C PRO H 72 -19.07 52.63 4.96
N TYR H 73 -19.82 51.73 4.33
CA TYR H 73 -19.40 50.36 3.92
C TYR H 73 -20.50 49.78 3.01
N ILE H 74 -20.22 48.64 2.40
CA ILE H 74 -21.18 47.94 1.49
C ILE H 74 -21.37 46.54 2.03
N ASN H 75 -22.60 46.20 2.38
CA ASN H 75 -22.93 44.87 2.95
C ASN H 75 -23.78 44.11 1.91
N ALA H 76 -23.38 42.88 1.63
CA ALA H 76 -23.94 42.05 0.54
C ALA H 76 -24.31 40.69 1.10
N LEU H 77 -25.07 39.92 0.32
CA LEU H 77 -25.41 38.50 0.59
C LEU H 77 -25.12 37.66 -0.67
N GLY H 78 -24.80 36.39 -0.46
CA GLY H 78 -24.62 35.41 -1.55
C GLY H 78 -25.91 35.17 -2.32
N ALA H 79 -25.87 35.33 -3.64
CA ALA H 79 -26.93 34.91 -4.58
C ALA H 79 -26.47 33.64 -5.30
N LEU H 80 -27.39 32.70 -5.51
CA LEU H 80 -27.15 31.45 -6.28
C LEU H 80 -28.27 31.29 -7.32
N THR H 81 -29.23 32.19 -7.30
CA THR H 81 -30.19 32.29 -8.42
C THR H 81 -30.36 33.78 -8.75
N GLY H 82 -30.64 34.07 -10.02
CA GLY H 82 -31.08 35.39 -10.49
C GLY H 82 -32.14 35.97 -9.58
N ASN H 83 -33.14 35.18 -9.20
CA ASN H 83 -34.24 35.70 -8.35
C ASN H 83 -33.64 36.17 -7.01
N GLN H 84 -32.68 35.45 -6.42
CA GLN H 84 -32.17 35.83 -5.07
C GLN H 84 -31.56 37.22 -5.17
N ALA H 85 -30.71 37.40 -6.17
CA ALA H 85 -30.05 38.68 -6.49
C ALA H 85 -31.12 39.77 -6.67
N MET H 86 -32.09 39.52 -7.53
CA MET H 86 -33.22 40.44 -7.79
C MET H 86 -33.74 41.00 -6.45
N GLN H 87 -34.20 40.14 -5.55
CA GLN H 87 -34.83 40.56 -4.28
C GLN H 87 -33.80 41.28 -3.41
N GLN H 88 -32.52 40.90 -3.49
CA GLN H 88 -31.40 41.55 -2.74
C GLN H 88 -31.31 43.02 -3.19
N VAL H 89 -31.41 43.28 -4.48
CA VAL H 89 -31.35 44.67 -5.02
C VAL H 89 -32.62 45.42 -4.63
N LYS H 90 -33.77 44.77 -4.75
CA LYS H 90 -35.12 45.35 -4.48
C LYS H 90 -35.26 45.67 -3.00
N ALA H 91 -34.56 44.94 -2.13
CA ALA H 91 -34.65 45.14 -0.66
C ALA H 91 -33.66 46.23 -0.26
N GLY H 92 -32.87 46.73 -1.20
CA GLY H 92 -32.02 47.92 -1.01
C GLY H 92 -30.56 47.64 -0.71
N LEU H 93 -30.05 46.44 -1.01
CA LEU H 93 -28.60 46.11 -0.93
C LEU H 93 -27.98 46.56 -2.25
N LYS H 94 -26.79 47.18 -2.19
CA LYS H 94 -26.14 47.92 -3.30
C LYS H 94 -25.15 47.04 -4.11
N ALA H 95 -24.96 45.78 -3.70
CA ALA H 95 -24.02 44.78 -4.28
C ALA H 95 -24.47 43.34 -4.02
N ILE H 96 -24.06 42.46 -4.94
CA ILE H 96 -24.33 41.01 -4.85
C ILE H 96 -22.99 40.26 -4.71
N TYR H 97 -22.92 39.28 -3.79
CA TYR H 97 -21.78 38.34 -3.61
C TYR H 97 -22.13 37.01 -4.29
N LEU H 98 -21.17 36.52 -5.08
CA LEU H 98 -21.25 35.23 -5.79
C LEU H 98 -20.31 34.28 -5.01
N SER H 99 -20.90 33.34 -4.26
CA SER H 99 -20.20 32.31 -3.46
C SER H 99 -19.96 31.06 -4.31
N GLY H 100 -18.72 30.60 -4.41
CA GLY H 100 -18.42 29.30 -5.05
C GLY H 100 -18.94 28.10 -4.26
N TRP H 101 -18.98 28.24 -2.94
CA TRP H 101 -19.53 27.25 -1.98
C TRP H 101 -20.94 26.89 -2.41
N GLN H 102 -21.66 27.97 -2.78
CA GLN H 102 -23.07 27.99 -3.18
C GLN H 102 -23.18 27.35 -4.56
N VAL H 103 -22.34 27.77 -5.51
CA VAL H 103 -22.25 27.19 -6.89
C VAL H 103 -22.10 25.68 -6.73
N ALA H 104 -21.21 25.27 -5.82
CA ALA H 104 -20.86 23.86 -5.57
C ALA H 104 -22.09 23.12 -5.03
N ALA H 105 -22.76 23.71 -4.05
CA ALA H 105 -23.86 23.10 -3.28
C ALA H 105 -25.14 22.88 -4.12
N ASP H 106 -25.50 23.80 -5.02
CA ASP H 106 -26.84 23.83 -5.66
C ASP H 106 -26.89 24.72 -6.91
N ALA H 107 -25.79 25.02 -7.60
CA ALA H 107 -25.79 25.96 -8.75
C ALA H 107 -24.51 25.85 -9.58
N ASN H 108 -24.20 24.67 -10.12
CA ASN H 108 -22.98 24.47 -10.94
C ASN H 108 -23.34 23.68 -12.19
N LEU H 109 -22.53 23.75 -13.24
CA LEU H 109 -22.83 23.20 -14.58
C LEU H 109 -22.55 21.70 -14.60
N ALA H 110 -22.20 21.04 -13.50
CA ALA H 110 -22.20 19.55 -13.46
C ALA H 110 -23.57 19.09 -12.99
N GLY H 111 -24.31 19.97 -12.30
CA GLY H 111 -25.63 19.66 -11.72
C GLY H 111 -25.48 18.68 -10.58
N GLN H 112 -24.36 18.76 -9.85
CA GLN H 112 -24.00 17.93 -8.68
C GLN H 112 -24.14 18.73 -7.38
N MET H 113 -24.54 18.09 -6.28
CA MET H 113 -24.37 18.69 -4.93
C MET H 113 -22.96 18.36 -4.45
N TYR H 114 -22.15 19.39 -4.21
CA TYR H 114 -20.71 19.23 -3.86
C TYR H 114 -20.37 20.02 -2.61
N PRO H 115 -19.44 19.50 -1.78
CA PRO H 115 -18.72 20.33 -0.83
C PRO H 115 -17.78 21.32 -1.53
N ASP H 116 -17.30 22.32 -0.78
CA ASP H 116 -16.48 23.44 -1.31
C ASP H 116 -15.03 22.95 -1.43
N GLN H 117 -14.74 22.18 -2.46
CA GLN H 117 -13.43 21.50 -2.68
C GLN H 117 -13.08 21.53 -4.17
N SER H 118 -13.36 22.64 -4.83
CA SER H 118 -13.13 22.80 -6.28
C SER H 118 -13.41 21.45 -7.00
N LEU H 119 -14.67 20.98 -6.96
CA LEU H 119 -15.10 19.77 -7.71
C LEU H 119 -16.00 20.14 -8.89
N TYR H 120 -16.55 21.35 -8.93
CA TYR H 120 -17.49 21.76 -10.01
C TYR H 120 -16.70 22.32 -11.18
N PRO H 121 -17.31 22.40 -12.39
CA PRO H 121 -16.70 22.99 -13.57
C PRO H 121 -16.44 24.50 -13.45
N ALA H 122 -15.23 24.94 -13.78
CA ALA H 122 -14.67 26.28 -13.50
C ALA H 122 -15.49 27.41 -14.18
N ASN H 123 -16.25 27.08 -15.23
CA ASN H 123 -17.11 28.06 -15.95
C ASN H 123 -18.46 28.25 -15.24
N SER H 124 -18.73 27.51 -14.15
CA SER H 124 -19.96 27.60 -13.33
C SER H 124 -20.14 29.02 -12.76
N GLY H 125 -19.12 29.60 -12.14
CA GLY H 125 -19.30 30.89 -11.44
C GLY H 125 -19.65 32.02 -12.40
N PRO H 126 -18.90 32.15 -13.52
CA PRO H 126 -19.23 33.11 -14.57
C PRO H 126 -20.62 32.90 -15.19
N GLN H 127 -20.99 31.66 -15.48
CA GLN H 127 -22.36 31.38 -16.03
C GLN H 127 -23.37 31.95 -15.04
N LEU H 128 -23.23 31.63 -13.75
CA LEU H 128 -24.18 32.10 -12.71
C LEU H 128 -24.14 33.64 -12.62
N VAL H 129 -23.00 34.29 -12.81
CA VAL H 129 -22.96 35.79 -12.89
C VAL H 129 -23.82 36.24 -14.07
N ARG H 130 -23.68 35.62 -15.24
CA ARG H 130 -24.46 36.01 -16.45
C ARG H 130 -25.95 35.89 -16.11
N ASN H 131 -26.33 34.78 -15.46
CA ASN H 131 -27.73 34.49 -15.09
C ASN H 131 -28.27 35.61 -14.20
N ILE H 132 -27.51 36.02 -13.20
CA ILE H 132 -27.93 37.09 -12.24
C ILE H 132 -28.06 38.38 -13.04
N ASN H 133 -27.02 38.75 -13.78
CA ASN H 133 -27.06 39.95 -14.63
C ASN H 133 -28.25 39.86 -15.61
N ASN H 134 -28.43 38.73 -16.31
CA ASN H 134 -29.61 38.49 -17.20
C ASN H 134 -30.92 38.79 -16.42
N ALA H 135 -30.99 38.54 -15.13
CA ALA H 135 -32.23 38.69 -14.34
C ALA H 135 -32.42 40.16 -13.91
N LEU H 136 -31.35 40.85 -13.51
CA LEU H 136 -31.39 42.31 -13.18
C LEU H 136 -31.76 43.08 -14.45
N ARG H 137 -31.28 42.64 -15.60
CA ARG H 137 -31.59 43.29 -16.89
C ARG H 137 -33.09 43.16 -17.17
N ARG H 138 -33.70 42.03 -16.80
CA ARG H 138 -35.12 41.77 -17.10
C ARG H 138 -35.94 42.61 -16.12
N ALA H 139 -35.41 42.85 -14.92
CA ALA H 139 -36.02 43.77 -13.94
C ALA H 139 -35.98 45.18 -14.50
N ASP H 140 -34.80 45.63 -14.92
CA ASP H 140 -34.58 46.99 -15.44
C ASP H 140 -35.49 47.24 -16.64
N GLN H 141 -35.63 46.27 -17.52
CA GLN H 141 -36.51 46.35 -18.72
C GLN H 141 -37.96 46.59 -18.29
N ILE H 142 -38.41 45.82 -17.29
CA ILE H 142 -39.79 45.84 -16.77
C ILE H 142 -40.07 47.24 -16.25
N TYR H 143 -39.22 47.73 -15.32
CA TYR H 143 -39.36 49.04 -14.63
C TYR H 143 -39.40 50.14 -15.68
N HIS H 144 -38.43 50.11 -16.58
CA HIS H 144 -38.31 51.11 -17.66
C HIS H 144 -39.60 51.16 -18.47
N SER H 145 -40.24 50.02 -18.75
CA SER H 145 -41.43 49.96 -19.64
C SER H 145 -42.64 50.55 -18.92
N GLU H 146 -42.62 50.53 -17.58
CA GLU H 146 -43.60 51.16 -16.65
C GLU H 146 -43.12 52.55 -16.20
N GLY H 147 -42.19 53.17 -16.91
CA GLY H 147 -41.60 54.48 -16.60
C GLY H 147 -41.27 54.68 -15.13
N ARG H 148 -40.55 53.74 -14.50
CA ARG H 148 -40.08 53.83 -13.09
C ARG H 148 -38.55 53.89 -13.04
N ASN H 149 -38.00 54.59 -12.03
CA ASN H 149 -36.54 54.60 -11.69
C ASN H 149 -36.33 54.51 -10.17
N ASP H 150 -37.39 54.18 -9.43
CA ASP H 150 -37.41 53.88 -7.96
C ASP H 150 -36.15 53.10 -7.53
N ILE H 151 -35.55 52.25 -8.38
CA ILE H 151 -34.47 51.31 -7.98
C ILE H 151 -33.39 51.30 -9.07
N TYR H 152 -32.11 51.23 -8.67
CA TYR H 152 -30.94 51.09 -9.58
C TYR H 152 -30.60 49.60 -9.65
N TRP H 153 -30.88 48.95 -10.78
CA TRP H 153 -30.96 47.47 -10.86
C TRP H 153 -29.58 46.82 -11.02
N PHE H 154 -28.59 47.58 -11.53
CA PHE H 154 -27.26 47.04 -11.96
C PHE H 154 -26.29 47.01 -10.77
N ALA H 155 -26.62 46.26 -9.73
CA ALA H 155 -25.77 46.10 -8.53
C ALA H 155 -24.49 45.39 -8.94
N PRO H 156 -23.31 45.98 -8.70
CA PRO H 156 -22.06 45.30 -9.00
C PRO H 156 -21.99 43.99 -8.25
N ILE H 157 -21.70 42.92 -9.00
CA ILE H 157 -21.47 41.55 -8.46
C ILE H 157 -19.97 41.39 -8.15
N VAL H 158 -19.64 40.86 -6.98
CA VAL H 158 -18.25 40.46 -6.60
C VAL H 158 -18.20 38.93 -6.61
N ALA H 159 -17.30 38.32 -7.40
CA ALA H 159 -17.33 36.87 -7.74
C ALA H 159 -16.12 36.08 -7.18
N ASP H 160 -16.37 34.81 -6.82
CA ASP H 160 -15.38 33.80 -6.32
C ASP H 160 -14.74 33.12 -7.53
N ALA H 161 -13.46 33.40 -7.73
CA ALA H 161 -12.57 32.75 -8.71
C ALA H 161 -11.80 31.62 -8.03
N GLU H 162 -12.24 31.24 -6.83
CA GLU H 162 -11.56 30.30 -5.89
C GLU H 162 -10.06 30.60 -5.87
N ALA H 163 -9.22 29.60 -6.14
CA ALA H 163 -7.75 29.72 -6.27
C ALA H 163 -7.36 29.61 -7.75
N GLY H 164 -8.14 30.18 -8.66
CA GLY H 164 -7.77 30.30 -10.09
C GLY H 164 -8.09 29.04 -10.88
N PHE H 165 -8.51 27.96 -10.25
CA PHE H 165 -8.74 26.67 -10.97
C PHE H 165 -7.53 26.33 -11.83
N GLY H 166 -6.34 26.41 -11.24
CA GLY H 166 -5.11 25.92 -11.88
C GLY H 166 -4.05 26.99 -11.89
N GLY H 167 -3.20 27.01 -12.93
CA GLY H 167 -2.05 27.91 -13.04
C GLY H 167 -2.47 29.34 -13.35
N PRO H 168 -1.52 30.27 -13.50
CA PRO H 168 -1.85 31.63 -13.92
C PRO H 168 -2.63 31.70 -15.26
N LEU H 169 -2.37 30.80 -16.23
CA LEU H 169 -3.17 30.74 -17.48
C LEU H 169 -4.65 30.44 -17.20
N ASN H 170 -4.96 29.59 -16.22
CA ASN H 170 -6.35 29.40 -15.75
C ASN H 170 -6.90 30.70 -15.11
N VAL H 171 -6.09 31.38 -14.28
CA VAL H 171 -6.50 32.63 -13.56
C VAL H 171 -6.94 33.66 -14.60
N PHE H 172 -6.08 33.90 -15.61
CA PHE H 172 -6.33 34.68 -16.86
C PHE H 172 -7.69 34.29 -17.49
N GLU H 173 -7.88 33.01 -17.79
CA GLU H 173 -9.11 32.62 -18.54
C GLU H 173 -10.34 32.87 -17.63
N ILE H 174 -10.25 32.66 -16.32
CA ILE H 174 -11.48 32.80 -15.47
C ILE H 174 -11.76 34.28 -15.16
N MET H 175 -10.76 35.14 -15.20
CA MET H 175 -10.99 36.59 -15.03
C MET H 175 -11.79 37.08 -16.24
N LYS H 176 -11.36 36.69 -17.43
CA LYS H 176 -11.97 37.16 -18.70
C LYS H 176 -13.40 36.64 -18.76
N ALA H 177 -13.65 35.38 -18.37
CA ALA H 177 -14.98 34.74 -18.34
C ALA H 177 -15.91 35.58 -17.47
N TYR H 178 -15.41 35.98 -16.28
CA TYR H 178 -16.13 36.86 -15.31
C TYR H 178 -16.36 38.24 -15.96
N ILE H 179 -15.37 38.80 -16.65
CA ILE H 179 -15.57 40.14 -17.27
C ILE H 179 -16.63 40.04 -18.39
N GLU H 180 -16.52 39.10 -19.34
CA GLU H 180 -17.59 38.81 -20.34
C GLU H 180 -18.94 38.69 -19.64
N ALA H 181 -18.99 38.03 -18.46
CA ALA H 181 -20.26 37.77 -17.73
C ALA H 181 -20.78 39.03 -17.03
N GLY H 182 -19.94 40.06 -16.85
CA GLY H 182 -20.38 41.34 -16.27
C GLY H 182 -20.12 41.44 -14.77
N ALA H 183 -19.06 40.80 -14.26
CA ALA H 183 -18.65 40.99 -12.84
C ALA H 183 -17.91 42.33 -12.64
N ALA H 184 -18.18 42.98 -11.49
CA ALA H 184 -17.60 44.26 -11.01
C ALA H 184 -16.28 44.03 -10.26
N GLY H 185 -16.20 42.92 -9.53
CA GLY H 185 -14.95 42.51 -8.88
C GLY H 185 -14.80 40.99 -8.83
N VAL H 186 -13.56 40.53 -8.75
CA VAL H 186 -13.26 39.08 -8.60
C VAL H 186 -12.20 38.93 -7.51
N HIS H 187 -12.31 37.86 -6.73
CA HIS H 187 -11.40 37.52 -5.62
C HIS H 187 -10.72 36.18 -5.91
N PHE H 188 -9.38 36.18 -5.80
CA PHE H 188 -8.51 34.99 -5.83
C PHE H 188 -7.90 34.77 -4.43
N GLU H 189 -7.66 33.51 -4.10
CA GLU H 189 -7.05 33.10 -2.83
C GLU H 189 -5.80 32.28 -3.15
N ASP H 190 -4.95 32.13 -2.12
CA ASP H 190 -3.54 31.67 -2.19
C ASP H 190 -3.50 30.22 -1.72
N GLN H 191 -4.60 29.49 -1.85
CA GLN H 191 -4.54 28.03 -1.62
C GLN H 191 -4.00 27.38 -2.89
N LEU H 192 -3.36 26.24 -2.71
CA LEU H 192 -3.09 25.25 -3.78
C LEU H 192 -4.44 24.86 -4.39
N ALA H 193 -4.56 25.10 -5.71
CA ALA H 193 -5.78 24.92 -6.55
C ALA H 193 -6.29 23.47 -6.49
N SER H 194 -5.41 22.47 -6.49
CA SER H 194 -5.80 21.03 -6.57
C SER H 194 -6.18 20.50 -5.18
N GLU H 195 -5.96 21.29 -4.12
CA GLU H 195 -6.31 20.90 -2.72
C GLU H 195 -7.27 21.96 -2.13
N LYS H 196 -7.82 22.81 -2.99
CA LYS H 196 -8.59 24.03 -2.59
C LYS H 196 -9.81 23.57 -1.83
N LYS H 197 -10.14 24.27 -0.75
CA LYS H 197 -11.28 23.90 0.10
C LYS H 197 -11.69 25.13 0.89
N CYS H 198 -12.90 25.10 1.43
CA CYS H 198 -13.52 26.21 2.16
C CYS H 198 -12.50 26.80 3.14
N GLY H 199 -12.53 28.10 3.34
CA GLY H 199 -11.68 28.81 4.31
C GLY H 199 -11.95 28.38 5.74
N HIS H 200 -13.13 27.85 6.05
CA HIS H 200 -13.55 27.41 7.42
C HIS H 200 -13.44 25.88 7.54
N MET H 201 -12.89 25.20 6.52
CA MET H 201 -12.55 23.76 6.59
C MET H 201 -11.10 23.63 7.10
N GLY H 202 -10.77 22.49 7.71
CA GLY H 202 -9.39 22.12 8.05
C GLY H 202 -8.61 21.65 6.83
N GLY H 203 -7.28 21.64 6.93
CA GLY H 203 -6.41 20.98 5.93
C GLY H 203 -6.24 21.83 4.69
N LYS H 204 -6.31 23.15 4.83
CA LYS H 204 -6.03 24.11 3.74
C LYS H 204 -4.52 24.20 3.53
N VAL H 205 -4.10 24.21 2.26
CA VAL H 205 -2.69 24.18 1.79
C VAL H 205 -2.41 25.51 1.06
N LEU H 206 -1.33 26.17 1.43
CA LEU H 206 -0.84 27.41 0.79
C LEU H 206 0.15 27.11 -0.35
N ILE H 207 0.15 28.05 -1.30
CA ILE H 207 1.15 28.23 -2.39
C ILE H 207 2.15 29.28 -1.92
N PRO H 208 3.38 29.28 -2.45
CA PRO H 208 4.34 30.33 -2.12
C PRO H 208 3.85 31.74 -2.47
N THR H 209 4.24 32.72 -1.66
CA THR H 209 3.91 34.16 -1.81
C THR H 209 4.06 34.53 -3.30
N GLN H 210 5.20 34.19 -3.93
CA GLN H 210 5.50 34.54 -5.35
C GLN H 210 4.42 33.91 -6.25
N ALA H 211 3.95 32.71 -5.95
CA ALA H 211 2.92 31.99 -6.75
C ALA H 211 1.59 32.72 -6.64
N ALA H 212 1.25 33.15 -5.42
CA ALA H 212 0.04 33.96 -5.21
C ALA H 212 0.17 35.26 -6.00
N ILE H 213 1.31 35.92 -5.93
CA ILE H 213 1.46 37.23 -6.63
C ILE H 213 1.30 36.99 -8.13
N ARG H 214 1.85 35.89 -8.69
CA ARG H 214 1.76 35.57 -10.14
C ARG H 214 0.29 35.50 -10.60
N ASN H 215 -0.58 34.99 -9.73
CA ASN H 215 -2.01 34.83 -10.04
C ASN H 215 -2.69 36.19 -10.07
N LEU H 216 -2.34 37.08 -9.14
CA LEU H 216 -2.96 38.43 -9.06
C LEU H 216 -2.53 39.27 -10.26
N VAL H 217 -1.33 38.98 -10.75
CA VAL H 217 -0.74 39.57 -11.98
C VAL H 217 -1.50 39.06 -13.19
N ALA H 218 -1.63 37.76 -13.30
CA ALA H 218 -2.45 37.11 -14.33
C ALA H 218 -3.86 37.72 -14.33
N ALA H 219 -4.38 38.07 -13.16
CA ALA H 219 -5.74 38.63 -13.03
C ALA H 219 -5.75 40.06 -13.55
N ARG H 220 -4.76 40.88 -13.22
CA ARG H 220 -4.78 42.30 -13.64
C ARG H 220 -4.54 42.35 -15.15
N LEU H 221 -3.78 41.42 -15.69
CA LEU H 221 -3.45 41.35 -17.14
C LEU H 221 -4.75 41.05 -17.91
N ALA H 222 -5.42 39.95 -17.60
CA ALA H 222 -6.76 39.61 -18.09
C ALA H 222 -7.66 40.87 -18.09
N ALA H 223 -7.63 41.68 -17.03
CA ALA H 223 -8.53 42.85 -16.94
C ALA H 223 -8.09 43.86 -17.99
N ASP H 224 -6.77 44.11 -18.07
CA ASP H 224 -6.18 45.17 -18.92
C ASP H 224 -6.33 44.74 -20.38
N VAL H 225 -6.13 43.45 -20.65
CA VAL H 225 -6.33 42.84 -22.00
C VAL H 225 -7.78 43.02 -22.49
N MET H 226 -8.77 42.83 -21.60
CA MET H 226 -10.21 43.07 -21.85
C MET H 226 -10.48 44.57 -21.77
N GLY H 227 -9.52 45.34 -21.24
CA GLY H 227 -9.60 46.81 -21.05
C GLY H 227 -10.73 47.25 -20.13
N VAL H 228 -10.88 46.61 -18.97
CA VAL H 228 -11.94 46.97 -17.98
C VAL H 228 -11.32 47.02 -16.60
N PRO H 229 -11.62 48.05 -15.79
CA PRO H 229 -10.89 48.29 -14.55
C PRO H 229 -11.49 47.46 -13.39
N THR H 230 -11.56 46.15 -13.57
CA THR H 230 -12.25 45.21 -12.64
C THR H 230 -11.60 45.27 -11.25
N ILE H 231 -12.41 45.35 -10.18
CA ILE H 231 -11.89 45.24 -8.79
C ILE H 231 -11.25 43.85 -8.62
N ILE H 232 -10.06 43.84 -8.02
CA ILE H 232 -9.26 42.61 -7.76
C ILE H 232 -9.10 42.49 -6.23
N VAL H 233 -9.60 41.39 -5.69
CA VAL H 233 -9.60 41.12 -4.24
C VAL H 233 -8.67 39.93 -3.97
N ALA H 234 -7.44 40.19 -3.49
CA ALA H 234 -6.54 39.15 -2.98
C ALA H 234 -7.00 38.70 -1.60
N ARG H 235 -7.15 37.38 -1.41
CA ARG H 235 -7.59 36.75 -0.15
C ARG H 235 -6.41 35.94 0.39
N THR H 236 -6.27 35.85 1.71
CA THR H 236 -5.28 34.94 2.35
C THR H 236 -5.95 33.99 3.34
N ASP H 237 -5.65 32.71 3.17
CA ASP H 237 -6.09 31.60 4.04
C ASP H 237 -4.96 31.27 5.01
N ALA H 238 -3.94 32.13 5.09
CA ALA H 238 -2.69 31.90 5.85
C ALA H 238 -2.91 31.97 7.36
N ASN H 239 -4.07 32.47 7.78
CA ASN H 239 -4.44 32.68 9.21
C ASN H 239 -4.75 31.32 9.86
N ALA H 240 -5.00 30.28 9.08
CA ALA H 240 -5.34 28.96 9.62
C ALA H 240 -4.55 27.86 8.92
N ALA H 241 -4.09 28.07 7.68
CA ALA H 241 -3.43 27.00 6.92
C ALA H 241 -2.08 26.70 7.58
N THR H 242 -1.88 25.44 7.97
CA THR H 242 -0.64 24.92 8.60
C THR H 242 0.17 24.13 7.55
N LEU H 243 -0.28 24.10 6.29
CA LEU H 243 0.37 23.34 5.18
C LEU H 243 0.77 24.30 4.06
N LEU H 244 1.90 23.99 3.41
CA LEU H 244 2.54 24.81 2.33
C LEU H 244 3.19 23.85 1.33
N THR H 245 3.18 24.15 0.03
CA THR H 245 3.66 23.25 -1.06
C THR H 245 5.18 23.32 -1.21
N SER H 246 5.79 24.48 -1.01
CA SER H 246 7.20 24.75 -1.35
C SER H 246 7.77 25.79 -0.39
N ASP H 247 8.98 25.53 0.12
CA ASP H 247 9.79 26.47 0.94
C ASP H 247 10.63 27.37 0.03
N ILE H 248 10.33 27.43 -1.27
CA ILE H 248 11.10 28.21 -2.28
C ILE H 248 11.13 29.70 -1.91
N ASP H 249 10.04 30.27 -1.41
CA ASP H 249 9.94 31.75 -1.27
C ASP H 249 10.59 32.15 0.07
N GLU H 250 11.48 33.16 0.07
CA GLU H 250 12.17 33.66 1.29
C GLU H 250 11.16 34.20 2.31
N ARG H 251 10.13 34.92 1.87
CA ARG H 251 9.18 35.58 2.79
C ARG H 251 8.37 34.52 3.55
N ASP H 252 8.40 33.25 3.11
CA ASP H 252 7.60 32.17 3.71
C ASP H 252 8.46 31.30 4.65
N ARG H 253 9.76 31.20 4.40
CA ARG H 253 10.68 30.28 5.13
C ARG H 253 10.55 30.48 6.64
N PRO H 254 10.53 31.74 7.16
CA PRO H 254 10.36 32.01 8.60
C PRO H 254 9.20 31.28 9.30
N PHE H 255 8.29 30.68 8.50
CA PHE H 255 7.03 30.07 8.98
C PHE H 255 7.12 28.56 8.99
N CYS H 256 7.95 27.97 8.12
CA CYS H 256 8.08 26.49 8.05
C CYS H 256 8.63 26.03 9.41
N THR H 257 7.96 25.08 10.07
CA THR H 257 8.37 24.49 11.36
C THR H 257 9.65 23.68 11.15
N GLY H 258 9.88 23.18 9.93
CA GLY H 258 10.98 22.25 9.64
C GLY H 258 10.43 20.89 9.27
N GLU H 259 9.20 20.61 9.72
CA GLU H 259 8.44 19.35 9.48
C GLU H 259 7.89 19.34 8.05
N ARG H 260 7.83 18.16 7.44
CA ARG H 260 7.11 17.87 6.16
C ARG H 260 6.12 16.71 6.35
N THR H 261 4.99 16.72 5.65
CA THR H 261 3.92 15.70 5.81
C THR H 261 4.24 14.52 4.90
N SER H 262 3.57 13.39 5.05
CA SER H 262 3.83 12.20 4.21
C SER H 262 3.54 12.51 2.73
N GLU H 263 2.66 13.47 2.42
CA GLU H 263 2.33 13.86 1.02
C GLU H 263 3.45 14.69 0.39
N GLY H 264 4.15 15.50 1.18
CA GLY H 264 5.22 16.41 0.71
C GLY H 264 5.13 17.80 1.33
N PHE H 265 4.08 18.12 2.09
CA PHE H 265 3.71 19.50 2.50
C PHE H 265 4.64 19.94 3.64
N TYR H 266 5.08 21.19 3.56
CA TYR H 266 5.80 21.95 4.59
C TYR H 266 4.80 22.44 5.64
N ARG H 267 4.88 21.93 6.87
CA ARG H 267 4.12 22.46 8.04
C ARG H 267 4.64 23.86 8.34
N VAL H 268 3.73 24.82 8.53
CA VAL H 268 4.04 26.26 8.81
C VAL H 268 3.26 26.73 10.05
N ARG H 269 3.72 27.80 10.71
CA ARG H 269 3.10 28.39 11.93
C ARG H 269 1.98 29.32 11.47
N ALA H 270 0.77 28.79 11.29
CA ALA H 270 -0.44 29.58 10.97
C ALA H 270 -0.68 30.61 12.08
N GLY H 271 -1.46 31.67 11.82
CA GLY H 271 -1.64 32.85 12.68
C GLY H 271 -1.81 34.16 11.91
N LEU H 272 -2.42 35.17 12.55
CA LEU H 272 -2.53 36.56 12.03
C LEU H 272 -1.15 37.00 11.46
N ASP H 273 -0.07 36.60 12.12
CA ASP H 273 1.33 36.77 11.66
C ASP H 273 1.46 36.42 10.17
N GLN H 274 1.06 35.20 9.79
CA GLN H 274 1.20 34.69 8.39
C GLN H 274 0.21 35.43 7.48
N ALA H 275 -1.02 35.65 7.92
CA ALA H 275 -2.01 36.44 7.14
C ALA H 275 -1.42 37.83 6.84
N ILE H 276 -0.68 38.41 7.79
CA ILE H 276 -0.14 39.80 7.66
C ILE H 276 0.96 39.77 6.59
N ALA H 277 1.80 38.75 6.62
CA ALA H 277 2.87 38.57 5.62
C ALA H 277 2.25 38.62 4.22
N ARG H 278 1.29 37.73 3.98
CA ARG H 278 0.58 37.50 2.68
C ARG H 278 -0.11 38.78 2.26
N GLY H 279 -1.00 39.30 3.12
CA GLY H 279 -1.66 40.60 2.96
C GLY H 279 -0.73 41.69 2.43
N LEU H 280 0.35 41.99 3.15
CA LEU H 280 1.35 43.06 2.81
C LEU H 280 2.04 42.71 1.47
N ALA H 281 2.37 41.44 1.25
CA ALA H 281 3.02 40.98 0.01
C ALA H 281 2.05 41.25 -1.14
N TYR H 282 0.76 40.97 -0.93
CA TYR H 282 -0.27 40.94 -2.00
C TYR H 282 -0.81 42.36 -2.29
N ALA H 283 -0.63 43.28 -1.35
CA ALA H 283 -1.38 44.55 -1.29
C ALA H 283 -1.04 45.47 -2.46
N PRO H 284 0.22 45.53 -2.95
CA PRO H 284 0.55 46.35 -4.12
C PRO H 284 0.01 45.78 -5.45
N TYR H 285 -0.50 44.53 -5.49
CA TYR H 285 -1.01 43.87 -6.74
C TYR H 285 -2.52 43.59 -6.68
N ALA H 286 -3.25 44.25 -5.80
CA ALA H 286 -4.69 44.03 -5.53
C ALA H 286 -5.35 45.31 -5.01
N ASP H 287 -6.67 45.41 -5.16
CA ASP H 287 -7.43 46.61 -4.76
C ASP H 287 -7.97 46.44 -3.35
N MET H 288 -8.10 45.19 -2.89
CA MET H 288 -8.85 44.89 -1.64
C MET H 288 -8.28 43.63 -1.00
N ILE H 289 -7.84 43.72 0.27
CA ILE H 289 -7.24 42.58 1.05
C ILE H 289 -8.31 42.03 1.99
N TRP H 290 -8.49 40.71 1.90
CA TRP H 290 -9.51 39.93 2.66
C TRP H 290 -8.75 38.85 3.42
N CYS H 291 -8.70 38.98 4.74
CA CYS H 291 -8.09 37.99 5.65
C CYS H 291 -9.21 37.10 6.18
N GLU H 292 -9.19 35.85 5.77
CA GLU H 292 -10.11 34.79 6.24
C GLU H 292 -9.75 34.55 7.71
N THR H 293 -10.76 34.27 8.51
CA THR H 293 -10.79 34.38 9.99
C THR H 293 -11.59 33.18 10.48
N SER H 294 -11.40 32.70 11.71
CA SER H 294 -12.11 31.47 12.17
C SER H 294 -13.14 31.82 13.26
N GLU H 295 -13.18 33.08 13.69
CA GLU H 295 -14.21 33.64 14.59
C GLU H 295 -14.65 35.02 14.08
N PRO H 296 -15.87 35.50 14.42
CA PRO H 296 -16.28 36.89 14.15
C PRO H 296 -15.73 37.79 15.26
N ASN H 297 -14.45 38.16 15.16
CA ASN H 297 -13.60 38.64 16.27
C ASN H 297 -13.06 40.04 15.91
N LEU H 298 -13.58 41.06 16.59
CA LEU H 298 -13.36 42.47 16.21
C LEU H 298 -11.94 42.93 16.59
N GLU H 299 -11.34 42.36 17.63
CA GLU H 299 -9.92 42.69 17.94
C GLU H 299 -9.06 42.12 16.79
N GLU H 300 -9.30 40.87 16.38
CA GLU H 300 -8.53 40.23 15.28
C GLU H 300 -8.58 41.14 14.05
N ALA H 301 -9.77 41.64 13.69
CA ALA H 301 -9.99 42.43 12.46
C ALA H 301 -9.22 43.75 12.55
N ARG H 302 -9.29 44.40 13.72
CA ARG H 302 -8.61 45.68 14.03
C ARG H 302 -7.09 45.47 13.97
N ARG H 303 -6.56 44.41 14.58
CA ARG H 303 -5.11 44.06 14.45
C ARG H 303 -4.80 43.99 12.95
N PHE H 304 -5.56 43.19 12.20
CA PHE H 304 -5.26 42.96 10.76
C PHE H 304 -5.28 44.32 10.05
N ALA H 305 -6.32 45.11 10.27
CA ALA H 305 -6.54 46.42 9.59
C ALA H 305 -5.35 47.35 9.80
N GLU H 306 -4.92 47.53 11.06
CA GLU H 306 -3.84 48.48 11.41
C GLU H 306 -2.51 48.02 10.78
N ALA H 307 -2.24 46.71 10.78
CA ALA H 307 -1.05 46.09 10.14
C ALA H 307 -0.97 46.46 8.64
N ILE H 308 -2.00 46.17 7.84
CA ILE H 308 -2.07 46.53 6.39
C ILE H 308 -2.01 48.06 6.25
N HIS H 309 -2.73 48.77 7.12
CA HIS H 309 -2.87 50.26 7.06
C HIS H 309 -1.56 50.94 7.47
N ALA H 310 -0.81 50.34 8.41
CA ALA H 310 0.55 50.77 8.76
C ALA H 310 1.31 51.07 7.46
N GLN H 311 1.42 50.10 6.55
CA GLN H 311 2.32 50.14 5.36
C GLN H 311 1.61 50.67 4.11
N PHE H 312 0.28 50.70 4.11
CA PHE H 312 -0.60 50.91 2.92
C PHE H 312 -1.85 51.68 3.38
N PRO H 313 -1.68 52.92 3.87
CA PRO H 313 -2.81 53.65 4.46
C PRO H 313 -4.01 53.76 3.51
N GLY H 314 -5.21 53.55 4.05
CA GLY H 314 -6.50 53.62 3.33
C GLY H 314 -6.64 52.51 2.31
N LYS H 315 -5.95 51.38 2.46
CA LYS H 315 -6.18 50.16 1.63
C LYS H 315 -7.57 49.64 1.94
N LEU H 316 -8.35 49.26 0.93
CA LEU H 316 -9.72 48.70 1.08
C LEU H 316 -9.63 47.29 1.67
N LEU H 317 -10.55 46.92 2.56
CA LEU H 317 -10.58 45.57 3.16
C LEU H 317 -11.97 44.93 3.00
N ALA H 318 -12.02 43.62 3.26
CA ALA H 318 -13.23 42.77 3.10
C ALA H 318 -13.34 41.80 4.27
N TYR H 319 -14.57 41.59 4.75
CA TYR H 319 -14.84 40.70 5.91
C TYR H 319 -15.98 39.74 5.56
N ASN H 320 -15.62 38.46 5.40
CA ASN H 320 -16.56 37.32 5.35
C ASN H 320 -17.20 37.19 6.74
N CYS H 321 -18.39 37.76 6.89
CA CYS H 321 -19.33 37.50 8.00
C CYS H 321 -19.90 36.10 7.75
N SER H 322 -19.07 35.07 7.93
CA SER H 322 -19.38 33.68 7.50
C SER H 322 -20.51 33.10 8.33
N PRO H 323 -21.57 32.54 7.70
CA PRO H 323 -22.48 31.61 8.38
C PRO H 323 -21.80 30.35 8.94
N SER H 324 -20.54 30.12 8.57
CA SER H 324 -19.65 29.05 9.10
C SER H 324 -19.40 29.29 10.60
N PHE H 325 -19.61 30.51 11.07
CA PHE H 325 -19.58 30.93 12.50
C PHE H 325 -20.96 30.80 13.15
N ASN H 326 -20.96 30.32 14.40
CA ASN H 326 -22.10 30.33 15.34
C ASN H 326 -22.08 31.68 16.07
N TRP H 327 -22.87 32.62 15.57
CA TRP H 327 -22.83 34.04 15.96
C TRP H 327 -23.24 34.23 17.42
N LYS H 328 -24.33 33.58 17.87
CA LYS H 328 -24.91 33.84 19.23
C LYS H 328 -24.13 33.03 20.29
N LYS H 329 -23.41 31.99 19.86
CA LYS H 329 -22.46 31.24 20.71
C LYS H 329 -21.25 32.12 21.00
N LYS H 330 -20.75 32.83 20.00
CA LYS H 330 -19.43 33.53 20.05
C LYS H 330 -19.58 35.01 20.37
N LEU H 331 -20.79 35.57 20.42
CA LEU H 331 -20.98 37.04 20.52
C LEU H 331 -22.26 37.35 21.30
N ASP H 332 -22.25 38.50 21.97
CA ASP H 332 -23.42 39.02 22.72
C ASP H 332 -24.31 39.76 21.71
N ASP H 333 -25.58 40.01 22.06
CA ASP H 333 -26.57 40.64 21.16
C ASP H 333 -26.07 42.02 20.68
N ALA H 334 -25.33 42.74 21.54
CA ALA H 334 -24.90 44.14 21.33
C ALA H 334 -23.81 44.21 20.24
N THR H 335 -22.85 43.29 20.28
CA THR H 335 -21.68 43.21 19.36
C THR H 335 -22.18 42.87 17.95
N ILE H 336 -22.95 41.79 17.87
CA ILE H 336 -23.63 41.30 16.65
C ILE H 336 -24.26 42.49 15.91
N ALA H 337 -25.00 43.32 16.64
CA ALA H 337 -25.82 44.42 16.10
C ALA H 337 -24.89 45.55 15.64
N ALA H 338 -23.68 45.62 16.20
CA ALA H 338 -22.73 46.72 15.90
C ALA H 338 -21.59 46.21 15.03
N PHE H 339 -21.55 44.90 14.76
CA PHE H 339 -20.42 44.23 14.07
C PHE H 339 -20.06 44.96 12.77
N GLN H 340 -21.03 45.16 11.88
CA GLN H 340 -20.75 45.70 10.53
C GLN H 340 -20.36 47.18 10.58
N ARG H 341 -20.87 47.94 11.55
CA ARG H 341 -20.51 49.37 11.76
C ARG H 341 -19.05 49.45 12.24
N GLU H 342 -18.68 48.64 13.25
CA GLU H 342 -17.31 48.59 13.80
C GLU H 342 -16.34 48.28 12.64
N LEU H 343 -16.67 47.31 11.78
CA LEU H 343 -15.78 46.85 10.68
C LEU H 343 -15.58 47.95 9.63
N GLY H 344 -16.65 48.66 9.26
CA GLY H 344 -16.64 49.80 8.31
C GLY H 344 -15.69 50.91 8.73
N ALA H 345 -15.63 51.20 10.03
CA ALA H 345 -14.71 52.16 10.67
C ALA H 345 -13.25 51.73 10.40
N MET H 346 -12.97 50.45 10.59
CA MET H 346 -11.61 49.88 10.47
C MET H 346 -11.12 49.86 9.01
N GLY H 347 -12.02 50.03 8.03
CA GLY H 347 -11.69 50.06 6.59
C GLY H 347 -12.22 48.87 5.80
N TYR H 348 -12.98 47.97 6.43
CA TYR H 348 -13.69 46.84 5.77
C TYR H 348 -14.93 47.42 5.08
N LYS H 349 -14.77 47.79 3.81
CA LYS H 349 -15.77 48.54 3.02
C LYS H 349 -16.71 47.57 2.28
N PHE H 350 -16.28 46.33 2.04
CA PHE H 350 -17.13 45.26 1.47
C PHE H 350 -17.28 44.15 2.52
N GLN H 351 -18.45 44.09 3.15
CA GLN H 351 -18.74 43.03 4.15
C GLN H 351 -19.80 42.10 3.53
N PHE H 352 -19.66 40.80 3.67
CA PHE H 352 -20.54 39.89 2.91
C PHE H 352 -20.84 38.65 3.74
N VAL H 353 -22.09 38.20 3.71
CA VAL H 353 -22.54 36.91 4.31
C VAL H 353 -22.54 35.91 3.17
N THR H 354 -21.51 35.06 3.13
CA THR H 354 -21.20 34.18 1.98
C THR H 354 -22.34 33.20 1.68
N LEU H 355 -22.82 32.47 2.68
CA LEU H 355 -23.79 31.36 2.51
C LEU H 355 -25.24 31.78 2.85
N ALA H 356 -25.57 33.08 2.80
CA ALA H 356 -26.94 33.65 3.03
C ALA H 356 -27.94 32.97 2.09
N GLY H 357 -27.66 32.98 0.79
CA GLY H 357 -28.50 32.33 -0.23
C GLY H 357 -28.81 30.89 0.10
N PHE H 358 -27.82 30.11 0.51
CA PHE H 358 -27.97 28.66 0.81
C PHE H 358 -28.98 28.51 1.95
N HIS H 359 -28.76 29.21 3.06
CA HIS H 359 -29.53 28.98 4.30
C HIS H 359 -30.94 29.54 4.09
N ALA H 360 -31.06 30.72 3.49
CA ALA H 360 -32.37 31.28 3.11
C ALA H 360 -33.14 30.18 2.36
N LEU H 361 -32.55 29.60 1.31
CA LEU H 361 -33.24 28.66 0.40
C LEU H 361 -33.64 27.40 1.19
N ASN H 362 -32.66 26.73 1.81
CA ASN H 362 -32.87 25.42 2.49
C ASN H 362 -33.87 25.57 3.66
N TYR H 363 -33.68 26.60 4.50
CA TYR H 363 -34.49 26.82 5.72
C TYR H 363 -35.92 27.07 5.31
N SER H 364 -36.12 27.93 4.33
CA SER H 364 -37.48 28.30 3.89
C SER H 364 -38.19 27.08 3.31
N MET H 365 -37.53 26.17 2.59
CA MET H 365 -38.29 25.06 1.93
C MET H 365 -38.53 23.94 2.95
N PHE H 366 -37.62 23.75 3.89
CA PHE H 366 -37.82 22.75 4.95
C PHE H 366 -39.05 23.17 5.73
N GLU H 367 -39.10 24.47 6.09
CA GLU H 367 -40.19 25.04 6.93
C GLU H 367 -41.53 25.00 6.18
N LEU H 368 -41.57 25.28 4.88
CA LEU H 368 -42.84 25.21 4.13
C LEU H 368 -43.23 23.74 4.02
N ALA H 369 -42.36 22.92 3.43
CA ALA H 369 -42.59 21.49 3.16
C ALA H 369 -43.15 20.80 4.41
N ARG H 370 -42.53 21.06 5.56
CA ARG H 370 -42.81 20.40 6.87
C ARG H 370 -44.21 20.77 7.33
N ASN H 371 -44.52 22.07 7.30
CA ASN H 371 -45.85 22.61 7.66
C ASN H 371 -46.87 22.13 6.61
N TYR H 372 -46.47 22.06 5.34
CA TYR H 372 -47.36 21.63 4.23
C TYR H 372 -47.67 20.15 4.36
N ARG H 373 -46.75 19.40 4.97
CA ARG H 373 -46.90 17.95 5.14
C ARG H 373 -48.01 17.75 6.16
N ASP H 374 -47.92 18.44 7.29
CA ASP H 374 -48.85 18.25 8.43
C ASP H 374 -50.20 18.87 8.11
N ARG H 375 -50.23 20.12 7.61
CA ARG H 375 -51.44 20.97 7.56
C ARG H 375 -51.85 21.38 6.14
N GLY H 376 -51.38 20.71 5.10
CA GLY H 376 -51.85 20.91 3.72
C GLY H 376 -51.75 22.35 3.26
N MET H 377 -52.84 22.89 2.71
CA MET H 377 -52.85 24.25 2.13
C MET H 377 -53.02 25.32 3.21
N ALA H 378 -53.28 24.99 4.46
CA ALA H 378 -53.20 26.00 5.53
C ALA H 378 -51.78 26.58 5.52
N ALA H 379 -50.80 25.72 5.26
CA ALA H 379 -49.37 26.07 5.32
C ALA H 379 -49.06 27.06 4.21
N TYR H 380 -49.47 26.78 2.97
CA TYR H 380 -49.14 27.65 1.81
C TYR H 380 -49.83 28.99 2.00
N SER H 381 -51.12 28.92 2.32
CA SER H 381 -52.05 30.02 2.68
C SER H 381 -51.32 31.05 3.53
N GLU H 382 -50.53 30.58 4.48
CA GLU H 382 -49.77 31.40 5.46
C GLU H 382 -48.56 32.07 4.79
N LEU H 383 -47.87 31.37 3.87
CA LEU H 383 -46.78 31.98 3.09
C LEU H 383 -47.40 33.07 2.19
N GLN H 384 -48.43 32.74 1.42
CA GLN H 384 -49.11 33.76 0.59
C GLN H 384 -49.48 34.94 1.51
N GLN H 385 -50.04 34.69 2.69
CA GLN H 385 -50.39 35.75 3.67
C GLN H 385 -49.20 36.65 3.94
N ALA H 386 -48.08 36.02 4.31
CA ALA H 386 -46.81 36.68 4.67
C ALA H 386 -46.33 37.55 3.49
N GLU H 387 -46.57 37.07 2.27
CA GLU H 387 -46.09 37.69 1.00
C GLU H 387 -46.85 39.00 0.75
N PHE H 388 -48.17 38.98 0.82
CA PHE H 388 -49.00 40.21 0.82
C PHE H 388 -48.49 41.17 1.90
N ALA H 389 -48.36 40.70 3.13
CA ALA H 389 -47.89 41.51 4.29
C ALA H 389 -46.53 42.17 3.99
N ALA H 390 -45.68 41.44 3.27
CA ALA H 390 -44.31 41.89 2.94
C ALA H 390 -44.35 43.11 2.03
N GLU H 391 -45.47 43.39 1.33
CA GLU H 391 -45.57 44.53 0.36
C GLU H 391 -45.42 45.90 1.05
N ALA H 392 -45.74 45.98 2.33
CA ALA H 392 -45.46 47.18 3.15
C ALA H 392 -43.96 47.49 3.10
N TYR H 393 -43.11 46.47 2.99
CA TYR H 393 -41.63 46.63 2.97
C TYR H 393 -41.11 46.69 1.52
N GLY H 394 -41.98 46.47 0.53
CA GLY H 394 -41.64 46.66 -0.90
C GLY H 394 -41.56 45.36 -1.67
N TYR H 395 -41.82 44.20 -1.04
CA TYR H 395 -41.98 42.90 -1.72
C TYR H 395 -43.06 43.04 -2.80
N THR H 396 -42.89 42.46 -3.98
CA THR H 396 -43.91 42.53 -5.06
C THR H 396 -44.16 41.17 -5.74
N ALA H 397 -43.37 40.14 -5.45
CA ALA H 397 -43.42 38.85 -6.17
C ALA H 397 -44.67 38.03 -5.83
N THR H 398 -45.45 38.39 -4.81
CA THR H 398 -46.79 37.78 -4.58
C THR H 398 -47.50 37.68 -5.94
N ARG H 399 -47.52 38.81 -6.65
CA ARG H 399 -47.92 38.91 -8.06
C ARG H 399 -46.75 38.43 -8.93
N HIS H 400 -46.53 37.11 -8.95
CA HIS H 400 -45.40 36.41 -9.65
C HIS H 400 -45.48 36.55 -11.17
N GLN H 401 -46.66 36.78 -11.77
CA GLN H 401 -46.73 36.87 -13.25
C GLN H 401 -46.05 38.17 -13.69
N ARG H 402 -46.32 39.28 -13.02
CA ARG H 402 -45.69 40.58 -13.37
C ARG H 402 -44.20 40.48 -13.07
N GLU H 403 -43.83 39.83 -11.95
CA GLU H 403 -42.46 39.83 -11.35
C GLU H 403 -41.41 39.37 -12.37
N VAL H 404 -41.78 38.44 -13.27
CA VAL H 404 -40.84 37.69 -14.16
C VAL H 404 -41.01 38.13 -15.62
N GLY H 405 -41.76 39.20 -15.86
CA GLY H 405 -41.86 39.93 -17.14
C GLY H 405 -43.11 39.64 -17.95
N THR H 406 -44.13 39.00 -17.39
CA THR H 406 -45.37 38.69 -18.17
C THR H 406 -45.90 39.96 -18.83
N GLY H 407 -45.84 41.09 -18.12
CA GLY H 407 -46.39 42.37 -18.59
C GLY H 407 -45.49 42.93 -19.65
N TYR H 408 -44.17 42.82 -19.41
CA TYR H 408 -43.13 43.31 -20.35
C TYR H 408 -43.33 42.61 -21.72
N PHE H 409 -43.50 41.28 -21.74
CA PHE H 409 -43.59 40.51 -23.01
C PHE H 409 -44.97 40.71 -23.67
N ASP H 410 -46.00 41.16 -22.94
CA ASP H 410 -47.31 41.61 -23.50
C ASP H 410 -47.07 42.88 -24.31
N GLU H 411 -46.47 43.91 -23.69
CA GLU H 411 -46.09 45.19 -24.34
C GLU H 411 -45.36 44.92 -25.65
N VAL H 412 -44.41 43.98 -25.66
CA VAL H 412 -43.61 43.58 -26.85
C VAL H 412 -44.57 42.95 -27.86
N ALA H 413 -45.37 41.98 -27.43
CA ALA H 413 -46.32 41.23 -28.28
C ALA H 413 -47.23 42.22 -28.98
N GLN H 414 -47.71 43.19 -28.19
CA GLN H 414 -48.65 44.24 -28.62
C GLN H 414 -47.93 45.15 -29.65
N VAL H 415 -46.66 45.53 -29.42
CA VAL H 415 -45.88 46.37 -30.38
C VAL H 415 -45.69 45.60 -31.70
N ILE H 416 -45.29 44.33 -31.60
CA ILE H 416 -45.05 43.41 -32.76
C ILE H 416 -46.32 43.30 -33.59
N ALA H 417 -47.49 43.21 -32.95
CA ALA H 417 -48.80 42.91 -33.57
C ALA H 417 -49.49 44.16 -34.15
N GLY H 418 -48.99 45.36 -33.83
CA GLY H 418 -49.68 46.63 -34.08
C GLY H 418 -50.79 46.93 -33.08
N GLY H 419 -51.16 45.98 -32.20
CA GLY H 419 -52.19 46.12 -31.13
C GLY H 419 -53.36 45.16 -31.33
N GLU H 420 -53.58 44.69 -32.58
CA GLU H 420 -54.53 43.59 -32.94
C GLU H 420 -53.97 42.27 -32.37
N ILE H 421 -54.24 41.97 -31.08
CA ILE H 421 -53.76 40.71 -30.43
C ILE H 421 -54.79 40.23 -29.41
N SER H 422 -55.17 38.95 -29.50
CA SER H 422 -56.13 38.23 -28.61
C SER H 422 -55.40 37.29 -27.61
N THR H 423 -54.11 37.04 -27.79
CA THR H 423 -53.28 36.07 -27.00
C THR H 423 -52.49 36.82 -25.91
N THR H 424 -52.76 38.10 -25.68
CA THR H 424 -52.20 38.84 -24.50
C THR H 424 -52.43 37.99 -23.23
N ALA H 425 -51.35 37.89 -22.44
CA ALA H 425 -51.15 36.89 -21.36
C ALA H 425 -51.67 37.40 -20.02
N LEU H 426 -51.32 38.61 -19.61
CA LEU H 426 -51.65 39.17 -18.27
C LEU H 426 -53.15 39.51 -18.28
N THR H 427 -53.66 39.77 -19.48
CA THR H 427 -55.06 40.19 -19.74
C THR H 427 -55.96 38.95 -19.59
N GLY H 428 -56.88 38.96 -18.62
CA GLY H 428 -57.78 37.82 -18.34
C GLY H 428 -57.08 36.68 -17.62
N SER H 429 -55.95 36.97 -17.01
CA SER H 429 -55.22 36.06 -16.09
C SER H 429 -55.95 36.05 -14.74
N THR H 430 -55.79 34.99 -13.94
CA THR H 430 -56.22 34.96 -12.53
C THR H 430 -55.43 35.97 -11.67
N GLU H 431 -54.31 36.51 -12.15
CA GLU H 431 -53.55 37.56 -11.42
C GLU H 431 -54.35 38.87 -11.49
N GLU H 432 -54.72 39.29 -12.70
CA GLU H 432 -55.60 40.46 -12.95
C GLU H 432 -56.93 40.26 -12.17
N GLU H 433 -57.48 39.05 -12.12
CA GLU H 433 -58.82 38.75 -11.50
C GLU H 433 -58.75 38.86 -9.96
N GLN H 434 -57.74 38.23 -9.33
CA GLN H 434 -57.75 37.81 -7.91
C GLN H 434 -56.73 38.57 -7.05
N PHE H 435 -55.88 39.44 -7.62
CA PHE H 435 -54.76 40.05 -6.85
C PHE H 435 -54.88 41.57 -6.81
C1 ICT I . 2.00 -21.52 21.19
O1 ICT I . 2.96 -20.76 21.35
O2 ICT I . 2.02 -22.75 21.30
C2 ICT I . 0.66 -20.89 20.83
O7 ICT I . 0.91 -19.81 19.96
C3 ICT I . -0.04 -20.51 22.16
C4 ICT I . -0.86 -21.75 22.54
C5 ICT I . -1.95 -21.56 23.57
O3 ICT I . -1.65 -21.11 24.69
O4 ICT I . -3.09 -21.90 23.27
C6 ICT I . -0.87 -19.22 22.10
O5 ICT I . -0.28 -18.13 22.35
O6 ICT I . -2.09 -19.31 21.82
C1 GOL J . 19.92 -36.84 1.73
O1 GOL J . 20.47 -35.67 1.15
C2 GOL J . 20.25 -36.98 3.20
O2 GOL J . 20.73 -38.30 3.46
C3 GOL J . 19.09 -36.60 4.13
O3 GOL J . 17.87 -37.32 3.92
MN MN K . 3.05 -18.05 20.99
C1 ICT L . 22.22 -44.83 28.99
O1 ICT L . 22.51 -44.03 28.09
O2 ICT L . 21.21 -44.76 29.72
C2 ICT L . 23.13 -46.04 29.18
O7 ICT L . 24.47 -45.74 28.81
C3 ICT L . 22.52 -47.17 28.30
C4 ICT L . 21.00 -47.31 28.43
C5 ICT L . 20.46 -48.74 28.43
O3 ICT L . 20.40 -49.35 27.37
O4 ICT L . 20.06 -49.22 29.50
C6 ICT L . 23.23 -48.51 28.55
O5 ICT L . 23.96 -48.96 27.63
O6 ICT L . 23.04 -49.07 29.64
C1 GOL M . 40.33 -44.50 16.11
O1 GOL M . 40.57 -43.31 15.35
C2 GOL M . 39.46 -45.49 15.39
O2 GOL M . 40.01 -45.79 14.11
C3 GOL M . 39.27 -46.80 16.16
O3 GOL M . 37.90 -47.08 16.45
MN MN N . 25.13 -43.95 27.19
C1 ICT O . 45.40 -27.28 12.28
O1 ICT O . 45.80 -26.13 12.30
O2 ICT O . 44.25 -27.61 12.48
C2 ICT O . 46.39 -28.37 11.89
O7 ICT O . 45.80 -29.64 12.05
C3 ICT O . 47.72 -28.29 12.69
C4 ICT O . 48.57 -27.24 11.97
C5 ICT O . 49.79 -26.74 12.70
O3 ICT O . 50.59 -26.07 12.04
O4 ICT O . 49.94 -26.98 13.90
C6 ICT O . 48.48 -29.63 12.82
O5 ICT O . 49.39 -29.88 11.99
O6 ICT O . 48.14 -30.40 13.77
C1 GOL P . 33.69 -30.83 25.53
O1 GOL P . 34.11 -29.54 25.10
C2 GOL P . 34.25 -31.14 26.90
O2 GOL P . 33.27 -30.81 27.89
C3 GOL P . 34.65 -32.59 27.01
O3 GOL P . 35.57 -32.98 25.99
C1 GOL Q . 27.98 -36.68 -7.54
O1 GOL Q . 28.95 -35.64 -7.44
C2 GOL Q . 28.47 -37.92 -6.83
O2 GOL Q . 29.38 -37.53 -5.80
C3 GOL Q . 27.35 -38.75 -6.27
O3 GOL Q . 27.84 -39.88 -5.55
MN MN R . 44.28 -30.46 13.69
C1 ICT S . 28.62 -1.52 21.23
O1 ICT S . 29.82 -1.88 21.20
O2 ICT S . 27.61 -2.25 21.07
C2 ICT S . 28.37 -0.05 21.52
O7 ICT S . 27.29 0.06 22.46
C3 ICT S . 28.12 0.71 20.18
C4 ICT S . 29.39 0.85 19.30
C5 ICT S . 29.84 2.28 18.97
O3 ICT S . 30.67 2.83 19.73
O4 ICT S . 29.39 2.84 17.96
C6 ICT S . 27.43 2.04 20.47
O5 ICT S . 28.13 2.98 20.89
O6 ICT S . 26.21 2.09 20.28
C1 GOL T . 48.13 -15.88 28.23
O1 GOL T . 48.70 -15.04 27.21
C2 GOL T . 48.40 -17.35 28.01
O2 GOL T . 47.19 -18.10 28.10
C3 GOL T . 49.40 -17.93 29.00
O3 GOL T . 50.69 -17.38 28.78
C1 GOL U . 58.63 -33.85 33.41
O1 GOL U . 58.46 -33.82 32.00
C2 GOL U . 58.38 -32.48 34.00
O2 GOL U . 57.92 -32.61 35.34
C3 GOL U . 59.61 -31.58 33.94
O3 GOL U . 59.28 -30.19 34.02
MN MN V . 25.22 -1.44 21.44
C1 ICT W . -4.47 13.76 -26.32
O1 ICT W . -4.65 13.06 -27.29
O2 ICT W . -5.26 14.60 -25.87
C2 ICT W . -3.13 13.61 -25.60
O7 ICT W . -3.22 14.12 -24.29
C3 ICT W . -2.01 14.34 -26.39
C4 ICT W . -2.05 14.26 -27.93
C5 ICT W . -0.69 14.22 -28.63
O3 ICT W . -0.26 13.10 -28.98
O4 ICT W . -0.06 15.28 -28.85
C6 ICT W . -0.71 13.78 -25.81
O5 ICT W . -0.32 12.68 -26.25
O6 ICT W . -0.13 14.44 -24.90
MN MN X . -4.60 15.31 -23.26
C1 ICT Y . -29.97 24.69 -43.24
O1 ICT Y . -28.92 25.15 -43.69
O2 ICT Y . -30.10 24.11 -42.15
C2 ICT Y . -31.24 24.82 -44.09
O7 ICT Y . -32.37 25.07 -43.26
C3 ICT Y . -31.43 23.51 -44.90
C4 ICT Y . -30.12 22.89 -45.38
C5 ICT Y . -30.19 22.21 -46.74
O3 ICT Y . -29.57 22.70 -47.69
O4 ICT Y . -30.84 21.18 -46.83
C6 ICT Y . -32.46 23.80 -46.02
O5 ICT Y . -32.06 24.11 -47.16
O6 ICT Y . -33.66 23.71 -45.71
C1 GOL Z . -30.13 46.85 -24.06
O1 GOL Z . -29.06 46.76 -24.99
C2 GOL Z . -30.27 45.60 -23.19
O2 GOL Z . -30.84 45.91 -21.91
C3 GOL Z . -31.07 44.51 -23.89
O3 GOL Z . -32.37 44.97 -24.23
MN MN AA . -32.36 24.71 -40.65
C1 ICT BA . -46.41 25.13 -14.14
O1 ICT BA . -46.04 24.79 -15.27
O2 ICT BA . -45.66 25.38 -13.21
C2 ICT BA . -47.92 25.14 -13.88
O7 ICT BA . -48.57 24.13 -14.65
C3 ICT BA . -48.68 26.44 -14.17
C4 ICT BA . -49.87 26.57 -13.20
C5 ICT BA . -49.67 27.59 -12.11
O3 ICT BA . -49.32 28.75 -12.43
O4 ICT BA . -49.90 27.22 -10.94
C6 ICT BA . -49.25 26.54 -15.59
O5 ICT BA . -48.44 26.67 -16.59
O6 ICT BA . -50.52 26.48 -15.69
C1 GOL CA . -33.70 32.04 -26.88
O1 GOL CA . -32.33 31.73 -26.68
C2 GOL CA . -34.52 30.79 -26.61
O2 GOL CA . -34.36 30.47 -25.22
C3 GOL CA . -35.98 30.93 -27.00
O3 GOL CA . -36.19 30.86 -28.41
C1 GOL DA . -42.88 -1.71 -22.58
O1 GOL DA . -41.64 -2.27 -23.01
C2 GOL DA . -42.75 -1.03 -21.22
O2 GOL DA . -43.79 -0.07 -21.03
C3 GOL DA . -42.74 -1.99 -20.06
O3 GOL DA . -42.87 -1.29 -18.82
C1 GOL EA . -31.23 3.51 -27.49
O1 GOL EA . -30.51 2.67 -28.42
C2 GOL EA . -32.57 2.92 -27.03
O2 GOL EA . -33.65 3.33 -27.87
C3 GOL EA . -32.92 3.26 -25.59
O3 GOL EA . -32.84 2.12 -24.73
MN MN FA . -46.47 24.42 -17.56
C1 ICT GA . -17.51 31.09 -0.68
O1 ICT GA . -17.18 30.50 -1.71
O2 ICT GA . -18.65 31.41 -0.36
C2 ICT GA . -16.38 31.41 0.32
O7 ICT GA . -15.12 31.45 -0.33
C3 ICT GA . -16.41 30.38 1.47
C4 ICT GA . -17.74 30.35 2.26
C5 ICT GA . -17.60 30.41 3.78
O3 ICT GA . -17.24 29.38 4.38
O4 ICT GA . -17.86 31.49 4.36
C6 ICT GA . -15.19 30.66 2.34
O5 ICT GA . -14.17 29.98 2.13
O6 ICT GA . -15.25 31.58 3.17
C1 GOL HA . -15.41 16.99 -11.46
O1 GOL HA . -14.39 16.74 -12.44
C2 GOL HA . -16.74 17.40 -12.05
O2 GOL HA . -16.62 18.70 -12.65
C3 GOL HA . -17.34 16.42 -13.05
O3 GOL HA . -16.58 16.35 -14.25
C1 GOL IA . -14.34 56.43 -12.34
O1 GOL IA . -14.40 57.81 -11.94
C2 GOL IA . -13.67 55.60 -11.28
O2 GOL IA . -13.93 56.20 -10.01
C3 GOL IA . -14.17 54.17 -11.28
O3 GOL IA . -13.13 53.24 -11.60
MN MN JA . -14.99 29.32 -2.04
#